data_6TWV
#
_entry.id   6TWV
#
_cell.length_a   69.530
_cell.length_b   217.740
_cell.length_c   150.300
_cell.angle_alpha   90.000
_cell.angle_beta   101.250
_cell.angle_gamma   90.000
#
_symmetry.space_group_name_H-M   'P 1 21 1'
#
loop_
_entity.id
_entity.type
_entity.pdbx_description
1 polymer 'Hemagglutinin HA1'
2 polymer 'Hemagglutinin HA2'
3 branched 'N-acetyl-alpha-neuraminic acid-(2-6)-beta-D-galactopyranose-(1-4)-2-acetamido-2-deoxy-beta-D-glucopyranose'
4 branched 'N-acetyl-alpha-neuraminic acid-(2-6)-beta-D-galactopyranose'
5 non-polymer 'CALCIUM ION'
6 non-polymer 2-acetamido-2-deoxy-beta-D-glucopyranose
7 water water
#
loop_
_entity_poly.entity_id
_entity_poly.type
_entity_poly.pdbx_seq_one_letter_code
_entity_poly.pdbx_strand_id
1 'polypeptide(L)'
;DPDKICLGHHAVANGTIVKTLTNEQEEVTNATETVESTSLNRLCMKGRNHKDLGNCHPIGMLIGTPACDLHLTGTWDTLI
ERKNAIAYCYPGATVNEEALRQKIMESGGISKINTGFTYGSSINSAGTTKACMRNGGNSFYAELKWLVSKNKGQNFPQTT
NTYRNADTAEHLIMWGIHHPSSTQEKNDLYGTQSLSISVGSSTYKNNFVPVVGARPQVNGLSGRIDFHWTLVQPGDKITF
SHNGGLIAPSRVSKLIGRGLGIQSEAPIDNSCESKCFWRGGSINTRLPFQNLSPRTVGQCPKYVNKKSLMLATGMRNVPE
LVQGR
;
C,E,K,A,G,I
2 'polypeptide(L)'
;GLFGAIAGFIENGWEGMVDGWYGFRHQNAQGTGQAADYKSTQAAIDQITGKLNRIIKKTNTEFESIESEFSEIDHQIGNV
INWTKDSITDIWTYQAELLVAMENQHTIDMADSEMLNLYERVRKQLRQNAEEDGKGCFEIYHACDDSCMESIRNNTYDHS
QYREEALLNRLNINPVK
;
D,F,L,B,H,J
#
loop_
_chem_comp.id
_chem_comp.type
_chem_comp.name
_chem_comp.formula
CA non-polymer 'CALCIUM ION' 'Ca 2'
GAL D-saccharide, beta linking beta-D-galactopyranose 'C6 H12 O6'
NAG D-saccharide, beta linking 2-acetamido-2-deoxy-beta-D-glucopyranose 'C8 H15 N O6'
SIA D-saccharide, alpha linking 'N-acetyl-alpha-neuraminic acid' 'C11 H19 N O9'
#
# COMPACT_ATOMS: atom_id res chain seq x y z
N ASP A 3 11.65 7.25 -85.31
CA ASP A 3 12.47 6.50 -84.31
C ASP A 3 11.57 6.08 -83.14
N LYS A 4 11.76 4.85 -82.63
CA LYS A 4 10.95 4.26 -81.55
C LYS A 4 11.88 3.91 -80.37
N ILE A 5 11.39 4.13 -79.14
CA ILE A 5 11.94 3.50 -77.90
C ILE A 5 10.77 2.82 -77.18
N CYS A 6 10.86 1.49 -77.00
CA CYS A 6 9.78 0.62 -76.49
C CYS A 6 10.15 0.10 -75.11
N LEU A 7 9.22 0.20 -74.16
CA LEU A 7 9.38 -0.29 -72.76
C LEU A 7 8.72 -1.66 -72.67
N GLY A 8 9.26 -2.56 -71.86
CA GLY A 8 8.79 -3.96 -71.76
C GLY A 8 9.28 -4.65 -70.52
N HIS A 9 8.73 -5.82 -70.24
CA HIS A 9 9.12 -6.67 -69.07
C HIS A 9 9.52 -8.06 -69.58
N HIS A 10 10.28 -8.79 -68.77
CA HIS A 10 10.75 -10.16 -69.10
C HIS A 10 9.55 -11.10 -69.09
N ALA A 11 9.75 -12.29 -69.67
CA ALA A 11 8.79 -13.42 -69.64
C ALA A 11 9.60 -14.72 -69.68
N VAL A 12 8.93 -15.85 -69.43
CA VAL A 12 9.53 -17.21 -69.45
C VAL A 12 8.54 -18.13 -70.14
N ALA A 13 9.03 -19.18 -70.80
CA ALA A 13 8.20 -20.17 -71.53
C ALA A 13 7.40 -21.00 -70.53
N ASN A 14 8.08 -21.52 -69.50
CA ASN A 14 7.48 -22.36 -68.42
C ASN A 14 7.23 -21.49 -67.18
N GLY A 15 6.04 -20.89 -67.10
CA GLY A 15 5.57 -20.14 -65.92
C GLY A 15 4.90 -21.04 -64.90
N THR A 16 4.68 -20.54 -63.68
CA THR A 16 4.03 -21.26 -62.56
C THR A 16 2.65 -20.67 -62.29
N ILE A 17 1.68 -21.52 -61.92
CA ILE A 17 0.29 -21.12 -61.55
C ILE A 17 0.26 -20.85 -60.03
N VAL A 18 -0.27 -19.69 -59.63
CA VAL A 18 -0.53 -19.32 -58.21
C VAL A 18 -1.99 -18.86 -58.10
N LYS A 19 -2.50 -18.79 -56.87
CA LYS A 19 -3.85 -18.25 -56.55
C LYS A 19 -3.68 -16.82 -56.05
N THR A 20 -4.64 -15.95 -56.36
CA THR A 20 -4.74 -14.56 -55.85
C THR A 20 -6.12 -14.39 -55.19
N LEU A 21 -6.43 -13.20 -54.69
CA LEU A 21 -7.76 -12.88 -54.11
C LEU A 21 -8.83 -13.05 -55.19
N THR A 22 -8.45 -12.80 -56.44
CA THR A 22 -9.36 -12.55 -57.60
C THR A 22 -9.39 -13.76 -58.55
N ASN A 23 -8.28 -14.48 -58.70
CA ASN A 23 -8.07 -15.47 -59.77
C ASN A 23 -7.43 -16.73 -59.18
N GLU A 24 -7.94 -17.91 -59.54
CA GLU A 24 -7.49 -19.22 -59.03
C GLU A 24 -6.38 -19.79 -59.94
N GLN A 25 -6.25 -19.28 -61.16
CA GLN A 25 -5.32 -19.80 -62.21
C GLN A 25 -4.50 -18.64 -62.79
N GLU A 26 -3.62 -18.05 -61.98
CA GLU A 26 -2.81 -16.86 -62.35
C GLU A 26 -1.37 -17.29 -62.64
N GLU A 27 -0.92 -17.17 -63.89
CA GLU A 27 0.44 -17.57 -64.32
C GLU A 27 1.42 -16.44 -63.98
N VAL A 28 2.49 -16.75 -63.23
CA VAL A 28 3.58 -15.79 -62.85
C VAL A 28 4.92 -16.37 -63.34
N THR A 29 5.94 -15.52 -63.41
CA THR A 29 7.29 -15.89 -63.93
C THR A 29 7.98 -16.88 -62.98
N ASN A 30 7.66 -16.81 -61.68
CA ASN A 30 8.34 -17.64 -60.66
C ASN A 30 7.48 -17.65 -59.38
N ALA A 31 7.58 -18.73 -58.60
CA ALA A 31 6.87 -18.92 -57.31
C ALA A 31 7.67 -19.90 -56.43
N THR A 32 7.43 -19.86 -55.13
CA THR A 32 8.10 -20.73 -54.13
C THR A 32 7.04 -21.35 -53.21
N GLU A 33 7.30 -22.57 -52.74
CA GLU A 33 6.39 -23.35 -51.86
C GLU A 33 6.47 -22.78 -50.45
N THR A 34 5.34 -22.71 -49.73
CA THR A 34 5.24 -22.23 -48.33
C THR A 34 4.81 -23.37 -47.38
N VAL A 35 4.42 -24.53 -47.91
CA VAL A 35 3.97 -25.73 -47.12
C VAL A 35 4.98 -26.86 -47.35
N GLU A 36 5.57 -27.40 -46.27
CA GLU A 36 6.50 -28.54 -46.33
C GLU A 36 5.69 -29.86 -46.41
N SER A 37 6.03 -30.71 -47.37
CA SER A 37 5.38 -32.03 -47.63
C SER A 37 6.32 -33.21 -47.33
N THR A 38 7.64 -33.00 -47.42
CA THR A 38 8.69 -34.06 -47.29
C THR A 38 9.23 -34.05 -45.86
N SER A 39 9.46 -35.24 -45.29
CA SER A 39 9.99 -35.47 -43.93
C SER A 39 11.32 -36.22 -43.99
N LEU A 40 12.14 -36.10 -42.94
CA LEU A 40 13.29 -36.98 -42.64
C LEU A 40 12.84 -38.08 -41.68
N ASN A 41 12.94 -39.35 -42.06
CA ASN A 41 12.57 -40.51 -41.19
C ASN A 41 13.74 -40.80 -40.23
N ARG A 42 14.18 -39.76 -39.50
CA ARG A 42 15.30 -39.82 -38.52
C ARG A 42 15.03 -38.76 -37.43
N LEU A 43 15.61 -38.95 -36.24
CA LEU A 43 15.59 -37.96 -35.13
C LEU A 43 16.92 -37.21 -35.12
N CYS A 44 16.94 -35.98 -35.60
CA CYS A 44 18.16 -35.14 -35.73
C CYS A 44 18.56 -34.61 -34.35
N MET A 45 19.54 -35.25 -33.72
CA MET A 45 19.89 -35.07 -32.28
C MET A 45 21.26 -34.40 -32.11
N LYS A 46 21.77 -33.70 -33.13
CA LYS A 46 23.05 -32.96 -33.02
C LYS A 46 22.84 -31.75 -32.09
N GLY A 47 23.82 -31.49 -31.22
CA GLY A 47 23.82 -30.38 -30.25
C GLY A 47 22.90 -30.64 -29.07
N ARG A 48 22.42 -31.88 -28.92
CA ARG A 48 21.45 -32.30 -27.87
C ARG A 48 22.04 -33.44 -27.04
N ASN A 49 22.16 -33.24 -25.72
CA ASN A 49 22.41 -34.31 -24.71
C ASN A 49 21.13 -35.12 -24.56
N HIS A 50 20.95 -36.14 -25.40
CA HIS A 50 19.69 -36.92 -25.54
C HIS A 50 19.81 -38.28 -24.86
N LYS A 51 18.67 -38.96 -24.72
CA LYS A 51 18.52 -40.27 -24.05
C LYS A 51 17.41 -41.06 -24.76
N ASP A 52 17.79 -42.08 -25.54
CA ASP A 52 16.87 -43.06 -26.17
C ASP A 52 16.57 -44.14 -25.12
N LEU A 53 15.33 -44.20 -24.64
CA LEU A 53 14.88 -45.17 -23.59
C LEU A 53 14.67 -46.55 -24.20
N GLY A 54 14.72 -46.69 -25.53
CA GLY A 54 14.49 -47.96 -26.24
C GLY A 54 13.26 -48.69 -25.72
N ASN A 55 13.47 -49.82 -25.05
CA ASN A 55 12.40 -50.73 -24.57
C ASN A 55 11.86 -50.24 -23.22
N CYS A 56 12.50 -49.24 -22.59
CA CYS A 56 12.11 -48.69 -21.26
C CYS A 56 11.07 -47.58 -21.41
N HIS A 57 9.93 -47.70 -20.71
CA HIS A 57 8.87 -46.67 -20.61
C HIS A 57 9.24 -45.68 -19.50
N PRO A 58 9.04 -44.35 -19.70
CA PRO A 58 9.44 -43.34 -18.73
C PRO A 58 9.11 -43.64 -17.27
N ILE A 59 7.93 -44.21 -17.00
CA ILE A 59 7.44 -44.54 -15.62
C ILE A 59 8.30 -45.65 -15.04
N GLY A 60 8.79 -46.56 -15.88
CA GLY A 60 9.72 -47.64 -15.49
C GLY A 60 10.97 -47.12 -14.81
N MET A 61 11.41 -45.90 -15.15
CA MET A 61 12.62 -45.25 -14.58
C MET A 61 12.42 -44.99 -13.08
N LEU A 62 11.20 -44.67 -12.65
CA LEU A 62 10.89 -44.24 -11.26
C LEU A 62 10.77 -45.47 -10.35
N ILE A 63 10.24 -46.58 -10.86
CA ILE A 63 9.94 -47.82 -10.08
C ILE A 63 11.04 -48.87 -10.32
N GLY A 64 11.77 -48.77 -11.43
CA GLY A 64 12.96 -49.60 -11.71
C GLY A 64 12.59 -50.98 -12.22
N THR A 65 11.94 -51.04 -13.40
CA THR A 65 11.69 -52.27 -14.18
C THR A 65 13.02 -52.77 -14.72
N PRO A 66 13.25 -54.11 -14.84
CA PRO A 66 14.45 -54.65 -15.46
C PRO A 66 14.86 -53.94 -16.76
N ALA A 67 13.93 -53.78 -17.69
CA ALA A 67 14.14 -53.15 -19.03
C ALA A 67 14.71 -51.73 -18.86
N CYS A 68 14.56 -51.12 -17.69
CA CYS A 68 14.94 -49.70 -17.41
C CYS A 68 16.19 -49.61 -16.53
N ASP A 69 16.94 -50.70 -16.35
CA ASP A 69 18.07 -50.79 -15.38
C ASP A 69 19.16 -49.76 -15.72
N LEU A 70 19.33 -49.41 -17.00
CA LEU A 70 20.38 -48.48 -17.50
C LEU A 70 19.88 -47.03 -17.46
N HIS A 71 18.65 -46.79 -16.98
CA HIS A 71 17.97 -45.47 -17.04
C HIS A 71 17.39 -45.08 -15.68
N LEU A 72 17.90 -45.63 -14.57
CA LEU A 72 17.40 -45.36 -13.20
C LEU A 72 17.78 -43.94 -12.76
N THR A 73 18.85 -43.38 -13.32
CA THR A 73 19.31 -41.98 -13.09
C THR A 73 19.85 -41.42 -14.42
N GLY A 74 20.10 -40.11 -14.48
CA GLY A 74 20.71 -39.47 -15.66
C GLY A 74 20.32 -38.01 -15.79
N THR A 75 20.94 -37.31 -16.75
CA THR A 75 20.59 -35.94 -17.19
C THR A 75 20.44 -35.95 -18.71
N TRP A 76 19.59 -35.07 -19.24
CA TRP A 76 19.29 -34.96 -20.69
C TRP A 76 18.55 -33.64 -20.95
N ASP A 77 18.63 -33.11 -22.17
CA ASP A 77 17.79 -31.98 -22.64
C ASP A 77 16.66 -32.54 -23.50
N THR A 78 16.77 -33.81 -23.93
CA THR A 78 15.82 -34.50 -24.84
C THR A 78 15.67 -35.97 -24.42
N LEU A 79 14.44 -36.44 -24.26
CA LEU A 79 14.11 -37.83 -23.86
C LEU A 79 13.23 -38.46 -24.96
N ILE A 80 13.64 -39.60 -25.52
CA ILE A 80 12.93 -40.30 -26.62
C ILE A 80 12.28 -41.57 -26.06
N GLU A 81 10.94 -41.64 -26.11
CA GLU A 81 10.10 -42.79 -25.69
C GLU A 81 9.69 -43.55 -26.96
N ARG A 82 9.60 -44.88 -26.90
CA ARG A 82 9.36 -45.76 -28.07
C ARG A 82 8.04 -46.50 -27.94
N LYS A 83 7.63 -47.17 -29.03
CA LYS A 83 6.39 -47.98 -29.14
C LYS A 83 6.58 -49.28 -28.36
N ASN A 84 5.55 -49.70 -27.61
CA ASN A 84 5.50 -50.97 -26.85
C ASN A 84 6.57 -50.99 -25.75
N ALA A 85 6.99 -49.82 -25.27
CA ALA A 85 7.98 -49.69 -24.17
C ALA A 85 7.36 -50.26 -22.90
N ILE A 86 8.15 -50.98 -22.10
CA ILE A 86 7.67 -51.72 -20.89
C ILE A 86 7.81 -50.78 -19.67
N ALA A 87 6.72 -50.66 -18.90
CA ALA A 87 6.67 -49.92 -17.62
C ALA A 87 6.49 -50.90 -16.46
N TYR A 88 5.63 -51.92 -16.65
CA TYR A 88 5.22 -52.88 -15.61
C TYR A 88 5.58 -54.30 -16.07
N CYS A 89 6.48 -54.96 -15.33
CA CYS A 89 6.79 -56.41 -15.50
C CYS A 89 5.63 -57.22 -14.93
N TYR A 90 5.25 -56.95 -13.68
CA TYR A 90 4.08 -57.55 -12.99
C TYR A 90 2.83 -56.80 -13.41
N PRO A 91 1.70 -57.48 -13.73
CA PRO A 91 0.51 -56.81 -14.25
C PRO A 91 -0.06 -55.77 -13.28
N GLY A 92 -0.51 -54.63 -13.83
CA GLY A 92 -1.04 -53.49 -13.05
C GLY A 92 -0.85 -52.19 -13.81
N ALA A 93 -1.29 -51.08 -13.23
CA ALA A 93 -1.28 -49.73 -13.83
C ALA A 93 -0.97 -48.67 -12.77
N THR A 94 -0.77 -47.43 -13.22
CA THR A 94 -0.53 -46.24 -12.36
C THR A 94 -1.77 -45.35 -12.42
N VAL A 95 -2.28 -44.92 -11.26
CA VAL A 95 -3.35 -43.87 -11.16
C VAL A 95 -2.70 -42.54 -11.57
N ASN A 96 -3.38 -41.77 -12.43
CA ASN A 96 -2.86 -40.50 -13.01
C ASN A 96 -1.62 -40.84 -13.85
N GLU A 97 -1.69 -41.92 -14.65
CA GLU A 97 -0.57 -42.45 -15.45
C GLU A 97 -0.06 -41.38 -16.41
N GLU A 98 -0.96 -40.75 -17.16
CA GLU A 98 -0.61 -39.82 -18.26
C GLU A 98 0.01 -38.54 -17.69
N ALA A 99 -0.46 -38.08 -16.53
CA ALA A 99 0.06 -36.89 -15.83
C ALA A 99 1.53 -37.14 -15.45
N LEU A 100 1.81 -38.30 -14.86
CA LEU A 100 3.18 -38.72 -14.42
C LEU A 100 4.09 -38.81 -15.65
N ARG A 101 3.64 -39.49 -16.72
CA ARG A 101 4.42 -39.70 -17.96
C ARG A 101 4.81 -38.34 -18.53
N GLN A 102 3.85 -37.40 -18.60
CA GLN A 102 4.06 -36.03 -19.18
C GLN A 102 5.08 -35.27 -18.32
N LYS A 103 5.04 -35.46 -16.99
CA LYS A 103 5.92 -34.78 -16.01
C LYS A 103 7.37 -35.26 -16.19
N ILE A 104 7.58 -36.57 -16.40
CA ILE A 104 8.92 -37.19 -16.64
C ILE A 104 9.44 -36.72 -18.01
N MET A 105 8.61 -36.78 -19.04
CA MET A 105 8.97 -36.40 -20.44
C MET A 105 9.27 -34.90 -20.53
N GLU A 106 8.81 -34.11 -19.57
CA GLU A 106 9.01 -32.63 -19.47
C GLU A 106 10.33 -32.34 -18.73
N SER A 107 10.83 -33.30 -17.96
CA SER A 107 12.04 -33.15 -17.08
C SER A 107 13.32 -33.14 -17.92
N GLY A 108 14.42 -32.72 -17.32
CA GLY A 108 15.77 -32.72 -17.92
C GLY A 108 16.72 -33.66 -17.20
N GLY A 109 16.18 -34.67 -16.48
CA GLY A 109 16.99 -35.67 -15.75
C GLY A 109 16.26 -36.21 -14.53
N ILE A 110 16.80 -37.30 -13.96
CA ILE A 110 16.26 -37.98 -12.74
C ILE A 110 17.42 -38.35 -11.83
N SER A 111 17.30 -38.03 -10.53
CA SER A 111 18.20 -38.46 -9.44
C SER A 111 17.38 -39.26 -8.43
N LYS A 112 18.03 -40.20 -7.71
CA LYS A 112 17.36 -41.10 -6.72
C LYS A 112 17.89 -40.79 -5.31
N ILE A 113 17.02 -40.90 -4.31
CA ILE A 113 17.33 -40.70 -2.86
C ILE A 113 16.76 -41.89 -2.09
N ASN A 114 17.55 -42.48 -1.18
CA ASN A 114 17.12 -43.61 -0.31
C ASN A 114 16.06 -43.10 0.67
N THR A 115 15.00 -43.89 0.89
CA THR A 115 13.94 -43.60 1.90
C THR A 115 14.46 -43.97 3.29
N GLY A 116 15.29 -45.03 3.36
CA GLY A 116 15.90 -45.55 4.60
C GLY A 116 14.95 -46.46 5.36
N PHE A 117 13.80 -46.81 4.76
CA PHE A 117 12.71 -47.60 5.38
C PHE A 117 13.27 -48.95 5.85
N THR A 118 13.09 -49.25 7.13
CA THR A 118 13.46 -50.54 7.79
C THR A 118 12.18 -51.21 8.30
N TYR A 119 12.20 -52.54 8.45
CA TYR A 119 11.01 -53.35 8.80
C TYR A 119 11.37 -54.37 9.90
N GLY A 120 10.38 -54.74 10.71
CA GLY A 120 10.51 -55.75 11.78
C GLY A 120 10.88 -57.11 11.22
N SER A 121 11.37 -58.01 12.08
CA SER A 121 11.77 -59.40 11.71
C SER A 121 10.55 -60.23 11.33
N SER A 122 9.35 -59.77 11.70
CA SER A 122 8.03 -60.39 11.35
C SER A 122 7.64 -60.07 9.90
N ILE A 123 8.43 -59.26 9.19
CA ILE A 123 8.18 -58.84 7.77
C ILE A 123 9.33 -59.35 6.88
N ASN A 124 9.00 -59.88 5.71
CA ASN A 124 9.93 -60.25 4.62
C ASN A 124 9.87 -59.16 3.53
N SER A 125 10.95 -58.40 3.36
CA SER A 125 11.05 -57.25 2.43
C SER A 125 11.49 -57.70 1.03
N ALA A 126 11.93 -58.95 0.88
CA ALA A 126 12.60 -59.47 -0.34
C ALA A 126 11.63 -60.31 -1.17
N GLY A 127 10.34 -59.97 -1.17
CA GLY A 127 9.33 -60.60 -2.04
C GLY A 127 9.66 -60.38 -3.52
N THR A 128 9.68 -61.45 -4.30
CA THR A 128 10.08 -61.45 -5.74
C THR A 128 8.97 -62.10 -6.57
N THR A 129 9.12 -62.12 -7.91
CA THR A 129 8.15 -62.74 -8.85
C THR A 129 8.86 -63.15 -10.14
N LYS A 130 8.24 -64.05 -10.90
CA LYS A 130 8.77 -64.59 -12.20
C LYS A 130 8.49 -63.59 -13.32
N ALA A 131 7.57 -62.64 -13.12
CA ALA A 131 7.19 -61.59 -14.10
C ALA A 131 8.38 -60.64 -14.32
N CYS A 132 9.14 -60.35 -13.26
CA CYS A 132 10.28 -59.40 -13.24
C CYS A 132 11.60 -60.19 -13.11
N MET A 133 12.08 -60.74 -14.23
CA MET A 133 13.30 -61.59 -14.30
C MET A 133 14.54 -60.67 -14.38
N ARG A 134 15.58 -61.00 -13.63
CA ARG A 134 16.87 -60.26 -13.59
C ARG A 134 18.00 -61.24 -13.24
N ASN A 135 19.00 -61.38 -14.12
CA ASN A 135 20.14 -62.34 -14.00
C ASN A 135 19.59 -63.77 -14.01
N GLY A 136 18.56 -64.04 -14.82
CA GLY A 136 17.97 -65.38 -15.01
C GLY A 136 17.06 -65.81 -13.87
N GLY A 137 17.10 -65.11 -12.72
CA GLY A 137 16.35 -65.46 -11.50
C GLY A 137 15.21 -64.51 -11.24
N ASN A 138 14.20 -64.96 -10.50
CA ASN A 138 13.06 -64.14 -10.02
C ASN A 138 13.60 -62.90 -9.30
N SER A 139 12.96 -61.74 -9.51
CA SER A 139 13.35 -60.42 -8.94
C SER A 139 12.11 -59.54 -8.76
N PHE A 140 12.32 -58.26 -8.46
CA PHE A 140 11.24 -57.24 -8.27
C PHE A 140 11.75 -55.87 -8.74
N TYR A 141 10.83 -54.90 -8.80
CA TYR A 141 11.12 -53.48 -9.12
C TYR A 141 12.27 -52.99 -8.22
N ALA A 142 13.32 -52.43 -8.83
CA ALA A 142 14.59 -52.05 -8.18
C ALA A 142 14.34 -51.02 -7.07
N GLU A 143 13.35 -50.14 -7.22
CA GLU A 143 13.16 -48.95 -6.36
C GLU A 143 12.04 -49.21 -5.33
N LEU A 144 11.45 -50.41 -5.34
CA LEU A 144 10.33 -50.78 -4.43
C LEU A 144 10.66 -52.11 -3.75
N LYS A 145 9.98 -52.40 -2.63
CA LYS A 145 10.13 -53.68 -1.89
C LYS A 145 8.73 -54.24 -1.59
N TRP A 146 8.51 -55.51 -1.94
CA TRP A 146 7.26 -56.27 -1.69
C TRP A 146 7.28 -56.81 -0.24
N LEU A 147 6.52 -56.16 0.65
CA LEU A 147 6.45 -56.52 2.09
C LEU A 147 5.40 -57.62 2.26
N VAL A 148 5.81 -58.77 2.80
CA VAL A 148 4.95 -59.95 3.08
C VAL A 148 5.29 -60.49 4.48
N SER A 149 4.33 -61.12 5.15
CA SER A 149 4.51 -61.82 6.46
C SER A 149 5.61 -62.87 6.31
N LYS A 150 6.54 -62.93 7.26
CA LYS A 150 7.72 -63.85 7.21
C LYS A 150 7.23 -65.30 7.32
N ASN A 151 6.22 -65.55 8.16
CA ASN A 151 5.56 -66.88 8.32
C ASN A 151 4.22 -66.88 7.57
N LYS A 152 4.07 -67.82 6.64
CA LYS A 152 2.87 -68.00 5.78
C LYS A 152 1.62 -68.10 6.66
N GLY A 153 0.58 -67.32 6.35
CA GLY A 153 -0.73 -67.38 7.03
C GLY A 153 -0.84 -66.38 8.18
N GLN A 154 0.28 -65.99 8.78
CA GLN A 154 0.32 -65.14 10.01
C GLN A 154 -0.04 -63.70 9.64
N ASN A 155 -0.66 -62.99 10.61
CA ASN A 155 -1.06 -61.56 10.50
C ASN A 155 0.18 -60.69 10.29
N PHE A 156 0.15 -59.85 9.24
CA PHE A 156 1.18 -58.82 8.93
C PHE A 156 1.07 -57.72 9.98
N PRO A 157 2.17 -57.36 10.70
CA PRO A 157 2.08 -56.42 11.82
C PRO A 157 1.80 -54.98 11.39
N GLN A 158 1.09 -54.22 12.22
CA GLN A 158 0.80 -52.77 12.01
C GLN A 158 2.13 -52.00 12.02
N THR A 159 2.57 -51.52 10.85
CA THR A 159 3.88 -50.86 10.63
C THR A 159 3.67 -49.40 10.23
N THR A 160 4.59 -48.53 10.64
CA THR A 160 4.64 -47.09 10.29
C THR A 160 6.04 -46.76 9.73
N ASN A 161 6.10 -46.25 8.50
CA ASN A 161 7.33 -45.72 7.86
C ASN A 161 7.08 -44.28 7.41
N THR A 162 8.03 -43.39 7.66
CA THR A 162 7.93 -41.94 7.38
C THR A 162 9.20 -41.48 6.64
N TYR A 163 9.02 -40.88 5.46
CA TYR A 163 10.13 -40.26 4.67
C TYR A 163 10.05 -38.74 4.83
N ARG A 164 11.17 -38.11 5.22
CA ARG A 164 11.31 -36.64 5.29
C ARG A 164 12.13 -36.16 4.09
N ASN A 165 11.64 -35.12 3.40
CA ASN A 165 12.36 -34.44 2.30
C ASN A 165 13.39 -33.48 2.92
N ALA A 166 14.65 -33.91 3.01
CA ALA A 166 15.78 -33.15 3.60
C ALA A 166 16.36 -32.19 2.55
N ASP A 167 15.96 -32.32 1.28
CA ASP A 167 16.51 -31.56 0.13
C ASP A 167 15.84 -30.18 0.08
N THR A 168 16.25 -29.33 -0.88
CA THR A 168 15.72 -27.96 -1.11
C THR A 168 14.87 -27.93 -2.39
N ALA A 169 14.36 -29.08 -2.82
CA ALA A 169 13.51 -29.26 -4.03
C ALA A 169 12.51 -30.40 -3.79
N GLU A 170 11.37 -30.36 -4.48
CA GLU A 170 10.28 -31.38 -4.34
C GLU A 170 10.79 -32.74 -4.83
N HIS A 171 10.43 -33.80 -4.11
CA HIS A 171 10.73 -35.22 -4.43
C HIS A 171 9.45 -35.93 -4.87
N LEU A 172 9.54 -36.84 -5.84
CA LEU A 172 8.41 -37.63 -6.36
C LEU A 172 8.47 -39.04 -5.76
N ILE A 173 7.60 -39.33 -4.80
CA ILE A 173 7.53 -40.66 -4.12
C ILE A 173 6.43 -41.48 -4.78
N MET A 174 6.76 -42.72 -5.16
CA MET A 174 5.81 -43.72 -5.72
C MET A 174 5.71 -44.90 -4.77
N TRP A 175 4.54 -45.54 -4.70
CA TRP A 175 4.31 -46.78 -3.93
C TRP A 175 3.29 -47.63 -4.67
N GLY A 176 3.22 -48.92 -4.35
CA GLY A 176 2.26 -49.87 -4.96
C GLY A 176 1.34 -50.47 -3.93
N ILE A 177 0.13 -50.83 -4.34
CA ILE A 177 -0.86 -51.61 -3.55
C ILE A 177 -1.07 -52.94 -4.29
N HIS A 178 -0.75 -54.06 -3.65
CA HIS A 178 -0.96 -55.42 -4.20
C HIS A 178 -2.44 -55.81 -4.02
N HIS A 179 -3.12 -56.17 -5.11
CA HIS A 179 -4.49 -56.75 -5.10
C HIS A 179 -4.41 -58.23 -5.48
N PRO A 180 -4.39 -59.16 -4.50
CA PRO A 180 -4.36 -60.59 -4.79
C PRO A 180 -5.67 -61.07 -5.43
N SER A 181 -5.62 -62.25 -6.06
CA SER A 181 -6.67 -62.81 -6.97
C SER A 181 -7.69 -63.66 -6.21
N SER A 182 -7.32 -64.17 -5.03
CA SER A 182 -8.18 -65.04 -4.19
C SER A 182 -8.03 -64.67 -2.71
N THR A 183 -9.02 -65.03 -1.89
CA THR A 183 -9.02 -64.84 -0.41
C THR A 183 -7.92 -65.71 0.21
N GLN A 184 -7.65 -66.88 -0.38
CA GLN A 184 -6.62 -67.84 0.09
C GLN A 184 -5.23 -67.20 -0.05
N GLU A 185 -4.94 -66.62 -1.22
CA GLU A 185 -3.65 -65.92 -1.54
C GLU A 185 -3.42 -64.79 -0.52
N LYS A 186 -4.43 -63.96 -0.27
CA LYS A 186 -4.38 -62.78 0.63
C LYS A 186 -4.02 -63.25 2.05
N ASN A 187 -4.65 -64.32 2.53
CA ASN A 187 -4.44 -64.90 3.88
C ASN A 187 -2.99 -65.38 4.03
N ASP A 188 -2.43 -65.99 2.99
CA ASP A 188 -1.05 -66.56 2.98
C ASP A 188 -0.02 -65.43 3.16
N LEU A 189 -0.20 -64.31 2.47
CA LEU A 189 0.80 -63.21 2.35
C LEU A 189 0.67 -62.24 3.54
N TYR A 190 -0.53 -61.70 3.82
CA TYR A 190 -0.71 -60.61 4.81
C TYR A 190 -1.66 -61.01 5.95
N GLY A 191 -2.10 -62.27 6.02
CA GLY A 191 -2.91 -62.80 7.13
C GLY A 191 -4.41 -62.58 6.93
N THR A 192 -5.21 -62.97 7.92
CA THR A 192 -6.69 -63.12 7.84
C THR A 192 -7.38 -61.77 8.14
N GLN A 193 -6.67 -60.82 8.76
CA GLN A 193 -7.24 -59.51 9.22
C GLN A 193 -7.73 -58.68 8.03
N SER A 194 -8.49 -57.62 8.30
CA SER A 194 -8.94 -56.61 7.31
C SER A 194 -7.77 -55.66 6.97
N LEU A 195 -7.42 -55.55 5.69
CA LEU A 195 -6.23 -54.79 5.22
C LEU A 195 -6.59 -53.33 4.96
N SER A 196 -5.75 -52.41 5.44
CA SER A 196 -5.87 -50.94 5.24
C SER A 196 -4.47 -50.32 5.13
N ILE A 197 -4.21 -49.57 4.06
CA ILE A 197 -2.96 -48.79 3.85
C ILE A 197 -3.33 -47.31 3.81
N SER A 198 -2.81 -46.53 4.76
CA SER A 198 -3.01 -45.07 4.87
C SER A 198 -1.72 -44.34 4.49
N VAL A 199 -1.84 -43.29 3.67
CA VAL A 199 -0.71 -42.41 3.27
C VAL A 199 -1.12 -40.97 3.57
N GLY A 200 -0.26 -40.24 4.31
CA GLY A 200 -0.55 -38.87 4.77
C GLY A 200 0.70 -38.01 4.74
N SER A 201 0.58 -36.81 4.18
CA SER A 201 1.60 -35.73 4.19
C SER A 201 0.92 -34.43 4.65
N SER A 202 1.59 -33.28 4.47
CA SER A 202 1.00 -31.93 4.70
C SER A 202 -0.12 -31.67 3.68
N THR A 203 0.14 -31.96 2.40
CA THR A 203 -0.69 -31.55 1.23
C THR A 203 -1.39 -32.74 0.58
N TYR A 204 -1.13 -33.98 1.05
CA TYR A 204 -1.71 -35.23 0.47
C TYR A 204 -2.16 -36.14 1.60
N LYS A 205 -3.28 -36.84 1.37
CA LYS A 205 -3.88 -37.84 2.30
C LYS A 205 -4.74 -38.80 1.46
N ASN A 206 -4.71 -40.09 1.76
CA ASN A 206 -5.47 -41.13 1.02
C ASN A 206 -5.44 -42.44 1.79
N ASN A 207 -6.45 -43.30 1.56
CA ASN A 207 -6.53 -44.68 2.09
C ASN A 207 -6.72 -45.63 0.90
N PHE A 208 -6.15 -46.83 0.98
CA PHE A 208 -6.20 -47.89 -0.05
C PHE A 208 -6.55 -49.23 0.62
N VAL A 209 -7.54 -49.93 0.06
CA VAL A 209 -7.97 -51.29 0.51
C VAL A 209 -7.74 -52.27 -0.63
N PRO A 210 -6.83 -53.26 -0.46
CA PRO A 210 -6.65 -54.32 -1.45
C PRO A 210 -7.98 -54.94 -1.92
N VAL A 211 -8.24 -54.87 -3.22
CA VAL A 211 -9.38 -55.53 -3.93
C VAL A 211 -9.01 -56.99 -4.16
N VAL A 212 -9.65 -57.92 -3.43
CA VAL A 212 -9.49 -59.39 -3.61
C VAL A 212 -10.67 -59.88 -4.44
N GLY A 213 -10.42 -60.75 -5.43
CA GLY A 213 -11.47 -61.31 -6.30
C GLY A 213 -10.89 -61.88 -7.58
N ALA A 214 -11.48 -62.97 -8.07
CA ALA A 214 -11.05 -63.70 -9.29
C ALA A 214 -10.99 -62.73 -10.47
N ARG A 215 -9.91 -62.81 -11.26
CA ARG A 215 -9.75 -62.05 -12.53
C ARG A 215 -8.84 -62.83 -13.47
N PRO A 216 -8.90 -62.56 -14.80
CA PRO A 216 -8.06 -63.25 -15.78
C PRO A 216 -6.55 -63.14 -15.51
N GLN A 217 -5.80 -64.10 -16.04
CA GLN A 217 -4.31 -64.13 -15.95
C GLN A 217 -3.73 -63.19 -17.02
N VAL A 218 -2.69 -62.44 -16.67
CA VAL A 218 -1.85 -61.62 -17.59
C VAL A 218 -0.40 -62.04 -17.36
N ASN A 219 0.21 -62.74 -18.34
CA ASN A 219 1.52 -63.40 -18.22
C ASN A 219 1.45 -64.45 -17.10
N GLY A 220 0.32 -65.16 -17.02
CA GLY A 220 0.07 -66.27 -16.07
C GLY A 220 -0.06 -65.80 -14.63
N LEU A 221 -0.50 -64.55 -14.40
CA LEU A 221 -0.64 -63.94 -13.06
C LEU A 221 -1.98 -63.19 -12.94
N SER A 222 -2.82 -63.60 -11.98
CA SER A 222 -4.14 -62.98 -11.69
C SER A 222 -3.98 -61.83 -10.69
N GLY A 223 -2.84 -61.76 -10.01
CA GLY A 223 -2.51 -60.65 -9.09
C GLY A 223 -2.35 -59.34 -9.85
N ARG A 224 -2.53 -58.22 -9.15
CA ARG A 224 -2.33 -56.85 -9.68
C ARG A 224 -1.57 -56.02 -8.65
N ILE A 225 -0.56 -55.27 -9.10
CA ILE A 225 0.10 -54.19 -8.30
C ILE A 225 -0.18 -52.86 -8.98
N ASP A 226 -1.07 -52.05 -8.40
CA ASP A 226 -1.41 -50.70 -8.90
CA ASP A 226 -1.41 -50.70 -8.90
C ASP A 226 -0.51 -49.68 -8.20
N PHE A 227 0.04 -48.73 -8.95
CA PHE A 227 1.01 -47.71 -8.46
C PHE A 227 0.28 -46.38 -8.25
N HIS A 228 0.66 -45.68 -7.17
CA HIS A 228 0.21 -44.32 -6.81
C HIS A 228 1.44 -43.44 -6.62
N TRP A 229 1.28 -42.12 -6.66
CA TRP A 229 2.40 -41.16 -6.55
C TRP A 229 1.89 -39.80 -6.08
N THR A 230 2.76 -39.05 -5.39
CA THR A 230 2.56 -37.65 -4.97
C THR A 230 3.92 -36.96 -4.90
N LEU A 231 3.93 -35.63 -4.86
CA LEU A 231 5.14 -34.80 -4.61
C LEU A 231 5.21 -34.51 -3.11
N VAL A 232 6.38 -34.69 -2.50
CA VAL A 232 6.68 -34.28 -1.09
C VAL A 232 7.56 -33.02 -1.16
N GLN A 233 7.05 -31.90 -0.63
CA GLN A 233 7.71 -30.57 -0.71
C GLN A 233 8.89 -30.54 0.26
N PRO A 234 9.88 -29.63 0.06
CA PRO A 234 11.03 -29.53 0.97
C PRO A 234 10.63 -29.33 2.44
N GLY A 235 11.22 -30.12 3.34
CA GLY A 235 11.00 -30.04 4.80
C GLY A 235 9.80 -30.85 5.25
N ASP A 236 8.90 -31.20 4.33
CA ASP A 236 7.64 -31.94 4.63
C ASP A 236 7.96 -33.44 4.73
N LYS A 237 7.15 -34.17 5.49
CA LYS A 237 7.26 -35.65 5.68
C LYS A 237 6.03 -36.32 5.08
N ILE A 238 6.14 -37.59 4.70
CA ILE A 238 5.01 -38.44 4.22
C ILE A 238 5.05 -39.76 5.01
N THR A 239 3.92 -40.13 5.62
CA THR A 239 3.80 -41.28 6.55
C THR A 239 2.96 -42.38 5.91
N PHE A 240 3.49 -43.60 5.87
CA PHE A 240 2.80 -44.84 5.42
C PHE A 240 2.42 -45.65 6.66
N SER A 241 1.11 -45.77 6.93
CA SER A 241 0.52 -46.69 7.93
C SER A 241 -0.17 -47.84 7.18
N HIS A 242 0.31 -49.07 7.38
CA HIS A 242 -0.13 -50.28 6.62
C HIS A 242 -0.13 -51.51 7.53
N ASN A 243 -1.04 -52.45 7.27
CA ASN A 243 -1.11 -53.78 7.93
C ASN A 243 -1.05 -54.87 6.85
N GLY A 244 -0.34 -54.61 5.75
CA GLY A 244 -0.13 -55.56 4.65
C GLY A 244 -0.79 -55.11 3.36
N GLY A 245 -0.14 -55.38 2.22
CA GLY A 245 -0.63 -55.02 0.87
C GLY A 245 0.19 -53.89 0.25
N LEU A 246 0.96 -53.14 1.05
CA LEU A 246 1.80 -52.02 0.57
C LEU A 246 3.07 -52.56 -0.10
N ILE A 247 3.33 -52.11 -1.33
CA ILE A 247 4.65 -52.19 -2.01
C ILE A 247 5.38 -50.86 -1.72
N ALA A 248 6.36 -50.89 -0.82
CA ALA A 248 6.95 -49.69 -0.18
C ALA A 248 8.17 -49.22 -0.97
N PRO A 249 8.37 -47.90 -1.12
CA PRO A 249 9.53 -47.36 -1.83
C PRO A 249 10.82 -47.47 -1.00
N SER A 250 11.88 -48.02 -1.61
CA SER A 250 13.26 -48.03 -1.07
C SER A 250 13.98 -46.75 -1.52
N ARG A 251 13.62 -46.23 -2.69
CA ARG A 251 14.15 -44.93 -3.23
C ARG A 251 13.00 -44.05 -3.72
N VAL A 252 13.13 -42.74 -3.53
CA VAL A 252 12.25 -41.69 -4.13
C VAL A 252 13.02 -41.04 -5.28
N SER A 253 12.32 -40.37 -6.19
CA SER A 253 12.89 -39.75 -7.41
C SER A 253 12.88 -38.22 -7.25
N LYS A 254 13.80 -37.54 -7.94
CA LYS A 254 13.84 -36.06 -8.06
C LYS A 254 14.00 -35.72 -9.54
N LEU A 255 13.07 -34.94 -10.10
CA LEU A 255 13.10 -34.52 -11.53
C LEU A 255 13.93 -33.22 -11.62
N ILE A 256 14.95 -33.22 -12.47
CA ILE A 256 15.98 -32.13 -12.58
C ILE A 256 15.69 -31.30 -13.83
N GLY A 257 15.49 -29.99 -13.65
CA GLY A 257 15.41 -29.00 -14.75
C GLY A 257 14.32 -29.33 -15.76
N ARG A 258 14.54 -28.95 -17.02
CA ARG A 258 13.54 -29.05 -18.11
C ARG A 258 14.18 -29.72 -19.34
N GLY A 259 13.36 -30.39 -20.15
CA GLY A 259 13.76 -31.03 -21.42
C GLY A 259 12.57 -31.29 -22.34
N LEU A 260 12.85 -31.68 -23.59
CA LEU A 260 11.85 -31.93 -24.66
C LEU A 260 11.58 -33.44 -24.76
N GLY A 261 10.32 -33.85 -24.63
CA GLY A 261 9.91 -35.27 -24.72
C GLY A 261 9.38 -35.61 -26.10
N ILE A 262 10.04 -36.51 -26.82
CA ILE A 262 9.63 -37.02 -28.16
C ILE A 262 9.10 -38.44 -28.01
N GLN A 263 7.95 -38.73 -28.62
CA GLN A 263 7.41 -40.10 -28.86
C GLN A 263 7.54 -40.39 -30.37
N SER A 264 8.51 -41.20 -30.77
CA SER A 264 8.84 -41.49 -32.19
C SER A 264 9.32 -42.93 -32.38
N GLU A 265 9.16 -43.48 -33.58
CA GLU A 265 9.65 -44.81 -34.00
C GLU A 265 10.94 -44.66 -34.82
N ALA A 266 11.32 -43.43 -35.16
CA ALA A 266 12.42 -43.09 -36.09
C ALA A 266 13.77 -43.34 -35.41
N PRO A 267 14.78 -43.86 -36.15
CA PRO A 267 16.13 -44.03 -35.60
C PRO A 267 16.89 -42.71 -35.42
N ILE A 268 17.83 -42.67 -34.47
CA ILE A 268 18.63 -41.45 -34.13
C ILE A 268 19.67 -41.20 -35.24
N ASP A 269 19.93 -39.92 -35.53
CA ASP A 269 21.01 -39.43 -36.41
C ASP A 269 21.68 -38.24 -35.71
N ASN A 270 22.95 -38.37 -35.31
CA ASN A 270 23.68 -37.36 -34.50
C ASN A 270 24.40 -36.35 -35.42
N SER A 271 24.19 -36.43 -36.75
CA SER A 271 24.87 -35.58 -37.75
C SER A 271 24.04 -34.32 -38.05
N CYS A 272 22.71 -34.47 -38.22
CA CYS A 272 21.77 -33.36 -38.57
C CYS A 272 21.23 -32.70 -37.28
N GLU A 273 20.84 -31.43 -37.38
CA GLU A 273 20.21 -30.63 -36.29
C GLU A 273 18.73 -30.41 -36.64
N SER A 274 17.88 -30.26 -35.62
CA SER A 274 16.42 -29.98 -35.75
C SER A 274 15.86 -29.40 -34.46
N LYS A 275 14.76 -28.66 -34.55
CA LYS A 275 14.02 -28.09 -33.39
C LYS A 275 12.57 -28.55 -33.40
N CYS A 276 12.16 -29.35 -34.40
CA CYS A 276 10.77 -29.84 -34.58
C CYS A 276 10.79 -31.34 -34.87
N PHE A 277 9.97 -32.11 -34.14
CA PHE A 277 9.89 -33.59 -34.22
C PHE A 277 8.43 -34.04 -34.22
N TRP A 278 8.18 -35.21 -34.81
CA TRP A 278 6.88 -35.91 -34.79
C TRP A 278 7.14 -37.43 -34.82
N ARG A 279 6.07 -38.23 -34.67
CA ARG A 279 6.13 -39.71 -34.66
C ARG A 279 7.03 -40.22 -35.79
N GLY A 280 6.96 -39.59 -36.97
CA GLY A 280 7.60 -40.06 -38.22
C GLY A 280 9.03 -39.55 -38.39
N GLY A 281 9.47 -38.58 -37.59
CA GLY A 281 10.88 -38.13 -37.59
C GLY A 281 11.03 -36.65 -37.24
N SER A 282 11.92 -35.95 -37.97
CA SER A 282 12.28 -34.53 -37.74
C SER A 282 11.82 -33.67 -38.93
N ILE A 283 11.65 -32.36 -38.70
CA ILE A 283 11.24 -31.35 -39.73
C ILE A 283 12.22 -30.18 -39.66
N ASN A 284 13.05 -30.02 -40.70
CA ASN A 284 14.20 -29.08 -40.75
C ASN A 284 13.87 -27.86 -41.61
N THR A 285 12.68 -27.80 -42.21
CA THR A 285 12.29 -26.77 -43.21
C THR A 285 12.37 -25.36 -42.64
N ARG A 286 12.64 -24.38 -43.50
CA ARG A 286 12.56 -22.93 -43.18
C ARG A 286 11.12 -22.45 -43.42
N LEU A 287 10.29 -23.27 -44.08
CA LEU A 287 8.91 -22.89 -44.50
C LEU A 287 8.00 -22.71 -43.29
N PRO A 288 7.02 -21.79 -43.36
CA PRO A 288 6.14 -21.48 -42.23
C PRO A 288 5.04 -22.50 -41.93
N PHE A 289 4.64 -23.30 -42.91
CA PHE A 289 3.52 -24.29 -42.81
C PHE A 289 4.02 -25.68 -43.20
N GLN A 290 3.17 -26.68 -43.00
CA GLN A 290 3.55 -28.11 -42.95
C GLN A 290 2.26 -28.94 -42.97
N ASN A 291 2.21 -30.02 -43.76
CA ASN A 291 1.01 -30.92 -43.84
C ASN A 291 1.41 -32.37 -43.52
N LEU A 292 2.44 -32.58 -42.69
CA LEU A 292 2.94 -33.91 -42.31
C LEU A 292 2.07 -34.50 -41.19
N SER A 293 1.94 -33.77 -40.07
CA SER A 293 1.16 -34.19 -38.88
C SER A 293 0.71 -32.97 -38.07
N PRO A 294 -0.51 -33.01 -37.49
CA PRO A 294 -0.92 -32.04 -36.48
C PRO A 294 -0.30 -32.31 -35.10
N ARG A 295 0.22 -33.54 -34.89
CA ARG A 295 0.93 -33.94 -33.64
C ARG A 295 2.44 -33.74 -33.83
N THR A 296 2.96 -32.58 -33.41
CA THR A 296 4.41 -32.24 -33.45
C THR A 296 4.81 -31.68 -32.08
N VAL A 297 6.12 -31.66 -31.80
CA VAL A 297 6.71 -31.10 -30.55
C VAL A 297 7.94 -30.29 -30.93
N GLY A 298 8.25 -29.25 -30.13
CA GLY A 298 9.38 -28.33 -30.36
C GLY A 298 8.93 -27.02 -31.00
N GLN A 299 9.85 -26.35 -31.71
CA GLN A 299 9.59 -25.09 -32.47
C GLN A 299 9.27 -25.49 -33.92
N CYS A 300 7.99 -25.49 -34.28
CA CYS A 300 7.45 -26.20 -35.46
C CYS A 300 6.74 -25.24 -36.41
N PRO A 301 6.81 -25.50 -37.74
CA PRO A 301 5.87 -24.92 -38.69
C PRO A 301 4.44 -25.36 -38.32
N LYS A 302 3.45 -24.52 -38.64
CA LYS A 302 2.03 -24.75 -38.26
C LYS A 302 1.42 -25.74 -39.25
N TYR A 303 0.64 -26.69 -38.74
CA TYR A 303 -0.07 -27.71 -39.56
C TYR A 303 -1.21 -27.01 -40.31
N VAL A 304 -1.38 -27.35 -41.59
CA VAL A 304 -2.45 -26.82 -42.48
C VAL A 304 -3.03 -27.99 -43.30
N ASN A 305 -4.35 -27.97 -43.57
CA ASN A 305 -5.06 -28.96 -44.42
C ASN A 305 -4.87 -28.57 -45.88
N LYS A 306 -3.63 -28.57 -46.38
CA LYS A 306 -3.27 -28.04 -47.72
C LYS A 306 -2.04 -28.77 -48.26
N LYS A 307 -2.13 -29.35 -49.45
CA LYS A 307 -1.01 -30.05 -50.14
C LYS A 307 0.08 -29.03 -50.51
N SER A 308 -0.33 -27.94 -51.17
CA SER A 308 0.57 -26.90 -51.75
C SER A 308 -0.04 -25.50 -51.57
N LEU A 309 0.81 -24.50 -51.31
CA LEU A 309 0.47 -23.05 -51.36
C LEU A 309 1.65 -22.30 -52.00
N MET A 310 1.52 -21.96 -53.29
CA MET A 310 2.61 -21.29 -54.05
C MET A 310 2.53 -19.77 -53.84
N LEU A 311 3.63 -19.19 -53.37
CA LEU A 311 3.81 -17.74 -53.15
C LEU A 311 4.58 -17.15 -54.34
N ALA A 312 3.97 -16.23 -55.09
CA ALA A 312 4.56 -15.59 -56.28
C ALA A 312 5.82 -14.82 -55.87
N THR A 313 6.91 -14.98 -56.64
CA THR A 313 8.20 -14.26 -56.46
C THR A 313 8.57 -13.55 -57.77
N GLY A 314 7.58 -13.32 -58.63
CA GLY A 314 7.74 -12.62 -59.91
C GLY A 314 6.42 -12.10 -60.44
N MET A 315 6.48 -11.23 -61.44
CA MET A 315 5.31 -10.57 -62.10
C MET A 315 4.47 -11.62 -62.85
N ARG A 316 3.27 -11.22 -63.28
CA ARG A 316 2.43 -11.96 -64.27
C ARG A 316 3.32 -12.38 -65.44
N ASN A 317 3.19 -13.64 -65.89
CA ASN A 317 3.87 -14.17 -67.09
C ASN A 317 2.93 -14.01 -68.27
N VAL A 318 3.30 -13.18 -69.25
CA VAL A 318 2.52 -12.95 -70.50
C VAL A 318 3.45 -13.24 -71.68
N PRO A 319 3.48 -14.49 -72.19
CA PRO A 319 4.36 -14.85 -73.30
C PRO A 319 3.84 -14.42 -74.68
N GLU A 320 4.61 -14.68 -75.72
CA GLU A 320 4.41 -14.19 -77.12
C GLU A 320 3.76 -15.30 -77.97
N GLY B 1 -4.83 -5.59 -65.15
CA GLY B 1 -4.24 -5.35 -63.79
C GLY B 1 -4.49 -3.93 -63.31
N LEU B 2 -4.27 -3.68 -62.01
CA LEU B 2 -4.58 -2.39 -61.34
C LEU B 2 -3.99 -1.22 -62.12
N PHE B 3 -2.72 -1.31 -62.53
CA PHE B 3 -1.94 -0.17 -63.09
C PHE B 3 -1.95 -0.20 -64.63
N GLY B 4 -2.50 -1.25 -65.24
CA GLY B 4 -2.91 -1.27 -66.66
C GLY B 4 -1.74 -1.44 -67.63
N ALA B 5 -0.53 -1.71 -67.14
CA ALA B 5 0.70 -1.84 -67.96
C ALA B 5 0.94 -3.31 -68.33
N ILE B 6 1.33 -4.15 -67.36
CA ILE B 6 1.58 -5.61 -67.57
C ILE B 6 0.23 -6.31 -67.74
N ALA B 7 0.11 -7.15 -68.78
CA ALA B 7 -1.15 -7.77 -69.24
C ALA B 7 -2.19 -6.67 -69.48
N GLY B 8 -1.72 -5.48 -69.91
CA GLY B 8 -2.54 -4.30 -70.20
C GLY B 8 -2.13 -3.69 -71.53
N PHE B 9 -1.66 -2.44 -71.54
CA PHE B 9 -1.33 -1.69 -72.79
C PHE B 9 -0.01 -2.22 -73.37
N ILE B 10 0.81 -2.92 -72.58
CA ILE B 10 1.98 -3.70 -73.06
C ILE B 10 1.49 -5.13 -73.38
N GLU B 11 1.47 -5.49 -74.66
CA GLU B 11 0.80 -6.72 -75.19
C GLU B 11 1.35 -7.97 -74.51
N ASN B 12 2.67 -8.10 -74.43
CA ASN B 12 3.32 -9.33 -73.89
C ASN B 12 4.71 -8.99 -73.35
N GLY B 13 5.34 -9.95 -72.68
CA GLY B 13 6.71 -9.84 -72.15
C GLY B 13 7.75 -10.28 -73.18
N TRP B 14 9.03 -10.09 -72.85
CA TRP B 14 10.19 -10.42 -73.72
C TRP B 14 10.99 -11.57 -73.11
N GLU B 15 10.87 -12.78 -73.69
CA GLU B 15 11.64 -13.98 -73.28
C GLU B 15 13.13 -13.73 -73.55
N GLY B 16 13.44 -12.92 -74.56
CA GLY B 16 14.82 -12.58 -74.98
C GLY B 16 15.55 -11.70 -73.98
N MET B 17 14.85 -11.14 -72.99
CA MET B 17 15.44 -10.26 -71.94
C MET B 17 15.73 -11.06 -70.68
N VAL B 18 17.01 -11.33 -70.40
CA VAL B 18 17.46 -12.30 -69.36
C VAL B 18 18.27 -11.60 -68.24
N ASP B 19 18.73 -10.36 -68.48
CA ASP B 19 19.62 -9.61 -67.55
C ASP B 19 18.80 -8.58 -66.76
N GLY B 20 17.47 -8.64 -66.81
CA GLY B 20 16.58 -7.70 -66.08
C GLY B 20 15.12 -8.08 -66.17
N TRP B 21 14.29 -7.45 -65.33
CA TRP B 21 12.81 -7.65 -65.24
C TRP B 21 12.11 -6.68 -66.18
N TYR B 22 12.58 -5.43 -66.19
CA TYR B 22 12.08 -4.32 -67.06
C TYR B 22 13.26 -3.83 -67.92
N GLY B 23 12.97 -3.25 -69.09
CA GLY B 23 13.99 -2.59 -69.92
C GLY B 23 13.43 -2.00 -71.20
N PHE B 24 14.33 -1.62 -72.10
CA PHE B 24 14.04 -0.85 -73.35
C PHE B 24 14.48 -1.65 -74.58
N ARG B 25 13.74 -1.48 -75.67
CA ARG B 25 14.15 -1.82 -77.06
C ARG B 25 13.98 -0.57 -77.90
N HIS B 26 14.96 -0.24 -78.75
CA HIS B 26 14.91 0.98 -79.60
C HIS B 26 15.17 0.59 -81.06
N GLN B 27 14.63 1.39 -81.98
CA GLN B 27 14.98 1.40 -83.42
C GLN B 27 15.35 2.85 -83.79
N ASN B 28 16.52 3.03 -84.40
CA ASN B 28 16.96 4.33 -84.99
C ASN B 28 17.60 4.02 -86.35
N ALA B 29 18.17 5.05 -87.00
CA ALA B 29 18.87 4.95 -88.29
C ALA B 29 19.92 3.82 -88.23
N GLN B 30 20.78 3.84 -87.20
CA GLN B 30 21.93 2.91 -87.10
C GLN B 30 21.48 1.48 -86.79
N GLY B 31 20.23 1.28 -86.39
CA GLY B 31 19.64 -0.07 -86.23
C GLY B 31 18.95 -0.25 -84.88
N THR B 32 19.20 -1.37 -84.20
CA THR B 32 18.38 -1.91 -83.07
C THR B 32 19.25 -2.05 -81.83
N GLY B 33 18.64 -2.02 -80.65
CA GLY B 33 19.30 -2.22 -79.34
C GLY B 33 18.33 -2.64 -78.25
N GLN B 34 18.80 -3.47 -77.31
CA GLN B 34 18.06 -3.87 -76.08
C GLN B 34 18.92 -3.52 -74.86
N ALA B 35 18.29 -3.17 -73.74
CA ALA B 35 18.96 -2.91 -72.45
C ALA B 35 17.97 -3.05 -71.29
N ALA B 36 18.44 -3.55 -70.15
CA ALA B 36 17.66 -3.70 -68.89
C ALA B 36 17.76 -2.41 -68.08
N ASP B 37 16.67 -2.01 -67.41
CA ASP B 37 16.67 -0.92 -66.40
C ASP B 37 16.98 -1.54 -65.03
N TYR B 38 18.11 -1.18 -64.44
CA TYR B 38 18.62 -1.76 -63.18
C TYR B 38 17.74 -1.29 -62.01
N LYS B 39 17.50 0.02 -61.91
CA LYS B 39 16.81 0.64 -60.75
C LYS B 39 15.42 0.01 -60.56
N SER B 40 14.62 -0.10 -61.62
CA SER B 40 13.24 -0.62 -61.59
C SER B 40 13.26 -2.13 -61.27
N THR B 41 14.18 -2.88 -61.90
CA THR B 41 14.34 -4.34 -61.67
C THR B 41 14.65 -4.60 -60.19
N GLN B 42 15.54 -3.80 -59.61
CA GLN B 42 16.05 -4.01 -58.22
C GLN B 42 14.94 -3.63 -57.23
N ALA B 43 14.21 -2.55 -57.50
CA ALA B 43 13.08 -2.07 -56.66
C ALA B 43 12.03 -3.19 -56.51
N ALA B 44 11.77 -3.93 -57.59
CA ALA B 44 10.79 -5.05 -57.61
C ALA B 44 11.34 -6.24 -56.83
N ILE B 45 12.59 -6.62 -57.07
CA ILE B 45 13.26 -7.79 -56.42
C ILE B 45 13.39 -7.52 -54.91
N ASP B 46 13.82 -6.31 -54.53
CA ASP B 46 14.03 -5.91 -53.11
C ASP B 46 12.69 -6.00 -52.35
N GLN B 47 11.57 -5.65 -52.98
CA GLN B 47 10.22 -5.71 -52.37
C GLN B 47 9.79 -7.16 -52.18
N ILE B 48 10.09 -8.03 -53.15
CA ILE B 48 9.77 -9.49 -53.09
C ILE B 48 10.66 -10.17 -52.04
N THR B 49 11.95 -9.84 -52.00
CA THR B 49 12.91 -10.33 -50.97
C THR B 49 12.37 -9.96 -49.59
N GLY B 50 11.81 -8.75 -49.45
CA GLY B 50 11.19 -8.26 -48.20
C GLY B 50 10.04 -9.15 -47.75
N LYS B 51 9.15 -9.53 -48.66
CA LYS B 51 7.99 -10.43 -48.39
C LYS B 51 8.50 -11.79 -47.90
N LEU B 52 9.49 -12.37 -48.60
CA LEU B 52 10.05 -13.70 -48.28
C LEU B 52 10.66 -13.68 -46.87
N ASN B 53 11.38 -12.62 -46.51
CA ASN B 53 12.01 -12.45 -45.17
C ASN B 53 10.93 -12.52 -44.09
N ARG B 54 9.75 -11.97 -44.37
CA ARG B 54 8.64 -11.81 -43.41
C ARG B 54 7.81 -13.10 -43.32
N ILE B 55 7.64 -13.82 -44.44
CA ILE B 55 6.70 -14.98 -44.56
C ILE B 55 7.44 -16.29 -44.31
N ILE B 56 8.63 -16.47 -44.88
CA ILE B 56 9.43 -17.73 -44.75
C ILE B 56 10.09 -17.74 -43.36
N LYS B 57 9.32 -18.13 -42.35
CA LYS B 57 9.63 -17.97 -40.91
C LYS B 57 8.65 -18.86 -40.10
N LYS B 58 9.07 -19.33 -38.93
CA LYS B 58 8.19 -20.00 -37.94
C LYS B 58 8.32 -19.25 -36.61
N THR B 59 7.41 -19.46 -35.67
CA THR B 59 7.50 -18.91 -34.29
C THR B 59 8.54 -19.75 -33.53
N ASN B 60 9.18 -19.14 -32.53
CA ASN B 60 10.21 -19.79 -31.68
C ASN B 60 9.56 -20.38 -30.42
N THR B 61 8.21 -20.41 -30.37
CA THR B 61 7.41 -20.97 -29.24
C THR B 61 7.64 -22.48 -29.18
N GLU B 62 8.02 -22.98 -28.00
CA GLU B 62 8.26 -24.43 -27.71
C GLU B 62 6.92 -25.08 -27.34
N PHE B 63 6.51 -26.11 -28.08
CA PHE B 63 5.27 -26.89 -27.83
C PHE B 63 5.65 -28.30 -27.34
N GLU B 64 4.98 -28.75 -26.28
CA GLU B 64 5.10 -30.13 -25.74
C GLU B 64 3.94 -30.96 -26.30
N SER B 65 4.02 -32.28 -26.16
CA SER B 65 2.93 -33.24 -26.49
C SER B 65 1.83 -33.14 -25.44
N ILE B 66 0.55 -33.12 -25.86
CA ILE B 66 -0.64 -33.18 -24.96
C ILE B 66 -1.45 -34.46 -25.27
N GLU B 67 -1.20 -35.11 -26.41
CA GLU B 67 -1.76 -36.46 -26.74
C GLU B 67 -0.59 -37.45 -26.89
N SER B 68 -0.67 -38.60 -26.22
CA SER B 68 0.30 -39.71 -26.33
C SER B 68 0.12 -40.44 -27.66
N GLU B 69 1.22 -40.75 -28.33
CA GLU B 69 1.26 -41.51 -29.61
C GLU B 69 1.03 -43.01 -29.35
N PHE B 70 1.50 -43.53 -28.21
CA PHE B 70 1.69 -44.97 -27.94
C PHE B 70 0.78 -45.49 -26.82
N SER B 71 -0.02 -44.62 -26.19
CA SER B 71 -0.95 -44.99 -25.08
C SER B 71 -2.31 -44.33 -25.30
N GLU B 72 -3.33 -44.83 -24.59
CA GLU B 72 -4.75 -44.38 -24.67
C GLU B 72 -4.94 -43.20 -23.70
N ILE B 73 -5.57 -42.13 -24.18
CA ILE B 73 -5.85 -40.87 -23.42
C ILE B 73 -7.30 -40.92 -22.92
N ASP B 74 -7.61 -40.25 -21.80
CA ASP B 74 -9.00 -40.12 -21.28
C ASP B 74 -9.88 -39.61 -22.43
N HIS B 75 -11.06 -40.21 -22.62
CA HIS B 75 -11.96 -39.99 -23.78
C HIS B 75 -12.47 -38.55 -23.80
N GLN B 76 -12.78 -37.97 -22.62
CA GLN B 76 -13.43 -36.63 -22.53
C GLN B 76 -12.42 -35.54 -22.90
N ILE B 77 -11.21 -35.56 -22.31
CA ILE B 77 -10.15 -34.55 -22.58
C ILE B 77 -9.60 -34.79 -23.99
N GLY B 78 -9.56 -36.04 -24.44
CA GLY B 78 -9.21 -36.41 -25.82
C GLY B 78 -10.11 -35.75 -26.85
N ASN B 79 -11.42 -35.71 -26.58
CA ASN B 79 -12.43 -35.04 -27.45
C ASN B 79 -12.20 -33.52 -27.42
N VAL B 80 -11.88 -32.96 -26.24
CA VAL B 80 -11.61 -31.50 -26.07
C VAL B 80 -10.35 -31.13 -26.88
N ILE B 81 -9.29 -31.93 -26.74
CA ILE B 81 -8.01 -31.71 -27.49
C ILE B 81 -8.28 -31.79 -28.99
N ASN B 82 -9.03 -32.80 -29.44
CA ASN B 82 -9.35 -33.00 -30.88
C ASN B 82 -10.11 -31.78 -31.41
N TRP B 83 -11.06 -31.25 -30.64
CA TRP B 83 -11.89 -30.07 -31.01
C TRP B 83 -11.00 -28.82 -31.13
N THR B 84 -10.11 -28.62 -30.15
CA THR B 84 -9.21 -27.44 -30.07
C THR B 84 -8.23 -27.46 -31.25
N LYS B 85 -7.56 -28.59 -31.48
CA LYS B 85 -6.53 -28.76 -32.55
C LYS B 85 -7.17 -28.55 -33.92
N ASP B 86 -8.35 -29.12 -34.17
CA ASP B 86 -9.07 -28.97 -35.46
C ASP B 86 -9.45 -27.50 -35.65
N SER B 87 -9.85 -26.81 -34.58
CA SER B 87 -10.22 -25.38 -34.60
C SER B 87 -9.00 -24.52 -34.92
N ILE B 88 -7.87 -24.80 -34.29
CA ILE B 88 -6.57 -24.07 -34.50
C ILE B 88 -6.10 -24.33 -35.94
N THR B 89 -6.27 -25.56 -36.43
CA THR B 89 -5.83 -25.97 -37.79
C THR B 89 -6.69 -25.24 -38.84
N ASP B 90 -7.98 -25.08 -38.58
CA ASP B 90 -8.92 -24.35 -39.49
C ASP B 90 -8.49 -22.88 -39.55
N ILE B 91 -8.07 -22.30 -38.43
CA ILE B 91 -7.60 -20.89 -38.37
C ILE B 91 -6.31 -20.76 -39.20
N TRP B 92 -5.32 -21.62 -38.97
CA TRP B 92 -4.00 -21.53 -39.66
C TRP B 92 -4.15 -21.81 -41.15
N THR B 93 -5.04 -22.73 -41.54
CA THR B 93 -5.29 -23.08 -42.96
C THR B 93 -5.89 -21.86 -43.65
N TYR B 94 -6.85 -21.21 -42.98
CA TYR B 94 -7.52 -19.98 -43.49
C TYR B 94 -6.49 -18.86 -43.62
N GLN B 95 -5.70 -18.63 -42.57
CA GLN B 95 -4.69 -17.53 -42.52
C GLN B 95 -3.65 -17.75 -43.61
N ALA B 96 -3.21 -19.00 -43.81
CA ALA B 96 -2.21 -19.39 -44.83
C ALA B 96 -2.76 -19.07 -46.24
N GLU B 97 -3.97 -19.55 -46.55
CA GLU B 97 -4.63 -19.36 -47.85
C GLU B 97 -4.80 -17.86 -48.14
N LEU B 98 -5.20 -17.09 -47.13
CA LEU B 98 -5.48 -15.63 -47.27
C LEU B 98 -4.16 -14.89 -47.45
N LEU B 99 -3.16 -15.15 -46.60
CA LEU B 99 -1.83 -14.49 -46.66
C LEU B 99 -1.29 -14.61 -48.08
N VAL B 100 -1.21 -15.83 -48.59
CA VAL B 100 -0.56 -16.13 -49.91
C VAL B 100 -1.40 -15.50 -51.03
N ALA B 101 -2.72 -15.63 -50.97
CA ALA B 101 -3.64 -15.02 -51.97
C ALA B 101 -3.42 -13.50 -51.99
N MET B 102 -3.43 -12.87 -50.81
CA MET B 102 -3.29 -11.40 -50.63
C MET B 102 -1.90 -10.95 -51.10
N GLU B 103 -0.83 -11.64 -50.69
CA GLU B 103 0.57 -11.32 -51.08
C GLU B 103 0.74 -11.46 -52.60
N ASN B 104 0.21 -12.54 -53.19
CA ASN B 104 0.31 -12.82 -54.65
C ASN B 104 -0.35 -11.66 -55.41
N GLN B 105 -1.52 -11.21 -54.95
CA GLN B 105 -2.25 -10.06 -55.52
C GLN B 105 -1.35 -8.82 -55.48
N HIS B 106 -0.71 -8.57 -54.33
CA HIS B 106 0.16 -7.38 -54.12
C HIS B 106 1.40 -7.48 -55.01
N THR B 107 2.06 -8.64 -55.06
CA THR B 107 3.30 -8.87 -55.86
C THR B 107 3.02 -8.55 -57.34
N ILE B 108 1.96 -9.14 -57.89
CA ILE B 108 1.52 -8.97 -59.31
C ILE B 108 1.29 -7.48 -59.58
N ASP B 109 0.60 -6.78 -58.67
CA ASP B 109 0.20 -5.36 -58.84
C ASP B 109 1.42 -4.45 -58.61
N MET B 110 2.27 -4.76 -57.63
CA MET B 110 3.51 -4.00 -57.34
C MET B 110 4.41 -4.03 -58.58
N ALA B 111 4.55 -5.19 -59.22
CA ALA B 111 5.37 -5.39 -60.44
C ALA B 111 4.78 -4.58 -61.60
N ASP B 112 3.44 -4.57 -61.72
CA ASP B 112 2.68 -3.76 -62.71
C ASP B 112 3.01 -2.27 -62.49
N SER B 113 3.05 -1.83 -61.24
CA SER B 113 3.25 -0.40 -60.87
C SER B 113 4.66 0.05 -61.23
N GLU B 114 5.67 -0.81 -61.08
CA GLU B 114 7.08 -0.48 -61.39
C GLU B 114 7.25 -0.31 -62.91
N MET B 115 6.53 -1.10 -63.70
CA MET B 115 6.50 -0.98 -65.18
C MET B 115 5.92 0.38 -65.54
N LEU B 116 4.75 0.72 -64.98
CA LEU B 116 4.04 2.00 -65.27
C LEU B 116 4.92 3.19 -64.84
N ASN B 117 5.62 3.08 -63.71
CA ASN B 117 6.44 4.18 -63.15
C ASN B 117 7.62 4.49 -64.07
N LEU B 118 8.22 3.45 -64.69
CA LEU B 118 9.33 3.59 -65.66
C LEU B 118 8.79 4.28 -66.92
N TYR B 119 7.66 3.82 -67.43
CA TYR B 119 6.95 4.39 -68.60
C TYR B 119 6.68 5.88 -68.38
N GLU B 120 6.19 6.26 -67.20
CA GLU B 120 5.83 7.67 -66.87
C GLU B 120 7.11 8.51 -66.77
N ARG B 121 8.19 7.94 -66.24
CA ARG B 121 9.50 8.62 -66.08
C ARG B 121 10.00 9.03 -67.48
N VAL B 122 9.93 8.12 -68.45
CA VAL B 122 10.39 8.31 -69.85
C VAL B 122 9.48 9.35 -70.54
N ARG B 123 8.16 9.18 -70.44
CA ARG B 123 7.18 10.12 -71.04
C ARG B 123 7.55 11.56 -70.66
N LYS B 124 7.83 11.78 -69.37
CA LYS B 124 8.09 13.13 -68.80
C LYS B 124 9.46 13.64 -69.27
N GLN B 125 10.45 12.76 -69.39
CA GLN B 125 11.81 13.08 -69.91
C GLN B 125 11.71 13.62 -71.34
N LEU B 126 11.02 12.89 -72.22
CA LEU B 126 10.92 13.18 -73.67
C LEU B 126 10.08 14.43 -73.91
N ARG B 127 9.21 14.78 -72.95
CA ARG B 127 8.43 16.04 -72.95
C ARG B 127 7.67 16.14 -74.27
N GLN B 128 7.95 17.15 -75.11
CA GLN B 128 7.18 17.43 -76.36
C GLN B 128 7.93 16.88 -77.59
N ASN B 129 9.02 16.13 -77.39
CA ASN B 129 9.88 15.61 -78.48
C ASN B 129 9.39 14.24 -78.96
N ALA B 130 8.39 13.65 -78.29
CA ALA B 130 7.88 12.28 -78.59
C ALA B 130 6.38 12.20 -78.37
N GLU B 131 5.75 11.15 -78.89
CA GLU B 131 4.31 10.83 -78.73
C GLU B 131 4.16 9.36 -78.37
N GLU B 132 3.08 9.01 -77.66
CA GLU B 132 2.79 7.64 -77.20
C GLU B 132 2.12 6.87 -78.35
N ASP B 133 2.60 5.66 -78.64
CA ASP B 133 2.08 4.74 -79.68
C ASP B 133 0.93 3.88 -79.10
N GLY B 134 0.70 3.94 -77.79
CA GLY B 134 -0.42 3.23 -77.12
C GLY B 134 -0.08 1.80 -76.72
N LYS B 135 1.03 1.25 -77.23
CA LYS B 135 1.45 -0.16 -76.98
C LYS B 135 2.73 -0.20 -76.11
N GLY B 136 3.08 0.91 -75.46
CA GLY B 136 4.22 1.01 -74.54
C GLY B 136 5.45 1.61 -75.20
N CYS B 137 5.37 2.01 -76.47
CA CYS B 137 6.48 2.65 -77.23
C CYS B 137 6.26 4.16 -77.32
N PHE B 138 7.35 4.93 -77.41
CA PHE B 138 7.36 6.37 -77.75
C PHE B 138 7.95 6.54 -79.14
N GLU B 139 7.20 7.13 -80.07
CA GLU B 139 7.71 7.58 -81.39
C GLU B 139 8.42 8.92 -81.17
N ILE B 140 9.74 8.96 -81.36
CA ILE B 140 10.60 10.17 -81.16
C ILE B 140 10.72 10.90 -82.50
N TYR B 141 10.40 12.20 -82.51
CA TYR B 141 10.28 13.03 -83.75
C TYR B 141 11.59 13.80 -84.00
N HIS B 142 12.73 13.14 -83.85
CA HIS B 142 14.07 13.68 -84.19
C HIS B 142 15.08 12.52 -84.28
N ALA B 143 16.15 12.71 -85.06
CA ALA B 143 17.29 11.78 -85.14
C ALA B 143 17.82 11.54 -83.73
N CYS B 144 17.61 10.34 -83.19
CA CYS B 144 18.07 9.92 -81.84
C CYS B 144 19.02 8.72 -82.01
N ASP B 145 20.33 8.97 -81.93
CA ASP B 145 21.41 7.97 -82.13
C ASP B 145 21.62 7.20 -80.82
N ASP B 146 22.58 6.28 -80.76
CA ASP B 146 22.78 5.36 -79.61
C ASP B 146 23.20 6.14 -78.36
N SER B 147 23.86 7.30 -78.50
CA SER B 147 24.20 8.22 -77.38
C SER B 147 22.91 8.80 -76.78
N CYS B 148 22.02 9.31 -77.64
CA CYS B 148 20.72 9.91 -77.29
C CYS B 148 19.84 8.85 -76.60
N MET B 149 19.70 7.67 -77.21
CA MET B 149 18.94 6.52 -76.66
C MET B 149 19.51 6.14 -75.28
N GLU B 150 20.83 6.13 -75.13
CA GLU B 150 21.54 5.81 -73.87
C GLU B 150 21.21 6.87 -72.82
N SER B 151 21.04 8.13 -73.22
CA SER B 151 20.77 9.28 -72.31
C SER B 151 19.33 9.21 -71.80
N ILE B 152 18.41 8.60 -72.55
CA ILE B 152 17.00 8.35 -72.14
C ILE B 152 17.00 7.28 -71.04
N ARG B 153 17.71 6.17 -71.27
CA ARG B 153 17.82 5.02 -70.34
C ARG B 153 18.51 5.47 -69.04
N ASN B 154 19.50 6.35 -69.13
CA ASN B 154 20.35 6.80 -68.00
C ASN B 154 19.77 8.06 -67.36
N ASN B 155 18.63 8.57 -67.87
CA ASN B 155 17.85 9.67 -67.26
C ASN B 155 18.66 10.99 -67.33
N THR B 156 19.37 11.23 -68.44
CA THR B 156 20.23 12.42 -68.68
C THR B 156 19.89 13.08 -70.03
N TYR B 157 18.72 12.77 -70.59
CA TYR B 157 18.21 13.35 -71.86
C TYR B 157 17.73 14.78 -71.59
N ASP B 158 18.26 15.75 -72.34
CA ASP B 158 17.86 17.18 -72.29
C ASP B 158 16.93 17.47 -73.47
N HIS B 159 15.63 17.60 -73.19
CA HIS B 159 14.56 17.79 -74.22
C HIS B 159 14.83 19.06 -75.03
N SER B 160 15.39 20.10 -74.39
CA SER B 160 15.51 21.47 -74.97
C SER B 160 16.44 21.44 -76.20
N GLN B 161 17.42 20.54 -76.22
CA GLN B 161 18.41 20.38 -77.33
C GLN B 161 17.68 20.02 -78.64
N TYR B 162 16.71 19.11 -78.60
CA TYR B 162 16.03 18.53 -79.79
C TYR B 162 14.64 19.13 -80.02
N ARG B 163 14.21 20.06 -79.16
CA ARG B 163 12.81 20.59 -79.17
C ARG B 163 12.48 21.20 -80.53
N GLU B 164 13.32 22.12 -81.03
CA GLU B 164 13.11 22.84 -82.32
C GLU B 164 12.82 21.83 -83.44
N GLU B 165 13.75 20.88 -83.66
CA GLU B 165 13.65 19.83 -84.71
C GLU B 165 12.36 19.03 -84.51
N ALA B 166 12.07 18.64 -83.26
CA ALA B 166 10.96 17.74 -82.88
C ALA B 166 9.61 18.40 -83.14
N LEU B 167 9.43 19.64 -82.66
CA LEU B 167 8.16 20.40 -82.81
C LEU B 167 7.83 20.60 -84.29
N LEU B 168 8.83 20.81 -85.14
CA LEU B 168 8.64 21.00 -86.61
C LEU B 168 8.16 19.68 -87.25
N ASN B 169 8.82 18.56 -86.93
CA ASN B 169 8.51 17.21 -87.47
C ASN B 169 7.11 16.77 -87.02
N ARG B 170 6.66 17.19 -85.83
CA ARG B 170 5.36 16.79 -85.24
C ARG B 170 4.21 17.54 -85.93
N LEU B 171 4.38 18.85 -86.16
CA LEU B 171 3.39 19.74 -86.81
C LEU B 171 3.39 19.50 -88.33
N ASN B 172 4.57 19.27 -88.92
CA ASN B 172 4.74 18.84 -90.33
C ASN B 172 4.30 19.97 -91.27
N PRO C 2 10.03 31.13 -68.00
CA PRO C 2 8.63 30.70 -67.76
C PRO C 2 8.31 30.55 -66.27
N ASP C 3 7.06 30.86 -65.88
CA ASP C 3 6.55 30.71 -64.49
C ASP C 3 6.27 29.22 -64.22
N LYS C 4 6.61 28.72 -63.03
CA LYS C 4 6.45 27.31 -62.62
C LYS C 4 5.55 27.23 -61.39
N ILE C 5 4.74 26.18 -61.30
CA ILE C 5 3.94 25.81 -60.09
C ILE C 5 4.25 24.35 -59.74
N CYS C 6 4.73 24.10 -58.52
CA CYS C 6 5.27 22.81 -58.05
C CYS C 6 4.31 22.20 -57.01
N LEU C 7 4.05 20.89 -57.14
CA LEU C 7 3.30 20.09 -56.16
C LEU C 7 4.28 19.40 -55.21
N GLY C 8 3.91 19.26 -53.94
CA GLY C 8 4.81 18.79 -52.88
C GLY C 8 4.04 18.32 -51.65
N HIS C 9 4.70 17.56 -50.79
CA HIS C 9 4.14 17.01 -49.53
C HIS C 9 4.99 17.46 -48.36
N HIS C 10 4.42 17.45 -47.16
CA HIS C 10 5.12 17.83 -45.91
C HIS C 10 6.17 16.78 -45.59
N ALA C 11 7.08 17.12 -44.68
CA ALA C 11 8.11 16.21 -44.12
C ALA C 11 8.43 16.68 -42.71
N VAL C 12 9.19 15.88 -41.97
CA VAL C 12 9.67 16.18 -40.59
C VAL C 12 11.14 15.72 -40.51
N ALA C 13 11.95 16.36 -39.68
CA ALA C 13 13.38 16.04 -39.50
C ALA C 13 13.50 14.67 -38.81
N ASN C 14 12.76 14.50 -37.69
CA ASN C 14 12.75 13.28 -36.85
C ASN C 14 11.52 12.44 -37.19
N GLY C 15 11.66 11.53 -38.15
CA GLY C 15 10.63 10.55 -38.56
C GLY C 15 10.68 9.29 -37.73
N THR C 16 9.64 8.45 -37.83
CA THR C 16 9.51 7.17 -37.10
C THR C 16 9.66 5.99 -38.07
N ILE C 17 10.30 4.92 -37.62
CA ILE C 17 10.49 3.65 -38.37
C ILE C 17 9.29 2.74 -38.09
N VAL C 18 8.66 2.22 -39.16
CA VAL C 18 7.58 1.20 -39.09
C VAL C 18 7.94 0.05 -40.03
N LYS C 19 7.28 -1.09 -39.88
CA LYS C 19 7.41 -2.26 -40.79
C LYS C 19 6.23 -2.24 -41.77
N THR C 20 6.48 -2.69 -43.01
CA THR C 20 5.45 -2.90 -44.06
C THR C 20 5.56 -4.35 -44.54
N LEU C 21 4.74 -4.73 -45.52
CA LEU C 21 4.79 -6.08 -46.14
C LEU C 21 6.17 -6.29 -46.78
N THR C 22 6.76 -5.18 -47.26
CA THR C 22 7.88 -5.14 -48.22
C THR C 22 9.20 -4.75 -47.53
N ASN C 23 9.14 -3.90 -46.51
CA ASN C 23 10.32 -3.19 -45.94
C ASN C 23 10.23 -3.23 -44.42
N GLU C 24 11.33 -3.58 -43.74
CA GLU C 24 11.40 -3.71 -42.26
C GLU C 24 11.82 -2.37 -41.63
N GLN C 25 12.39 -1.46 -42.42
CA GLN C 25 12.96 -0.16 -41.95
C GLN C 25 12.39 0.98 -42.80
N GLU C 26 11.09 1.26 -42.68
CA GLU C 26 10.36 2.26 -43.50
C GLU C 26 10.09 3.52 -42.65
N GLU C 27 10.70 4.65 -43.02
CA GLU C 27 10.56 5.93 -42.28
C GLU C 27 9.26 6.62 -42.73
N VAL C 28 8.39 6.95 -41.77
CA VAL C 28 7.11 7.68 -42.01
C VAL C 28 7.11 8.95 -41.14
N THR C 29 6.23 9.91 -41.46
CA THR C 29 6.14 11.22 -40.77
C THR C 29 5.67 11.04 -39.33
N ASN C 30 4.88 10.01 -39.05
CA ASN C 30 4.23 9.81 -37.73
C ASN C 30 3.72 8.37 -37.63
N ALA C 31 3.67 7.83 -36.40
CA ALA C 31 3.20 6.47 -36.09
C ALA C 31 2.69 6.43 -34.65
N THR C 32 1.87 5.43 -34.31
CA THR C 32 1.28 5.25 -32.97
C THR C 32 1.47 3.78 -32.56
N GLU C 33 1.65 3.53 -31.25
CA GLU C 33 1.87 2.18 -30.66
C GLU C 33 0.53 1.43 -30.63
N THR C 34 0.53 0.12 -30.90
CA THR C 34 -0.67 -0.76 -30.87
C THR C 34 -0.54 -1.82 -29.76
N VAL C 35 0.63 -1.95 -29.13
CA VAL C 35 0.90 -2.93 -28.02
C VAL C 35 1.16 -2.15 -26.73
N GLU C 36 0.41 -2.43 -25.66
CA GLU C 36 0.62 -1.83 -24.31
C GLU C 36 1.74 -2.57 -23.59
N SER C 37 2.72 -1.82 -23.04
CA SER C 37 3.91 -2.34 -22.32
C SER C 37 3.89 -1.96 -20.83
N THR C 38 3.18 -0.88 -20.46
CA THR C 38 3.13 -0.35 -19.08
C THR C 38 1.87 -0.87 -18.37
N SER C 39 2.01 -1.26 -17.10
CA SER C 39 0.91 -1.72 -16.21
C SER C 39 0.76 -0.76 -15.03
N LEU C 40 -0.44 -0.71 -14.47
CA LEU C 40 -0.75 -0.07 -13.17
C LEU C 40 -0.71 -1.14 -12.09
N ASN C 41 0.16 -1.00 -11.08
CA ASN C 41 0.24 -1.93 -9.91
C ASN C 41 -0.86 -1.55 -8.91
N ARG C 42 -2.11 -1.50 -9.39
CA ARG C 42 -3.34 -1.19 -8.61
C ARG C 42 -4.53 -1.92 -9.25
N LEU C 43 -5.59 -2.19 -8.47
CA LEU C 43 -6.87 -2.75 -8.96
C LEU C 43 -7.87 -1.59 -9.07
N CYS C 44 -8.13 -1.14 -10.31
CA CYS C 44 -9.01 0.01 -10.63
C CYS C 44 -10.48 -0.41 -10.47
N MET C 45 -11.10 -0.06 -9.34
CA MET C 45 -12.41 -0.62 -8.90
C MET C 45 -13.50 0.45 -8.92
N LYS C 46 -13.31 1.56 -9.64
CA LYS C 46 -14.35 2.61 -9.79
C LYS C 46 -15.49 2.04 -10.66
N GLY C 47 -16.74 2.32 -10.28
CA GLY C 47 -17.96 1.86 -11.00
C GLY C 47 -18.25 0.39 -10.78
N ARG C 48 -17.57 -0.24 -9.81
CA ARG C 48 -17.69 -1.69 -9.48
C ARG C 48 -18.10 -1.85 -8.01
N ASN C 49 -19.22 -2.53 -7.77
CA ASN C 49 -19.61 -3.01 -6.42
C ASN C 49 -18.72 -4.20 -6.07
N HIS C 50 -17.56 -3.93 -5.47
CA HIS C 50 -16.45 -4.92 -5.28
C HIS C 50 -16.36 -5.36 -3.83
N LYS C 51 -15.55 -6.39 -3.57
CA LYS C 51 -15.30 -6.98 -2.24
C LYS C 51 -13.87 -7.51 -2.19
N ASP C 52 -12.99 -6.82 -1.45
CA ASP C 52 -11.61 -7.28 -1.13
C ASP C 52 -11.71 -8.19 0.10
N LEU C 53 -11.45 -9.49 -0.07
CA LEU C 53 -11.55 -10.49 1.03
C LEU C 53 -10.34 -10.39 1.96
N GLY C 54 -9.31 -9.64 1.57
CA GLY C 54 -8.07 -9.47 2.36
C GLY C 54 -7.53 -10.82 2.81
N ASN C 55 -7.55 -11.06 4.13
CA ASN C 55 -6.96 -12.27 4.74
C ASN C 55 -7.98 -13.42 4.72
N CYS C 56 -9.22 -13.18 4.29
CA CYS C 56 -10.30 -14.20 4.19
C CYS C 56 -10.23 -14.95 2.85
N HIS C 57 -10.16 -16.29 2.89
CA HIS C 57 -10.20 -17.19 1.72
C HIS C 57 -11.66 -17.46 1.33
N PRO C 58 -12.00 -17.47 0.01
CA PRO C 58 -13.40 -17.63 -0.41
C PRO C 58 -14.19 -18.73 0.31
N ILE C 59 -13.57 -19.88 0.59
CA ILE C 59 -14.23 -21.04 1.26
C ILE C 59 -14.59 -20.66 2.70
N GLY C 60 -13.78 -19.81 3.34
CA GLY C 60 -14.04 -19.28 4.69
C GLY C 60 -15.40 -18.60 4.80
N MET C 61 -15.90 -18.03 3.71
CA MET C 61 -17.21 -17.31 3.66
C MET C 61 -18.35 -18.29 3.89
N LEU C 62 -18.22 -19.55 3.45
CA LEU C 62 -19.32 -20.55 3.51
C LEU C 62 -19.40 -21.18 4.90
N ILE C 63 -18.25 -21.36 5.56
CA ILE C 63 -18.14 -22.07 6.88
C ILE C 63 -18.04 -21.04 8.02
N GLY C 64 -17.59 -19.81 7.71
CA GLY C 64 -17.58 -18.69 8.66
C GLY C 64 -16.40 -18.74 9.60
N THR C 65 -15.18 -18.64 9.06
CA THR C 65 -13.92 -18.43 9.81
C THR C 65 -13.93 -17.03 10.41
N PRO C 66 -13.36 -16.81 11.62
CA PRO C 66 -13.24 -15.47 12.19
C PRO C 66 -12.76 -14.40 11.19
N ALA C 67 -11.68 -14.67 10.46
CA ALA C 67 -11.06 -13.78 9.46
C ALA C 67 -12.11 -13.32 8.43
N CYS C 68 -13.20 -14.07 8.26
CA CYS C 68 -14.21 -13.87 7.20
C CYS C 68 -15.53 -13.31 7.78
N ASP C 69 -15.53 -12.80 9.00
CA ASP C 69 -16.75 -12.39 9.74
C ASP C 69 -17.51 -11.28 9.01
N LEU C 70 -16.80 -10.41 8.27
CA LEU C 70 -17.41 -9.27 7.53
C LEU C 70 -17.83 -9.70 6.12
N HIS C 71 -17.69 -10.98 5.77
CA HIS C 71 -17.88 -11.51 4.39
C HIS C 71 -18.80 -12.75 4.40
N LEU C 72 -19.61 -12.94 5.44
CA LEU C 72 -20.52 -14.11 5.57
C LEU C 72 -21.69 -14.00 4.58
N THR C 73 -22.06 -12.77 4.22
CA THR C 73 -23.12 -12.46 3.22
C THR C 73 -22.67 -11.26 2.39
N GLY C 74 -23.39 -10.99 1.30
CA GLY C 74 -23.13 -9.81 0.47
C GLY C 74 -23.49 -10.04 -0.98
N THR C 75 -23.43 -8.97 -1.75
CA THR C 75 -23.53 -8.95 -3.23
C THR C 75 -22.33 -8.20 -3.76
N TRP C 76 -21.90 -8.54 -4.97
CA TRP C 76 -20.72 -7.93 -5.63
C TRP C 76 -20.74 -8.30 -7.11
N ASP C 77 -20.10 -7.46 -7.93
CA ASP C 77 -19.84 -7.77 -9.37
C ASP C 77 -18.38 -8.22 -9.51
N THR C 78 -17.56 -7.99 -8.47
CA THR C 78 -16.10 -8.28 -8.46
C THR C 78 -15.68 -8.76 -7.07
N LEU C 79 -14.96 -9.89 -7.00
CA LEU C 79 -14.44 -10.50 -5.75
C LEU C 79 -12.92 -10.63 -5.88
N ILE C 80 -12.16 -10.06 -4.93
CA ILE C 80 -10.67 -10.06 -4.94
C ILE C 80 -10.16 -11.01 -3.84
N GLU C 81 -9.45 -12.06 -4.23
CA GLU C 81 -8.79 -13.05 -3.33
C GLU C 81 -7.30 -12.72 -3.26
N ARG C 82 -6.68 -12.91 -2.09
CA ARG C 82 -5.27 -12.54 -1.81
C ARG C 82 -4.45 -13.79 -1.48
N LYS C 83 -3.12 -13.65 -1.45
CA LYS C 83 -2.15 -14.75 -1.22
C LYS C 83 -2.15 -15.12 0.26
N ASN C 84 -2.12 -16.43 0.58
CA ASN C 84 -2.02 -16.98 1.96
C ASN C 84 -3.26 -16.60 2.78
N ALA C 85 -4.40 -16.39 2.12
CA ALA C 85 -5.71 -16.14 2.76
C ALA C 85 -6.10 -17.37 3.59
N ILE C 86 -6.69 -17.15 4.76
CA ILE C 86 -7.07 -18.21 5.74
C ILE C 86 -8.48 -18.71 5.42
N ALA C 87 -8.63 -20.04 5.34
CA ALA C 87 -9.92 -20.75 5.15
C ALA C 87 -10.26 -21.52 6.43
N TYR C 88 -9.28 -22.15 7.06
CA TYR C 88 -9.43 -23.07 8.22
C TYR C 88 -8.65 -22.54 9.42
N CYS C 89 -9.35 -22.19 10.50
CA CYS C 89 -8.74 -21.84 11.82
C CYS C 89 -8.25 -23.15 12.47
N TYR C 90 -9.13 -24.14 12.60
CA TYR C 90 -8.82 -25.51 13.10
C TYR C 90 -8.23 -26.32 11.95
N PRO C 91 -7.14 -27.10 12.17
CA PRO C 91 -6.48 -27.81 11.07
C PRO C 91 -7.40 -28.81 10.36
N GLY C 92 -7.27 -28.87 9.03
CA GLY C 92 -8.09 -29.73 8.15
C GLY C 92 -8.18 -29.15 6.75
N ALA C 93 -8.90 -29.83 5.85
CA ALA C 93 -9.03 -29.47 4.42
C ALA C 93 -10.44 -29.76 3.90
N THR C 94 -10.74 -29.31 2.68
CA THR C 94 -12.03 -29.54 2.00
C THR C 94 -11.79 -30.49 0.82
N VAL C 95 -12.61 -31.53 0.70
CA VAL C 95 -12.63 -32.42 -0.50
C VAL C 95 -13.20 -31.60 -1.67
N ASN C 96 -12.56 -31.66 -2.84
CA ASN C 96 -12.94 -30.87 -4.04
C ASN C 96 -12.79 -29.38 -3.72
N GLU C 97 -11.69 -29.01 -3.05
CA GLU C 97 -11.38 -27.64 -2.59
C GLU C 97 -11.40 -26.66 -3.77
N GLU C 98 -10.69 -26.97 -4.85
CA GLU C 98 -10.46 -26.05 -5.99
C GLU C 98 -11.78 -25.82 -6.75
N ALA C 99 -12.63 -26.86 -6.86
CA ALA C 99 -13.95 -26.79 -7.53
C ALA C 99 -14.84 -25.78 -6.78
N LEU C 100 -14.88 -25.90 -5.45
CA LEU C 100 -15.67 -25.01 -4.56
C LEU C 100 -15.16 -23.57 -4.70
N ARG C 101 -13.84 -23.37 -4.61
CA ARG C 101 -13.20 -22.04 -4.69
C ARG C 101 -13.59 -21.36 -6.01
N GLN C 102 -13.51 -22.09 -7.14
CA GLN C 102 -13.79 -21.56 -8.49
C GLN C 102 -15.27 -21.15 -8.57
N LYS C 103 -16.15 -21.93 -7.94
CA LYS C 103 -17.61 -21.70 -7.95
C LYS C 103 -17.95 -20.39 -7.22
N ILE C 104 -17.30 -20.15 -6.07
CA ILE C 104 -17.50 -18.92 -5.24
C ILE C 104 -16.94 -17.71 -6.00
N MET C 105 -15.73 -17.84 -6.56
CA MET C 105 -15.03 -16.76 -7.28
C MET C 105 -15.79 -16.37 -8.56
N GLU C 106 -16.65 -17.26 -9.06
CA GLU C 106 -17.50 -17.04 -10.27
C GLU C 106 -18.80 -16.32 -9.88
N SER C 107 -19.20 -16.39 -8.61
CA SER C 107 -20.50 -15.90 -8.09
C SER C 107 -20.52 -14.38 -8.02
N GLY C 108 -21.73 -13.81 -7.87
CA GLY C 108 -21.96 -12.36 -7.70
C GLY C 108 -22.55 -12.02 -6.35
N GLY C 109 -22.36 -12.91 -5.36
CA GLY C 109 -22.86 -12.71 -3.99
C GLY C 109 -23.15 -14.02 -3.28
N ILE C 110 -23.34 -13.95 -1.95
CA ILE C 110 -23.66 -15.10 -1.07
C ILE C 110 -24.78 -14.67 -0.11
N SER C 111 -25.83 -15.49 -0.02
CA SER C 111 -26.92 -15.37 0.99
C SER C 111 -26.92 -16.64 1.83
N LYS C 112 -27.31 -16.51 3.10
CA LYS C 112 -27.32 -17.62 4.09
C LYS C 112 -28.77 -17.95 4.47
N ILE C 113 -29.04 -19.24 4.67
CA ILE C 113 -30.37 -19.78 5.06
C ILE C 113 -30.16 -20.70 6.26
N ASN C 114 -30.97 -20.53 7.31
CA ASN C 114 -30.92 -21.36 8.54
C ASN C 114 -31.36 -22.79 8.16
N THR C 115 -30.67 -23.80 8.68
CA THR C 115 -31.02 -25.23 8.50
C THR C 115 -32.18 -25.56 9.45
N GLY C 116 -32.20 -24.94 10.63
CA GLY C 116 -33.22 -25.12 11.67
C GLY C 116 -32.93 -26.34 12.53
N PHE C 117 -31.74 -26.94 12.37
CA PHE C 117 -31.32 -28.20 13.04
C PHE C 117 -31.36 -27.97 14.55
N THR C 118 -32.10 -28.83 15.26
CA THR C 118 -32.22 -28.86 16.74
C THR C 118 -31.66 -30.21 17.23
N TYR C 119 -31.21 -30.25 18.49
CA TYR C 119 -30.51 -31.42 19.09
C TYR C 119 -31.06 -31.67 20.50
N GLY C 120 -31.03 -32.93 20.94
CA GLY C 120 -31.47 -33.34 22.30
C GLY C 120 -30.62 -32.69 23.38
N SER C 121 -31.11 -32.73 24.62
CA SER C 121 -30.42 -32.18 25.82
C SER C 121 -29.16 -32.99 26.13
N SER C 122 -29.07 -34.22 25.59
CA SER C 122 -27.90 -35.14 25.72
C SER C 122 -26.75 -34.69 24.79
N ILE C 123 -26.95 -33.65 23.97
CA ILE C 123 -25.94 -33.10 23.01
C ILE C 123 -25.61 -31.66 23.39
N ASN C 124 -24.32 -31.30 23.34
CA ASN C 124 -23.78 -29.93 23.48
C ASN C 124 -23.42 -29.43 22.07
N SER C 125 -24.16 -28.43 21.56
CA SER C 125 -24.01 -27.88 20.19
C SER C 125 -22.97 -26.74 20.17
N ALA C 126 -22.54 -26.26 21.34
CA ALA C 126 -21.68 -25.06 21.50
C ALA C 126 -20.22 -25.46 21.74
N GLY C 127 -19.76 -26.57 21.16
CA GLY C 127 -18.35 -26.99 21.17
C GLY C 127 -17.46 -25.94 20.51
N THR C 128 -16.40 -25.50 21.19
CA THR C 128 -15.50 -24.40 20.77
C THR C 128 -14.05 -24.89 20.75
N THR C 129 -13.11 -24.04 20.32
CA THR C 129 -11.65 -24.35 20.28
C THR C 129 -10.85 -23.04 20.34
N LYS C 130 -9.57 -23.15 20.73
CA LYS C 130 -8.63 -21.99 20.85
C LYS C 130 -8.09 -21.61 19.46
N ALA C 131 -8.21 -22.50 18.47
CA ALA C 131 -7.76 -22.28 17.08
C ALA C 131 -8.58 -21.16 16.44
N CYS C 132 -9.88 -21.10 16.75
CA CYS C 132 -10.87 -20.15 16.16
C CYS C 132 -11.26 -19.12 17.23
N MET C 133 -10.41 -18.10 17.44
CA MET C 133 -10.60 -17.04 18.47
C MET C 133 -11.53 -15.96 17.92
N ARG C 134 -12.47 -15.50 18.75
CA ARG C 134 -13.46 -14.43 18.41
C ARG C 134 -13.79 -13.67 19.70
N ASN C 135 -13.53 -12.35 19.71
CA ASN C 135 -13.75 -11.44 20.87
C ASN C 135 -12.88 -11.90 22.06
N GLY C 136 -11.66 -12.35 21.77
CA GLY C 136 -10.66 -12.76 22.80
C GLY C 136 -10.92 -14.13 23.40
N GLY C 137 -12.11 -14.71 23.18
CA GLY C 137 -12.52 -16.00 23.74
C GLY C 137 -12.54 -17.11 22.69
N ASN C 138 -12.40 -18.36 23.13
CA ASN C 138 -12.55 -19.58 22.29
C ASN C 138 -13.90 -19.51 21.57
N SER C 139 -13.94 -19.94 20.31
CA SER C 139 -15.14 -19.93 19.44
C SER C 139 -15.06 -21.06 18.41
N PHE C 140 -15.96 -21.06 17.44
CA PHE C 140 -16.00 -22.04 16.33
C PHE C 140 -16.48 -21.36 15.03
N TYR C 141 -16.40 -22.09 13.92
CA TYR C 141 -16.93 -21.68 12.59
C TYR C 141 -18.38 -21.20 12.77
N ALA C 142 -18.67 -19.98 12.31
CA ALA C 142 -19.96 -19.28 12.54
C ALA C 142 -21.14 -20.08 11.96
N GLU C 143 -20.94 -20.80 10.86
CA GLU C 143 -22.03 -21.42 10.07
C GLU C 143 -22.15 -22.91 10.38
N LEU C 144 -21.32 -23.42 11.31
CA LEU C 144 -21.29 -24.85 11.69
C LEU C 144 -21.38 -24.95 13.22
N LYS C 145 -21.78 -26.11 13.73
CA LYS C 145 -21.86 -26.41 15.18
C LYS C 145 -21.15 -27.73 15.45
N TRP C 146 -20.22 -27.71 16.42
CA TRP C 146 -19.47 -28.90 16.90
C TRP C 146 -20.34 -29.64 17.93
N LEU C 147 -20.94 -30.75 17.51
CA LEU C 147 -21.85 -31.58 18.36
C LEU C 147 -21.00 -32.55 19.18
N VAL C 148 -21.10 -32.47 20.51
CA VAL C 148 -20.36 -33.33 21.48
C VAL C 148 -21.34 -33.79 22.57
N SER C 149 -21.11 -34.96 23.16
CA SER C 149 -21.87 -35.49 24.33
C SER C 149 -21.82 -34.47 25.47
N LYS C 150 -22.96 -34.17 26.10
CA LYS C 150 -23.08 -33.16 27.20
C LYS C 150 -22.25 -33.61 28.40
N ASN C 151 -22.29 -34.90 28.72
CA ASN C 151 -21.53 -35.54 29.84
C ASN C 151 -20.34 -36.30 29.25
N LYS C 152 -19.11 -35.93 29.67
CA LYS C 152 -17.83 -36.47 29.18
C LYS C 152 -17.85 -38.01 29.29
N GLY C 153 -17.50 -38.72 28.23
CA GLY C 153 -17.36 -40.19 28.22
C GLY C 153 -18.63 -40.90 27.77
N GLN C 154 -19.81 -40.27 27.92
CA GLN C 154 -21.13 -40.88 27.64
C GLN C 154 -21.33 -41.02 26.12
N ASN C 155 -22.08 -42.04 25.71
CA ASN C 155 -22.44 -42.34 24.30
C ASN C 155 -23.26 -41.17 23.71
N PHE C 156 -22.82 -40.64 22.56
CA PHE C 156 -23.54 -39.62 21.76
C PHE C 156 -24.76 -40.27 21.13
N PRO C 157 -25.98 -39.73 21.32
CA PRO C 157 -27.20 -40.40 20.86
C PRO C 157 -27.37 -40.39 19.34
N GLN C 158 -27.99 -41.45 18.79
CA GLN C 158 -28.31 -41.59 17.34
C GLN C 158 -29.30 -40.48 16.95
N THR C 159 -28.83 -39.50 16.18
CA THR C 159 -29.60 -38.29 15.78
C THR C 159 -29.80 -38.29 14.26
N THR C 160 -30.95 -37.75 13.83
CA THR C 160 -31.32 -37.54 12.41
C THR C 160 -31.73 -36.07 12.24
N ASN C 161 -31.04 -35.36 11.35
CA ASN C 161 -31.37 -33.96 10.95
C ASN C 161 -31.53 -33.94 9.42
N THR C 162 -32.57 -33.27 8.93
CA THR C 162 -32.93 -33.19 7.49
C THR C 162 -33.18 -31.73 7.13
N TYR C 163 -32.46 -31.22 6.11
CA TYR C 163 -32.66 -29.87 5.54
C TYR C 163 -33.40 -30.01 4.21
N ARG C 164 -34.51 -29.29 4.05
CA ARG C 164 -35.28 -29.19 2.79
C ARG C 164 -34.99 -27.84 2.15
N ASN C 165 -34.69 -27.86 0.84
CA ASN C 165 -34.52 -26.63 0.02
C ASN C 165 -35.92 -26.11 -0.35
N ALA C 166 -36.40 -25.12 0.39
CA ALA C 166 -37.74 -24.48 0.21
C ALA C 166 -37.66 -23.41 -0.87
N ASP C 167 -36.46 -23.04 -1.31
CA ASP C 167 -36.19 -21.93 -2.26
C ASP C 167 -36.43 -22.42 -3.70
N THR C 168 -36.27 -21.53 -4.69
CA THR C 168 -36.45 -21.81 -6.13
C THR C 168 -35.08 -21.82 -6.85
N ALA C 169 -33.99 -22.03 -6.09
CA ALA C 169 -32.60 -22.08 -6.59
C ALA C 169 -31.78 -23.05 -5.74
N GLU C 170 -30.72 -23.63 -6.31
CA GLU C 170 -29.85 -24.64 -5.64
C GLU C 170 -29.13 -23.98 -4.46
N HIS C 171 -29.04 -24.68 -3.34
CA HIS C 171 -28.32 -24.29 -2.10
C HIS C 171 -27.06 -25.14 -1.97
N LEU C 172 -25.98 -24.54 -1.46
CA LEU C 172 -24.67 -25.20 -1.23
C LEU C 172 -24.55 -25.50 0.26
N ILE C 173 -24.71 -26.78 0.64
CA ILE C 173 -24.61 -27.24 2.05
C ILE C 173 -23.20 -27.80 2.28
N MET C 174 -22.53 -27.35 3.34
CA MET C 174 -21.21 -27.84 3.79
C MET C 174 -21.37 -28.46 5.17
N TRP C 175 -20.57 -29.48 5.47
CA TRP C 175 -20.50 -30.13 6.81
C TRP C 175 -19.06 -30.59 7.05
N GLY C 176 -18.71 -30.82 8.32
CA GLY C 176 -17.38 -31.29 8.73
C GLY C 176 -17.46 -32.64 9.40
N ILE C 177 -16.41 -33.43 9.26
CA ILE C 177 -16.19 -34.71 10.01
C ILE C 177 -14.96 -34.51 10.88
N HIS C 178 -15.11 -34.58 12.21
CA HIS C 178 -14.00 -34.48 13.18
C HIS C 178 -13.25 -35.82 13.23
N HIS C 179 -11.94 -35.81 12.98
CA HIS C 179 -11.06 -36.99 13.18
C HIS C 179 -10.14 -36.72 14.37
N PRO C 180 -10.48 -37.22 15.58
CA PRO C 180 -9.58 -37.08 16.74
C PRO C 180 -8.30 -37.92 16.57
N SER C 181 -7.24 -37.60 17.32
CA SER C 181 -5.87 -38.17 17.11
C SER C 181 -5.63 -39.37 18.04
N SER C 182 -6.47 -39.58 19.05
CA SER C 182 -6.36 -40.74 19.98
C SER C 182 -7.75 -41.35 20.25
N THR C 183 -7.77 -42.63 20.64
CA THR C 183 -8.98 -43.38 21.06
C THR C 183 -9.55 -42.77 22.35
N GLN C 184 -8.68 -42.24 23.22
CA GLN C 184 -9.05 -41.61 24.51
C GLN C 184 -9.88 -40.35 24.23
N GLU C 185 -9.40 -39.49 23.34
CA GLU C 185 -10.08 -38.23 22.91
C GLU C 185 -11.48 -38.54 22.37
N LYS C 186 -11.58 -39.53 21.48
CA LYS C 186 -12.83 -39.96 20.80
C LYS C 186 -13.87 -40.38 21.85
N ASN C 187 -13.44 -41.18 22.85
CA ASN C 187 -14.31 -41.72 23.94
C ASN C 187 -14.88 -40.57 24.77
N ASP C 188 -14.07 -39.54 25.06
CA ASP C 188 -14.44 -38.37 25.89
C ASP C 188 -15.56 -37.58 25.21
N LEU C 189 -15.46 -37.36 23.89
CA LEU C 189 -16.36 -36.46 23.12
C LEU C 189 -17.64 -37.18 22.69
N TYR C 190 -17.53 -38.34 22.03
CA TYR C 190 -18.71 -39.01 21.39
C TYR C 190 -18.95 -40.43 21.95
N GLY C 191 -18.22 -40.84 23.00
CA GLY C 191 -18.45 -42.11 23.70
C GLY C 191 -17.71 -43.28 23.08
N THR C 192 -17.90 -44.48 23.63
CA THR C 192 -17.08 -45.70 23.40
C THR C 192 -17.57 -46.47 22.16
N GLN C 193 -18.79 -46.20 21.68
CA GLN C 193 -19.45 -46.92 20.56
C GLN C 193 -18.66 -46.70 19.26
N SER C 194 -18.97 -47.48 18.22
CA SER C 194 -18.44 -47.35 16.85
C SER C 194 -19.14 -46.18 16.14
N LEU C 195 -18.38 -45.20 15.64
CA LEU C 195 -18.91 -43.94 15.05
C LEU C 195 -19.18 -44.12 13.56
N SER C 196 -20.34 -43.66 13.09
CA SER C 196 -20.78 -43.68 11.68
C SER C 196 -21.64 -42.44 11.38
N ILE C 197 -21.24 -41.66 10.37
CA ILE C 197 -22.00 -40.47 9.87
C ILE C 197 -22.43 -40.76 8.43
N SER C 198 -23.74 -40.80 8.17
CA SER C 198 -24.34 -41.02 6.83
C SER C 198 -24.97 -39.71 6.35
N VAL C 199 -24.76 -39.38 5.08
CA VAL C 199 -25.38 -38.20 4.39
C VAL C 199 -26.04 -38.72 3.11
N GLY C 200 -27.31 -38.37 2.90
CA GLY C 200 -28.10 -38.82 1.74
C GLY C 200 -29.04 -37.73 1.24
N SER C 201 -29.06 -37.51 -0.07
CA SER C 201 -30.01 -36.64 -0.80
C SER C 201 -30.61 -37.42 -1.97
N SER C 202 -31.27 -36.77 -2.93
CA SER C 202 -31.77 -37.38 -4.19
C SER C 202 -30.57 -37.79 -5.06
N THR C 203 -29.59 -36.90 -5.22
CA THR C 203 -28.48 -37.00 -6.21
C THR C 203 -27.14 -37.27 -5.51
N TYR C 204 -27.09 -37.30 -4.18
CA TYR C 204 -25.85 -37.47 -3.39
C TYR C 204 -26.07 -38.46 -2.25
N LYS C 205 -25.06 -39.26 -1.95
CA LYS C 205 -25.05 -40.27 -0.85
C LYS C 205 -23.59 -40.55 -0.48
N ASN C 206 -23.28 -40.74 0.81
CA ASN C 206 -21.89 -40.94 1.29
C ASN C 206 -21.92 -41.34 2.78
N ASN C 207 -20.88 -42.04 3.22
CA ASN C 207 -20.64 -42.42 4.64
C ASN C 207 -19.25 -41.92 5.05
N ALA C 214 -1.33 -41.96 11.89
CA ALA C 214 -0.32 -40.98 12.34
C ALA C 214 -0.32 -39.75 11.41
N ARG C 215 -0.28 -38.54 11.99
CA ARG C 215 -0.19 -37.28 11.20
C ARG C 215 0.48 -36.22 12.08
N PRO C 216 1.13 -35.20 11.47
CA PRO C 216 1.77 -34.12 12.23
C PRO C 216 0.79 -33.37 13.16
N GLN C 217 1.34 -32.62 14.12
CA GLN C 217 0.66 -31.48 14.78
C GLN C 217 0.70 -30.26 13.86
N VAL C 218 -0.42 -29.53 13.74
CA VAL C 218 -0.54 -28.24 13.02
C VAL C 218 -1.14 -27.23 14.01
N ASN C 219 -0.34 -26.24 14.44
CA ASN C 219 -0.66 -25.31 15.56
C ASN C 219 -0.86 -26.14 16.84
N GLY C 220 -0.03 -27.18 17.02
CA GLY C 220 0.01 -28.05 18.21
C GLY C 220 -1.24 -28.92 18.34
N LEU C 221 -1.88 -29.27 17.22
CA LEU C 221 -3.12 -30.10 17.18
C LEU C 221 -3.00 -31.17 16.09
N SER C 222 -3.08 -32.44 16.48
CA SER C 222 -3.15 -33.63 15.57
C SER C 222 -4.61 -33.89 15.19
N GLY C 223 -5.58 -33.28 15.91
CA GLY C 223 -7.02 -33.34 15.58
C GLY C 223 -7.30 -32.67 14.25
N ARG C 224 -8.28 -33.15 13.48
CA ARG C 224 -8.56 -32.70 12.09
C ARG C 224 -10.08 -32.59 11.92
N ILE C 225 -10.54 -31.49 11.32
CA ILE C 225 -11.94 -31.36 10.82
C ILE C 225 -11.87 -31.23 9.30
N ASP C 226 -12.24 -32.28 8.56
CA ASP C 226 -12.28 -32.28 7.07
CA ASP C 226 -12.28 -32.29 7.08
C ASP C 226 -13.69 -31.89 6.63
N PHE C 227 -13.78 -31.01 5.63
CA PHE C 227 -15.06 -30.44 5.14
C PHE C 227 -15.45 -31.13 3.84
N HIS C 228 -16.76 -31.38 3.71
CA HIS C 228 -17.41 -31.95 2.50
C HIS C 228 -18.53 -30.99 2.10
N TRP C 229 -18.98 -31.07 0.85
CA TRP C 229 -20.04 -30.17 0.32
C TRP C 229 -20.75 -30.84 -0.85
N THR C 230 -22.02 -30.50 -1.04
CA THR C 230 -22.85 -30.89 -2.21
C THR C 230 -23.88 -29.77 -2.46
N LEU C 231 -24.48 -29.77 -3.64
CA LEU C 231 -25.62 -28.86 -3.99
C LEU C 231 -26.91 -29.62 -3.71
N VAL C 232 -27.87 -28.98 -3.03
CA VAL C 232 -29.25 -29.50 -2.81
C VAL C 232 -30.18 -28.71 -3.72
N GLN C 233 -30.83 -29.39 -4.68
CA GLN C 233 -31.68 -28.76 -5.72
C GLN C 233 -33.00 -28.34 -5.11
N PRO C 234 -33.74 -27.38 -5.73
CA PRO C 234 -35.03 -26.93 -5.20
C PRO C 234 -36.02 -28.08 -4.95
N GLY C 235 -36.63 -28.10 -3.76
CA GLY C 235 -37.65 -29.10 -3.36
C GLY C 235 -37.03 -30.36 -2.78
N ASP C 236 -35.74 -30.61 -3.03
CA ASP C 236 -35.01 -31.82 -2.57
C ASP C 236 -34.60 -31.63 -1.10
N LYS C 237 -34.43 -32.74 -0.38
CA LYS C 237 -34.00 -32.78 1.04
C LYS C 237 -32.64 -33.47 1.12
N ILE C 238 -31.86 -33.18 2.16
CA ILE C 238 -30.58 -33.88 2.50
C ILE C 238 -30.64 -34.28 3.97
N THR C 239 -30.38 -35.56 4.26
CA THR C 239 -30.56 -36.18 5.61
C THR C 239 -29.19 -36.56 6.18
N PHE C 240 -28.90 -36.09 7.39
CA PHE C 240 -27.69 -36.43 8.18
C PHE C 240 -28.09 -37.43 9.28
N SER C 241 -27.61 -38.66 9.18
CA SER C 241 -27.68 -39.70 10.25
C SER C 241 -26.28 -39.87 10.86
N HIS C 242 -26.14 -39.58 12.16
CA HIS C 242 -24.84 -39.53 12.88
C HIS C 242 -25.01 -40.00 14.33
N ASN C 243 -23.97 -40.63 14.88
CA ASN C 243 -23.86 -41.04 16.31
C ASN C 243 -22.60 -40.40 16.92
N GLY C 244 -22.22 -39.21 16.43
CA GLY C 244 -21.06 -38.43 16.92
C GLY C 244 -19.97 -38.31 15.87
N GLY C 245 -19.29 -37.15 15.82
CA GLY C 245 -18.18 -36.87 14.89
C GLY C 245 -18.59 -35.88 13.79
N LEU C 246 -19.89 -35.66 13.61
CA LEU C 246 -20.42 -34.69 12.60
C LEU C 246 -20.28 -33.27 13.13
N ILE C 247 -19.68 -32.39 12.33
CA ILE C 247 -19.77 -30.90 12.47
C ILE C 247 -20.90 -30.45 11.55
N ALA C 248 -22.06 -30.11 12.15
CA ALA C 248 -23.36 -29.96 11.46
C ALA C 248 -23.55 -28.51 11.03
N PRO C 249 -24.13 -28.26 9.84
CA PRO C 249 -24.40 -26.91 9.38
C PRO C 249 -25.60 -26.27 10.11
N SER C 250 -25.41 -25.06 10.66
CA SER C 250 -26.48 -24.21 11.22
C SER C 250 -27.06 -23.33 10.09
N ARG C 251 -26.24 -22.99 9.09
CA ARG C 251 -26.66 -22.23 7.89
C ARG C 251 -26.11 -22.93 6.63
N VAL C 252 -26.90 -22.92 5.56
CA VAL C 252 -26.47 -23.30 4.18
C VAL C 252 -26.28 -22.01 3.38
N SER C 253 -25.54 -22.08 2.28
CA SER C 253 -25.18 -20.92 1.42
C SER C 253 -25.98 -20.99 0.12
N LYS C 254 -26.22 -19.83 -0.48
CA LYS C 254 -26.79 -19.69 -1.85
C LYS C 254 -25.91 -18.70 -2.62
N LEU C 255 -25.37 -19.12 -3.76
CA LEU C 255 -24.52 -18.27 -4.64
C LEU C 255 -25.45 -17.50 -5.59
N ILE C 256 -25.34 -16.17 -5.61
CA ILE C 256 -26.27 -15.24 -6.33
C ILE C 256 -25.59 -14.73 -7.59
N GLY C 257 -26.19 -14.97 -8.76
CA GLY C 257 -25.79 -14.38 -10.04
C GLY C 257 -24.35 -14.70 -10.39
N ARG C 258 -23.69 -13.79 -11.11
CA ARG C 258 -22.33 -13.95 -11.68
C ARG C 258 -21.49 -12.72 -11.33
N GLY C 259 -20.17 -12.90 -11.23
CA GLY C 259 -19.20 -11.82 -10.95
C GLY C 259 -17.82 -12.22 -11.43
N LEU C 260 -16.88 -11.27 -11.45
CA LEU C 260 -15.49 -11.47 -11.93
C LEU C 260 -14.57 -11.72 -10.73
N GLY C 261 -13.86 -12.85 -10.74
CA GLY C 261 -12.95 -13.26 -9.67
C GLY C 261 -11.51 -12.92 -10.03
N ILE C 262 -10.89 -12.02 -9.25
CA ILE C 262 -9.47 -11.63 -9.42
C ILE C 262 -8.66 -12.27 -8.29
N GLN C 263 -7.54 -12.90 -8.63
CA GLN C 263 -6.45 -13.30 -7.70
C GLN C 263 -5.26 -12.37 -7.97
N SER C 264 -5.02 -11.39 -7.10
CA SER C 264 -4.02 -10.31 -7.28
C SER C 264 -3.41 -9.91 -5.93
N GLU C 265 -2.18 -9.38 -5.96
CA GLU C 265 -1.48 -8.86 -4.76
C GLU C 265 -1.56 -7.33 -4.72
N ALA C 266 -2.09 -6.71 -5.79
CA ALA C 266 -2.11 -5.24 -6.01
C ALA C 266 -3.14 -4.59 -5.09
N PRO C 267 -2.84 -3.40 -4.51
CA PRO C 267 -3.80 -2.68 -3.67
C PRO C 267 -4.95 -2.05 -4.47
N ILE C 268 -6.11 -1.85 -3.84
CA ILE C 268 -7.32 -1.24 -4.49
C ILE C 268 -7.10 0.26 -4.68
N ASP C 269 -7.64 0.78 -5.79
CA ASP C 269 -7.74 2.22 -6.11
C ASP C 269 -9.15 2.47 -6.65
N ASN C 270 -9.97 3.24 -5.92
CA ASN C 270 -11.40 3.49 -6.24
C ASN C 270 -11.55 4.73 -7.14
N SER C 271 -10.44 5.32 -7.61
CA SER C 271 -10.42 6.56 -8.43
C SER C 271 -10.43 6.21 -9.93
N CYS C 272 -9.62 5.23 -10.35
CA CYS C 272 -9.46 4.80 -11.78
C CYS C 272 -10.47 3.70 -12.10
N GLU C 273 -10.85 3.59 -13.38
CA GLU C 273 -11.77 2.55 -13.92
C GLU C 273 -10.95 1.59 -14.80
N SER C 274 -11.36 0.33 -14.87
CA SER C 274 -10.71 -0.74 -15.69
C SER C 274 -11.72 -1.87 -15.95
N LYS C 275 -11.52 -2.61 -17.04
CA LYS C 275 -12.32 -3.80 -17.40
C LYS C 275 -11.42 -5.04 -17.51
N CYS C 276 -10.11 -4.88 -17.33
CA CYS C 276 -9.09 -5.94 -17.53
C CYS C 276 -8.11 -5.95 -16.34
N PHE C 277 -7.86 -7.12 -15.77
CA PHE C 277 -7.04 -7.32 -14.54
C PHE C 277 -6.14 -8.54 -14.69
N TRP C 278 -5.01 -8.55 -13.97
CA TRP C 278 -4.08 -9.69 -13.84
C TRP C 278 -3.44 -9.64 -12.44
N ARG C 279 -2.66 -10.68 -12.10
CA ARG C 279 -1.96 -10.82 -10.79
C ARG C 279 -1.28 -9.49 -10.41
N GLY C 280 -0.70 -8.79 -11.38
CA GLY C 280 0.14 -7.60 -11.18
C GLY C 280 -0.64 -6.29 -11.11
N GLY C 281 -1.91 -6.28 -11.50
CA GLY C 281 -2.78 -5.09 -11.38
C GLY C 281 -3.85 -5.00 -12.47
N SER C 282 -4.07 -3.80 -13.00
CA SER C 282 -5.11 -3.46 -14.00
C SER C 282 -4.46 -3.02 -15.31
N ILE C 283 -5.19 -3.12 -16.43
CA ILE C 283 -4.76 -2.71 -17.80
C ILE C 283 -5.85 -1.81 -18.40
N ASN C 284 -5.57 -0.52 -18.56
CA ASN C 284 -6.58 0.54 -18.86
C ASN C 284 -6.52 0.99 -20.32
N THR C 285 -5.62 0.41 -21.12
CA THR C 285 -5.26 0.89 -22.48
C THR C 285 -6.48 0.83 -23.42
N ARG C 286 -6.52 1.72 -24.40
CA ARG C 286 -7.46 1.67 -25.55
C ARG C 286 -6.87 0.77 -26.64
N LEU C 287 -5.57 0.42 -26.53
CA LEU C 287 -4.80 -0.34 -27.55
C LEU C 287 -5.33 -1.77 -27.64
N PRO C 288 -5.27 -2.38 -28.84
CA PRO C 288 -5.81 -3.73 -29.08
C PRO C 288 -4.97 -4.89 -28.55
N PHE C 289 -3.66 -4.69 -28.35
CA PHE C 289 -2.69 -5.74 -27.94
C PHE C 289 -1.95 -5.29 -26.68
N GLN C 290 -1.16 -6.21 -26.10
CA GLN C 290 -0.63 -6.13 -24.72
C GLN C 290 0.43 -7.23 -24.56
N ASN C 291 1.57 -6.93 -23.93
CA ASN C 291 2.66 -7.92 -23.69
C ASN C 291 3.00 -8.00 -22.19
N LEU C 292 2.03 -7.74 -21.31
CA LEU C 292 2.20 -7.76 -19.84
C LEU C 292 2.10 -9.20 -19.32
N SER C 293 1.00 -9.88 -19.62
CA SER C 293 0.72 -11.28 -19.17
C SER C 293 -0.26 -11.98 -20.11
N PRO C 294 -0.06 -13.28 -20.38
CA PRO C 294 -1.08 -14.09 -21.04
C PRO C 294 -2.22 -14.50 -20.08
N ARG C 295 -2.00 -14.40 -18.76
CA ARG C 295 -3.00 -14.68 -17.70
C ARG C 295 -3.70 -13.37 -17.32
N THR C 296 -4.85 -13.09 -17.93
CA THR C 296 -5.70 -11.90 -17.65
C THR C 296 -7.15 -12.34 -17.47
N VAL C 297 -7.98 -11.49 -16.88
CA VAL C 297 -9.45 -11.71 -16.70
C VAL C 297 -10.18 -10.40 -17.01
N GLY C 298 -11.42 -10.48 -17.50
CA GLY C 298 -12.26 -9.34 -17.88
C GLY C 298 -12.29 -9.15 -19.39
N GLN C 299 -12.55 -7.91 -19.84
CA GLN C 299 -12.52 -7.51 -21.27
C GLN C 299 -11.13 -6.95 -21.58
N CYS C 300 -10.28 -7.76 -22.22
CA CYS C 300 -8.81 -7.55 -22.25
C CYS C 300 -8.28 -7.38 -23.68
N PRO C 301 -7.26 -6.52 -23.87
CA PRO C 301 -6.42 -6.58 -25.07
C PRO C 301 -5.78 -7.97 -25.17
N LYS C 302 -5.49 -8.42 -26.39
CA LYS C 302 -4.95 -9.77 -26.65
C LYS C 302 -3.45 -9.77 -26.36
N TYR C 303 -2.95 -10.81 -25.70
CA TYR C 303 -1.51 -10.99 -25.42
C TYR C 303 -0.78 -11.32 -26.72
N VAL C 304 0.40 -10.71 -26.93
CA VAL C 304 1.26 -10.93 -28.13
C VAL C 304 2.71 -11.01 -27.67
N ASN C 305 3.51 -11.87 -28.31
CA ASN C 305 4.97 -12.03 -28.06
C ASN C 305 5.71 -10.93 -28.82
N LYS C 306 5.48 -9.66 -28.48
CA LYS C 306 5.97 -8.48 -29.24
C LYS C 306 6.14 -7.29 -28.29
N LYS C 307 7.33 -6.70 -28.26
CA LYS C 307 7.63 -5.49 -27.44
C LYS C 307 6.85 -4.30 -28.00
N SER C 308 6.96 -4.06 -29.30
CA SER C 308 6.42 -2.87 -30.02
C SER C 308 5.86 -3.27 -31.39
N LEU C 309 4.74 -2.64 -31.79
CA LEU C 309 4.18 -2.69 -33.17
C LEU C 309 3.69 -1.29 -33.55
N MET C 310 4.48 -0.55 -34.33
CA MET C 310 4.16 0.85 -34.71
C MET C 310 3.25 0.84 -35.95
N LEU C 311 2.07 1.47 -35.83
CA LEU C 311 1.08 1.67 -36.91
C LEU C 311 1.26 3.07 -37.50
N ALA C 312 1.60 3.17 -38.79
CA ALA C 312 1.85 4.45 -39.49
C ALA C 312 0.56 5.28 -39.50
N THR C 313 0.67 6.57 -39.18
CA THR C 313 -0.44 7.56 -39.21
C THR C 313 -0.06 8.73 -40.12
N GLY C 314 0.90 8.52 -41.01
CA GLY C 314 1.36 9.51 -42.00
C GLY C 314 2.11 8.86 -43.15
N MET C 315 2.34 9.63 -44.22
CA MET C 315 3.03 9.19 -45.46
C MET C 315 4.50 8.88 -45.18
N ARG C 316 5.18 8.29 -46.17
CA ARG C 316 6.67 8.16 -46.22
C ARG C 316 7.29 9.52 -45.88
N ASN C 317 8.31 9.53 -45.03
CA ASN C 317 9.11 10.74 -44.71
C ASN C 317 10.32 10.76 -45.64
N VAL C 318 10.41 11.78 -46.51
CA VAL C 318 11.57 12.00 -47.42
C VAL C 318 12.11 13.40 -47.16
N PRO C 319 13.08 13.55 -46.23
CA PRO C 319 13.52 14.87 -45.77
C PRO C 319 14.51 15.55 -46.73
N GLU C 320 14.89 16.79 -46.39
CA GLU C 320 15.73 17.71 -47.21
C GLU C 320 17.17 17.67 -46.70
N GLY D 1 7.32 3.87 -54.81
CA GLY D 1 5.95 3.56 -54.31
C GLY D 1 5.00 3.23 -55.45
N LEU D 2 3.84 2.64 -55.14
CA LEU D 2 2.85 2.14 -56.12
C LEU D 2 2.51 3.24 -57.13
N PHE D 3 2.25 4.48 -56.67
CA PHE D 3 1.70 5.57 -57.51
C PHE D 3 2.81 6.51 -58.00
N GLY D 4 4.05 6.30 -57.56
CA GLY D 4 5.27 6.86 -58.18
C GLY D 4 5.51 8.33 -57.87
N ALA D 5 4.73 8.95 -56.99
CA ALA D 5 4.79 10.39 -56.67
C ALA D 5 5.69 10.63 -55.44
N ILE D 6 5.25 10.23 -54.25
CA ILE D 6 6.04 10.41 -52.98
C ILE D 6 7.16 9.37 -52.98
N ALA D 7 8.39 9.81 -52.67
CA ALA D 7 9.64 9.03 -52.81
C ALA D 7 9.74 8.50 -54.24
N GLY D 8 9.21 9.25 -55.21
CA GLY D 8 9.19 8.93 -56.65
C GLY D 8 9.64 10.12 -57.46
N PHE D 9 8.78 10.65 -58.34
CA PHE D 9 9.12 11.76 -59.27
C PHE D 9 9.19 13.09 -58.49
N ILE D 10 8.60 13.16 -57.30
CA ILE D 10 8.81 14.27 -56.33
C ILE D 10 10.01 13.91 -55.43
N GLU D 11 11.13 14.62 -55.59
CA GLU D 11 12.46 14.26 -55.05
C GLU D 11 12.40 14.10 -53.53
N ASN D 12 11.79 15.05 -52.83
CA ASN D 12 11.71 15.06 -51.35
C ASN D 12 10.49 15.87 -50.89
N GLY D 13 10.19 15.81 -49.60
CA GLY D 13 9.10 16.58 -48.97
C GLY D 13 9.58 17.93 -48.48
N TRP D 14 8.65 18.75 -48.00
CA TRP D 14 8.87 20.14 -47.53
C TRP D 14 8.65 20.21 -46.02
N GLU D 15 9.74 20.31 -45.25
CA GLU D 15 9.70 20.47 -43.77
C GLU D 15 9.05 21.82 -43.44
N GLY D 16 9.21 22.82 -44.33
CA GLY D 16 8.67 24.18 -44.18
C GLY D 16 7.16 24.24 -44.30
N MET D 17 6.50 23.16 -44.72
CA MET D 17 5.02 23.09 -44.89
C MET D 17 4.40 22.43 -43.65
N VAL D 18 3.73 23.22 -42.80
CA VAL D 18 3.25 22.81 -41.45
C VAL D 18 1.73 22.91 -41.36
N ASP D 19 1.07 23.59 -42.30
CA ASP D 19 -0.40 23.87 -42.26
C ASP D 19 -1.15 22.90 -43.18
N GLY D 20 -0.50 21.84 -43.68
CA GLY D 20 -1.10 20.85 -44.58
C GLY D 20 -0.15 19.70 -44.91
N TRP D 21 -0.69 18.63 -45.50
CA TRP D 21 0.05 17.41 -45.91
C TRP D 21 0.55 17.56 -47.34
N TYR D 22 -0.31 18.10 -48.21
CA TYR D 22 -0.02 18.38 -49.64
C TYR D 22 -0.23 19.88 -49.88
N GLY D 23 0.46 20.44 -50.87
CA GLY D 23 0.25 21.83 -51.29
C GLY D 23 1.12 22.23 -52.46
N PHE D 24 1.16 23.55 -52.72
CA PHE D 24 1.78 24.17 -53.91
C PHE D 24 2.88 25.15 -53.48
N ARG D 25 3.93 25.26 -54.29
CA ARG D 25 4.91 26.37 -54.31
C ARG D 25 4.94 26.93 -55.73
N HIS D 26 4.94 28.25 -55.88
CA HIS D 26 4.97 28.92 -57.21
C HIS D 26 6.11 29.94 -57.24
N GLN D 27 6.63 30.21 -58.45
CA GLN D 27 7.51 31.38 -58.76
C GLN D 27 6.92 32.10 -59.97
N ASN D 28 6.72 33.41 -59.85
CA ASN D 28 6.31 34.31 -60.97
C ASN D 28 7.10 35.61 -60.84
N ALA D 29 6.78 36.61 -61.67
CA ALA D 29 7.38 37.96 -61.66
C ALA D 29 7.32 38.55 -60.25
N GLN D 30 6.13 38.53 -59.63
CA GLN D 30 5.82 39.17 -58.32
C GLN D 30 6.57 38.46 -57.18
N GLY D 31 7.09 37.24 -57.39
CA GLY D 31 7.95 36.53 -56.44
C GLY D 31 7.49 35.10 -56.18
N THR D 32 7.51 34.70 -54.91
CA THR D 32 7.36 33.29 -54.43
C THR D 32 6.14 33.18 -53.51
N GLY D 33 5.55 31.99 -53.43
CA GLY D 33 4.39 31.70 -52.56
C GLY D 33 4.27 30.22 -52.25
N GLN D 34 3.81 29.89 -51.04
CA GLN D 34 3.44 28.52 -50.60
C GLN D 34 1.99 28.51 -50.14
N ALA D 35 1.28 27.41 -50.33
CA ALA D 35 -0.11 27.21 -49.86
C ALA D 35 -0.42 25.72 -49.76
N ALA D 36 -1.21 25.33 -48.76
CA ALA D 36 -1.66 23.93 -48.52
C ALA D 36 -2.96 23.69 -49.28
N ASP D 37 -3.13 22.48 -49.83
CA ASP D 37 -4.41 22.01 -50.41
C ASP D 37 -5.22 21.34 -49.28
N TYR D 38 -6.37 21.92 -48.95
CA TYR D 38 -7.24 21.45 -47.83
C TYR D 38 -7.87 20.11 -48.21
N LYS D 39 -8.51 20.01 -49.39
CA LYS D 39 -9.32 18.84 -49.80
C LYS D 39 -8.47 17.57 -49.75
N SER D 40 -7.27 17.59 -50.34
CA SER D 40 -6.37 16.42 -50.44
C SER D 40 -5.84 16.05 -49.05
N THR D 41 -5.44 17.05 -48.25
CA THR D 41 -4.93 16.86 -46.87
C THR D 41 -6.00 16.16 -46.02
N GLN D 42 -7.26 16.60 -46.14
CA GLN D 42 -8.38 16.12 -45.28
C GLN D 42 -8.75 14.69 -45.71
N ALA D 43 -8.76 14.41 -47.02
CA ALA D 43 -9.07 13.08 -47.60
C ALA D 43 -8.09 12.04 -47.02
N ALA D 44 -6.82 12.40 -46.87
CA ALA D 44 -5.75 11.51 -46.33
C ALA D 44 -5.95 11.31 -44.82
N ILE D 45 -6.20 12.40 -44.08
CA ILE D 45 -6.38 12.37 -42.59
C ILE D 45 -7.65 11.58 -42.25
N ASP D 46 -8.75 11.82 -42.97
CA ASP D 46 -10.06 11.15 -42.74
C ASP D 46 -9.91 9.64 -42.93
N GLN D 47 -9.10 9.21 -43.90
CA GLN D 47 -8.85 7.76 -44.19
C GLN D 47 -8.03 7.13 -43.06
N ILE D 48 -7.03 7.86 -42.54
CA ILE D 48 -6.18 7.39 -41.41
C ILE D 48 -7.00 7.36 -40.12
N THR D 49 -7.81 8.38 -39.85
CA THR D 49 -8.74 8.44 -38.70
C THR D 49 -9.65 7.21 -38.75
N GLY D 50 -10.10 6.83 -39.95
CA GLY D 50 -10.93 5.63 -40.19
C GLY D 50 -10.24 4.35 -39.75
N LYS D 51 -8.97 4.18 -40.11
CA LYS D 51 -8.15 3.00 -39.73
C LYS D 51 -8.04 2.92 -38.21
N LEU D 52 -7.71 4.04 -37.57
CA LEU D 52 -7.50 4.13 -36.09
C LEU D 52 -8.80 3.73 -35.37
N ASN D 53 -9.96 4.20 -35.85
CA ASN D 53 -11.29 3.90 -35.26
C ASN D 53 -11.51 2.37 -35.28
N ARG D 54 -11.04 1.71 -36.33
CA ARG D 54 -11.27 0.26 -36.58
C ARG D 54 -10.26 -0.60 -35.81
N ILE D 55 -9.02 -0.13 -35.64
CA ILE D 55 -7.89 -0.93 -35.08
C ILE D 55 -7.75 -0.67 -33.57
N ILE D 56 -7.83 0.59 -33.15
CA ILE D 56 -7.66 0.98 -31.70
C ILE D 56 -8.97 0.66 -30.98
N LYS D 57 -9.16 -0.61 -30.61
CA LYS D 57 -10.44 -1.22 -30.17
C LYS D 57 -10.16 -2.59 -29.56
N LYS D 58 -11.01 -3.02 -28.62
CA LYS D 58 -10.89 -4.29 -27.87
C LYS D 58 -12.20 -5.07 -28.09
N THR D 59 -12.18 -6.38 -27.87
CA THR D 59 -13.43 -7.20 -27.88
C THR D 59 -14.16 -6.94 -26.55
N ASN D 60 -15.48 -7.07 -26.52
CA ASN D 60 -16.29 -6.88 -25.28
C ASN D 60 -16.52 -8.24 -24.60
N THR D 61 -15.85 -9.30 -25.07
CA THR D 61 -15.95 -10.68 -24.54
C THR D 61 -15.36 -10.72 -23.13
N GLU D 62 -16.14 -11.22 -22.15
CA GLU D 62 -15.72 -11.35 -20.73
C GLU D 62 -15.03 -12.71 -20.56
N PHE D 63 -13.78 -12.70 -20.08
CA PHE D 63 -12.97 -13.92 -19.81
C PHE D 63 -12.82 -14.11 -18.30
N GLU D 64 -13.05 -15.34 -17.84
CA GLU D 64 -12.80 -15.79 -16.44
C GLU D 64 -11.42 -16.45 -16.39
N SER D 65 -10.89 -16.66 -15.18
CA SER D 65 -9.64 -17.40 -14.91
C SER D 65 -9.88 -18.90 -15.11
N ILE D 66 -8.96 -19.59 -15.78
CA ILE D 66 -8.96 -21.09 -15.93
C ILE D 66 -7.73 -21.70 -15.27
N GLU D 67 -6.73 -20.87 -14.93
CA GLU D 67 -5.53 -21.27 -14.12
C GLU D 67 -5.57 -20.50 -12.79
N SER D 68 -5.43 -21.22 -11.66
CA SER D 68 -5.29 -20.63 -10.31
C SER D 68 -3.88 -20.03 -10.15
N GLU D 69 -3.82 -18.82 -9.58
CA GLU D 69 -2.55 -18.08 -9.33
C GLU D 69 -1.85 -18.66 -8.09
N PHE D 70 -2.61 -19.13 -7.10
CA PHE D 70 -2.12 -19.41 -5.72
C PHE D 70 -2.18 -20.90 -5.37
N SER D 71 -2.66 -21.77 -6.27
CA SER D 71 -2.76 -23.23 -6.05
C SER D 71 -2.24 -23.99 -7.27
N GLU D 72 -1.89 -25.26 -7.07
CA GLU D 72 -1.35 -26.17 -8.12
C GLU D 72 -2.53 -26.85 -8.82
N ILE D 73 -2.51 -26.86 -10.16
CA ILE D 73 -3.59 -27.41 -11.05
C ILE D 73 -3.16 -28.81 -11.51
N ASP D 74 -4.11 -29.69 -11.83
CA ASP D 74 -3.84 -31.04 -12.41
C ASP D 74 -2.87 -30.87 -13.59
N HIS D 75 -1.83 -31.70 -13.66
CA HIS D 75 -0.69 -31.56 -14.59
C HIS D 75 -1.16 -31.76 -16.05
N GLN D 76 -2.11 -32.66 -16.29
CA GLN D 76 -2.58 -33.02 -17.65
C GLN D 76 -3.40 -31.86 -18.24
N ILE D 77 -4.39 -31.35 -17.50
CA ILE D 77 -5.26 -30.22 -17.99
C ILE D 77 -4.42 -28.92 -18.01
N GLY D 78 -3.47 -28.80 -17.08
CA GLY D 78 -2.48 -27.70 -17.06
C GLY D 78 -1.68 -27.64 -18.36
N ASN D 79 -1.25 -28.79 -18.87
CA ASN D 79 -0.50 -28.92 -20.16
C ASN D 79 -1.43 -28.57 -21.32
N VAL D 80 -2.70 -28.98 -21.27
CA VAL D 80 -3.72 -28.67 -22.31
C VAL D 80 -3.94 -27.16 -22.35
N ILE D 81 -4.13 -26.53 -21.18
CA ILE D 81 -4.33 -25.06 -21.06
C ILE D 81 -3.10 -24.34 -21.64
N ASN D 82 -1.89 -24.77 -21.25
CA ASN D 82 -0.61 -24.16 -21.69
C ASN D 82 -0.51 -24.25 -23.22
N TRP D 83 -0.87 -25.40 -23.81
CA TRP D 83 -0.81 -25.66 -25.27
C TRP D 83 -1.80 -24.74 -25.99
N THR D 84 -3.03 -24.62 -25.47
CA THR D 84 -4.12 -23.82 -26.08
C THR D 84 -3.73 -22.33 -26.05
N LYS D 85 -3.31 -21.82 -24.89
CA LYS D 85 -2.93 -20.38 -24.69
C LYS D 85 -1.76 -20.01 -25.61
N ASP D 86 -0.73 -20.86 -25.68
CA ASP D 86 0.47 -20.61 -26.54
C ASP D 86 0.03 -20.60 -28.01
N SER D 87 -0.90 -21.48 -28.39
CA SER D 87 -1.45 -21.57 -29.78
C SER D 87 -2.24 -20.31 -30.12
N ILE D 88 -3.09 -19.85 -29.19
CA ILE D 88 -3.92 -18.61 -29.35
C ILE D 88 -2.97 -17.40 -29.44
N THR D 89 -1.91 -17.38 -28.63
CA THR D 89 -0.94 -16.26 -28.59
C THR D 89 -0.17 -16.19 -29.91
N ASP D 90 0.18 -17.35 -30.49
CA ASP D 90 0.89 -17.42 -31.79
C ASP D 90 -0.02 -16.87 -32.89
N ILE D 91 -1.32 -17.16 -32.81
CA ILE D 91 -2.32 -16.66 -33.80
C ILE D 91 -2.42 -15.14 -33.68
N TRP D 92 -2.62 -14.60 -32.47
CA TRP D 92 -2.80 -13.15 -32.25
C TRP D 92 -1.53 -12.38 -32.61
N THR D 93 -0.36 -12.95 -32.31
CA THR D 93 0.96 -12.31 -32.62
C THR D 93 1.08 -12.20 -34.14
N TYR D 94 0.73 -13.27 -34.86
CA TYR D 94 0.76 -13.34 -36.33
C TYR D 94 -0.22 -12.32 -36.91
N GLN D 95 -1.46 -12.33 -36.41
CA GLN D 95 -2.55 -11.43 -36.89
C GLN D 95 -2.15 -9.97 -36.66
N ALA D 96 -1.57 -9.66 -35.50
CA ALA D 96 -1.12 -8.30 -35.12
C ALA D 96 -0.04 -7.84 -36.10
N GLU D 97 1.01 -8.65 -36.30
CA GLU D 97 2.15 -8.34 -37.20
C GLU D 97 1.65 -8.10 -38.62
N LEU D 98 0.71 -8.93 -39.09
CA LEU D 98 0.16 -8.87 -40.48
C LEU D 98 -0.72 -7.64 -40.62
N LEU D 99 -1.64 -7.42 -39.69
CA LEU D 99 -2.57 -6.25 -39.72
C LEU D 99 -1.75 -4.98 -39.90
N VAL D 100 -0.79 -4.76 -39.00
CA VAL D 100 0.01 -3.49 -38.95
C VAL D 100 0.85 -3.38 -40.22
N ALA D 101 1.51 -4.47 -40.64
CA ALA D 101 2.32 -4.51 -41.88
C ALA D 101 1.44 -4.12 -43.07
N MET D 102 0.27 -4.76 -43.20
CA MET D 102 -0.70 -4.57 -44.30
C MET D 102 -1.25 -3.13 -44.27
N GLU D 103 -1.67 -2.64 -43.10
CA GLU D 103 -2.22 -1.26 -42.94
C GLU D 103 -1.15 -0.23 -43.28
N ASN D 104 0.08 -0.41 -42.80
CA ASN D 104 1.21 0.53 -43.02
C ASN D 104 1.46 0.63 -44.52
N GLN D 105 1.45 -0.51 -45.23
CA GLN D 105 1.60 -0.57 -46.70
C GLN D 105 0.50 0.25 -47.36
N HIS D 106 -0.75 0.09 -46.92
CA HIS D 106 -1.93 0.79 -47.48
C HIS D 106 -1.84 2.28 -47.19
N THR D 107 -1.50 2.68 -45.96
CA THR D 107 -1.40 4.10 -45.53
C THR D 107 -0.39 4.83 -46.42
N ILE D 108 0.81 4.28 -46.55
CA ILE D 108 1.93 4.83 -47.36
C ILE D 108 1.47 5.01 -48.81
N ASP D 109 0.79 4.00 -49.37
CA ASP D 109 0.35 3.98 -50.80
C ASP D 109 -0.87 4.90 -50.98
N MET D 110 -1.80 4.92 -50.03
CA MET D 110 -2.99 5.79 -50.07
C MET D 110 -2.53 7.26 -50.11
N ALA D 111 -1.55 7.61 -49.29
CA ALA D 111 -0.95 8.97 -49.20
C ALA D 111 -0.28 9.33 -50.54
N ASP D 112 0.44 8.37 -51.12
CA ASP D 112 1.09 8.48 -52.46
C ASP D 112 0.01 8.79 -53.51
N SER D 113 -1.13 8.11 -53.44
CA SER D 113 -2.22 8.22 -54.44
C SER D 113 -2.87 9.61 -54.37
N GLU D 114 -3.01 10.19 -53.17
CA GLU D 114 -3.64 11.53 -52.98
C GLU D 114 -2.73 12.61 -53.57
N MET D 115 -1.41 12.43 -53.46
CA MET D 115 -0.40 13.33 -54.09
C MET D 115 -0.57 13.27 -55.62
N LEU D 116 -0.59 12.07 -56.19
CA LEU D 116 -0.73 11.85 -57.65
C LEU D 116 -2.06 12.43 -58.15
N ASN D 117 -3.14 12.27 -57.38
CA ASN D 117 -4.50 12.71 -57.79
C ASN D 117 -4.55 14.24 -57.87
N LEU D 118 -3.85 14.94 -56.96
CA LEU D 118 -3.77 16.42 -56.96
C LEU D 118 -2.97 16.86 -58.19
N TYR D 119 -1.83 16.23 -58.45
CA TYR D 119 -0.94 16.46 -59.62
C TYR D 119 -1.75 16.32 -60.91
N GLU D 120 -2.55 15.26 -61.03
CA GLU D 120 -3.35 14.97 -62.26
C GLU D 120 -4.46 16.01 -62.41
N ARG D 121 -5.05 16.46 -61.31
CA ARG D 121 -6.13 17.48 -61.30
C ARG D 121 -5.59 18.79 -61.91
N VAL D 122 -4.38 19.19 -61.49
CA VAL D 122 -3.68 20.42 -61.96
C VAL D 122 -3.31 20.27 -63.44
N ARG D 123 -2.67 19.15 -63.80
CA ARG D 123 -2.27 18.87 -65.21
C ARG D 123 -3.46 19.11 -66.14
N LYS D 124 -4.64 18.59 -65.78
CA LYS D 124 -5.87 18.63 -66.61
C LYS D 124 -6.42 20.07 -66.65
N GLN D 125 -6.34 20.80 -65.53
CA GLN D 125 -6.75 22.23 -65.44
C GLN D 125 -5.96 23.08 -66.43
N LEU D 126 -4.62 22.97 -66.39
CA LEU D 126 -3.66 23.80 -67.17
C LEU D 126 -3.76 23.44 -68.66
N ARG D 127 -4.24 22.23 -68.98
CA ARG D 127 -4.53 21.78 -70.37
C ARG D 127 -3.27 22.01 -71.22
N GLN D 128 -3.31 22.87 -72.25
CA GLN D 128 -2.20 23.05 -73.22
C GLN D 128 -1.37 24.30 -72.86
N ASN D 129 -1.62 24.93 -71.72
CA ASN D 129 -0.97 26.20 -71.31
C ASN D 129 0.30 25.92 -70.50
N ALA D 130 0.60 24.66 -70.18
CA ALA D 130 1.76 24.26 -69.34
C ALA D 130 2.32 22.93 -69.82
N GLU D 131 3.54 22.61 -69.38
CA GLU D 131 4.24 21.32 -69.64
C GLU D 131 4.84 20.81 -68.33
N GLU D 132 5.01 19.49 -68.22
CA GLU D 132 5.53 18.81 -67.01
C GLU D 132 7.06 18.86 -67.02
N ASP D 133 7.65 19.27 -65.90
CA ASP D 133 9.12 19.40 -65.70
C ASP D 133 9.70 18.05 -65.24
N GLY D 134 8.87 17.07 -64.91
CA GLY D 134 9.30 15.71 -64.55
C GLY D 134 9.61 15.55 -63.07
N LYS D 135 9.72 16.66 -62.31
CA LYS D 135 10.07 16.67 -60.87
C LYS D 135 8.87 17.14 -60.03
N GLY D 136 7.66 17.15 -60.60
CA GLY D 136 6.40 17.48 -59.90
C GLY D 136 5.97 18.92 -60.12
N CYS D 137 6.70 19.68 -60.94
CA CYS D 137 6.38 21.09 -61.29
C CYS D 137 5.77 21.13 -62.70
N PHE D 138 4.94 22.14 -62.95
CA PHE D 138 4.45 22.54 -64.28
C PHE D 138 5.11 23.88 -64.66
N GLU D 139 5.82 23.92 -65.78
CA GLU D 139 6.30 25.17 -66.40
C GLU D 139 5.12 25.77 -67.18
N ILE D 140 4.62 26.93 -66.74
CA ILE D 140 3.45 27.64 -67.33
C ILE D 140 3.97 28.64 -68.37
N TYR D 141 3.45 28.58 -69.60
CA TYR D 141 3.97 29.32 -70.78
C TYR D 141 3.15 30.61 -70.99
N HIS D 142 2.87 31.33 -69.90
CA HIS D 142 2.21 32.66 -69.91
C HIS D 142 2.43 33.35 -68.56
N ALA D 143 2.41 34.69 -68.57
CA ALA D 143 2.43 35.52 -67.35
C ALA D 143 1.29 35.07 -66.44
N CYS D 144 1.62 34.43 -65.31
CA CYS D 144 0.65 33.93 -64.31
C CYS D 144 0.92 34.65 -62.98
N ASP D 145 0.12 35.66 -62.65
CA ASP D 145 0.25 36.51 -61.43
C ASP D 145 -0.41 35.78 -60.25
N ASP D 146 -0.44 36.41 -59.07
CA ASP D 146 -0.89 35.78 -57.80
C ASP D 146 -2.38 35.43 -57.88
N SER D 147 -3.17 36.17 -58.66
CA SER D 147 -4.61 35.88 -58.92
C SER D 147 -4.75 34.58 -59.72
N CYS D 148 -3.96 34.45 -60.79
CA CYS D 148 -3.90 33.27 -61.70
C CYS D 148 -3.46 32.04 -60.90
N MET D 149 -2.34 32.16 -60.16
CA MET D 149 -1.79 31.07 -59.30
C MET D 149 -2.87 30.64 -58.29
N GLU D 150 -3.59 31.60 -57.70
CA GLU D 150 -4.67 31.35 -56.71
C GLU D 150 -5.81 30.60 -57.38
N SER D 151 -6.09 30.88 -58.66
CA SER D 151 -7.21 30.26 -59.42
C SER D 151 -6.89 28.80 -59.76
N ILE D 152 -5.60 28.46 -59.88
CA ILE D 152 -5.12 27.05 -60.09
C ILE D 152 -5.36 26.25 -58.81
N ARG D 153 -4.96 26.81 -57.66
CA ARG D 153 -5.10 26.18 -56.32
C ARG D 153 -6.58 26.01 -55.98
N ASN D 154 -7.43 26.98 -56.35
CA ASN D 154 -8.87 27.01 -56.00
C ASN D 154 -9.70 26.33 -57.09
N ASN D 155 -9.07 25.80 -58.14
CA ASN D 155 -9.71 24.97 -59.20
C ASN D 155 -10.72 25.82 -60.01
N THR D 156 -10.36 27.09 -60.31
CA THR D 156 -11.20 28.05 -61.06
C THR D 156 -10.40 28.67 -62.22
N TYR D 157 -9.29 28.05 -62.61
CA TYR D 157 -8.43 28.48 -63.75
C TYR D 157 -9.13 28.10 -65.05
N ASP D 158 -9.36 29.08 -65.92
CA ASP D 158 -9.97 28.90 -67.26
C ASP D 158 -8.83 28.93 -68.30
N HIS D 159 -8.47 27.77 -68.84
CA HIS D 159 -7.33 27.59 -69.79
C HIS D 159 -7.54 28.45 -71.04
N SER D 160 -8.80 28.66 -71.47
CA SER D 160 -9.13 29.31 -72.77
C SER D 160 -8.66 30.77 -72.78
N GLN D 161 -8.64 31.44 -71.62
CA GLN D 161 -8.21 32.85 -71.45
C GLN D 161 -6.74 33.02 -71.88
N TYR D 162 -5.85 32.10 -71.50
CA TYR D 162 -4.38 32.21 -71.68
C TYR D 162 -3.88 31.33 -72.84
N ARG D 163 -4.78 30.61 -73.53
CA ARG D 163 -4.41 29.59 -74.55
C ARG D 163 -3.60 30.25 -75.67
N GLU D 164 -4.09 31.34 -76.27
CA GLU D 164 -3.43 32.04 -77.41
C GLU D 164 -1.99 32.37 -77.04
N GLU D 165 -1.77 33.08 -75.93
CA GLU D 165 -0.43 33.48 -75.44
C GLU D 165 0.45 32.25 -75.24
N ALA D 166 -0.12 31.21 -74.61
CA ALA D 166 0.59 29.98 -74.18
C ALA D 166 1.06 29.18 -75.40
N LEU D 167 0.16 28.92 -76.36
CA LEU D 167 0.45 28.13 -77.59
C LEU D 167 1.58 28.79 -78.39
N LEU D 168 1.63 30.13 -78.43
CA LEU D 168 2.68 30.89 -79.17
C LEU D 168 4.03 30.72 -78.46
N ASN D 169 4.07 30.89 -77.14
CA ASN D 169 5.30 30.77 -76.31
C ASN D 169 5.86 29.34 -76.36
N ARG D 170 4.99 28.33 -76.50
CA ARG D 170 5.37 26.89 -76.52
C ARG D 170 6.01 26.53 -77.86
N LEU D 171 5.42 27.00 -78.97
CA LEU D 171 5.91 26.75 -80.36
C LEU D 171 7.12 27.63 -80.66
N ASN D 172 7.12 28.88 -80.17
CA ASN D 172 8.29 29.82 -80.19
C ASN D 172 8.59 30.21 -81.65
N PRO E 2 -16.71 21.93 -80.92
CA PRO E 2 -15.99 20.64 -81.06
C PRO E 2 -16.81 19.43 -80.54
N ASP E 3 -16.64 18.27 -81.18
CA ASP E 3 -17.35 17.01 -80.85
C ASP E 3 -16.72 16.41 -79.59
N LYS E 4 -17.54 15.84 -78.70
CA LYS E 4 -17.13 15.28 -77.38
C LYS E 4 -17.47 13.79 -77.31
N ILE E 5 -16.59 13.01 -76.68
CA ILE E 5 -16.90 11.62 -76.21
C ILE E 5 -16.53 11.56 -74.72
N CYS E 6 -17.51 11.22 -73.88
CA CYS E 6 -17.40 11.21 -72.39
C CYS E 6 -17.43 9.78 -71.88
N LEU E 7 -16.51 9.45 -70.97
CA LEU E 7 -16.44 8.14 -70.27
C LEU E 7 -17.14 8.29 -68.92
N GLY E 8 -17.83 7.22 -68.48
CA GLY E 8 -18.55 7.19 -67.20
C GLY E 8 -18.80 5.79 -66.71
N HIS E 9 -19.35 5.68 -65.50
CA HIS E 9 -19.72 4.40 -64.85
C HIS E 9 -21.21 4.45 -64.47
N HIS E 10 -21.81 3.27 -64.29
CA HIS E 10 -23.23 3.12 -63.89
C HIS E 10 -23.39 3.60 -62.45
N ALA E 11 -24.64 3.83 -62.04
CA ALA E 11 -25.04 4.14 -60.65
C ALA E 11 -26.45 3.59 -60.44
N VAL E 12 -26.91 3.60 -59.19
CA VAL E 12 -28.27 3.16 -58.78
C VAL E 12 -28.79 4.17 -57.75
N ALA E 13 -30.11 4.36 -57.67
CA ALA E 13 -30.76 5.29 -56.72
C ALA E 13 -30.61 4.73 -55.30
N ASN E 14 -30.92 3.45 -55.11
CA ASN E 14 -30.90 2.74 -53.80
C ASN E 14 -29.61 1.91 -53.71
N GLY E 15 -28.53 2.52 -53.19
CA GLY E 15 -27.24 1.85 -52.93
C GLY E 15 -27.22 1.22 -51.54
N THR E 16 -26.22 0.37 -51.29
CA THR E 16 -26.01 -0.34 -49.99
C THR E 16 -24.77 0.24 -49.28
N ILE E 17 -24.82 0.31 -47.95
CA ILE E 17 -23.70 0.74 -47.07
C ILE E 17 -22.85 -0.49 -46.71
N VAL E 18 -21.53 -0.41 -46.91
CA VAL E 18 -20.53 -1.42 -46.48
C VAL E 18 -19.42 -0.72 -45.70
N LYS E 19 -18.61 -1.48 -44.97
CA LYS E 19 -17.41 -0.99 -44.25
C LYS E 19 -16.17 -1.29 -45.10
N THR E 20 -15.17 -0.40 -45.04
CA THR E 20 -13.83 -0.58 -45.64
C THR E 20 -12.78 -0.39 -44.54
N LEU E 21 -11.50 -0.47 -44.88
CA LEU E 21 -10.39 -0.23 -43.91
C LEU E 21 -10.48 1.22 -43.40
N THR E 22 -10.99 2.11 -44.24
CA THR E 22 -10.86 3.59 -44.11
C THR E 22 -12.19 4.23 -43.67
N ASN E 23 -13.32 3.67 -44.08
CA ASN E 23 -14.65 4.32 -43.99
C ASN E 23 -15.68 3.29 -43.49
N GLU E 24 -16.49 3.68 -42.51
CA GLU E 24 -17.51 2.80 -41.86
C GLU E 24 -18.86 2.93 -42.60
N GLN E 25 -19.04 3.98 -43.40
CA GLN E 25 -20.31 4.33 -44.09
C GLN E 25 -20.04 4.57 -45.58
N GLU E 26 -19.67 3.52 -46.32
CA GLU E 26 -19.28 3.58 -47.75
C GLU E 26 -20.40 3.02 -48.62
N GLU E 27 -21.04 3.88 -49.44
CA GLU E 27 -22.16 3.48 -50.33
C GLU E 27 -21.60 2.83 -51.59
N VAL E 28 -22.05 1.61 -51.90
CA VAL E 28 -21.67 0.85 -53.13
C VAL E 28 -22.95 0.48 -53.90
N THR E 29 -22.82 0.11 -55.17
CA THR E 29 -23.93 -0.23 -56.09
C THR E 29 -24.67 -1.48 -55.61
N ASN E 30 -23.97 -2.40 -54.96
CA ASN E 30 -24.53 -3.73 -54.56
C ASN E 30 -23.59 -4.37 -53.53
N ALA E 31 -24.15 -5.23 -52.67
CA ALA E 31 -23.43 -5.96 -51.62
C ALA E 31 -24.19 -7.24 -51.27
N THR E 32 -23.51 -8.22 -50.68
CA THR E 32 -24.10 -9.52 -50.27
C THR E 32 -23.68 -9.82 -48.81
N GLU E 33 -24.55 -10.51 -48.07
CA GLU E 33 -24.34 -10.87 -46.64
C GLU E 33 -23.35 -12.04 -46.57
N THR E 34 -22.45 -12.03 -45.57
CA THR E 34 -21.46 -13.12 -45.31
C THR E 34 -21.75 -13.85 -43.99
N VAL E 35 -22.67 -13.33 -43.16
CA VAL E 35 -23.05 -13.92 -41.84
C VAL E 35 -24.52 -14.38 -41.91
N GLU E 36 -24.78 -15.65 -41.62
CA GLU E 36 -26.17 -16.20 -41.55
C GLU E 36 -26.80 -15.85 -40.20
N SER E 37 -28.02 -15.29 -40.24
CA SER E 37 -28.80 -14.84 -39.07
C SER E 37 -30.08 -15.67 -38.89
N THR E 38 -30.60 -16.27 -39.98
CA THR E 38 -31.88 -17.03 -39.99
C THR E 38 -31.56 -18.51 -39.82
N SER E 39 -32.37 -19.21 -39.02
CA SER E 39 -32.26 -20.65 -38.72
C SER E 39 -33.50 -21.38 -39.25
N LEU E 40 -33.33 -22.68 -39.54
CA LEU E 40 -34.46 -23.65 -39.69
C LEU E 40 -34.68 -24.31 -38.32
N ASN E 41 -35.87 -24.15 -37.72
CA ASN E 41 -36.25 -24.82 -36.44
C ASN E 41 -36.70 -26.24 -36.78
N ARG E 42 -35.84 -26.99 -37.48
CA ARG E 42 -36.06 -28.38 -37.94
C ARG E 42 -34.69 -29.08 -38.02
N LEU E 43 -34.67 -30.40 -37.90
CA LEU E 43 -33.47 -31.25 -38.12
C LEU E 43 -33.56 -31.86 -39.52
N CYS E 44 -32.79 -31.34 -40.47
CA CYS E 44 -32.79 -31.75 -41.90
C CYS E 44 -32.07 -33.09 -42.05
N MET E 45 -32.83 -34.18 -42.13
CA MET E 45 -32.34 -35.58 -42.00
C MET E 45 -32.46 -36.33 -43.32
N LYS E 46 -32.55 -35.65 -44.47
CA LYS E 46 -32.57 -36.31 -45.80
C LYS E 46 -31.20 -36.90 -46.08
N GLY E 47 -31.15 -38.11 -46.63
CA GLY E 47 -29.91 -38.83 -46.99
C GLY E 47 -29.20 -39.41 -45.77
N ARG E 48 -29.86 -39.40 -44.60
CA ARG E 48 -29.31 -39.86 -43.30
C ARG E 48 -30.19 -40.98 -42.72
N ASN E 49 -29.60 -42.15 -42.47
CA ASN E 49 -30.19 -43.25 -41.67
C ASN E 49 -30.14 -42.82 -40.20
N HIS E 50 -31.16 -42.11 -39.72
CA HIS E 50 -31.19 -41.44 -38.40
C HIS E 50 -32.06 -42.21 -37.41
N LYS E 51 -31.98 -41.83 -36.14
CA LYS E 51 -32.70 -42.45 -35.00
C LYS E 51 -33.02 -41.35 -33.98
N ASP E 52 -34.29 -40.95 -33.89
CA ASP E 52 -34.83 -40.04 -32.84
C ASP E 52 -35.16 -40.89 -31.61
N LEU E 53 -34.41 -40.71 -30.52
CA LEU E 53 -34.59 -41.49 -29.26
C LEU E 53 -35.81 -40.99 -28.47
N GLY E 54 -36.39 -39.86 -28.88
CA GLY E 54 -37.55 -39.24 -28.19
C GLY E 54 -37.34 -39.18 -26.69
N ASN E 55 -38.12 -39.96 -25.93
CA ASN E 55 -38.16 -39.96 -24.44
C ASN E 55 -37.02 -40.84 -23.89
N CYS E 56 -36.33 -41.60 -24.75
CA CYS E 56 -35.23 -42.53 -24.34
C CYS E 56 -33.88 -41.79 -24.30
N HIS E 57 -33.18 -41.87 -23.16
CA HIS E 57 -31.80 -41.34 -22.98
C HIS E 57 -30.79 -42.37 -23.47
N PRO E 58 -29.72 -41.97 -24.19
CA PRO E 58 -28.77 -42.92 -24.78
C PRO E 58 -28.33 -44.07 -23.85
N ILE E 59 -28.11 -43.78 -22.57
CA ILE E 59 -27.64 -44.78 -21.55
C ILE E 59 -28.75 -45.81 -21.32
N GLY E 60 -30.00 -45.40 -21.41
CA GLY E 60 -31.18 -46.29 -21.30
C GLY E 60 -31.14 -47.44 -22.31
N MET E 61 -30.50 -47.23 -23.47
CA MET E 61 -30.38 -48.24 -24.54
C MET E 61 -29.55 -49.43 -24.06
N LEU E 62 -28.54 -49.19 -23.21
CA LEU E 62 -27.55 -50.21 -22.80
C LEU E 62 -28.11 -51.07 -21.67
N ILE E 63 -28.91 -50.48 -20.79
CA ILE E 63 -29.46 -51.14 -19.57
C ILE E 63 -30.92 -51.58 -19.82
N GLY E 64 -31.61 -50.95 -20.77
CA GLY E 64 -32.95 -51.37 -21.22
C GLY E 64 -34.04 -50.88 -20.28
N THR E 65 -34.22 -49.56 -20.16
CA THR E 65 -35.38 -48.94 -19.48
C THR E 65 -36.63 -49.17 -20.34
N PRO E 66 -37.83 -49.34 -19.75
CA PRO E 66 -39.09 -49.39 -20.49
C PRO E 66 -39.19 -48.37 -21.64
N ALA E 67 -38.93 -47.09 -21.35
CA ALA E 67 -39.02 -45.96 -22.30
C ALA E 67 -38.13 -46.22 -23.53
N CYS E 68 -37.14 -47.10 -23.41
CA CYS E 68 -36.11 -47.36 -24.44
C CYS E 68 -36.31 -48.71 -25.14
N ASP E 69 -37.48 -49.35 -24.98
CA ASP E 69 -37.74 -50.75 -25.44
C ASP E 69 -37.58 -50.86 -26.96
N LEU E 70 -37.86 -49.80 -27.72
CA LEU E 70 -37.79 -49.80 -29.21
C LEU E 70 -36.39 -49.41 -29.69
N HIS E 71 -35.43 -49.20 -28.78
CA HIS E 71 -34.06 -48.69 -29.10
C HIS E 71 -32.97 -49.57 -28.46
N LEU E 72 -33.27 -50.84 -28.14
CA LEU E 72 -32.31 -51.78 -27.49
C LEU E 72 -31.21 -52.18 -28.47
N THR E 73 -31.50 -52.17 -29.78
CA THR E 73 -30.54 -52.45 -30.88
C THR E 73 -30.84 -51.50 -32.04
N GLY E 74 -29.96 -51.46 -33.04
CA GLY E 74 -30.15 -50.67 -34.27
C GLY E 74 -28.85 -50.24 -34.91
N THR E 75 -28.94 -49.65 -36.11
CA THR E 75 -27.83 -48.99 -36.83
C THR E 75 -28.32 -47.58 -37.23
N TRP E 76 -27.39 -46.64 -37.34
CA TRP E 76 -27.68 -45.22 -37.68
C TRP E 76 -26.37 -44.52 -38.03
N ASP E 77 -26.44 -43.45 -38.83
CA ASP E 77 -25.30 -42.53 -39.07
C ASP E 77 -25.50 -41.27 -38.22
N THR E 78 -26.70 -41.08 -37.67
CA THR E 78 -27.11 -39.89 -36.86
C THR E 78 -28.03 -40.31 -35.73
N LEU E 79 -27.73 -39.89 -34.50
CA LEU E 79 -28.52 -40.20 -33.27
C LEU E 79 -28.96 -38.89 -32.63
N ILE E 80 -30.27 -38.71 -32.42
CA ILE E 80 -30.87 -37.46 -31.86
C ILE E 80 -31.34 -37.74 -30.43
N GLU E 81 -30.76 -37.03 -29.47
CA GLU E 81 -31.11 -37.09 -28.01
C GLU E 81 -31.97 -35.86 -27.69
N ARG E 82 -32.94 -36.01 -26.78
CA ARG E 82 -33.93 -34.96 -26.45
C ARG E 82 -33.81 -34.55 -24.99
N LYS E 83 -34.47 -33.45 -24.61
CA LYS E 83 -34.47 -32.85 -23.25
C LYS E 83 -35.34 -33.71 -22.33
N ASN E 84 -34.87 -33.95 -21.10
CA ASN E 84 -35.60 -34.69 -20.03
C ASN E 84 -35.85 -36.14 -20.45
N ALA E 85 -35.00 -36.69 -21.32
CA ALA E 85 -35.02 -38.10 -21.72
C ALA E 85 -34.73 -38.97 -20.49
N ILE E 86 -35.42 -40.10 -20.36
CA ILE E 86 -35.34 -41.02 -19.18
C ILE E 86 -34.23 -42.06 -19.43
N ALA E 87 -33.32 -42.21 -18.45
CA ALA E 87 -32.26 -43.23 -18.43
C ALA E 87 -32.55 -44.25 -17.32
N TYR E 88 -33.01 -43.79 -16.15
CA TYR E 88 -33.18 -44.62 -14.92
C TYR E 88 -34.65 -44.56 -14.47
N CYS E 89 -35.33 -45.71 -14.48
CA CYS E 89 -36.69 -45.87 -13.88
C CYS E 89 -36.55 -45.89 -12.36
N TYR E 90 -35.69 -46.78 -11.84
CA TYR E 90 -35.33 -46.89 -10.41
C TYR E 90 -34.28 -45.83 -10.09
N PRO E 91 -34.39 -45.08 -8.97
CA PRO E 91 -33.47 -43.98 -8.67
C PRO E 91 -32.01 -44.44 -8.57
N GLY E 92 -31.10 -43.62 -9.10
CA GLY E 92 -29.65 -43.89 -9.15
C GLY E 92 -29.00 -43.18 -10.32
N ALA E 93 -27.68 -43.35 -10.47
CA ALA E 93 -26.85 -42.68 -11.49
C ALA E 93 -25.78 -43.64 -12.01
N THR E 94 -25.07 -43.21 -13.06
CA THR E 94 -23.93 -43.94 -13.66
C THR E 94 -22.65 -43.18 -13.33
N VAL E 95 -21.63 -43.88 -12.83
CA VAL E 95 -20.25 -43.33 -12.65
C VAL E 95 -19.67 -43.14 -14.05
N ASN E 96 -19.05 -41.99 -14.30
CA ASN E 96 -18.51 -41.60 -15.63
C ASN E 96 -19.68 -41.52 -16.63
N GLU E 97 -20.80 -40.91 -16.20
CA GLU E 97 -22.07 -40.81 -16.97
C GLU E 97 -21.80 -40.11 -18.32
N GLU E 98 -21.13 -38.95 -18.29
CA GLU E 98 -20.96 -38.09 -19.49
C GLU E 98 -20.04 -38.77 -20.50
N ALA E 99 -19.02 -39.51 -20.04
CA ALA E 99 -18.08 -40.25 -20.90
C ALA E 99 -18.84 -41.33 -21.67
N LEU E 100 -19.71 -42.09 -20.98
CA LEU E 100 -20.54 -43.17 -21.57
C LEU E 100 -21.50 -42.56 -22.59
N ARG E 101 -22.19 -41.48 -22.23
CA ARG E 101 -23.17 -40.80 -23.11
C ARG E 101 -22.49 -40.35 -24.40
N GLN E 102 -21.30 -39.74 -24.30
CA GLN E 102 -20.51 -39.22 -25.45
C GLN E 102 -20.11 -40.40 -26.35
N LYS E 103 -19.76 -41.54 -25.76
CA LYS E 103 -19.31 -42.76 -26.48
C LYS E 103 -20.46 -43.34 -27.31
N ILE E 104 -21.68 -43.38 -26.74
CA ILE E 104 -22.91 -43.88 -27.43
C ILE E 104 -23.28 -42.91 -28.55
N MET E 105 -23.29 -41.61 -28.27
CA MET E 105 -23.66 -40.54 -29.22
C MET E 105 -22.66 -40.47 -30.39
N GLU E 106 -21.45 -41.00 -30.20
CA GLU E 106 -20.35 -41.05 -31.20
C GLU E 106 -20.50 -42.30 -32.09
N SER E 107 -21.24 -43.31 -31.61
CA SER E 107 -21.40 -44.64 -32.27
C SER E 107 -22.31 -44.52 -33.49
N GLY E 108 -22.30 -45.56 -34.34
CA GLY E 108 -23.17 -45.69 -35.52
C GLY E 108 -24.14 -46.86 -35.40
N GLY E 109 -24.41 -47.32 -34.17
CA GLY E 109 -25.34 -48.43 -33.90
C GLY E 109 -24.98 -49.18 -32.63
N ILE E 110 -25.91 -50.03 -32.16
CA ILE E 110 -25.76 -50.88 -30.95
C ILE E 110 -26.28 -52.29 -31.29
N SER E 111 -25.48 -53.31 -30.97
CA SER E 111 -25.84 -54.75 -30.99
C SER E 111 -25.74 -55.30 -29.57
N LYS E 112 -26.54 -56.32 -29.24
CA LYS E 112 -26.58 -56.95 -27.89
C LYS E 112 -26.09 -58.40 -27.99
N ILE E 113 -25.36 -58.84 -26.97
CA ILE E 113 -24.80 -60.22 -26.84
C ILE E 113 -25.18 -60.76 -25.46
N ASN E 114 -25.71 -61.99 -25.39
CA ASN E 114 -26.09 -62.66 -24.12
C ASN E 114 -24.80 -62.96 -23.33
N THR E 115 -24.81 -62.73 -22.02
CA THR E 115 -23.70 -63.05 -21.10
C THR E 115 -23.74 -64.56 -20.81
N GLY E 116 -24.94 -65.12 -20.74
CA GLY E 116 -25.19 -66.55 -20.44
C GLY E 116 -25.15 -66.86 -18.96
N PHE E 117 -25.10 -65.82 -18.11
CA PHE E 117 -24.93 -65.93 -16.64
C PHE E 117 -26.07 -66.76 -16.06
N THR E 118 -25.72 -67.82 -15.32
CA THR E 118 -26.67 -68.71 -14.59
C THR E 118 -26.37 -68.60 -13.08
N TYR E 119 -27.37 -68.89 -12.24
CA TYR E 119 -27.32 -68.71 -10.77
C TYR E 119 -27.90 -69.94 -10.07
N GLY E 120 -27.45 -70.20 -8.83
CA GLY E 120 -27.95 -71.29 -7.98
C GLY E 120 -29.43 -71.15 -7.67
N SER E 121 -30.08 -72.22 -7.21
CA SER E 121 -31.52 -72.25 -6.83
C SER E 121 -31.74 -71.42 -5.56
N SER E 122 -30.68 -71.11 -4.81
CA SER E 122 -30.67 -70.24 -3.61
C SER E 122 -30.75 -68.76 -3.99
N ILE E 123 -30.73 -68.44 -5.29
CA ILE E 123 -30.80 -67.04 -5.84
C ILE E 123 -32.08 -66.88 -6.68
N ASN E 124 -32.77 -65.74 -6.49
CA ASN E 124 -33.91 -65.29 -7.32
C ASN E 124 -33.41 -64.20 -8.28
N SER E 125 -33.37 -64.49 -9.58
CA SER E 125 -32.83 -63.61 -10.65
C SER E 125 -33.92 -62.65 -11.16
N ALA E 126 -35.19 -62.88 -10.81
CA ALA E 126 -36.37 -62.19 -11.38
C ALA E 126 -36.88 -61.09 -10.42
N GLY E 127 -35.98 -60.46 -9.67
CA GLY E 127 -36.30 -59.29 -8.83
C GLY E 127 -36.83 -58.14 -9.67
N THR E 128 -37.98 -57.58 -9.30
CA THR E 128 -38.70 -56.52 -10.05
C THR E 128 -38.97 -55.32 -9.13
N THR E 129 -39.54 -54.23 -9.66
CA THR E 129 -39.89 -53.01 -8.90
C THR E 129 -41.04 -52.26 -9.58
N LYS E 130 -41.74 -51.41 -8.83
CA LYS E 130 -42.89 -50.59 -9.32
C LYS E 130 -42.37 -49.37 -10.10
N ALA E 131 -41.09 -49.01 -9.93
CA ALA E 131 -40.45 -47.87 -10.61
C ALA E 131 -40.38 -48.14 -12.12
N CYS E 132 -40.13 -49.40 -12.50
CA CYS E 132 -39.93 -49.85 -13.91
C CYS E 132 -41.14 -50.67 -14.34
N MET E 133 -42.24 -50.00 -14.71
CA MET E 133 -43.53 -50.63 -15.11
C MET E 133 -43.45 -51.04 -16.58
N ARG E 134 -43.96 -52.25 -16.89
CA ARG E 134 -44.00 -52.80 -18.27
C ARG E 134 -45.23 -53.72 -18.39
N ASN E 135 -46.14 -53.40 -19.31
CA ASN E 135 -47.45 -54.09 -19.51
C ASN E 135 -48.30 -53.97 -18.24
N GLY E 136 -48.25 -52.82 -17.55
CA GLY E 136 -49.06 -52.53 -16.36
C GLY E 136 -48.56 -53.21 -15.09
N GLY E 137 -47.62 -54.17 -15.21
CA GLY E 137 -47.07 -54.94 -14.08
C GLY E 137 -45.64 -54.53 -13.74
N ASN E 138 -45.23 -54.73 -12.49
CA ASN E 138 -43.84 -54.51 -12.00
C ASN E 138 -42.86 -55.25 -12.91
N SER E 139 -41.71 -54.64 -13.21
CA SER E 139 -40.66 -55.19 -14.10
C SER E 139 -39.29 -54.66 -13.67
N PHE E 140 -38.27 -54.88 -14.49
CA PHE E 140 -36.88 -54.41 -14.27
C PHE E 140 -36.21 -54.08 -15.60
N TYR E 141 -35.02 -53.47 -15.53
CA TYR E 141 -34.15 -53.17 -16.70
C TYR E 141 -34.00 -54.45 -17.54
N ALA E 142 -34.29 -54.36 -18.84
CA ALA E 142 -34.37 -55.50 -19.78
C ALA E 142 -33.02 -56.24 -19.86
N GLU E 143 -31.90 -55.53 -19.72
CA GLU E 143 -30.55 -56.06 -20.02
C GLU E 143 -29.83 -56.43 -18.71
N LEU E 144 -30.48 -56.28 -17.56
CA LEU E 144 -29.90 -56.57 -16.22
C LEU E 144 -30.86 -57.47 -15.44
N LYS E 145 -30.36 -58.14 -14.41
CA LYS E 145 -31.16 -59.01 -13.50
C LYS E 145 -30.82 -58.65 -12.06
N TRP E 146 -31.84 -58.38 -11.24
CA TRP E 146 -31.74 -58.09 -9.79
C TRP E 146 -31.65 -59.40 -9.02
N LEU E 147 -30.44 -59.76 -8.56
CA LEU E 147 -30.17 -61.02 -7.82
C LEU E 147 -30.47 -60.79 -6.35
N VAL E 148 -31.39 -61.58 -5.79
CA VAL E 148 -31.80 -61.53 -4.35
C VAL E 148 -31.88 -62.97 -3.82
N SER E 149 -31.67 -63.16 -2.52
CA SER E 149 -31.85 -64.46 -1.81
C SER E 149 -33.28 -64.96 -2.02
N LYS E 150 -33.45 -66.25 -2.36
CA LYS E 150 -34.77 -66.87 -2.68
C LYS E 150 -35.65 -66.84 -1.43
N ASN E 151 -35.07 -67.13 -0.26
CA ASN E 151 -35.75 -67.12 1.07
C ASN E 151 -35.34 -65.83 1.82
N LYS E 152 -36.34 -65.01 2.19
CA LYS E 152 -36.18 -63.71 2.88
C LYS E 152 -35.31 -63.91 4.13
N GLY E 153 -34.28 -63.07 4.30
CA GLY E 153 -33.42 -63.03 5.50
C GLY E 153 -32.18 -63.90 5.36
N GLN E 154 -32.21 -64.93 4.50
CA GLN E 154 -31.11 -65.92 4.34
C GLN E 154 -29.91 -65.28 3.64
N ASN E 155 -28.71 -65.76 3.96
CA ASN E 155 -27.41 -65.33 3.37
C ASN E 155 -27.42 -65.64 1.87
N PHE E 156 -27.11 -64.63 1.05
CA PHE E 156 -26.92 -64.74 -0.42
C PHE E 156 -25.60 -65.48 -0.66
N PRO E 157 -25.60 -66.58 -1.45
CA PRO E 157 -24.40 -67.41 -1.60
C PRO E 157 -23.29 -66.75 -2.42
N GLN E 158 -22.03 -67.05 -2.10
CA GLN E 158 -20.82 -66.58 -2.82
C GLN E 158 -20.87 -67.13 -4.25
N THR E 159 -21.11 -66.25 -5.23
CA THR E 159 -21.31 -66.60 -6.67
C THR E 159 -20.19 -65.99 -7.51
N THR E 160 -19.79 -66.69 -8.57
CA THR E 160 -18.78 -66.25 -9.57
C THR E 160 -19.37 -66.40 -10.97
N ASN E 161 -19.45 -65.31 -11.72
CA ASN E 161 -19.89 -65.26 -13.14
C ASN E 161 -18.80 -64.58 -13.96
N THR E 162 -18.47 -65.15 -15.13
CA THR E 162 -17.38 -64.69 -16.03
C THR E 162 -17.92 -64.61 -17.46
N TYR E 163 -17.82 -63.43 -18.08
CA TYR E 163 -18.16 -63.21 -19.50
C TYR E 163 -16.86 -63.12 -20.32
N ARG E 164 -16.76 -63.93 -21.38
CA ARG E 164 -15.65 -63.89 -22.36
C ARG E 164 -16.12 -63.17 -23.63
N ASN E 165 -15.32 -62.22 -24.12
CA ASN E 165 -15.55 -61.53 -25.42
C ASN E 165 -15.05 -62.46 -26.53
N ALA E 166 -15.97 -63.19 -27.15
CA ALA E 166 -15.72 -64.16 -28.25
C ALA E 166 -15.64 -63.43 -29.60
N ASP E 167 -16.02 -62.15 -29.64
CA ASP E 167 -16.13 -61.32 -30.87
C ASP E 167 -14.74 -60.80 -31.25
N THR E 168 -14.65 -60.07 -32.37
CA THR E 168 -13.40 -59.46 -32.90
C THR E 168 -13.42 -57.93 -32.71
N ALA E 169 -14.24 -57.44 -31.77
CA ALA E 169 -14.41 -56.01 -31.43
C ALA E 169 -14.72 -55.86 -29.94
N GLU E 170 -14.39 -54.70 -29.36
CA GLU E 170 -14.58 -54.42 -27.90
C GLU E 170 -16.08 -54.39 -27.59
N HIS E 171 -16.47 -54.97 -26.46
CA HIS E 171 -17.85 -55.01 -25.91
C HIS E 171 -17.93 -54.09 -24.68
N LEU E 172 -19.06 -53.42 -24.51
CA LEU E 172 -19.34 -52.49 -23.38
C LEU E 172 -20.24 -53.22 -22.39
N ILE E 173 -19.67 -53.66 -21.26
CA ILE E 173 -20.44 -54.36 -20.18
C ILE E 173 -20.80 -53.35 -19.10
N MET E 174 -22.08 -53.31 -18.72
CA MET E 174 -22.62 -52.48 -17.62
C MET E 174 -23.15 -53.40 -16.53
N TRP E 175 -23.04 -52.96 -15.27
CA TRP E 175 -23.63 -53.67 -14.10
C TRP E 175 -24.08 -52.61 -13.08
N GLY E 176 -24.94 -53.00 -12.15
CA GLY E 176 -25.45 -52.11 -11.09
C GLY E 176 -25.08 -52.65 -9.71
N ILE E 177 -24.91 -51.74 -8.75
CA ILE E 177 -24.75 -52.05 -7.30
C ILE E 177 -25.97 -51.45 -6.59
N HIS E 178 -26.78 -52.28 -5.95
CA HIS E 178 -27.95 -51.85 -5.13
C HIS E 178 -27.44 -51.34 -3.77
N HIS E 179 -27.79 -50.10 -3.42
CA HIS E 179 -27.57 -49.51 -2.07
C HIS E 179 -28.92 -49.37 -1.36
N PRO E 180 -29.30 -50.34 -0.49
CA PRO E 180 -30.55 -50.23 0.27
C PRO E 180 -30.51 -49.08 1.30
N SER E 181 -31.69 -48.68 1.78
CA SER E 181 -31.94 -47.45 2.56
C SER E 181 -31.83 -47.72 4.08
N SER E 182 -31.99 -48.97 4.49
CA SER E 182 -31.96 -49.41 5.92
C SER E 182 -31.19 -50.74 6.05
N THR E 183 -30.70 -51.04 7.25
CA THR E 183 -30.02 -52.31 7.61
C THR E 183 -31.02 -53.46 7.54
N GLN E 184 -32.29 -53.20 7.85
CA GLN E 184 -33.40 -54.19 7.84
C GLN E 184 -33.63 -54.66 6.39
N GLU E 185 -33.73 -53.72 5.45
CA GLU E 185 -33.92 -53.98 3.99
C GLU E 185 -32.79 -54.88 3.46
N LYS E 186 -31.54 -54.52 3.79
CA LYS E 186 -30.31 -55.23 3.33
C LYS E 186 -30.34 -56.69 3.81
N ASN E 187 -30.71 -56.91 5.07
CA ASN E 187 -30.77 -58.26 5.71
C ASN E 187 -31.82 -59.13 4.99
N ASP E 188 -32.96 -58.54 4.62
CA ASP E 188 -34.09 -59.25 3.96
C ASP E 188 -33.66 -59.78 2.59
N LEU E 189 -32.92 -58.97 1.81
CA LEU E 189 -32.58 -59.26 0.39
C LEU E 189 -31.34 -60.13 0.28
N TYR E 190 -30.22 -59.76 0.91
CA TYR E 190 -28.91 -60.43 0.71
C TYR E 190 -28.33 -61.00 2.00
N GLY E 191 -29.09 -60.98 3.11
CA GLY E 191 -28.70 -61.62 4.39
C GLY E 191 -27.86 -60.72 5.27
N THR E 192 -27.42 -61.26 6.41
CA THR E 192 -26.82 -60.51 7.55
C THR E 192 -25.31 -60.31 7.35
N GLN E 193 -24.69 -61.08 6.45
CA GLN E 193 -23.22 -61.09 6.23
C GLN E 193 -22.75 -59.73 5.70
N SER E 194 -21.43 -59.50 5.69
CA SER E 194 -20.77 -58.30 5.10
C SER E 194 -20.73 -58.45 3.58
N LEU E 195 -21.28 -57.49 2.84
CA LEU E 195 -21.44 -57.55 1.36
C LEU E 195 -20.20 -56.99 0.67
N SER E 196 -19.72 -57.70 -0.36
CA SER E 196 -18.56 -57.31 -1.21
C SER E 196 -18.79 -57.81 -2.65
N ILE E 197 -18.72 -56.91 -3.62
CA ILE E 197 -18.80 -57.22 -5.08
C ILE E 197 -17.46 -56.84 -5.71
N SER E 198 -16.75 -57.82 -6.27
CA SER E 198 -15.45 -57.66 -6.96
C SER E 198 -15.66 -57.86 -8.46
N VAL E 199 -15.07 -56.97 -9.27
CA VAL E 199 -15.08 -57.05 -10.76
C VAL E 199 -13.63 -56.96 -11.23
N GLY E 200 -13.20 -57.90 -12.07
CA GLY E 200 -11.83 -58.00 -12.57
C GLY E 200 -11.77 -58.45 -14.02
N SER E 201 -10.98 -57.77 -14.83
CA SER E 201 -10.62 -58.14 -16.22
C SER E 201 -9.10 -58.08 -16.36
N SER E 202 -8.58 -58.09 -17.59
CA SER E 202 -7.13 -57.87 -17.89
C SER E 202 -6.76 -56.42 -17.56
N THR E 203 -7.58 -55.45 -17.98
CA THR E 203 -7.27 -54.00 -17.99
C THR E 203 -8.10 -53.25 -16.94
N TYR E 204 -9.03 -53.91 -16.25
CA TYR E 204 -9.95 -53.28 -15.25
C TYR E 204 -10.05 -54.17 -14.02
N LYS E 205 -10.14 -53.52 -12.85
CA LYS E 205 -10.29 -54.17 -11.52
C LYS E 205 -10.92 -53.14 -10.58
N ASN E 206 -11.83 -53.58 -9.70
CA ASN E 206 -12.56 -52.68 -8.78
C ASN E 206 -13.34 -53.52 -7.76
N ASN E 207 -13.59 -52.94 -6.57
CA ASN E 207 -14.45 -53.51 -5.51
C ASN E 207 -15.55 -52.50 -5.18
N PHE E 208 -16.74 -52.99 -4.86
CA PHE E 208 -17.93 -52.17 -4.50
C PHE E 208 -18.57 -52.75 -3.24
N VAL E 209 -18.85 -51.88 -2.26
CA VAL E 209 -19.55 -52.24 -0.99
C VAL E 209 -20.86 -51.45 -0.95
N PRO E 210 -22.03 -52.13 -0.96
CA PRO E 210 -23.31 -51.46 -0.77
C PRO E 210 -23.32 -50.49 0.42
N VAL E 211 -23.59 -49.21 0.14
CA VAL E 211 -23.74 -48.12 1.16
C VAL E 211 -25.18 -48.18 1.68
N VAL E 212 -25.33 -48.60 2.94
CA VAL E 212 -26.63 -48.65 3.65
C VAL E 212 -26.74 -47.40 4.53
N GLY E 213 -27.90 -46.74 4.54
CA GLY E 213 -28.15 -45.51 5.31
C GLY E 213 -29.36 -44.76 4.82
N ALA E 214 -30.12 -44.16 5.74
CA ALA E 214 -31.35 -43.37 5.45
C ALA E 214 -31.03 -42.27 4.44
N ARG E 215 -31.90 -42.09 3.43
CA ARG E 215 -31.84 -40.99 2.44
C ARG E 215 -33.25 -40.71 1.94
N PRO E 216 -33.51 -39.52 1.36
CA PRO E 216 -34.84 -39.16 0.87
C PRO E 216 -35.42 -40.12 -0.18
N GLN E 217 -36.74 -40.13 -0.31
CA GLN E 217 -37.48 -40.95 -1.31
C GLN E 217 -37.45 -40.21 -2.65
N VAL E 218 -37.25 -40.95 -3.75
CA VAL E 218 -37.36 -40.48 -5.16
C VAL E 218 -38.31 -41.43 -5.87
N ASN E 219 -39.52 -40.96 -6.22
CA ASN E 219 -40.65 -41.80 -6.72
C ASN E 219 -41.01 -42.82 -5.63
N GLY E 220 -40.97 -42.41 -4.36
CA GLY E 220 -41.36 -43.22 -3.19
C GLY E 220 -40.39 -44.36 -2.90
N LEU E 221 -39.11 -44.21 -3.28
CA LEU E 221 -38.06 -45.25 -3.11
C LEU E 221 -36.77 -44.61 -2.56
N SER E 222 -36.31 -45.06 -1.39
CA SER E 222 -35.06 -44.59 -0.72
C SER E 222 -33.87 -45.41 -1.21
N GLY E 223 -34.13 -46.57 -1.84
CA GLY E 223 -33.09 -47.41 -2.45
C GLY E 223 -32.42 -46.69 -3.61
N ARG E 224 -31.19 -47.09 -3.93
CA ARG E 224 -30.40 -46.58 -5.08
C ARG E 224 -29.75 -47.76 -5.80
N ILE E 225 -29.81 -47.77 -7.12
CA ILE E 225 -29.00 -48.68 -7.99
C ILE E 225 -28.06 -47.78 -8.80
N ASP E 226 -26.78 -47.77 -8.45
CA ASP E 226 -25.72 -47.02 -9.18
C ASP E 226 -25.10 -47.95 -10.22
N PHE E 227 -24.89 -47.45 -11.44
CA PHE E 227 -24.39 -48.22 -12.60
C PHE E 227 -22.91 -47.92 -12.82
N HIS E 228 -22.15 -48.96 -13.17
CA HIS E 228 -20.72 -48.91 -13.54
C HIS E 228 -20.58 -49.56 -14.91
N TRP E 229 -19.47 -49.29 -15.60
CA TRP E 229 -19.22 -49.82 -16.96
C TRP E 229 -17.73 -49.85 -17.26
N THR E 230 -17.31 -50.79 -18.11
CA THR E 230 -15.95 -50.88 -18.68
C THR E 230 -16.05 -51.52 -20.07
N LEU E 231 -14.99 -51.41 -20.86
CA LEU E 231 -14.84 -52.09 -22.17
C LEU E 231 -14.06 -53.39 -21.92
N VAL E 232 -14.55 -54.51 -22.47
CA VAL E 232 -13.86 -55.83 -22.48
C VAL E 232 -13.32 -56.04 -23.90
N GLN E 233 -12.00 -56.13 -24.06
CA GLN E 233 -11.33 -56.24 -25.38
C GLN E 233 -11.51 -57.65 -25.93
N PRO E 234 -11.37 -57.86 -27.27
CA PRO E 234 -11.52 -59.19 -27.87
C PRO E 234 -10.62 -60.25 -27.22
N GLY E 235 -11.19 -61.40 -26.87
CA GLY E 235 -10.48 -62.56 -26.29
C GLY E 235 -10.36 -62.47 -24.77
N ASP E 236 -10.54 -61.27 -24.21
CA ASP E 236 -10.41 -61.00 -22.75
C ASP E 236 -11.71 -61.41 -22.05
N LYS E 237 -11.61 -61.76 -20.76
CA LYS E 237 -12.75 -62.16 -19.89
C LYS E 237 -12.91 -61.11 -18.78
N ILE E 238 -14.11 -60.98 -18.22
CA ILE E 238 -14.41 -60.14 -17.03
C ILE E 238 -15.17 -60.98 -16.01
N THR E 239 -14.70 -61.01 -14.77
CA THR E 239 -15.19 -61.91 -13.69
C THR E 239 -15.87 -61.08 -12.61
N PHE E 240 -17.11 -61.45 -12.27
CA PHE E 240 -17.91 -60.88 -11.16
C PHE E 240 -17.90 -61.87 -9.99
N SER E 241 -17.27 -61.49 -8.88
CA SER E 241 -17.35 -62.19 -7.57
C SER E 241 -18.21 -61.34 -6.62
N HIS E 242 -19.34 -61.88 -6.16
CA HIS E 242 -20.36 -61.16 -5.36
C HIS E 242 -21.00 -62.09 -4.34
N ASN E 243 -21.39 -61.53 -3.19
CA ASN E 243 -22.16 -62.22 -2.12
C ASN E 243 -23.45 -61.43 -1.85
N GLY E 244 -23.99 -60.78 -2.87
CA GLY E 244 -25.26 -60.01 -2.81
C GLY E 244 -25.05 -58.52 -3.03
N GLY E 245 -25.99 -57.87 -3.71
CA GLY E 245 -25.96 -56.42 -3.99
C GLY E 245 -25.69 -56.12 -5.45
N LEU E 246 -25.18 -57.10 -6.21
CA LEU E 246 -24.88 -56.97 -7.66
C LEU E 246 -26.18 -57.03 -8.47
N ILE E 247 -26.39 -56.04 -9.34
CA ILE E 247 -27.36 -56.08 -10.47
C ILE E 247 -26.56 -56.53 -11.70
N ALA E 248 -26.73 -57.80 -12.10
CA ALA E 248 -25.83 -58.52 -13.04
C ALA E 248 -26.35 -58.37 -14.46
N PRO E 249 -25.44 -58.21 -15.45
CA PRO E 249 -25.84 -58.09 -16.85
C PRO E 249 -26.27 -59.43 -17.46
N SER E 250 -27.44 -59.47 -18.08
CA SER E 250 -27.94 -60.61 -18.90
C SER E 250 -27.46 -60.43 -20.35
N ARG E 251 -27.30 -59.18 -20.79
CA ARG E 251 -26.74 -58.83 -22.12
C ARG E 251 -25.66 -57.74 -21.97
N VAL E 252 -24.62 -57.82 -22.79
CA VAL E 252 -23.58 -56.76 -22.97
C VAL E 252 -23.88 -56.07 -24.30
N SER E 253 -23.35 -54.86 -24.49
CA SER E 253 -23.56 -54.03 -25.71
C SER E 253 -22.30 -54.02 -26.55
N LYS E 254 -22.44 -53.81 -27.85
CA LYS E 254 -21.34 -53.57 -28.82
C LYS E 254 -21.70 -52.32 -29.62
N LEU E 255 -20.83 -51.31 -29.59
CA LEU E 255 -21.00 -50.05 -30.37
C LEU E 255 -20.42 -50.27 -31.77
N ILE E 256 -21.22 -50.03 -32.81
CA ILE E 256 -20.91 -50.36 -34.23
C ILE E 256 -20.55 -49.07 -34.96
N GLY E 257 -19.35 -49.01 -35.55
CA GLY E 257 -18.91 -47.92 -36.44
C GLY E 257 -19.00 -46.55 -35.77
N ARG E 258 -19.24 -45.52 -36.58
CA ARG E 258 -19.23 -44.09 -36.16
C ARG E 258 -20.51 -43.40 -36.66
N GLY E 259 -20.95 -42.36 -35.95
CA GLY E 259 -22.10 -41.53 -36.30
C GLY E 259 -22.05 -40.17 -35.63
N LEU E 260 -22.95 -39.27 -36.03
CA LEU E 260 -23.05 -37.87 -35.52
C LEU E 260 -24.14 -37.78 -34.45
N GLY E 261 -23.79 -37.31 -33.25
CA GLY E 261 -24.72 -37.15 -32.11
C GLY E 261 -25.21 -35.73 -32.00
N ILE E 262 -26.53 -35.52 -32.18
CA ILE E 262 -27.20 -34.20 -32.02
C ILE E 262 -28.00 -34.20 -30.72
N GLN E 263 -27.87 -33.14 -29.94
CA GLN E 263 -28.77 -32.80 -28.81
C GLN E 263 -29.60 -31.57 -29.23
N SER E 264 -30.88 -31.77 -29.57
CA SER E 264 -31.78 -30.72 -30.13
C SER E 264 -33.21 -30.93 -29.64
N GLU E 265 -34.00 -29.85 -29.61
CA GLU E 265 -35.45 -29.86 -29.28
C GLU E 265 -36.28 -29.78 -30.57
N ALA E 266 -35.63 -29.56 -31.72
CA ALA E 266 -36.28 -29.29 -33.03
C ALA E 266 -36.87 -30.57 -33.60
N PRO E 267 -38.06 -30.51 -34.24
CA PRO E 267 -38.66 -31.68 -34.89
C PRO E 267 -37.93 -32.07 -36.19
N ILE E 268 -38.02 -33.34 -36.56
CA ILE E 268 -37.35 -33.91 -37.78
C ILE E 268 -38.09 -33.45 -39.03
N ASP E 269 -37.34 -33.22 -40.11
CA ASP E 269 -37.83 -32.95 -41.49
C ASP E 269 -36.98 -33.79 -42.45
N ASN E 270 -37.58 -34.76 -43.14
CA ASN E 270 -36.87 -35.73 -44.01
C ASN E 270 -36.79 -35.20 -45.45
N SER E 271 -37.23 -33.96 -45.71
CA SER E 271 -37.29 -33.34 -47.05
C SER E 271 -35.99 -32.57 -47.35
N CYS E 272 -35.49 -31.78 -46.39
CA CYS E 272 -34.28 -30.92 -46.53
C CYS E 272 -33.03 -31.72 -46.11
N GLU E 273 -31.87 -31.34 -46.65
CA GLU E 273 -30.53 -31.92 -46.32
C GLU E 273 -29.72 -30.86 -45.56
N SER E 274 -28.82 -31.29 -44.67
CA SER E 274 -27.93 -30.41 -43.87
C SER E 274 -26.70 -31.19 -43.40
N LYS E 275 -25.61 -30.47 -43.12
CA LYS E 275 -24.34 -31.03 -42.57
C LYS E 275 -23.99 -30.33 -41.25
N CYS E 276 -24.78 -29.35 -40.81
CA CYS E 276 -24.54 -28.54 -39.59
C CYS E 276 -25.82 -28.45 -38.76
N PHE E 277 -25.71 -28.73 -37.47
CA PHE E 277 -26.85 -28.78 -36.51
C PHE E 277 -26.48 -28.08 -35.20
N TRP E 278 -27.49 -27.57 -34.51
CA TRP E 278 -27.38 -27.00 -33.14
C TRP E 278 -28.69 -27.27 -32.39
N ARG E 279 -28.73 -26.93 -31.10
CA ARG E 279 -29.90 -27.10 -30.20
C ARG E 279 -31.18 -26.63 -30.91
N GLY E 280 -31.12 -25.54 -31.66
CA GLY E 280 -32.27 -24.85 -32.25
C GLY E 280 -32.66 -25.36 -33.62
N GLY E 281 -31.82 -26.18 -34.27
CA GLY E 281 -32.17 -26.83 -35.55
C GLY E 281 -30.98 -27.07 -36.44
N SER E 282 -31.14 -26.81 -37.75
CA SER E 282 -30.14 -27.04 -38.82
C SER E 282 -29.70 -25.70 -39.43
N ILE E 283 -28.51 -25.70 -40.06
CA ILE E 283 -27.92 -24.52 -40.76
C ILE E 283 -27.47 -24.96 -42.15
N ASN E 284 -28.15 -24.48 -43.20
CA ASN E 284 -28.00 -24.95 -44.61
C ASN E 284 -27.21 -23.94 -45.45
N THR E 285 -26.79 -22.80 -44.86
CA THR E 285 -26.21 -21.64 -45.58
C THR E 285 -24.95 -22.03 -46.34
N ARG E 286 -24.69 -21.35 -47.47
CA ARG E 286 -23.41 -21.43 -48.22
C ARG E 286 -22.45 -20.38 -47.63
N LEU E 287 -22.94 -19.47 -46.78
CA LEU E 287 -22.16 -18.36 -46.18
C LEU E 287 -21.10 -18.91 -45.22
N PRO E 288 -19.94 -18.22 -45.11
CA PRO E 288 -18.82 -18.69 -44.29
C PRO E 288 -18.97 -18.50 -42.77
N PHE E 289 -19.82 -17.55 -42.34
CA PHE E 289 -20.00 -17.16 -40.92
C PHE E 289 -21.48 -17.26 -40.55
N GLN E 290 -21.76 -17.12 -39.24
CA GLN E 290 -23.03 -17.52 -38.60
C GLN E 290 -23.04 -16.91 -37.19
N ASN E 291 -24.17 -16.35 -36.73
CA ASN E 291 -24.30 -15.76 -35.37
C ASN E 291 -25.49 -16.39 -34.62
N LEU E 292 -25.80 -17.66 -34.91
CA LEU E 292 -26.93 -18.41 -34.29
C LEU E 292 -26.47 -18.98 -32.95
N SER E 293 -25.40 -19.77 -32.93
CA SER E 293 -24.84 -20.43 -31.71
C SER E 293 -23.36 -20.74 -31.89
N PRO E 294 -22.55 -20.58 -30.81
CA PRO E 294 -21.19 -21.11 -30.79
C PRO E 294 -21.14 -22.64 -30.58
N ARG E 295 -22.24 -23.23 -30.08
CA ARG E 295 -22.40 -24.69 -29.87
C ARG E 295 -23.07 -25.31 -31.10
N THR E 296 -22.28 -25.81 -32.04
CA THR E 296 -22.76 -26.50 -33.27
C THR E 296 -22.00 -27.81 -33.44
N VAL E 297 -22.53 -28.72 -34.27
CA VAL E 297 -21.89 -30.03 -34.61
C VAL E 297 -22.04 -30.24 -36.12
N GLY E 298 -21.07 -30.95 -36.72
CA GLY E 298 -21.02 -31.24 -38.16
C GLY E 298 -20.04 -30.35 -38.90
N GLN E 299 -20.26 -30.13 -40.20
CA GLN E 299 -19.47 -29.22 -41.07
C GLN E 299 -20.18 -27.86 -41.10
N CYS E 300 -19.68 -26.90 -40.32
CA CYS E 300 -20.42 -25.67 -39.90
C CYS E 300 -19.73 -24.40 -40.34
N PRO E 301 -20.48 -23.34 -40.68
CA PRO E 301 -19.94 -21.98 -40.73
C PRO E 301 -19.40 -21.60 -39.34
N LYS E 302 -18.41 -20.72 -39.28
CA LYS E 302 -17.77 -20.30 -38.02
C LYS E 302 -18.65 -19.27 -37.32
N TYR E 303 -18.81 -19.40 -36.00
CA TYR E 303 -19.56 -18.45 -35.15
C TYR E 303 -18.77 -17.13 -35.06
N VAL E 304 -19.48 -16.01 -35.17
CA VAL E 304 -18.90 -14.63 -35.02
C VAL E 304 -19.86 -13.79 -34.17
N ASN E 305 -19.33 -12.89 -33.33
CA ASN E 305 -20.11 -11.90 -32.52
C ASN E 305 -20.45 -10.70 -33.42
N LYS E 306 -21.25 -10.93 -34.46
CA LYS E 306 -21.58 -9.91 -35.50
C LYS E 306 -22.97 -10.19 -36.08
N LYS E 307 -23.85 -9.19 -36.07
CA LYS E 307 -25.22 -9.30 -36.67
C LYS E 307 -25.09 -9.41 -38.19
N SER E 308 -24.33 -8.51 -38.82
CA SER E 308 -24.22 -8.36 -40.30
C SER E 308 -22.78 -8.01 -40.69
N LEU E 309 -22.31 -8.56 -41.81
CA LEU E 309 -21.05 -8.17 -42.50
C LEU E 309 -21.27 -8.15 -44.01
N MET E 310 -21.49 -6.97 -44.58
CA MET E 310 -21.82 -6.80 -46.02
C MET E 310 -20.53 -6.75 -46.84
N LEU E 311 -20.41 -7.65 -47.81
CA LEU E 311 -19.30 -7.74 -48.78
C LEU E 311 -19.72 -7.05 -50.08
N ALA E 312 -19.01 -5.99 -50.49
CA ALA E 312 -19.31 -5.20 -51.71
C ALA E 312 -19.15 -6.09 -52.94
N THR E 313 -20.12 -6.03 -53.86
CA THR E 313 -20.12 -6.77 -55.15
C THR E 313 -20.28 -5.76 -56.30
N GLY E 314 -19.97 -4.50 -56.05
CA GLY E 314 -19.92 -3.44 -57.08
C GLY E 314 -19.16 -2.22 -56.59
N MET E 315 -18.89 -1.28 -57.50
CA MET E 315 -18.09 -0.05 -57.30
C MET E 315 -18.81 0.89 -56.31
N ARG E 316 -18.12 1.94 -55.88
CA ARG E 316 -18.70 3.11 -55.17
C ARG E 316 -19.93 3.59 -55.95
N ASN E 317 -21.03 3.87 -55.24
CA ASN E 317 -22.26 4.47 -55.81
C ASN E 317 -22.16 5.98 -55.64
N VAL E 318 -22.10 6.72 -56.76
CA VAL E 318 -22.10 8.21 -56.76
C VAL E 318 -23.25 8.66 -57.66
N PRO E 319 -24.45 8.91 -57.11
CA PRO E 319 -25.56 9.48 -57.89
C PRO E 319 -25.43 10.99 -58.12
N GLU E 320 -26.37 11.60 -58.84
CA GLU E 320 -26.53 13.09 -58.93
C GLU E 320 -27.67 13.52 -57.99
N GLY F 1 -10.85 8.19 -54.78
CA GLY F 1 -10.18 6.93 -54.37
C GLY F 1 -8.76 6.83 -54.91
N LEU F 2 -8.13 5.66 -54.76
CA LEU F 2 -6.71 5.42 -55.11
C LEU F 2 -6.40 5.91 -56.54
N PHE F 3 -7.25 5.58 -57.51
CA PHE F 3 -6.96 5.79 -58.96
C PHE F 3 -7.63 7.09 -59.47
N GLY F 4 -8.42 7.75 -58.63
CA GLY F 4 -8.84 9.16 -58.83
C GLY F 4 -9.92 9.35 -59.88
N ALA F 5 -10.51 8.27 -60.41
CA ALA F 5 -11.54 8.30 -61.49
C ALA F 5 -12.95 8.30 -60.88
N ILE F 6 -13.38 7.17 -60.29
CA ILE F 6 -14.73 7.03 -59.67
C ILE F 6 -14.71 7.78 -58.33
N ALA F 7 -15.73 8.61 -58.08
CA ALA F 7 -15.80 9.58 -56.97
C ALA F 7 -14.56 10.48 -57.00
N GLY F 8 -14.04 10.75 -58.19
CA GLY F 8 -12.85 11.57 -58.45
C GLY F 8 -13.11 12.55 -59.58
N PHE F 9 -12.35 12.48 -60.68
CA PHE F 9 -12.46 13.45 -61.81
C PHE F 9 -13.73 13.17 -62.62
N ILE F 10 -14.34 11.99 -62.48
CA ILE F 10 -15.71 11.69 -63.00
C ILE F 10 -16.71 12.03 -61.88
N GLU F 11 -17.51 13.10 -62.08
CA GLU F 11 -18.30 13.79 -61.05
C GLU F 11 -19.28 12.80 -60.40
N ASN F 12 -20.00 12.01 -61.21
CA ASN F 12 -21.06 11.10 -60.72
C ASN F 12 -21.24 9.94 -61.71
N GLY F 13 -22.05 8.95 -61.34
CA GLY F 13 -22.40 7.81 -62.19
C GLY F 13 -23.62 8.09 -63.03
N TRP F 14 -23.96 7.17 -63.94
CA TRP F 14 -25.11 7.26 -64.87
C TRP F 14 -26.14 6.18 -64.50
N GLU F 15 -27.24 6.58 -63.87
CA GLU F 15 -28.36 5.68 -63.50
C GLU F 15 -29.00 5.13 -64.79
N GLY F 16 -28.95 5.91 -65.88
CA GLY F 16 -29.53 5.56 -67.19
C GLY F 16 -28.78 4.43 -67.90
N MET F 17 -27.60 4.06 -67.41
CA MET F 17 -26.75 3.00 -68.02
C MET F 17 -26.96 1.67 -67.28
N VAL F 18 -27.67 0.73 -67.91
CA VAL F 18 -28.19 -0.51 -67.26
C VAL F 18 -27.59 -1.76 -67.90
N ASP F 19 -26.97 -1.64 -69.08
CA ASP F 19 -26.44 -2.80 -69.87
C ASP F 19 -24.91 -2.92 -69.67
N GLY F 20 -24.34 -2.20 -68.69
CA GLY F 20 -22.90 -2.23 -68.40
C GLY F 20 -22.52 -1.44 -67.18
N TRP F 21 -21.28 -1.64 -66.69
CA TRP F 21 -20.68 -0.98 -65.51
C TRP F 21 -19.97 0.30 -65.94
N TYR F 22 -19.24 0.23 -67.05
CA TYR F 22 -18.50 1.35 -67.68
C TYR F 22 -19.04 1.53 -69.10
N GLY F 23 -18.93 2.74 -69.65
CA GLY F 23 -19.23 2.99 -71.07
C GLY F 23 -19.02 4.45 -71.47
N PHE F 24 -19.53 4.80 -72.65
CA PHE F 24 -19.29 6.09 -73.35
C PHE F 24 -20.62 6.83 -73.58
N ARG F 25 -20.56 8.16 -73.53
CA ARG F 25 -21.58 9.08 -74.09
C ARG F 25 -20.86 10.03 -75.06
N HIS F 26 -21.44 10.30 -76.22
CA HIS F 26 -20.84 11.19 -77.25
C HIS F 26 -21.85 12.25 -77.67
N GLN F 27 -21.35 13.40 -78.14
CA GLN F 27 -22.12 14.46 -78.85
C GLN F 27 -21.38 14.77 -80.14
N ASN F 28 -22.06 14.71 -81.30
CA ASN F 28 -21.53 15.14 -82.61
C ASN F 28 -22.66 15.87 -83.35
N ALA F 29 -22.43 16.23 -84.62
CA ALA F 29 -23.40 16.87 -85.52
C ALA F 29 -24.71 16.06 -85.54
N GLN F 30 -24.62 14.76 -85.77
CA GLN F 30 -25.77 13.82 -85.95
C GLN F 30 -26.57 13.67 -84.65
N GLY F 31 -26.00 14.05 -83.49
CA GLY F 31 -26.71 14.08 -82.21
C GLY F 31 -25.94 13.39 -81.09
N THR F 32 -26.66 12.58 -80.28
CA THR F 32 -26.20 12.02 -78.99
C THR F 32 -26.26 10.48 -79.06
N GLY F 33 -25.43 9.81 -78.26
CA GLY F 33 -25.39 8.34 -78.17
C GLY F 33 -24.78 7.86 -76.87
N GLN F 34 -25.26 6.71 -76.36
CA GLN F 34 -24.70 5.99 -75.19
C GLN F 34 -24.36 4.57 -75.61
N ALA F 35 -23.33 3.97 -75.01
CA ALA F 35 -22.92 2.56 -75.24
C ALA F 35 -22.07 2.07 -74.08
N ALA F 36 -22.22 0.78 -73.71
CA ALA F 36 -21.46 0.11 -72.64
C ALA F 36 -20.18 -0.49 -73.23
N ASP F 37 -19.08 -0.46 -72.46
CA ASP F 37 -17.82 -1.18 -72.79
C ASP F 37 -17.91 -2.57 -72.15
N TYR F 38 -17.93 -3.61 -72.99
CA TYR F 38 -18.09 -5.02 -72.55
C TYR F 38 -16.82 -5.49 -71.82
N LYS F 39 -15.64 -5.29 -72.43
CA LYS F 39 -14.35 -5.83 -71.94
C LYS F 39 -14.10 -5.35 -70.49
N SER F 40 -14.24 -4.05 -70.23
CA SER F 40 -13.96 -3.43 -68.91
C SER F 40 -15.00 -3.90 -67.89
N THR F 41 -16.28 -3.94 -68.28
CA THR F 41 -17.40 -4.40 -67.41
C THR F 41 -17.14 -5.85 -66.96
N GLN F 42 -16.71 -6.71 -67.89
CA GLN F 42 -16.54 -8.16 -67.65
C GLN F 42 -15.30 -8.38 -66.76
N ALA F 43 -14.23 -7.63 -67.00
CA ALA F 43 -12.96 -7.68 -66.21
C ALA F 43 -13.28 -7.42 -64.73
N ALA F 44 -14.17 -6.47 -64.44
CA ALA F 44 -14.58 -6.06 -63.08
C ALA F 44 -15.44 -7.17 -62.46
N ILE F 45 -16.44 -7.67 -63.20
CA ILE F 45 -17.39 -8.72 -62.72
C ILE F 45 -16.62 -10.03 -62.46
N ASP F 46 -15.72 -10.41 -63.38
CA ASP F 46 -14.93 -11.67 -63.29
C ASP F 46 -14.05 -11.63 -62.02
N GLN F 47 -13.52 -10.46 -61.66
CA GLN F 47 -12.66 -10.27 -60.45
C GLN F 47 -13.52 -10.40 -59.19
N ILE F 48 -14.74 -9.85 -59.19
CA ILE F 48 -15.69 -9.92 -58.04
C ILE F 48 -16.21 -11.37 -57.90
N THR F 49 -16.56 -12.03 -59.01
CA THR F 49 -16.96 -13.46 -59.04
C THR F 49 -15.86 -14.29 -58.40
N GLY F 50 -14.59 -13.96 -58.68
CA GLY F 50 -13.40 -14.62 -58.13
C GLY F 50 -13.36 -14.53 -56.61
N LYS F 51 -13.61 -13.34 -56.05
CA LYS F 51 -13.63 -13.10 -54.59
C LYS F 51 -14.73 -13.96 -53.94
N LEU F 52 -15.93 -13.95 -54.53
CA LEU F 52 -17.11 -14.68 -53.99
C LEU F 52 -16.81 -16.18 -53.96
N ASN F 53 -16.19 -16.72 -55.01
CA ASN F 53 -15.81 -18.16 -55.10
C ASN F 53 -14.90 -18.53 -53.92
N ARG F 54 -14.02 -17.60 -53.52
CA ARG F 54 -12.98 -17.83 -52.48
C ARG F 54 -13.55 -17.64 -51.08
N ILE F 55 -14.49 -16.71 -50.90
CA ILE F 55 -15.00 -16.26 -49.57
C ILE F 55 -16.28 -17.02 -49.20
N ILE F 56 -17.21 -17.19 -50.13
CA ILE F 56 -18.49 -17.93 -49.90
C ILE F 56 -18.20 -19.43 -49.89
N LYS F 57 -17.74 -19.92 -48.74
CA LYS F 57 -17.17 -21.28 -48.53
C LYS F 57 -17.08 -21.54 -47.02
N LYS F 58 -17.18 -22.81 -46.61
CA LYS F 58 -16.93 -23.27 -45.22
C LYS F 58 -15.83 -24.34 -45.27
N THR F 59 -15.24 -24.70 -44.13
CA THR F 59 -14.29 -25.83 -44.03
C THR F 59 -15.09 -27.13 -44.08
N ASN F 60 -14.50 -28.23 -44.55
CA ASN F 60 -15.15 -29.56 -44.63
C ASN F 60 -14.78 -30.38 -43.39
N THR F 61 -14.15 -29.75 -42.40
CA THR F 61 -13.76 -30.38 -41.10
C THR F 61 -15.02 -30.74 -40.31
N GLU F 62 -15.13 -32.01 -39.88
CA GLU F 62 -16.25 -32.53 -39.07
C GLU F 62 -15.95 -32.27 -37.58
N PHE F 63 -16.83 -31.56 -36.89
CA PHE F 63 -16.73 -31.25 -35.44
C PHE F 63 -17.83 -32.02 -34.69
N GLU F 64 -17.43 -32.69 -33.59
CA GLU F 64 -18.35 -33.36 -32.64
C GLU F 64 -18.59 -32.42 -31.45
N SER F 65 -19.59 -32.75 -30.62
CA SER F 65 -19.95 -32.00 -29.40
C SER F 65 -18.91 -32.27 -28.30
N ILE F 66 -18.50 -31.22 -27.59
CA ILE F 66 -17.64 -31.32 -26.37
C ILE F 66 -18.39 -30.79 -25.13
N GLU F 67 -19.51 -30.09 -25.32
CA GLU F 67 -20.44 -29.68 -24.24
C GLU F 67 -21.80 -30.38 -24.43
N SER F 68 -22.34 -31.00 -23.38
CA SER F 68 -23.73 -31.53 -23.36
C SER F 68 -24.72 -30.36 -23.23
N GLU F 69 -25.79 -30.39 -24.03
CA GLU F 69 -26.87 -29.38 -24.02
C GLU F 69 -27.81 -29.61 -22.82
N PHE F 70 -28.01 -30.87 -22.43
CA PHE F 70 -29.13 -31.32 -21.55
C PHE F 70 -28.62 -31.86 -20.20
N SER F 71 -27.30 -31.92 -19.98
CA SER F 71 -26.70 -32.43 -18.72
C SER F 71 -25.57 -31.50 -18.27
N GLU F 72 -25.17 -31.61 -16.99
CA GLU F 72 -24.09 -30.80 -16.37
C GLU F 72 -22.75 -31.50 -16.61
N ILE F 73 -21.74 -30.77 -17.10
CA ILE F 73 -20.34 -31.27 -17.34
C ILE F 73 -19.45 -30.80 -16.20
N ASP F 74 -18.32 -31.47 -15.96
CA ASP F 74 -17.32 -31.10 -14.92
C ASP F 74 -17.01 -29.61 -15.03
N HIS F 75 -17.02 -28.90 -13.89
CA HIS F 75 -16.95 -27.42 -13.80
C HIS F 75 -15.60 -26.92 -14.32
N GLN F 76 -14.50 -27.65 -14.06
CA GLN F 76 -13.12 -27.20 -14.40
C GLN F 76 -12.91 -27.26 -15.92
N ILE F 77 -13.24 -28.40 -16.56
CA ILE F 77 -13.08 -28.60 -18.03
C ILE F 77 -14.12 -27.74 -18.75
N GLY F 78 -15.31 -27.56 -18.16
CA GLY F 78 -16.35 -26.65 -18.65
C GLY F 78 -15.86 -25.22 -18.77
N ASN F 79 -15.10 -24.74 -17.77
CA ASN F 79 -14.48 -23.40 -17.77
C ASN F 79 -13.39 -23.32 -18.86
N VAL F 80 -12.61 -24.38 -19.03
CA VAL F 80 -11.54 -24.46 -20.07
C VAL F 80 -12.20 -24.39 -21.46
N ILE F 81 -13.24 -25.18 -21.69
CA ILE F 81 -14.00 -25.21 -22.97
C ILE F 81 -14.57 -23.80 -23.24
N ASN F 82 -15.19 -23.18 -22.24
CA ASN F 82 -15.81 -21.83 -22.36
C ASN F 82 -14.74 -20.82 -22.78
N TRP F 83 -13.57 -20.89 -22.15
CA TRP F 83 -12.43 -19.96 -22.41
C TRP F 83 -11.91 -20.16 -23.85
N THR F 84 -11.75 -21.40 -24.28
CA THR F 84 -11.21 -21.77 -25.61
C THR F 84 -12.18 -21.30 -26.70
N LYS F 85 -13.47 -21.63 -26.57
CA LYS F 85 -14.53 -21.29 -27.57
C LYS F 85 -14.65 -19.77 -27.72
N ASP F 86 -14.66 -19.03 -26.60
CA ASP F 86 -14.75 -17.54 -26.62
C ASP F 86 -13.52 -16.97 -27.32
N SER F 87 -12.34 -17.55 -27.08
CA SER F 87 -11.05 -17.14 -27.69
C SER F 87 -11.09 -17.38 -29.20
N ILE F 88 -11.56 -18.55 -29.63
CA ILE F 88 -11.69 -18.95 -31.06
C ILE F 88 -12.70 -18.02 -31.73
N THR F 89 -13.79 -17.70 -31.04
CA THR F 89 -14.88 -16.84 -31.58
C THR F 89 -14.36 -15.40 -31.77
N ASP F 90 -13.53 -14.92 -30.84
CA ASP F 90 -12.91 -13.56 -30.93
C ASP F 90 -11.97 -13.52 -32.14
N ILE F 91 -11.25 -14.61 -32.42
CA ILE F 91 -10.33 -14.70 -33.58
C ILE F 91 -11.16 -14.66 -34.87
N TRP F 92 -12.19 -15.49 -34.98
CA TRP F 92 -13.02 -15.58 -36.22
C TRP F 92 -13.79 -14.29 -36.46
N THR F 93 -14.26 -13.63 -35.40
CA THR F 93 -15.00 -12.35 -35.50
C THR F 93 -14.05 -11.28 -36.06
N TYR F 94 -12.82 -11.25 -35.54
CA TYR F 94 -11.76 -10.32 -35.98
C TYR F 94 -11.42 -10.60 -37.46
N GLN F 95 -11.16 -11.87 -37.79
CA GLN F 95 -10.77 -12.31 -39.16
C GLN F 95 -11.88 -11.96 -40.15
N ALA F 96 -13.13 -12.18 -39.77
CA ALA F 96 -14.33 -11.89 -40.60
C ALA F 96 -14.40 -10.39 -40.89
N GLU F 97 -14.33 -9.55 -39.84
CA GLU F 97 -14.39 -8.07 -39.95
C GLU F 97 -13.25 -7.56 -40.84
N LEU F 98 -12.05 -8.11 -40.68
CA LEU F 98 -10.84 -7.67 -41.43
C LEU F 98 -10.96 -8.11 -42.89
N LEU F 99 -11.28 -9.37 -43.13
CA LEU F 99 -11.43 -9.94 -44.50
C LEU F 99 -12.36 -9.03 -45.31
N VAL F 100 -13.57 -8.79 -44.80
CA VAL F 100 -14.63 -8.04 -45.51
C VAL F 100 -14.18 -6.59 -45.71
N ALA F 101 -13.64 -5.96 -44.67
CA ALA F 101 -13.11 -4.57 -44.72
C ALA F 101 -12.05 -4.48 -45.83
N MET F 102 -11.08 -5.40 -45.81
CA MET F 102 -9.94 -5.45 -46.76
C MET F 102 -10.45 -5.72 -48.19
N GLU F 103 -11.34 -6.70 -48.36
CA GLU F 103 -11.91 -7.05 -49.70
C GLU F 103 -12.70 -5.88 -50.25
N ASN F 104 -13.54 -5.23 -49.42
CA ASN F 104 -14.39 -4.09 -49.82
C ASN F 104 -13.49 -2.96 -50.33
N GLN F 105 -12.39 -2.69 -49.63
CA GLN F 105 -11.37 -1.68 -50.01
C GLN F 105 -10.82 -2.04 -51.40
N HIS F 106 -10.48 -3.31 -51.62
CA HIS F 106 -9.88 -3.80 -52.89
C HIS F 106 -10.92 -3.70 -54.02
N THR F 107 -12.16 -4.14 -53.78
CA THR F 107 -13.26 -4.13 -54.78
C THR F 107 -13.47 -2.70 -55.29
N ILE F 108 -13.66 -1.76 -54.37
CA ILE F 108 -13.89 -0.31 -54.66
C ILE F 108 -12.74 0.23 -55.51
N ASP F 109 -11.49 -0.09 -55.14
CA ASP F 109 -10.26 0.42 -55.81
C ASP F 109 -10.05 -0.29 -57.15
N MET F 110 -10.30 -1.60 -57.22
CA MET F 110 -10.18 -2.39 -58.46
C MET F 110 -11.14 -1.82 -59.51
N ALA F 111 -12.36 -1.49 -59.12
CA ALA F 111 -13.42 -0.91 -59.99
C ALA F 111 -12.97 0.48 -60.48
N ASP F 112 -12.38 1.27 -59.58
CA ASP F 112 -11.79 2.61 -59.88
C ASP F 112 -10.71 2.45 -60.96
N SER F 113 -9.86 1.42 -60.83
CA SER F 113 -8.70 1.18 -61.73
C SER F 113 -9.18 0.81 -63.13
N GLU F 114 -10.27 0.05 -63.26
CA GLU F 114 -10.81 -0.39 -64.57
C GLU F 114 -11.36 0.82 -65.32
N MET F 115 -11.98 1.77 -64.59
CA MET F 115 -12.48 3.04 -65.17
C MET F 115 -11.29 3.83 -65.72
N LEU F 116 -10.23 4.02 -64.90
CA LEU F 116 -9.02 4.78 -65.29
C LEU F 116 -8.35 4.12 -66.50
N ASN F 117 -8.29 2.79 -66.54
CA ASN F 117 -7.58 2.02 -67.60
C ASN F 117 -8.30 2.21 -68.94
N LEU F 118 -9.64 2.28 -68.93
CA LEU F 118 -10.45 2.54 -70.15
C LEU F 118 -10.19 3.97 -70.64
N TYR F 119 -10.21 4.95 -69.72
CA TYR F 119 -9.91 6.37 -69.98
C TYR F 119 -8.53 6.51 -70.63
N GLU F 120 -7.52 5.82 -70.11
CA GLU F 120 -6.12 5.92 -70.60
C GLU F 120 -6.03 5.27 -71.98
N ARG F 121 -6.77 4.18 -72.22
CA ARG F 121 -6.79 3.46 -73.52
C ARG F 121 -7.29 4.41 -74.60
N VAL F 122 -8.37 5.16 -74.32
CA VAL F 122 -9.00 6.13 -75.25
C VAL F 122 -8.06 7.32 -75.47
N ARG F 123 -7.50 7.90 -74.41
CA ARG F 123 -6.57 9.05 -74.50
C ARG F 123 -5.46 8.71 -75.51
N LYS F 124 -4.89 7.50 -75.41
CA LYS F 124 -3.73 7.05 -76.23
C LYS F 124 -4.19 6.81 -77.67
N GLN F 125 -5.41 6.28 -77.88
CA GLN F 125 -6.01 6.08 -79.22
C GLN F 125 -6.12 7.41 -79.96
N LEU F 126 -6.73 8.41 -79.32
CA LEU F 126 -7.05 9.74 -79.92
C LEU F 126 -5.77 10.52 -80.17
N ARG F 127 -4.69 10.20 -79.44
CA ARG F 127 -3.33 10.77 -79.64
C ARG F 127 -3.44 12.30 -79.63
N GLN F 128 -3.12 12.99 -80.72
CA GLN F 128 -3.06 14.47 -80.79
C GLN F 128 -4.34 15.05 -81.41
N ASN F 129 -5.36 14.23 -81.66
CA ASN F 129 -6.61 14.64 -82.34
C ASN F 129 -7.66 15.12 -81.32
N ALA F 130 -7.38 15.01 -80.03
CA ALA F 130 -8.31 15.37 -78.92
C ALA F 130 -7.52 15.96 -77.75
N GLU F 131 -8.25 16.60 -76.84
CA GLU F 131 -7.72 17.15 -75.56
C GLU F 131 -8.65 16.73 -74.43
N GLU F 132 -8.12 16.65 -73.21
CA GLU F 132 -8.89 16.25 -72.00
C GLU F 132 -9.61 17.49 -71.45
N ASP F 133 -10.92 17.39 -71.22
CA ASP F 133 -11.74 18.26 -70.35
C ASP F 133 -11.51 17.55 -69.03
N GLY F 134 -11.50 18.16 -67.85
CA GLY F 134 -11.10 17.47 -66.60
C GLY F 134 -12.23 16.69 -65.93
N LYS F 135 -13.30 16.38 -66.66
CA LYS F 135 -14.54 15.73 -66.15
C LYS F 135 -14.67 14.31 -66.73
N GLY F 136 -13.62 13.79 -67.41
CA GLY F 136 -13.64 12.44 -68.01
C GLY F 136 -14.03 12.42 -69.49
N CYS F 137 -14.21 13.59 -70.09
CA CYS F 137 -14.54 13.76 -71.54
C CYS F 137 -13.29 14.14 -72.33
N PHE F 138 -13.26 13.74 -73.61
CA PHE F 138 -12.28 14.18 -74.62
C PHE F 138 -13.00 15.08 -75.64
N GLU F 139 -12.55 16.33 -75.79
CA GLU F 139 -13.00 17.24 -76.86
C GLU F 139 -12.20 16.87 -78.12
N ILE F 140 -12.89 16.37 -79.15
CA ILE F 140 -12.29 15.89 -80.42
C ILE F 140 -12.30 17.05 -81.43
N TYR F 141 -11.14 17.38 -82.01
CA TYR F 141 -10.92 18.58 -82.86
C TYR F 141 -11.05 18.21 -84.34
N HIS F 142 -12.08 17.44 -84.70
CA HIS F 142 -12.44 17.09 -86.10
C HIS F 142 -13.86 16.53 -86.12
N ALA F 143 -14.56 16.67 -87.26
CA ALA F 143 -15.88 16.05 -87.50
C ALA F 143 -15.75 14.53 -87.26
N CYS F 144 -16.36 14.05 -86.17
CA CYS F 144 -16.37 12.61 -85.78
C CYS F 144 -17.83 12.12 -85.79
N ASP F 145 -18.22 11.41 -86.85
CA ASP F 145 -19.60 10.90 -87.08
C ASP F 145 -19.78 9.58 -86.30
N ASP F 146 -20.94 8.92 -86.43
CA ASP F 146 -21.31 7.72 -85.62
C ASP F 146 -20.36 6.55 -85.95
N SER F 147 -19.83 6.48 -87.16
CA SER F 147 -18.82 5.46 -87.59
C SER F 147 -17.51 5.68 -86.83
N CYS F 148 -17.03 6.93 -86.79
CA CYS F 148 -15.80 7.39 -86.09
C CYS F 148 -15.94 7.11 -84.59
N MET F 149 -17.04 7.56 -83.98
CA MET F 149 -17.37 7.34 -82.54
C MET F 149 -17.35 5.83 -82.24
N GLU F 150 -17.95 5.02 -83.13
CA GLU F 150 -18.01 3.54 -83.00
C GLU F 150 -16.60 2.96 -83.06
N SER F 151 -15.70 3.55 -83.85
CA SER F 151 -14.31 3.05 -84.05
C SER F 151 -13.46 3.34 -82.79
N ILE F 152 -13.80 4.39 -82.03
CA ILE F 152 -13.14 4.72 -80.73
C ILE F 152 -13.54 3.66 -79.70
N ARG F 153 -14.84 3.36 -79.61
CA ARG F 153 -15.42 2.36 -78.67
C ARG F 153 -14.88 0.96 -78.99
N ASN F 154 -14.71 0.64 -80.27
CA ASN F 154 -14.31 -0.71 -80.77
C ASN F 154 -12.78 -0.79 -80.90
N ASN F 155 -12.05 0.29 -80.56
CA ASN F 155 -10.57 0.30 -80.48
C ASN F 155 -9.96 0.12 -81.88
N THR F 156 -10.55 0.73 -82.91
CA THR F 156 -10.12 0.64 -84.33
C THR F 156 -9.98 2.04 -84.95
N TYR F 157 -9.90 3.08 -84.11
CA TYR F 157 -9.72 4.50 -84.54
C TYR F 157 -8.26 4.68 -84.97
N ASP F 158 -8.06 5.16 -86.21
CA ASP F 158 -6.73 5.47 -86.79
C ASP F 158 -6.52 6.98 -86.71
N HIS F 159 -5.67 7.45 -85.78
CA HIS F 159 -5.43 8.88 -85.50
C HIS F 159 -4.88 9.57 -86.75
N SER F 160 -4.09 8.87 -87.56
CA SER F 160 -3.32 9.45 -88.70
C SER F 160 -4.28 10.00 -89.78
N GLN F 161 -5.47 9.41 -89.92
CA GLN F 161 -6.51 9.83 -90.90
C GLN F 161 -6.96 11.26 -90.63
N TYR F 162 -7.19 11.63 -89.35
CA TYR F 162 -7.80 12.92 -88.94
C TYR F 162 -6.74 13.89 -88.39
N ARG F 163 -5.46 13.51 -88.37
CA ARG F 163 -4.38 14.29 -87.69
C ARG F 163 -4.29 15.70 -88.30
N GLU F 164 -4.17 15.79 -89.63
CA GLU F 164 -4.02 17.09 -90.37
C GLU F 164 -5.14 18.04 -89.95
N GLU F 165 -6.40 17.63 -90.11
CA GLU F 165 -7.61 18.43 -89.76
C GLU F 165 -7.53 18.85 -88.28
N ALA F 166 -7.19 17.90 -87.40
CA ALA F 166 -7.22 18.06 -85.93
C ALA F 166 -6.16 19.06 -85.47
N LEU F 167 -4.91 18.91 -85.94
CA LEU F 167 -3.77 19.80 -85.57
C LEU F 167 -4.08 21.25 -85.98
N LEU F 168 -4.75 21.46 -87.12
CA LEU F 168 -5.12 22.82 -87.62
C LEU F 168 -6.19 23.44 -86.70
N ASN F 169 -7.23 22.68 -86.36
CA ASN F 169 -8.36 23.13 -85.50
C ASN F 169 -7.86 23.44 -84.08
N ARG F 170 -6.83 22.74 -83.60
CA ARG F 170 -6.26 22.88 -82.23
C ARG F 170 -5.43 24.17 -82.14
N LEU F 171 -4.59 24.44 -83.16
CA LEU F 171 -3.72 25.63 -83.24
C LEU F 171 -4.56 26.87 -83.64
N ASN F 172 -5.52 26.70 -84.53
CA ASN F 172 -6.53 27.72 -84.93
C ASN F 172 -5.82 28.85 -85.68
N PRO G 2 24.18 77.04 -1.94
CA PRO G 2 24.26 75.67 -1.38
C PRO G 2 23.84 75.60 0.10
N ASP G 3 22.56 75.87 0.38
CA ASP G 3 21.94 75.72 1.73
C ASP G 3 21.73 74.23 2.03
N LYS G 4 21.99 73.82 3.27
CA LYS G 4 21.99 72.38 3.69
C LYS G 4 20.96 72.15 4.79
N ILE G 5 20.29 71.00 4.76
CA ILE G 5 19.53 70.41 5.90
C ILE G 5 20.05 68.97 6.08
N CYS G 6 20.53 68.65 7.28
CA CYS G 6 21.08 67.32 7.64
C CYS G 6 20.14 66.61 8.62
N LEU G 7 19.81 65.35 8.35
CA LEU G 7 19.04 64.46 9.24
C LEU G 7 20.01 63.61 10.06
N GLY G 8 19.65 63.29 11.31
CA GLY G 8 20.54 62.60 12.26
C GLY G 8 19.76 62.10 13.47
N HIS G 9 20.42 61.27 14.29
CA HIS G 9 19.83 60.64 15.50
C HIS G 9 20.69 60.98 16.71
N HIS G 10 20.11 60.87 17.91
CA HIS G 10 20.79 61.15 19.18
C HIS G 10 21.86 60.07 19.42
N ALA G 11 22.76 60.32 20.36
CA ALA G 11 23.77 59.36 20.85
C ALA G 11 24.06 59.70 22.32
N VAL G 12 24.80 58.83 23.00
CA VAL G 12 25.23 59.01 24.42
C VAL G 12 26.68 58.55 24.51
N ALA G 13 27.45 59.13 25.44
CA ALA G 13 28.87 58.81 25.66
C ALA G 13 28.96 57.40 26.25
N ASN G 14 28.17 57.12 27.29
CA ASN G 14 28.14 55.83 28.04
C ASN G 14 26.95 54.98 27.55
N GLY G 15 27.18 54.17 26.50
CA GLY G 15 26.18 53.22 25.96
C GLY G 15 26.25 51.88 26.67
N THR G 16 25.23 51.04 26.49
CA THR G 16 25.12 49.69 27.10
C THR G 16 25.29 48.61 26.02
N ILE G 17 25.95 47.50 26.37
CA ILE G 17 26.15 46.32 25.48
C ILE G 17 24.96 45.37 25.67
N VAL G 18 24.34 44.95 24.56
CA VAL G 18 23.26 43.92 24.52
C VAL G 18 23.64 42.87 23.47
N LYS G 19 22.97 41.71 23.51
CA LYS G 19 23.11 40.63 22.50
C LYS G 19 21.96 40.73 21.49
N THR G 20 22.22 40.38 20.23
CA THR G 20 21.22 40.23 19.14
C THR G 20 21.36 38.82 18.57
N LEU G 21 20.56 38.48 17.57
CA LEU G 21 20.65 37.18 16.84
C LEU G 21 22.04 37.06 16.21
N THR G 22 22.62 38.19 15.81
CA THR G 22 23.77 38.32 14.88
C THR G 22 25.05 38.69 15.62
N ASN G 23 24.95 39.49 16.68
CA ASN G 23 26.12 40.17 17.33
C ASN G 23 26.00 40.02 18.84
N GLU G 24 27.10 39.63 19.49
CA GLU G 24 27.16 39.37 20.95
C GLU G 24 27.57 40.65 21.70
N GLN G 25 28.13 41.64 20.99
CA GLN G 25 28.68 42.89 21.57
C GLN G 25 28.10 44.10 20.83
N GLU G 26 26.79 44.34 20.97
CA GLU G 26 26.05 45.42 20.24
C GLU G 26 25.77 46.58 21.20
N GLU G 27 26.38 47.75 20.97
CA GLU G 27 26.22 48.95 21.82
C GLU G 27 24.93 49.67 21.43
N VAL G 28 24.05 49.90 22.41
CA VAL G 28 22.76 50.65 22.23
C VAL G 28 22.74 51.82 23.21
N THR G 29 21.85 52.79 22.98
CA THR G 29 21.74 54.04 23.77
C THR G 29 21.24 53.72 25.18
N ASN G 30 20.45 52.66 25.35
CA ASN G 30 19.83 52.31 26.65
C ASN G 30 19.34 50.86 26.62
N ALA G 31 19.27 50.21 27.79
CA ALA G 31 18.82 48.82 27.96
C ALA G 31 18.30 48.63 29.39
N THR G 32 17.48 47.60 29.61
CA THR G 32 16.87 47.26 30.93
C THR G 32 17.07 45.76 31.20
N GLU G 33 17.21 45.38 32.46
CA GLU G 33 17.43 43.98 32.92
C GLU G 33 16.10 43.23 32.85
N THR G 34 16.12 41.95 32.46
CA THR G 34 14.94 41.04 32.40
C THR G 34 15.06 39.89 33.41
N VAL G 35 16.22 39.71 34.05
CA VAL G 35 16.48 38.65 35.07
C VAL G 35 16.72 39.30 36.44
N GLU G 36 15.94 38.93 37.46
CA GLU G 36 16.11 39.42 38.85
C GLU G 36 17.23 38.63 39.53
N SER G 37 18.18 39.35 40.16
CA SER G 37 19.37 38.79 40.86
C SER G 37 19.30 39.03 42.38
N THR G 38 18.59 40.07 42.82
CA THR G 38 18.51 40.49 44.25
C THR G 38 17.25 39.89 44.90
N SER G 39 17.39 39.42 46.14
CA SER G 39 16.28 38.87 46.97
C SER G 39 16.10 39.73 48.22
N LEU G 40 14.89 39.71 48.78
CA LEU G 40 14.54 40.25 50.13
C LEU G 40 14.60 39.07 51.11
N ASN G 41 15.46 39.15 52.14
CA ASN G 41 15.53 38.14 53.23
C ASN G 41 14.40 38.41 54.24
N ARG G 42 13.16 38.48 53.74
CA ARG G 42 11.91 38.69 54.53
C ARG G 42 10.75 37.99 53.82
N LEU G 43 9.69 37.64 54.55
CA LEU G 43 8.42 37.11 53.99
C LEU G 43 7.40 38.26 53.96
N CYS G 44 7.15 38.81 52.77
CA CYS G 44 6.24 39.96 52.53
C CYS G 44 4.79 39.48 52.61
N MET G 45 4.14 39.70 53.77
CA MET G 45 2.85 39.06 54.12
C MET G 45 1.72 40.11 54.19
N LYS G 46 1.89 41.28 53.57
CA LYS G 46 0.81 42.32 53.50
C LYS G 46 -0.30 41.80 52.57
N GLY G 47 -1.56 42.01 52.97
CA GLY G 47 -2.76 41.61 52.20
C GLY G 47 -3.02 40.11 52.29
N ARG G 48 -2.34 39.41 53.20
CA ARG G 48 -2.42 37.94 53.40
C ARG G 48 -2.83 37.64 54.84
N ASN G 49 -3.94 36.91 55.01
CA ASN G 49 -4.33 36.30 56.30
C ASN G 49 -3.41 35.10 56.55
N HIS G 50 -2.26 35.34 57.19
CA HIS G 50 -1.13 34.36 57.30
C HIS G 50 -1.06 33.79 58.71
N LYS G 51 -0.24 32.75 58.89
CA LYS G 51 -0.01 32.03 60.17
C LYS G 51 1.43 31.53 60.20
N ASP G 52 2.28 32.17 61.03
CA ASP G 52 3.66 31.71 61.33
C ASP G 52 3.57 30.67 62.46
N LEU G 53 3.86 29.40 62.17
CA LEU G 53 3.77 28.29 63.16
C LEU G 53 4.97 28.33 64.12
N GLY G 54 5.99 29.16 63.83
CA GLY G 54 7.21 29.27 64.64
C GLY G 54 7.79 27.90 64.96
N ASN G 55 7.75 27.52 66.24
CA ASN G 55 8.37 26.27 66.75
C ASN G 55 7.39 25.09 66.58
N CYS G 56 6.14 25.34 66.15
CA CYS G 56 5.10 24.30 65.94
C CYS G 56 5.22 23.71 64.53
N HIS G 57 5.31 22.37 64.45
CA HIS G 57 5.30 21.59 63.18
C HIS G 57 3.86 21.33 62.75
N PRO G 58 3.52 21.46 61.44
CA PRO G 58 2.14 21.31 60.99
C PRO G 58 1.36 20.13 61.57
N ILE G 59 2.02 18.96 61.73
CA ILE G 59 1.39 17.72 62.27
C ILE G 59 0.99 17.94 63.73
N GLY G 60 1.77 18.73 64.47
CA GLY G 60 1.50 19.11 65.86
C GLY G 60 0.12 19.76 66.03
N MET G 61 -0.38 20.43 65.00
CA MET G 61 -1.70 21.12 65.02
C MET G 61 -2.84 20.10 65.15
N LEU G 62 -2.67 18.90 64.58
CA LEU G 62 -3.74 17.87 64.49
C LEU G 62 -3.81 17.09 65.81
N ILE G 63 -2.67 16.85 66.46
CA ILE G 63 -2.56 16.03 67.69
C ILE G 63 -2.49 16.93 68.93
N GLY G 64 -2.07 18.18 68.77
CA GLY G 64 -2.09 19.20 69.84
C GLY G 64 -0.91 19.07 70.78
N THR G 65 0.30 19.26 70.27
CA THR G 65 1.55 19.37 71.08
C THR G 65 1.52 20.69 71.81
N PRO G 66 2.09 20.78 73.04
CA PRO G 66 2.21 22.06 73.75
C PRO G 66 2.64 23.25 72.87
N ALA G 67 3.74 23.07 72.11
CA ALA G 67 4.32 24.10 71.22
C ALA G 67 3.28 24.64 70.24
N CYS G 68 2.19 23.88 69.99
CA CYS G 68 1.18 24.19 68.95
C CYS G 68 -0.14 24.64 69.57
N ASP G 69 -0.17 24.99 70.86
CA ASP G 69 -1.41 25.29 71.63
C ASP G 69 -2.19 26.46 71.01
N LEU G 70 -1.49 27.41 70.39
CA LEU G 70 -2.10 28.63 69.78
C LEU G 70 -2.50 28.37 68.32
N HIS G 71 -2.33 27.14 67.81
CA HIS G 71 -2.52 26.79 66.37
C HIS G 71 -3.41 25.55 66.22
N LEU G 72 -4.24 25.22 67.22
CA LEU G 72 -5.12 24.03 67.21
C LEU G 72 -6.28 24.21 66.22
N THR G 73 -6.66 25.46 65.96
CA THR G 73 -7.71 25.85 64.96
C THR G 73 -7.27 27.13 64.26
N GLY G 74 -7.97 27.51 63.21
CA GLY G 74 -7.74 28.79 62.51
C GLY G 74 -8.08 28.72 61.04
N THR G 75 -8.03 29.87 60.38
CA THR G 75 -8.13 30.04 58.91
C THR G 75 -6.91 30.85 58.46
N TRP G 76 -6.48 30.63 57.22
CA TRP G 76 -5.31 31.32 56.63
C TRP G 76 -5.32 31.09 55.12
N ASP G 77 -4.70 32.00 54.37
CA ASP G 77 -4.42 31.83 52.92
C ASP G 77 -2.95 31.44 52.75
N THR G 78 -2.14 31.58 53.82
CA THR G 78 -0.68 31.31 53.82
C THR G 78 -0.25 30.72 55.17
N LEU G 79 0.47 29.60 55.15
CA LEU G 79 0.99 28.89 56.36
C LEU G 79 2.51 28.79 56.25
N ILE G 80 3.24 29.29 57.26
CA ILE G 80 4.74 29.34 57.27
C ILE G 80 5.25 28.31 58.28
N GLU G 81 5.99 27.31 57.80
CA GLU G 81 6.65 26.26 58.62
C GLU G 81 8.14 26.61 58.75
N ARG G 82 8.75 26.32 59.90
CA ARG G 82 10.14 26.72 60.23
C ARG G 82 11.00 25.46 60.46
N LYS G 83 12.32 25.66 60.55
CA LYS G 83 13.34 24.60 60.70
C LYS G 83 13.31 24.07 62.14
N ASN G 84 13.41 22.75 62.31
CA ASN G 84 13.49 22.05 63.63
C ASN G 84 12.21 22.27 64.44
N ALA G 85 11.09 22.51 63.76
CA ALA G 85 9.75 22.65 64.39
C ALA G 85 9.39 21.33 65.09
N ILE G 86 8.76 21.41 66.26
CA ILE G 86 8.42 20.24 67.12
C ILE G 86 7.03 19.73 66.73
N ALA G 87 6.92 18.42 66.49
CA ALA G 87 5.67 17.68 66.21
C ALA G 87 5.33 16.76 67.39
N TYR G 88 6.32 16.09 67.96
CA TYR G 88 6.16 15.03 69.00
C TYR G 88 6.93 15.43 70.26
N CYS G 89 6.23 15.63 71.38
CA CYS G 89 6.85 15.82 72.72
C CYS G 89 7.35 14.46 73.22
N TYR G 90 6.49 13.45 73.22
CA TYR G 90 6.81 12.03 73.57
C TYR G 90 7.43 11.36 72.34
N PRO G 91 8.52 10.58 72.50
CA PRO G 91 9.22 10.00 71.36
C PRO G 91 8.33 9.08 70.51
N GLY G 92 8.49 9.16 69.19
CA GLY G 92 7.68 8.41 68.20
C GLY G 92 7.59 9.15 66.88
N ALA G 93 6.90 8.57 65.90
CA ALA G 93 6.76 9.12 64.52
C ALA G 93 5.37 8.85 63.97
N THR G 94 5.06 9.43 62.80
CA THR G 94 3.79 9.25 62.07
C THR G 94 4.06 8.43 60.80
N VAL G 95 3.27 7.39 60.56
CA VAL G 95 3.28 6.62 59.28
C VAL G 95 2.71 7.55 58.20
N ASN G 96 3.36 7.63 57.03
CA ASN G 96 2.98 8.54 55.92
C ASN G 96 3.10 10.00 56.40
N GLU G 97 4.18 10.31 57.12
CA GLU G 97 4.45 11.63 57.74
C GLU G 97 4.40 12.75 56.68
N GLU G 98 5.14 12.56 55.58
CA GLU G 98 5.36 13.63 54.56
C GLU G 98 4.05 13.90 53.80
N ALA G 99 3.23 12.86 53.57
CA ALA G 99 1.92 12.96 52.90
C ALA G 99 0.99 13.85 53.73
N LEU G 100 0.94 13.59 55.04
CA LEU G 100 0.11 14.35 56.01
C LEU G 100 0.58 15.81 56.04
N ARG G 101 1.88 16.03 56.17
CA ARG G 101 2.48 17.40 56.25
C ARG G 101 2.09 18.20 55.01
N GLN G 102 2.22 17.60 53.82
CA GLN G 102 1.93 18.26 52.52
C GLN G 102 0.44 18.62 52.46
N LYS G 103 -0.43 17.76 52.98
CA LYS G 103 -1.91 17.95 52.98
C LYS G 103 -2.29 19.15 53.86
N ILE G 104 -1.67 19.28 55.03
CA ILE G 104 -1.91 20.42 55.98
C ILE G 104 -1.38 21.72 55.35
N MET G 105 -0.17 21.68 54.81
CA MET G 105 0.52 22.85 54.20
C MET G 105 -0.23 23.34 52.96
N GLU G 106 -1.05 22.48 52.35
CA GLU G 106 -1.89 22.80 51.16
C GLU G 106 -3.22 23.45 51.59
N SER G 107 -3.64 23.23 52.85
CA SER G 107 -4.95 23.64 53.40
C SER G 107 -5.00 25.16 53.61
N GLY G 108 -6.21 25.70 53.80
CA GLY G 108 -6.48 27.12 54.11
C GLY G 108 -7.08 27.31 55.50
N GLY G 109 -6.88 26.33 56.39
CA GLY G 109 -7.40 26.39 57.77
C GLY G 109 -7.66 25.01 58.34
N ILE G 110 -7.87 24.94 59.66
CA ILE G 110 -8.19 23.70 60.42
C ILE G 110 -9.33 24.02 61.39
N SER G 111 -10.35 23.16 61.37
CA SER G 111 -11.47 23.13 62.36
C SER G 111 -11.40 21.78 63.09
N LYS G 112 -11.81 21.77 64.36
CA LYS G 112 -11.81 20.56 65.23
C LYS G 112 -13.26 20.16 65.52
N ILE G 113 -13.50 18.85 65.55
CA ILE G 113 -14.83 18.24 65.88
C ILE G 113 -14.61 17.22 66.99
N ASN G 114 -15.42 17.27 68.06
CA ASN G 114 -15.36 16.33 69.21
C ASN G 114 -15.78 14.94 68.70
N THR G 115 -15.07 13.90 69.13
CA THR G 115 -15.38 12.49 68.76
C THR G 115 -16.56 12.02 69.63
N GLY G 116 -16.62 12.50 70.88
CA GLY G 116 -17.66 12.15 71.86
C GLY G 116 -17.33 10.85 72.60
N PHE G 117 -16.12 10.31 72.38
CA PHE G 117 -15.66 9.00 72.91
C PHE G 117 -15.71 9.05 74.44
N THR G 118 -16.43 8.10 75.05
CA THR G 118 -16.55 7.90 76.53
C THR G 118 -15.99 6.52 76.86
N TYR G 119 -15.53 6.34 78.11
CA TYR G 119 -14.83 5.11 78.57
C TYR G 119 -15.39 4.68 79.93
N GLY G 120 -15.32 3.38 80.22
CA GLY G 120 -15.75 2.79 81.50
C GLY G 120 -14.95 3.34 82.67
N SER G 121 -15.43 3.14 83.90
CA SER G 121 -14.78 3.57 85.16
C SER G 121 -13.50 2.75 85.40
N SER G 122 -13.36 1.60 84.73
CA SER G 122 -12.17 0.71 84.76
C SER G 122 -11.03 1.28 83.90
N ILE G 123 -11.25 2.40 83.21
CA ILE G 123 -10.25 3.08 82.32
C ILE G 123 -9.94 4.48 82.88
N ASN G 124 -8.66 4.85 82.88
CA ASN G 124 -8.15 6.21 83.18
C ASN G 124 -7.79 6.88 81.85
N SER G 125 -8.54 7.91 81.46
CA SER G 125 -8.40 8.63 80.17
C SER G 125 -7.38 9.78 80.28
N ALA G 126 -6.97 10.13 81.51
CA ALA G 126 -6.14 11.32 81.82
C ALA G 126 -4.67 10.94 82.03
N GLY G 127 -4.19 9.90 81.32
CA GLY G 127 -2.76 9.51 81.30
C GLY G 127 -1.90 10.64 80.76
N THR G 128 -0.85 11.02 81.51
CA THR G 128 0.04 12.18 81.20
C THR G 128 1.49 11.71 81.16
N THR G 129 2.42 12.61 80.84
CA THR G 129 3.89 12.32 80.79
C THR G 129 4.69 13.61 81.02
N LYS G 130 5.95 13.48 81.40
CA LYS G 130 6.90 14.60 81.67
C LYS G 130 7.47 15.13 80.35
N ALA G 131 7.35 14.36 79.26
CA ALA G 131 7.82 14.75 77.91
C ALA G 131 6.99 15.94 77.40
N CYS G 132 5.69 15.97 77.70
CA CYS G 132 4.70 16.97 77.23
C CYS G 132 4.30 17.88 78.40
N MET G 133 5.15 18.86 78.73
CA MET G 133 4.96 19.79 79.87
C MET G 133 4.02 20.92 79.45
N ARG G 134 3.08 21.29 80.32
CA ARG G 134 2.11 22.40 80.12
C ARG G 134 1.79 23.03 81.48
N ASN G 135 2.09 24.33 81.64
CA ASN G 135 1.98 25.10 82.91
C ASN G 135 2.90 24.48 83.98
N GLY G 136 4.10 24.02 83.57
CA GLY G 136 5.13 23.47 84.47
C GLY G 136 4.85 22.03 84.89
N GLY G 137 3.61 21.54 84.71
CA GLY G 137 3.17 20.21 85.17
C GLY G 137 2.99 19.23 84.02
N ASN G 138 3.11 17.93 84.31
CA ASN G 138 2.96 16.81 83.34
C ASN G 138 1.61 16.95 82.63
N SER G 139 1.58 16.68 81.32
CA SER G 139 0.39 16.80 80.43
C SER G 139 0.48 15.78 79.30
N PHE G 140 -0.39 15.92 78.29
CA PHE G 140 -0.44 15.05 77.09
C PHE G 140 -0.95 15.86 75.89
N TYR G 141 -0.87 15.26 74.69
CA TYR G 141 -1.40 15.81 73.42
C TYR G 141 -2.85 16.23 73.64
N ALA G 142 -3.18 17.49 73.32
CA ALA G 142 -4.49 18.14 73.61
C ALA G 142 -5.65 17.39 72.93
N GLU G 143 -5.41 16.80 71.76
CA GLU G 143 -6.48 16.25 70.88
C GLU G 143 -6.56 14.72 71.02
N LEU G 144 -5.73 14.14 71.89
CA LEU G 144 -5.67 12.67 72.11
C LEU G 144 -5.76 12.40 73.62
N LYS G 145 -6.15 11.17 73.97
CA LYS G 145 -6.24 10.72 75.39
C LYS G 145 -5.50 9.38 75.52
N TRP G 146 -4.59 9.31 76.48
CA TRP G 146 -3.82 8.08 76.82
C TRP G 146 -4.68 7.21 77.75
N LEU G 147 -5.26 6.14 77.20
CA LEU G 147 -6.15 5.20 77.94
C LEU G 147 -5.29 4.16 78.64
N VAL G 148 -5.39 4.08 79.97
CA VAL G 148 -4.65 3.12 80.83
C VAL G 148 -5.63 2.53 81.84
N SER G 149 -5.38 1.30 82.33
CA SER G 149 -6.14 0.64 83.41
C SER G 149 -6.12 1.53 84.66
N LYS G 150 -7.27 1.72 85.32
CA LYS G 150 -7.42 2.56 86.54
C LYS G 150 -6.57 1.99 87.67
N ASN G 151 -6.56 0.66 87.82
CA ASN G 151 -5.78 -0.08 88.86
C ASN G 151 -4.56 -0.72 88.19
N LYS G 152 -3.34 -0.38 88.66
CA LYS G 152 -2.04 -0.87 88.15
C LYS G 152 -2.06 -2.41 88.09
N GLY G 153 -1.69 -2.99 86.94
CA GLY G 153 -1.55 -4.45 86.77
C GLY G 153 -2.81 -5.11 86.23
N GLN G 154 -3.99 -4.51 86.45
CA GLN G 154 -5.31 -5.09 86.09
C GLN G 154 -5.52 -5.05 84.57
N ASN G 155 -6.26 -6.02 84.04
CA ASN G 155 -6.62 -6.16 82.60
C ASN G 155 -7.44 -4.95 82.15
N PHE G 156 -7.00 -4.29 81.08
CA PHE G 156 -7.72 -3.19 80.38
C PHE G 156 -8.94 -3.79 79.67
N PRO G 157 -10.17 -3.29 79.92
CA PRO G 157 -11.38 -3.92 79.37
C PRO G 157 -11.55 -3.74 77.85
N GLN G 158 -12.13 -4.73 77.19
CA GLN G 158 -12.44 -4.71 75.72
C GLN G 158 -13.43 -3.58 75.45
N THR G 159 -12.96 -2.51 74.79
CA THR G 159 -13.73 -1.26 74.53
C THR G 159 -13.94 -1.08 73.03
N THR G 160 -15.09 -0.52 72.65
CA THR G 160 -15.45 -0.16 71.25
C THR G 160 -15.90 1.29 71.23
N ASN G 161 -15.22 2.13 70.44
CA ASN G 161 -15.58 3.55 70.19
C ASN G 161 -15.72 3.75 68.67
N THR G 162 -16.76 4.46 68.25
CA THR G 162 -17.11 4.70 66.83
C THR G 162 -17.38 6.19 66.61
N TYR G 163 -16.66 6.83 65.68
CA TYR G 163 -16.88 8.23 65.25
C TYR G 163 -17.60 8.23 63.90
N ARG G 164 -18.73 8.95 63.80
CA ARG G 164 -19.47 9.15 62.53
C ARG G 164 -19.18 10.56 62.00
N ASN G 165 -18.86 10.68 60.71
CA ASN G 165 -18.69 11.98 60.00
C ASN G 165 -20.10 12.49 59.65
N ALA G 166 -20.63 13.40 60.47
CA ALA G 166 -21.96 14.02 60.30
C ALA G 166 -21.90 15.20 59.31
N ASP G 167 -20.70 15.63 58.94
CA ASP G 167 -20.43 16.82 58.09
C ASP G 167 -20.63 16.46 56.61
N THR G 168 -20.47 17.44 55.71
CA THR G 168 -20.61 17.29 54.23
C THR G 168 -19.23 17.38 53.56
N ALA G 169 -18.15 17.11 54.32
CA ALA G 169 -16.75 17.12 53.84
C ALA G 169 -15.93 16.11 54.63
N GLU G 170 -14.85 15.60 54.05
CA GLU G 170 -13.97 14.56 54.64
C GLU G 170 -13.29 15.12 55.90
N HIS G 171 -13.22 14.31 56.95
CA HIS G 171 -12.53 14.61 58.24
C HIS G 171 -11.26 13.77 58.34
N LEU G 172 -10.21 14.33 58.95
CA LEU G 172 -8.90 13.67 59.14
C LEU G 172 -8.80 13.21 60.59
N ILE G 173 -8.94 11.91 60.83
CA ILE G 173 -8.84 11.31 62.19
C ILE G 173 -7.43 10.74 62.37
N MET G 174 -6.77 11.10 63.48
CA MET G 174 -5.45 10.58 63.90
C MET G 174 -5.60 9.82 65.21
N TRP G 175 -4.79 8.78 65.40
CA TRP G 175 -4.71 8.00 66.66
C TRP G 175 -3.28 7.55 66.87
N GLY G 176 -2.94 7.19 68.11
CA GLY G 176 -1.60 6.70 68.47
C GLY G 176 -1.67 5.27 69.00
N ILE G 177 -0.60 4.50 68.78
CA ILE G 177 -0.38 3.16 69.37
C ILE G 177 0.85 3.26 70.27
N HIS G 178 0.69 3.04 71.58
CA HIS G 178 1.81 3.02 72.56
C HIS G 178 2.55 1.69 72.45
N HIS G 179 3.86 1.73 72.21
CA HIS G 179 4.76 0.55 72.26
C HIS G 179 5.66 0.68 73.49
N PRO G 180 5.32 0.03 74.62
CA PRO G 180 6.22 0.01 75.78
C PRO G 180 7.49 -0.83 75.47
N SER G 181 8.54 -0.63 76.26
CA SER G 181 9.92 -1.15 76.01
C SER G 181 10.16 -2.48 76.72
N SER G 182 9.33 -2.82 77.71
CA SER G 182 9.44 -4.05 78.53
C SER G 182 8.06 -4.67 78.75
N THR G 183 8.05 -5.98 79.02
CA THR G 183 6.83 -6.78 79.35
C THR G 183 6.27 -6.30 80.69
N GLN G 184 7.14 -5.85 81.60
CA GLN G 184 6.77 -5.36 82.96
C GLN G 184 5.93 -4.07 82.82
N GLU G 185 6.40 -3.12 82.01
CA GLU G 185 5.73 -1.83 81.72
C GLU G 185 4.33 -2.09 81.16
N LYS G 186 4.22 -2.97 80.17
CA LYS G 186 2.96 -3.32 79.45
C LYS G 186 1.94 -3.88 80.45
N ASN G 187 2.38 -4.77 81.35
CA ASN G 187 1.51 -5.44 82.35
C ASN G 187 0.93 -4.39 83.32
N ASP G 188 1.73 -3.39 83.71
CA ASP G 188 1.35 -2.33 84.68
C ASP G 188 0.21 -1.48 84.09
N LEU G 189 0.31 -1.12 82.80
CA LEU G 189 -0.60 -0.13 82.15
C LEU G 189 -1.87 -0.81 81.63
N TYR G 190 -1.75 -1.89 80.84
CA TYR G 190 -2.90 -2.51 80.11
C TYR G 190 -3.13 -3.97 80.50
N GLY G 191 -2.40 -4.50 81.50
CA GLY G 191 -2.63 -5.85 82.05
C GLY G 191 -1.86 -6.93 81.30
N THR G 192 -2.06 -8.19 81.71
CA THR G 192 -1.22 -9.36 81.34
C THR G 192 -1.71 -9.98 80.01
N GLN G 193 -2.94 -9.68 79.58
CA GLN G 193 -3.59 -10.28 78.38
C GLN G 193 -2.81 -9.91 77.11
N SER G 194 -3.12 -10.56 75.99
CA SER G 194 -2.57 -10.26 74.63
C SER G 194 -3.26 -9.01 74.08
N LEU G 195 -2.49 -7.98 73.69
CA LEU G 195 -3.01 -6.66 73.25
C LEU G 195 -3.23 -6.67 71.73
N SER G 196 -4.39 -6.17 71.29
CA SER G 196 -4.78 -6.00 69.86
C SER G 196 -5.66 -4.75 69.72
N ILE G 197 -5.28 -3.84 68.82
CA ILE G 197 -6.07 -2.63 68.46
C ILE G 197 -6.49 -2.75 67.00
N SER G 198 -7.80 -2.81 66.74
CA SER G 198 -8.39 -2.89 65.39
C SER G 198 -9.05 -1.54 65.05
N VAL G 199 -8.82 -1.06 63.83
CA VAL G 199 -9.44 0.18 63.28
C VAL G 199 -10.08 -0.19 61.94
N GLY G 200 -11.37 0.14 61.76
CA GLY G 200 -12.15 -0.20 60.57
C GLY G 200 -13.10 0.91 60.19
N SER G 201 -13.13 1.26 58.90
CA SER G 201 -14.11 2.18 58.27
C SER G 201 -14.67 1.47 57.02
N SER G 202 -15.34 2.22 56.14
CA SER G 202 -15.80 1.74 54.81
C SER G 202 -14.58 1.48 53.92
N THR G 203 -13.63 2.42 53.89
CA THR G 203 -12.52 2.49 52.90
C THR G 203 -11.17 2.20 53.56
N TYR G 204 -11.12 2.00 54.88
CA TYR G 204 -9.87 1.75 55.65
C TYR G 204 -10.11 0.63 56.66
N LYS G 205 -9.07 -0.20 56.86
CA LYS G 205 -9.07 -1.32 57.84
C LYS G 205 -7.61 -1.63 58.18
N ASN G 206 -7.32 -1.95 59.43
CA ASN G 206 -5.93 -2.21 59.90
C ASN G 206 -5.97 -2.77 61.34
N ASN G 207 -4.93 -3.52 61.70
CA ASN G 207 -4.71 -4.06 63.09
C ASN G 207 -3.31 -3.61 63.53
N PHE G 208 -3.16 -3.29 64.82
CA PHE G 208 -1.89 -2.84 65.44
C PHE G 208 -1.66 -3.63 66.74
N VAL G 209 -0.45 -4.18 66.90
CA VAL G 209 -0.02 -4.94 68.11
C VAL G 209 1.14 -4.19 68.75
N PRO G 210 0.98 -3.66 69.99
CA PRO G 210 2.08 -3.03 70.71
C PRO G 210 3.37 -3.86 70.73
N VAL G 211 4.51 -3.20 70.52
CA VAL G 211 5.87 -3.81 70.51
C VAL G 211 6.81 -2.94 71.36
N PRO G 216 16.07 1.94 72.04
CA PRO G 216 16.99 3.07 72.35
C PRO G 216 16.29 4.25 73.04
N GLN G 217 16.92 4.81 74.08
CA GLN G 217 16.29 5.73 75.05
C GLN G 217 16.29 7.15 74.46
N VAL G 218 15.20 7.89 74.63
CA VAL G 218 15.07 9.35 74.31
C VAL G 218 14.55 10.03 75.59
N ASN G 219 15.39 10.83 76.24
CA ASN G 219 15.15 11.39 77.60
C ASN G 219 14.98 10.24 78.60
N GLY G 220 15.77 9.18 78.43
CA GLY G 220 15.81 8.01 79.34
C GLY G 220 14.57 7.13 79.25
N LEU G 221 13.88 7.15 78.10
CA LEU G 221 12.61 6.40 77.87
C LEU G 221 12.65 5.70 76.51
N SER G 222 12.52 4.37 76.52
CA SER G 222 12.49 3.50 75.31
C SER G 222 11.04 3.35 74.82
N GLY G 223 10.06 3.82 75.59
CA GLY G 223 8.63 3.93 75.22
C GLY G 223 8.42 4.75 73.97
N ARG G 224 7.43 4.38 73.14
CA ARG G 224 7.23 4.98 71.79
C ARG G 224 5.71 5.09 71.59
N ILE G 225 5.22 6.24 71.11
CA ILE G 225 3.83 6.40 70.60
C ILE G 225 3.92 6.73 69.12
N ASP G 226 3.58 5.76 68.26
CA ASP G 226 3.54 5.94 66.79
CA ASP G 226 3.54 5.94 66.79
C ASP G 226 2.13 6.36 66.38
N PHE G 227 2.03 7.35 65.49
CA PHE G 227 0.75 7.95 65.05
C PHE G 227 0.38 7.39 63.68
N HIS G 228 -0.92 7.12 63.50
CA HIS G 228 -1.55 6.69 62.23
C HIS G 228 -2.67 7.68 61.92
N TRP G 229 -3.12 7.73 60.66
CA TRP G 229 -4.19 8.64 60.22
C TRP G 229 -4.88 8.10 58.97
N THR G 230 -6.14 8.44 58.81
CA THR G 230 -6.96 8.16 57.59
C THR G 230 -7.98 9.29 57.45
N LEU G 231 -8.56 9.42 56.25
CA LEU G 231 -9.70 10.31 55.98
C LEU G 231 -10.99 9.50 56.14
N VAL G 232 -11.97 10.05 56.88
CA VAL G 232 -13.34 9.47 56.99
C VAL G 232 -14.28 10.33 56.14
N GLN G 233 -14.88 9.74 55.11
CA GLN G 233 -15.72 10.44 54.11
C GLN G 233 -17.07 10.79 54.75
N PRO G 234 -17.81 11.78 54.20
CA PRO G 234 -19.12 12.17 54.74
C PRO G 234 -20.10 10.99 54.86
N GLY G 235 -20.74 10.85 56.03
CA GLY G 235 -21.75 9.82 56.31
C GLY G 235 -21.14 8.51 56.78
N ASP G 236 -19.84 8.30 56.55
CA ASP G 236 -19.10 7.08 56.91
C ASP G 236 -18.72 7.14 58.40
N LYS G 237 -18.54 5.97 59.03
CA LYS G 237 -18.13 5.81 60.44
C LYS G 237 -16.76 5.13 60.47
N ILE G 238 -16.01 5.30 61.56
CA ILE G 238 -14.71 4.59 61.83
C ILE G 238 -14.77 4.04 63.25
N THR G 239 -14.50 2.74 63.40
CA THR G 239 -14.68 1.97 64.67
C THR G 239 -13.30 1.55 65.20
N PHE G 240 -13.02 1.88 66.46
CA PHE G 240 -11.82 1.48 67.22
C PHE G 240 -12.21 0.36 68.19
N SER G 241 -11.70 -0.85 67.97
CA SER G 241 -11.77 -2.01 68.90
C SER G 241 -10.37 -2.22 69.51
N HIS G 242 -10.24 -2.09 70.82
CA HIS G 242 -8.95 -2.10 71.55
C HIS G 242 -9.12 -2.75 72.93
N ASN G 243 -8.06 -3.42 73.41
CA ASN G 243 -7.97 -3.99 74.78
C ASN G 243 -6.73 -3.41 75.49
N GLY G 244 -6.37 -2.16 75.15
CA GLY G 244 -5.24 -1.42 75.74
C GLY G 244 -4.14 -1.16 74.71
N GLY G 245 -3.48 0.00 74.81
CA GLY G 245 -2.37 0.42 73.92
C GLY G 245 -2.78 1.53 72.96
N LEU G 246 -4.08 1.75 72.79
CA LEU G 246 -4.62 2.82 71.88
C LEU G 246 -4.51 4.18 72.59
N ILE G 247 -3.91 5.15 71.90
CA ILE G 247 -4.03 6.61 72.20
C ILE G 247 -5.17 7.15 71.32
N ALA G 248 -6.34 7.39 71.94
CA ALA G 248 -7.63 7.60 71.26
C ALA G 248 -7.85 9.08 71.00
N PRO G 249 -8.43 9.46 69.83
CA PRO G 249 -8.72 10.85 69.53
C PRO G 249 -9.94 11.38 70.30
N SER G 250 -9.79 12.52 70.98
CA SER G 250 -10.88 13.28 71.63
C SER G 250 -11.47 14.27 70.60
N ARG G 251 -10.64 14.74 69.66
CA ARG G 251 -11.09 15.60 68.54
C ARG G 251 -10.50 15.07 67.22
N VAL G 252 -11.26 15.17 66.14
CA VAL G 252 -10.80 14.94 64.73
C VAL G 252 -10.63 16.31 64.07
N SER G 253 -9.88 16.38 62.98
CA SER G 253 -9.56 17.62 62.25
C SER G 253 -10.33 17.66 60.93
N LYS G 254 -10.60 18.88 60.45
CA LYS G 254 -11.16 19.15 59.10
C LYS G 254 -10.29 20.22 58.45
N LEU G 255 -9.75 19.94 57.27
CA LEU G 255 -8.94 20.92 56.48
C LEU G 255 -9.90 21.76 55.63
N ILE G 256 -9.81 23.08 55.76
CA ILE G 256 -10.75 24.07 55.15
C ILE G 256 -10.06 24.72 53.95
N GLY G 257 -10.67 24.60 52.76
CA GLY G 257 -10.24 25.29 51.53
C GLY G 257 -8.80 25.02 51.18
N ARG G 258 -8.14 26.01 50.55
CA ARG G 258 -6.77 25.91 49.99
C ARG G 258 -5.96 27.11 50.47
N GLY G 259 -4.63 26.94 50.57
CA GLY G 259 -3.69 27.99 50.96
C GLY G 259 -2.29 27.66 50.47
N LEU G 260 -1.36 28.62 50.56
CA LEU G 260 0.04 28.48 50.09
C LEU G 260 0.94 28.13 51.29
N GLY G 261 1.67 27.02 51.19
CA GLY G 261 2.59 26.53 52.23
C GLY G 261 4.02 26.95 51.92
N ILE G 262 4.60 27.78 52.78
CA ILE G 262 6.02 28.23 52.67
C ILE G 262 6.83 27.51 53.75
N GLN G 263 7.98 26.94 53.38
CA GLN G 263 9.07 26.49 54.28
C GLN G 263 10.22 27.48 54.13
N SER G 264 10.42 28.38 55.09
CA SER G 264 11.39 29.50 55.02
C SER G 264 11.96 29.78 56.42
N GLU G 265 13.18 30.32 56.47
CA GLU G 265 13.87 30.75 57.72
C GLU G 265 13.74 32.27 57.88
N ALA G 266 13.21 32.97 56.87
CA ALA G 266 13.16 34.45 56.79
C ALA G 266 12.12 35.01 57.75
N PRO G 267 12.38 36.14 58.43
CA PRO G 267 11.40 36.77 59.32
C PRO G 267 10.25 37.45 58.56
N ILE G 268 9.08 37.57 59.19
CA ILE G 268 7.86 38.19 58.59
C ILE G 268 8.04 39.71 58.53
N ASP G 269 7.51 40.32 57.45
CA ASP G 269 7.37 41.79 57.25
C ASP G 269 5.96 42.04 56.71
N ASN G 270 5.10 42.73 57.50
CA ASN G 270 3.67 42.96 57.16
C ASN G 270 3.51 44.27 56.38
N SER G 271 4.61 44.94 55.99
CA SER G 271 4.60 46.23 55.27
C SER G 271 4.62 46.02 53.76
N CYS G 272 5.47 45.11 53.26
CA CYS G 272 5.65 44.81 51.80
C CYS G 272 4.68 43.71 51.36
N GLU G 273 4.33 43.70 50.07
CA GLU G 273 3.46 42.69 49.43
C GLU G 273 4.32 41.83 48.48
N SER G 274 3.94 40.56 48.29
CA SER G 274 4.62 39.59 47.39
C SER G 274 3.65 38.48 47.01
N LYS G 275 3.89 37.84 45.85
CA LYS G 275 3.12 36.66 45.37
C LYS G 275 4.05 35.46 45.17
N CYS G 276 5.36 35.62 45.40
CA CYS G 276 6.41 34.61 45.13
C CYS G 276 7.36 34.51 46.34
N PHE G 277 7.63 33.30 46.81
CA PHE G 277 8.43 33.02 48.03
C PHE G 277 9.36 31.83 47.79
N TRP G 278 10.47 31.79 48.53
CA TRP G 278 11.43 30.65 48.58
C TRP G 278 12.06 30.59 49.98
N ARG G 279 12.85 29.55 50.26
CA ARG G 279 13.54 29.33 51.55
C ARG G 279 14.17 30.63 52.05
N GLY G 280 14.76 31.41 51.15
CA GLY G 280 15.58 32.60 51.47
C GLY G 280 14.77 33.87 51.62
N GLY G 281 13.49 33.90 51.21
CA GLY G 281 12.60 35.05 51.44
C GLY G 281 11.55 35.22 50.34
N SER G 282 11.30 36.46 49.92
CA SER G 282 10.27 36.85 48.93
C SER G 282 10.93 37.43 47.68
N ILE G 283 10.20 37.41 46.55
CA ILE G 283 10.65 37.95 45.22
C ILE G 283 9.55 38.87 44.67
N ASN G 284 9.80 40.18 44.63
CA ASN G 284 8.77 41.24 44.40
C ASN G 284 8.87 41.80 42.98
N THR G 285 9.83 41.34 42.18
CA THR G 285 10.18 41.93 40.86
C THR G 285 9.00 41.88 39.89
N ARG G 286 8.95 42.84 38.97
CA ARG G 286 8.03 42.85 37.80
C ARG G 286 8.67 42.07 36.65
N LEU G 287 9.96 41.73 36.76
CA LEU G 287 10.75 41.08 35.68
C LEU G 287 10.26 39.65 35.45
N PRO G 288 10.34 39.14 34.20
CA PRO G 288 9.82 37.82 33.84
C PRO G 288 10.68 36.62 34.28
N PHE G 289 11.98 36.83 34.50
CA PHE G 289 12.96 35.77 34.84
C PHE G 289 13.68 36.12 36.14
N GLN G 290 14.46 35.17 36.66
CA GLN G 290 14.96 35.14 38.06
C GLN G 290 16.03 34.05 38.16
N ASN G 291 17.16 34.32 38.83
CA ASN G 291 18.26 33.33 39.00
C ASN G 291 18.59 33.15 40.49
N LEU G 292 17.59 33.32 41.37
CA LEU G 292 17.74 33.19 42.84
C LEU G 292 17.67 31.70 43.24
N SER G 293 16.57 31.02 42.87
CA SER G 293 16.32 29.60 43.20
C SER G 293 15.37 28.95 42.19
N PRO G 294 15.60 27.68 41.82
CA PRO G 294 14.60 26.89 41.08
C PRO G 294 13.45 26.40 41.99
N ARG G 295 13.66 26.41 43.31
CA ARG G 295 12.65 26.01 44.34
C ARG G 295 11.91 27.26 44.82
N THR G 296 10.78 27.59 44.21
CA THR G 296 9.92 28.74 44.58
C THR G 296 8.47 28.25 44.67
N VAL G 297 7.60 29.04 45.33
CA VAL G 297 6.14 28.77 45.45
C VAL G 297 5.40 30.10 45.24
N GLY G 298 4.17 30.02 44.70
CA GLY G 298 3.32 31.19 44.41
C GLY G 298 3.30 31.51 42.93
N GLN G 299 3.02 32.77 42.58
CA GLN G 299 3.07 33.31 41.20
C GLN G 299 4.45 33.92 40.97
N CYS G 300 5.33 33.19 40.28
CA CYS G 300 6.80 33.40 40.29
C CYS G 300 7.33 33.70 38.89
N PRO G 301 8.36 34.58 38.77
CA PRO G 301 9.19 34.63 37.58
C PRO G 301 9.86 33.26 37.36
N LYS G 302 10.16 32.91 36.12
CA LYS G 302 10.73 31.59 35.77
C LYS G 302 12.23 31.60 36.07
N TYR G 303 12.74 30.51 36.66
CA TYR G 303 14.17 30.34 36.97
C TYR G 303 14.93 30.13 35.65
N VAL G 304 16.09 30.78 35.51
CA VAL G 304 16.98 30.67 34.32
C VAL G 304 18.43 30.57 34.81
N ASN G 305 19.26 29.77 34.13
CA ASN G 305 20.72 29.64 34.38
C ASN G 305 21.44 30.81 33.69
N LYS G 306 21.17 32.04 34.13
CA LYS G 306 21.67 33.28 33.48
C LYS G 306 21.80 34.39 34.52
N LYS G 307 22.98 35.01 34.63
CA LYS G 307 23.25 36.14 35.56
C LYS G 307 22.46 37.37 35.09
N SER G 308 22.59 37.72 33.80
CA SER G 308 22.04 38.96 33.20
C SER G 308 21.52 38.69 31.78
N LEU G 309 20.40 39.33 31.41
CA LEU G 309 19.87 39.40 30.02
C LEU G 309 19.35 40.82 29.76
N MET G 310 20.15 41.64 29.07
CA MET G 310 19.82 43.07 28.82
C MET G 310 18.93 43.17 27.57
N LEU G 311 17.75 43.79 27.73
CA LEU G 311 16.78 44.08 26.65
C LEU G 311 16.96 45.54 26.21
N ALA G 312 17.32 45.77 24.94
CA ALA G 312 17.55 47.11 24.35
C ALA G 312 16.25 47.92 24.42
N THR G 313 16.33 49.18 24.86
CA THR G 313 15.21 50.14 24.91
C THR G 313 15.59 51.41 24.12
N GLY G 314 16.57 51.29 23.22
CA GLY G 314 17.03 52.39 22.35
C GLY G 314 17.77 51.87 21.14
N MET G 315 18.00 52.76 20.16
CA MET G 315 18.70 52.46 18.88
C MET G 315 20.18 52.12 19.14
N ARG G 316 20.88 51.65 18.11
CA ARG G 316 22.35 51.52 18.07
C ARG G 316 22.97 52.84 18.54
N ASN G 317 23.97 52.78 19.40
CA ASN G 317 24.77 53.95 19.85
C ASN G 317 26.00 54.06 18.93
N VAL G 318 26.09 55.13 18.15
CA VAL G 318 27.22 55.42 17.23
C VAL G 318 27.76 56.79 17.59
N PRO G 319 28.79 56.86 18.47
CA PRO G 319 29.40 58.15 18.86
C PRO G 319 30.37 58.71 17.80
N GLU G 320 30.94 59.89 18.07
CA GLU G 320 31.96 60.58 17.24
C GLU G 320 33.37 60.28 17.80
N GLY H 1 23.22 47.89 9.11
CA GLY H 1 21.82 47.65 9.58
C GLY H 1 20.87 47.43 8.42
N LEU H 2 19.71 46.79 8.67
CA LEU H 2 18.74 46.38 7.63
C LEU H 2 18.39 47.56 6.72
N PHE H 3 18.11 48.74 7.29
CA PHE H 3 17.54 49.90 6.54
C PHE H 3 18.64 50.90 6.14
N GLY H 4 19.88 50.66 6.58
CA GLY H 4 21.10 51.29 6.00
C GLY H 4 21.30 52.75 6.42
N ALA H 5 20.50 53.27 7.37
CA ALA H 5 20.53 54.68 7.82
C ALA H 5 21.43 54.81 9.06
N ILE H 6 21.00 54.30 10.21
CA ILE H 6 21.78 54.36 11.49
C ILE H 6 22.92 53.35 11.39
N ALA H 7 24.14 53.78 11.75
CA ALA H 7 25.41 53.03 11.53
C ALA H 7 25.53 52.64 10.05
N GLY H 8 24.99 53.48 9.16
CA GLY H 8 24.98 53.30 7.70
C GLY H 8 25.39 54.57 6.99
N PHE H 9 24.53 55.15 6.16
CA PHE H 9 24.85 56.35 5.35
C PHE H 9 24.89 57.61 6.24
N ILE H 10 24.31 57.55 7.45
CA ILE H 10 24.50 58.58 8.52
C ILE H 10 25.70 58.14 9.37
N GLU H 11 26.81 58.88 9.28
CA GLU H 11 28.15 58.46 9.77
C GLU H 11 28.10 58.20 11.28
N ASN H 12 27.49 59.09 12.05
CA ASN H 12 27.45 58.98 13.53
C ASN H 12 26.22 59.69 14.08
N GLY H 13 25.96 59.53 15.38
CA GLY H 13 24.86 60.20 16.10
C GLY H 13 25.30 61.54 16.65
N TRP H 14 24.35 62.29 17.20
CA TRP H 14 24.54 63.65 17.78
C TRP H 14 24.34 63.60 19.29
N GLU H 15 25.43 63.65 20.07
CA GLU H 15 25.38 63.68 21.55
C GLU H 15 24.71 64.98 22.00
N GLY H 16 24.84 66.05 21.20
CA GLY H 16 24.27 67.38 21.47
C GLY H 16 22.76 67.42 21.37
N MET H 17 22.12 66.37 20.85
CA MET H 17 20.64 66.28 20.69
C MET H 17 20.04 65.48 21.85
N VAL H 18 19.36 66.18 22.77
CA VAL H 18 18.89 65.61 24.08
C VAL H 18 17.35 65.68 24.17
N ASP H 19 16.69 66.46 23.29
CA ASP H 19 15.22 66.72 23.36
C ASP H 19 14.47 65.84 22.34
N GLY H 20 15.13 64.83 21.75
CA GLY H 20 14.53 63.92 20.76
C GLY H 20 15.50 62.82 20.35
N TRP H 21 14.97 61.80 19.65
CA TRP H 21 15.71 60.62 19.14
C TRP H 21 16.22 60.92 17.73
N TYR H 22 15.36 61.52 16.90
CA TYR H 22 15.65 61.95 15.52
C TYR H 22 15.42 63.46 15.41
N GLY H 23 16.11 64.12 14.48
CA GLY H 23 15.88 65.54 14.20
C GLY H 23 16.73 66.07 13.06
N PHE H 24 16.74 67.39 12.92
CA PHE H 24 17.36 68.15 11.80
C PHE H 24 18.44 69.09 12.31
N ARG H 25 19.48 69.30 11.51
CA ARG H 25 20.44 70.44 11.59
C ARG H 25 20.45 71.12 10.23
N HIS H 26 20.42 72.45 10.18
CA HIS H 26 20.40 73.23 8.91
C HIS H 26 21.51 74.29 8.94
N GLN H 27 22.00 74.69 7.77
CA GLN H 27 22.89 75.87 7.55
C GLN H 27 22.26 76.70 6.42
N ASN H 28 22.03 77.99 6.67
CA ASN H 28 21.59 78.98 5.65
C ASN H 28 22.34 80.28 5.89
N ALA H 29 22.01 81.35 5.14
CA ALA H 29 22.58 82.70 5.28
C ALA H 29 22.50 83.16 6.74
N GLN H 30 21.31 83.06 7.35
CA GLN H 30 21.00 83.56 8.72
C GLN H 30 21.77 82.78 9.79
N GLY H 31 22.31 81.59 9.46
CA GLY H 31 23.19 80.82 10.35
C GLY H 31 22.78 79.36 10.48
N THR H 32 22.84 78.83 11.70
CA THR H 32 22.75 77.40 12.04
C THR H 32 21.56 77.17 12.99
N GLY H 33 20.99 75.96 12.98
CA GLY H 33 19.86 75.57 13.84
C GLY H 33 19.75 74.07 13.98
N GLN H 34 19.30 73.61 15.16
CA GLN H 34 18.98 72.20 15.48
C GLN H 34 17.52 72.13 15.95
N ALA H 35 16.84 71.02 15.67
CA ALA H 35 15.44 70.77 16.11
C ALA H 35 15.14 69.27 16.06
N ALA H 36 14.35 68.79 17.03
CA ALA H 36 13.93 67.37 17.14
C ALA H 36 12.63 67.16 16.36
N ASP H 37 12.49 66.00 15.70
CA ASP H 37 11.22 65.57 15.07
C ASP H 37 10.42 64.79 16.11
N TYR H 38 9.24 65.32 16.49
CA TYR H 38 8.39 64.76 17.57
C TYR H 38 7.77 63.44 17.08
N LYS H 39 7.14 63.45 15.90
CA LYS H 39 6.33 62.31 15.38
C LYS H 39 7.20 61.05 15.30
N SER H 40 8.40 61.14 14.71
CA SER H 40 9.31 59.98 14.51
C SER H 40 9.85 59.50 15.87
N THR H 41 10.23 60.42 16.75
CA THR H 41 10.74 60.11 18.11
C THR H 41 9.68 59.33 18.89
N GLN H 42 8.42 59.75 18.81
CA GLN H 42 7.30 59.18 19.61
C GLN H 42 6.94 57.80 19.04
N ALA H 43 6.94 57.65 17.72
CA ALA H 43 6.65 56.37 17.01
C ALA H 43 7.63 55.29 17.50
N ALA H 44 8.90 55.64 17.70
CA ALA H 44 9.96 54.73 18.15
C ALA H 44 9.76 54.37 19.63
N ILE H 45 9.50 55.38 20.48
CA ILE H 45 9.33 55.21 21.95
C ILE H 45 8.06 54.39 22.21
N ASP H 46 6.96 54.69 21.51
CA ASP H 46 5.65 54.00 21.67
C ASP H 46 5.81 52.51 21.34
N GLN H 47 6.63 52.17 20.34
CA GLN H 47 6.88 50.77 19.91
C GLN H 47 7.70 50.04 20.99
N ILE H 48 8.69 50.72 21.59
CA ILE H 48 9.54 50.15 22.66
C ILE H 48 8.72 49.98 23.95
N THR H 49 7.90 50.97 24.30
CA THR H 49 6.96 50.90 25.46
C THR H 49 6.05 49.68 25.28
N GLY H 50 5.61 49.43 24.04
CA GLY H 50 4.78 48.26 23.67
C GLY H 50 5.47 46.94 23.99
N LYS H 51 6.75 46.81 23.63
CA LYS H 51 7.56 45.59 23.90
C LYS H 51 7.67 45.36 25.41
N LEU H 52 7.98 46.41 26.17
CA LEU H 52 8.16 46.34 27.65
C LEU H 52 6.86 45.87 28.29
N ASN H 53 5.70 46.40 27.86
CA ASN H 53 4.36 46.01 28.38
C ASN H 53 4.16 44.50 28.21
N ARG H 54 4.65 43.94 27.10
CA ARG H 54 4.42 42.54 26.69
C ARG H 54 5.42 41.60 27.39
N ILE H 55 6.66 42.06 27.62
CA ILE H 55 7.78 41.20 28.12
C ILE H 55 7.90 41.30 29.64
N ILE H 56 7.79 42.50 30.21
CA ILE H 56 7.89 42.72 31.69
C ILE H 56 6.56 42.29 32.32
N LYS H 57 6.43 40.98 32.55
CA LYS H 57 5.18 40.28 32.93
C LYS H 57 5.53 38.85 33.39
N LYS H 58 4.72 38.30 34.29
CA LYS H 58 4.84 36.91 34.80
C LYS H 58 3.51 36.19 34.55
N THR H 59 3.47 34.87 34.63
CA THR H 59 2.19 34.09 34.58
C THR H 59 1.50 34.25 35.94
N ASN H 60 0.17 34.15 35.98
CA ASN H 60 -0.63 34.26 37.23
C ASN H 60 -0.89 32.85 37.79
N THR H 61 -0.24 31.83 37.23
CA THR H 61 -0.34 30.41 37.68
C THR H 61 0.27 30.29 39.08
N GLU H 62 -0.49 29.72 40.03
CA GLU H 62 -0.06 29.44 41.42
C GLU H 62 0.64 28.07 41.44
N PHE H 63 1.89 28.04 41.90
CA PHE H 63 2.71 26.80 42.05
C PHE H 63 2.89 26.47 43.53
N GLU H 64 2.66 25.21 43.88
CA GLU H 64 2.88 24.64 45.24
C GLU H 64 4.24 23.94 45.26
N SER H 65 4.73 23.59 46.45
CA SER H 65 5.99 22.82 46.66
C SER H 65 5.77 21.36 46.27
N ILE H 66 6.73 20.75 45.57
CA ILE H 66 6.75 19.29 45.25
C ILE H 66 7.98 18.62 45.90
N GLU H 67 8.97 19.40 46.35
CA GLU H 67 10.12 18.92 47.16
C GLU H 67 10.07 19.58 48.54
N SER H 68 10.21 18.78 49.61
CA SER H 68 10.36 19.26 51.00
C SER H 68 11.76 19.85 51.20
N GLU H 69 11.84 21.00 51.88
CA GLU H 69 13.11 21.70 52.21
C GLU H 69 13.80 21.00 53.40
N PHE H 70 13.02 20.46 54.34
CA PHE H 70 13.49 20.08 55.70
C PHE H 70 13.40 18.57 55.95
N SER H 71 12.93 17.79 54.97
CA SER H 71 12.83 16.30 55.06
C SER H 71 13.38 15.67 53.77
N GLU H 72 13.70 14.38 53.84
CA GLU H 72 14.25 13.55 52.74
C GLU H 72 13.08 13.00 51.91
N ILE H 73 13.14 13.13 50.59
CA ILE H 73 12.12 12.62 49.62
C ILE H 73 12.61 11.29 49.04
N ASP H 74 11.70 10.42 48.62
CA ASP H 74 12.02 9.13 47.93
C ASP H 74 13.02 9.42 46.80
N HIS H 75 14.07 8.61 46.69
CA HIS H 75 15.22 8.84 45.78
C HIS H 75 14.79 8.77 44.30
N GLN H 76 13.86 7.89 43.97
CA GLN H 76 13.41 7.66 42.57
C GLN H 76 12.58 8.86 42.07
N ILE H 77 11.58 9.29 42.84
CA ILE H 77 10.70 10.45 42.49
C ILE H 77 11.53 11.74 42.57
N GLY H 78 12.48 11.80 43.52
CA GLY H 78 13.44 12.90 43.65
C GLY H 78 14.26 13.09 42.37
N ASN H 79 14.72 11.99 41.77
CA ASN H 79 15.46 11.99 40.47
C ASN H 79 14.54 12.44 39.34
N VAL H 80 13.28 12.01 39.34
CA VAL H 80 12.26 12.41 38.32
C VAL H 80 12.02 13.92 38.42
N ILE H 81 11.81 14.43 39.64
CA ILE H 81 11.59 15.88 39.90
C ILE H 81 12.82 16.65 39.41
N ASN H 82 14.03 16.20 39.77
CA ASN H 82 15.30 16.88 39.39
C ASN H 82 15.42 16.93 37.87
N TRP H 83 15.08 15.85 37.17
CA TRP H 83 15.14 15.73 35.68
C TRP H 83 14.16 16.70 35.05
N THR H 84 12.93 16.77 35.57
CA THR H 84 11.82 17.61 35.04
C THR H 84 12.20 19.09 35.21
N LYS H 85 12.60 19.49 36.42
CA LYS H 85 12.94 20.90 36.75
C LYS H 85 14.12 21.38 35.90
N ASP H 86 15.17 20.55 35.75
CA ASP H 86 16.36 20.91 34.93
C ASP H 86 15.94 21.06 33.46
N SER H 87 15.04 20.20 32.99
CA SER H 87 14.50 20.24 31.60
C SER H 87 13.68 21.52 31.39
N ILE H 88 12.82 21.87 32.33
CA ILE H 88 11.97 23.10 32.30
C ILE H 88 12.89 24.33 32.34
N THR H 89 13.94 24.29 33.14
CA THR H 89 14.90 25.42 33.31
C THR H 89 15.67 25.62 32.01
N ASP H 90 16.05 24.53 31.33
CA ASP H 90 16.77 24.60 30.02
C ASP H 90 15.86 25.23 28.97
N ILE H 91 14.57 24.92 29.01
CA ILE H 91 13.57 25.50 28.06
C ILE H 91 13.45 27.00 28.32
N TRP H 92 13.24 27.41 29.58
CA TRP H 92 13.01 28.84 29.93
C TRP H 92 14.29 29.66 29.69
N THR H 93 15.47 29.09 29.94
CA THR H 93 16.78 29.75 29.71
C THR H 93 16.92 30.01 28.20
N TYR H 94 16.59 29.01 27.40
CA TYR H 94 16.65 29.09 25.91
C TYR H 94 15.66 30.15 25.42
N GLN H 95 14.41 30.08 25.89
CA GLN H 95 13.30 30.98 25.49
C GLN H 95 13.67 32.43 25.86
N ALA H 96 14.25 32.64 27.05
CA ALA H 96 14.67 33.96 27.56
C ALA H 96 15.76 34.53 26.65
N GLU H 97 16.82 33.76 26.39
CA GLU H 97 17.97 34.17 25.54
C GLU H 97 17.48 34.53 24.13
N LEU H 98 16.56 33.72 23.57
CA LEU H 98 16.05 33.90 22.19
C LEU H 98 15.15 35.14 22.14
N LEU H 99 14.20 35.26 23.08
CA LEU H 99 13.26 36.40 23.14
C LEU H 99 14.05 37.70 23.09
N VAL H 100 15.00 37.86 24.01
CA VAL H 100 15.77 39.12 24.20
C VAL H 100 16.63 39.37 22.95
N ALA H 101 17.31 38.34 22.46
CA ALA H 101 18.15 38.43 21.23
C ALA H 101 17.27 38.90 20.06
N MET H 102 16.12 38.26 19.86
CA MET H 102 15.17 38.54 18.76
C MET H 102 14.59 39.96 18.92
N GLU H 103 14.15 40.33 20.11
CA GLU H 103 13.57 41.68 20.40
C GLU H 103 14.63 42.76 20.17
N ASN H 104 15.85 42.54 20.65
CA ASN H 104 16.98 43.51 20.53
C ASN H 104 17.24 43.76 19.04
N GLN H 105 17.26 42.69 18.24
CA GLN H 105 17.42 42.76 16.76
C GLN H 105 16.31 43.64 16.18
N HIS H 106 15.06 43.42 16.59
CA HIS H 106 13.88 44.14 16.07
C HIS H 106 13.95 45.63 16.49
N THR H 107 14.26 45.91 17.76
CA THR H 107 14.36 47.29 18.32
C THR H 107 15.36 48.11 17.50
N ILE H 108 16.57 47.58 17.35
CA ILE H 108 17.69 48.22 16.59
C ILE H 108 17.23 48.52 15.16
N ASP H 109 16.58 47.56 14.50
CA ASP H 109 16.15 47.66 13.08
C ASP H 109 14.94 48.59 12.97
N MET H 110 13.99 48.51 13.91
CA MET H 110 12.79 49.39 13.94
C MET H 110 13.23 50.85 14.03
N ALA H 111 14.21 51.14 14.89
CA ALA H 111 14.78 52.49 15.10
C ALA H 111 15.47 52.98 13.82
N ASP H 112 16.19 52.08 13.14
CA ASP H 112 16.85 52.32 11.83
C ASP H 112 15.78 52.72 10.81
N SER H 113 14.65 52.02 10.80
CA SER H 113 13.56 52.21 9.80
C SER H 113 12.89 53.57 9.99
N GLU H 114 12.74 54.04 11.24
CA GLU H 114 12.10 55.35 11.55
C GLU H 114 13.00 56.49 11.05
N MET H 115 14.32 56.32 11.15
CA MET H 115 15.31 57.29 10.62
C MET H 115 15.14 57.36 9.10
N LEU H 116 15.15 56.21 8.43
CA LEU H 116 15.03 56.13 6.94
C LEU H 116 13.70 56.74 6.48
N ASN H 117 12.61 56.49 7.22
CA ASN H 117 11.24 56.95 6.84
C ASN H 117 11.17 58.48 6.90
N LEU H 118 11.85 59.11 7.88
CA LEU H 118 11.92 60.59 8.00
C LEU H 118 12.71 61.16 6.83
N TYR H 119 13.87 60.56 6.53
CA TYR H 119 14.75 60.91 5.39
C TYR H 119 13.95 60.89 4.08
N GLU H 120 13.18 59.82 3.86
CA GLU H 120 12.40 59.62 2.61
C GLU H 120 11.27 60.65 2.54
N ARG H 121 10.65 60.99 3.67
CA ARG H 121 9.55 61.99 3.76
C ARG H 121 10.07 63.34 3.27
N VAL H 122 11.27 63.74 3.74
CA VAL H 122 11.94 65.03 3.40
C VAL H 122 12.33 65.02 1.92
N ARG H 123 12.99 63.95 1.45
CA ARG H 123 13.43 63.81 0.04
C ARG H 123 12.23 64.11 -0.88
N LYS H 124 11.06 63.52 -0.58
CA LYS H 124 9.84 63.62 -1.43
C LYS H 124 9.25 65.03 -1.34
N GLN H 125 9.30 65.66 -0.16
CA GLN H 125 8.85 67.06 0.06
C GLN H 125 9.64 68.02 -0.85
N LEU H 126 10.97 67.94 -0.80
CA LEU H 126 11.91 68.86 -1.50
C LEU H 126 11.83 68.64 -3.02
N ARG H 127 11.39 67.45 -3.44
CA ARG H 127 11.11 67.12 -4.87
C ARG H 127 12.36 67.47 -5.69
N GLN H 128 12.29 68.41 -6.64
CA GLN H 128 13.41 68.73 -7.58
C GLN H 128 14.20 69.95 -7.10
N ASN H 129 13.92 70.47 -5.91
CA ASN H 129 14.53 71.72 -5.38
C ASN H 129 15.81 71.41 -4.59
N ALA H 130 16.14 70.13 -4.37
CA ALA H 130 17.30 69.69 -3.55
C ALA H 130 17.90 68.41 -4.13
N GLU H 131 19.13 68.09 -3.71
CA GLU H 131 19.87 66.86 -4.10
C GLU H 131 20.48 66.24 -2.84
N GLU H 132 20.67 64.92 -2.87
CA GLU H 132 21.20 64.14 -1.72
C GLU H 132 22.73 64.22 -1.73
N ASP H 133 23.32 64.53 -0.57
CA ASP H 133 24.79 64.62 -0.33
C ASP H 133 25.35 63.23 0.02
N GLY H 134 24.50 62.23 0.25
CA GLY H 134 24.89 60.83 0.48
C GLY H 134 25.25 60.53 1.93
N LYS H 135 25.35 61.56 2.78
CA LYS H 135 25.69 61.44 4.22
C LYS H 135 24.47 61.79 5.10
N GLY H 136 23.27 61.84 4.52
CA GLY H 136 22.02 62.10 5.24
C GLY H 136 21.57 63.56 5.13
N CYS H 137 22.31 64.39 4.39
CA CYS H 137 22.00 65.83 4.18
C CYS H 137 21.39 66.05 2.79
N PHE H 138 20.53 67.06 2.65
CA PHE H 138 20.02 67.57 1.35
C PHE H 138 20.61 68.95 1.09
N GLU H 139 21.34 69.13 -0.01
CA GLU H 139 21.79 70.45 -0.50
C GLU H 139 20.62 71.09 -1.25
N ILE H 140 20.10 72.20 -0.72
CA ILE H 140 18.91 72.94 -1.27
C ILE H 140 19.41 74.03 -2.22
N TYR H 141 18.90 74.05 -3.45
CA TYR H 141 19.38 74.92 -4.56
C TYR H 141 18.52 76.18 -4.66
N HIS H 142 18.22 76.82 -3.53
CA HIS H 142 17.52 78.13 -3.44
C HIS H 142 17.71 78.71 -2.04
N ALA H 143 17.65 80.04 -1.91
CA ALA H 143 17.65 80.75 -0.62
C ALA H 143 16.52 80.18 0.25
N CYS H 144 16.89 79.44 1.31
CA CYS H 144 15.94 78.82 2.26
C CYS H 144 16.21 79.40 3.65
N ASP H 145 15.36 80.36 4.08
CA ASP H 145 15.48 81.10 5.36
C ASP H 145 14.84 80.25 6.47
N ASP H 146 14.80 80.77 7.70
CA ASP H 146 14.36 80.02 8.91
C ASP H 146 12.88 79.63 8.79
N SER H 147 12.06 80.43 8.08
CA SER H 147 10.63 80.11 7.79
C SER H 147 10.54 78.88 6.88
N CYS H 148 11.32 78.87 5.80
CA CYS H 148 11.41 77.78 4.80
C CYS H 148 11.89 76.49 5.50
N MET H 149 13.01 76.56 6.24
CA MET H 149 13.58 75.44 7.01
C MET H 149 12.53 74.89 7.97
N GLU H 150 11.79 75.78 8.66
CA GLU H 150 10.71 75.42 9.62
C GLU H 150 9.59 74.69 8.88
N SER H 151 9.31 75.05 7.63
CA SER H 151 8.21 74.48 6.81
C SER H 151 8.57 73.06 6.35
N ILE H 152 9.87 72.76 6.20
CA ILE H 152 10.39 71.40 5.87
C ILE H 152 10.16 70.50 7.08
N ARG H 153 10.55 70.95 8.27
CA ARG H 153 10.42 70.20 9.54
C ARG H 153 8.94 69.98 9.88
N ASN H 154 8.07 70.94 9.58
CA ASN H 154 6.63 70.92 9.93
C ASN H 154 5.81 70.32 8.78
N ASN H 155 6.46 69.89 7.69
CA ASN H 155 5.84 69.14 6.58
C ASN H 155 4.82 70.03 5.84
N THR H 156 5.15 71.32 5.64
CA THR H 156 4.28 72.32 4.97
C THR H 156 5.06 73.06 3.88
N TYR H 157 6.19 72.50 3.43
CA TYR H 157 7.04 73.06 2.34
C TYR H 157 6.34 72.80 1.00
N ASP H 158 6.10 73.87 0.23
CA ASP H 158 5.49 73.80 -1.13
C ASP H 158 6.62 73.96 -2.15
N HIS H 159 7.00 72.86 -2.81
CA HIS H 159 8.14 72.79 -3.77
C HIS H 159 7.90 73.75 -4.94
N SER H 160 6.64 73.95 -5.34
CA SER H 160 6.28 74.69 -6.58
C SER H 160 6.70 76.16 -6.48
N GLN H 161 6.71 76.72 -5.27
CA GLN H 161 7.09 78.13 -4.97
C GLN H 161 8.55 78.39 -5.38
N TYR H 162 9.47 77.47 -5.07
CA TYR H 162 10.93 77.64 -5.26
C TYR H 162 11.46 76.88 -6.48
N ARG H 163 10.59 76.20 -7.23
CA ARG H 163 10.99 75.28 -8.33
C ARG H 163 11.81 76.04 -9.40
N GLU H 164 11.27 77.16 -9.89
CA GLU H 164 11.90 77.99 -10.97
C GLU H 164 13.35 78.32 -10.57
N GLU H 165 13.53 78.95 -9.41
CA GLU H 165 14.86 79.36 -8.87
C GLU H 165 15.77 78.12 -8.76
N ALA H 166 15.24 77.02 -8.24
CA ALA H 166 15.98 75.78 -7.91
C ALA H 166 16.48 75.10 -9.19
N LEU H 167 15.60 74.91 -10.17
CA LEU H 167 15.93 74.25 -11.46
C LEU H 167 17.03 75.01 -12.20
N LEU H 168 17.04 76.35 -12.12
CA LEU H 168 18.06 77.22 -12.77
C LEU H 168 19.41 77.02 -12.08
N ASN H 169 19.45 77.06 -10.74
CA ASN H 169 20.68 76.92 -9.92
C ASN H 169 21.29 75.51 -10.10
N ARG H 170 20.46 74.50 -10.33
CA ARG H 170 20.88 73.07 -10.47
C ARG H 170 21.54 72.86 -11.85
N LEU H 171 20.95 73.41 -12.91
CA LEU H 171 21.44 73.31 -14.31
C LEU H 171 22.62 74.25 -14.52
N ASN H 172 22.59 75.45 -13.91
CA ASN H 172 23.70 76.43 -13.86
C ASN H 172 23.94 76.97 -15.28
N ASP I 3 -0.86 64.63 -15.89
CA ASP I 3 -1.43 63.27 -15.74
C ASP I 3 -0.83 62.61 -14.49
N LYS I 4 -1.65 61.91 -13.71
CA LYS I 4 -1.26 61.24 -12.43
C LYS I 4 -1.51 59.74 -12.55
N ILE I 5 -0.62 58.93 -11.94
CA ILE I 5 -0.86 57.50 -11.63
C ILE I 5 -0.56 57.30 -10.13
N CYS I 6 -1.54 56.82 -9.37
CA CYS I 6 -1.47 56.65 -7.90
C CYS I 6 -1.47 55.16 -7.55
N LEU I 7 -0.57 54.76 -6.66
CA LEU I 7 -0.49 53.38 -6.10
C LEU I 7 -1.23 53.37 -4.75
N GLY I 8 -1.91 52.27 -4.44
CA GLY I 8 -2.68 52.13 -3.19
C GLY I 8 -2.97 50.68 -2.86
N HIS I 9 -3.51 50.44 -1.67
CA HIS I 9 -3.86 49.11 -1.14
C HIS I 9 -5.34 49.08 -0.76
N HIS I 10 -5.91 47.88 -0.68
CA HIS I 10 -7.33 47.66 -0.29
C HIS I 10 -7.49 48.02 1.19
N ALA I 11 -8.74 48.17 1.62
CA ALA I 11 -9.15 48.35 3.03
C ALA I 11 -10.54 47.75 3.20
N VAL I 12 -11.01 47.63 4.43
CA VAL I 12 -12.37 47.14 4.78
C VAL I 12 -12.91 48.03 5.90
N ALA I 13 -14.24 48.18 5.98
CA ALA I 13 -14.92 48.99 7.01
C ALA I 13 -14.76 48.31 8.36
N ASN I 14 -15.06 47.00 8.43
CA ASN I 14 -15.02 46.17 9.65
C ASN I 14 -13.72 45.37 9.69
N GLY I 15 -12.66 45.94 10.26
CA GLY I 15 -11.36 45.27 10.48
C GLY I 15 -11.33 44.50 11.79
N THR I 16 -10.32 43.64 11.97
CA THR I 16 -10.12 42.80 13.18
C THR I 16 -8.91 43.29 13.96
N ILE I 17 -8.96 43.22 15.29
CA ILE I 17 -7.85 43.58 16.22
C ILE I 17 -6.99 42.34 16.45
N VAL I 18 -5.67 42.46 16.27
CA VAL I 18 -4.66 41.41 16.61
C VAL I 18 -3.56 42.06 17.47
N LYS I 19 -2.76 41.23 18.14
CA LYS I 19 -1.57 41.66 18.93
C LYS I 19 -0.31 41.46 18.08
N THR I 20 0.66 42.34 18.24
CA THR I 20 2.02 42.25 17.63
C THR I 20 3.05 42.35 18.76
N LEU I 21 4.34 42.31 18.42
CA LEU I 21 5.44 42.49 19.41
C LEU I 21 5.31 43.88 20.06
N THR I 22 4.80 44.84 19.30
CA THR I 22 4.91 46.30 19.53
C THR I 22 3.57 46.89 20.02
N ASN I 23 2.45 46.34 19.55
CA ASN I 23 1.10 46.96 19.70
C ASN I 23 0.10 45.89 20.11
N GLU I 24 -0.72 46.17 21.12
CA GLU I 24 -1.74 45.24 21.69
C GLU I 24 -3.07 45.40 20.94
N GLN I 25 -3.27 46.52 20.24
CA GLN I 25 -4.55 46.91 19.58
C GLN I 25 -4.27 47.30 18.12
N GLU I 26 -3.86 46.33 17.29
CA GLU I 26 -3.45 46.55 15.88
C GLU I 26 -4.57 46.06 14.94
N GLU I 27 -5.20 46.99 14.21
CA GLU I 27 -6.32 46.68 13.28
C GLU I 27 -5.74 46.17 11.95
N VAL I 28 -6.17 44.97 11.52
CA VAL I 28 -5.76 44.36 10.22
C VAL I 28 -7.03 44.06 9.42
N THR I 29 -6.89 43.83 8.11
CA THR I 29 -8.00 43.58 7.17
C THR I 29 -8.70 42.26 7.49
N ASN I 30 -7.97 41.28 8.04
CA ASN I 30 -8.49 39.90 8.28
C ASN I 30 -7.57 39.17 9.25
N ALA I 31 -8.12 38.20 9.99
CA ALA I 31 -7.40 37.36 10.99
C ALA I 31 -8.15 36.04 11.17
N THR I 32 -7.46 35.02 11.67
CA THR I 32 -8.03 33.66 11.94
C THR I 32 -7.63 33.22 13.36
N GLU I 33 -8.49 32.44 14.01
CA GLU I 33 -8.30 31.94 15.40
C GLU I 33 -7.29 30.78 15.37
N THR I 34 -6.41 30.69 16.38
CA THR I 34 -5.39 29.61 16.55
C THR I 34 -5.69 28.76 17.80
N VAL I 35 -6.63 29.17 18.65
CA VAL I 35 -7.03 28.44 19.89
C VAL I 35 -8.47 27.95 19.74
N GLU I 36 -8.72 26.65 19.92
CA GLU I 36 -10.08 26.05 19.88
C GLU I 36 -10.76 26.26 21.24
N SER I 37 -11.98 26.79 21.24
CA SER I 37 -12.81 27.10 22.43
C SER I 37 -14.07 26.24 22.48
N THR I 38 -14.55 25.74 21.33
CA THR I 38 -15.81 24.96 21.22
C THR I 38 -15.48 23.46 21.23
N SER I 39 -16.29 22.67 21.93
CA SER I 39 -16.15 21.21 22.09
C SER I 39 -17.35 20.50 21.47
N LEU I 40 -17.15 19.24 21.06
CA LEU I 40 -18.25 18.28 20.76
C LEU I 40 -18.50 17.45 22.02
N ASN I 41 -19.70 17.52 22.60
CA ASN I 41 -20.10 16.72 23.80
C ASN I 41 -20.50 15.32 23.32
N ARG I 42 -19.60 14.67 22.58
CA ARG I 42 -19.76 13.31 22.00
C ARG I 42 -18.36 12.65 21.88
N LEU I 43 -18.31 11.33 21.89
CA LEU I 43 -17.08 10.53 21.63
C LEU I 43 -17.13 10.04 20.19
N CYS I 44 -16.35 10.66 19.31
CA CYS I 44 -16.30 10.36 17.85
C CYS I 44 -15.54 9.06 17.62
N MET I 45 -16.26 7.96 17.43
CA MET I 45 -15.72 6.57 17.46
C MET I 45 -15.78 5.90 16.08
N LYS I 46 -15.86 6.69 14.99
CA LYS I 46 -15.83 6.14 13.61
C LYS I 46 -14.41 5.61 13.32
N GLY I 47 -14.33 4.45 12.67
CA GLY I 47 -13.06 3.79 12.29
C GLY I 47 -12.39 3.13 13.47
N ARG I 48 -13.08 3.01 14.61
CA ARG I 48 -12.55 2.46 15.88
C ARG I 48 -13.42 1.28 16.34
N ASN I 49 -12.81 0.09 16.50
CA ASN I 49 -13.40 -1.08 17.19
C ASN I 49 -13.38 -0.77 18.69
N HIS I 50 -14.42 -0.12 19.19
CA HIS I 50 -14.50 0.45 20.57
C HIS I 50 -15.39 -0.43 21.46
N LYS I 51 -15.32 -0.16 22.77
CA LYS I 51 -16.07 -0.88 23.83
C LYS I 51 -16.44 0.12 24.92
N ASP I 52 -17.72 0.48 25.00
CA ASP I 52 -18.32 1.28 26.10
C ASP I 52 -18.66 0.32 27.24
N LEU I 53 -17.95 0.42 28.38
CA LEU I 53 -18.15 -0.47 29.55
C LEU I 53 -19.38 -0.05 30.34
N GLY I 54 -20.00 1.10 30.01
CA GLY I 54 -21.18 1.63 30.72
C GLY I 54 -21.00 1.58 32.22
N ASN I 55 -21.77 0.73 32.90
CA ASN I 55 -21.84 0.62 34.38
C ASN I 55 -20.68 -0.27 34.89
N CYS I 56 -19.95 -0.95 34.01
CA CYS I 56 -18.85 -1.87 34.36
C CYS I 56 -17.51 -1.11 34.48
N HIS I 57 -16.83 -1.25 35.62
CA HIS I 57 -15.46 -0.71 35.87
C HIS I 57 -14.42 -1.69 35.33
N PRO I 58 -13.33 -1.21 34.66
CA PRO I 58 -12.36 -2.09 34.03
C PRO I 58 -11.89 -3.30 34.87
N ILE I 59 -11.71 -3.10 36.18
CA ILE I 59 -11.23 -4.16 37.12
C ILE I 59 -12.32 -5.23 37.26
N GLY I 60 -13.60 -4.84 37.17
CA GLY I 60 -14.75 -5.76 37.19
C GLY I 60 -14.66 -6.83 36.11
N MET I 61 -14.01 -6.53 34.99
CA MET I 61 -13.84 -7.45 33.84
C MET I 61 -12.98 -8.65 34.25
N LEU I 62 -12.00 -8.45 35.14
CA LEU I 62 -11.00 -9.48 35.49
C LEU I 62 -11.57 -10.43 36.54
N ILE I 63 -12.41 -9.92 37.45
CA ILE I 63 -12.96 -10.69 38.61
C ILE I 63 -14.41 -11.13 38.31
N GLY I 64 -15.08 -10.44 37.38
CA GLY I 64 -16.41 -10.86 36.87
C GLY I 64 -17.53 -10.46 37.82
N THR I 65 -17.71 -9.15 38.02
CA THR I 65 -18.89 -8.55 38.71
C THR I 65 -20.11 -8.73 37.81
N PRO I 66 -21.32 -8.95 38.37
CA PRO I 66 -22.55 -9.01 37.59
C PRO I 66 -22.67 -7.92 36.50
N ALA I 67 -22.45 -6.66 36.87
CA ALA I 67 -22.54 -5.48 35.98
C ALA I 67 -21.62 -5.65 34.77
N CYS I 68 -20.61 -6.52 34.85
CA CYS I 68 -19.55 -6.70 33.82
C CYS I 68 -19.72 -8.02 33.04
N ASP I 69 -20.88 -8.68 33.15
CA ASP I 69 -21.11 -10.04 32.60
C ASP I 69 -20.91 -10.07 31.08
N LEU I 70 -21.20 -8.97 30.38
CA LEU I 70 -21.09 -8.88 28.89
C LEU I 70 -19.69 -8.40 28.47
N HIS I 71 -18.77 -8.22 29.42
CA HIS I 71 -17.41 -7.67 29.18
C HIS I 71 -16.32 -8.56 29.79
N LEU I 72 -16.60 -9.86 30.01
CA LEU I 72 -15.64 -10.83 30.61
C LEU I 72 -14.52 -11.14 29.61
N THR I 73 -14.79 -11.03 28.31
CA THR I 73 -13.81 -11.19 27.21
C THR I 73 -14.11 -10.16 26.12
N GLY I 74 -13.20 -9.98 25.16
CA GLY I 74 -13.40 -9.05 24.03
C GLY I 74 -12.09 -8.57 23.45
N THR I 75 -12.18 -7.89 22.29
CA THR I 75 -11.06 -7.15 21.64
C THR I 75 -11.56 -5.74 21.33
N TRP I 76 -10.65 -4.78 21.31
CA TRP I 76 -10.94 -3.33 21.08
C TRP I 76 -9.64 -2.58 20.80
N ASP I 77 -9.71 -1.45 20.10
CA ASP I 77 -8.59 -0.49 19.95
C ASP I 77 -8.83 0.68 20.90
N THR I 78 -10.06 0.81 21.43
CA THR I 78 -10.49 1.93 22.30
C THR I 78 -11.44 1.39 23.39
N LEU I 79 -11.18 1.72 24.66
CA LEU I 79 -11.99 1.30 25.83
C LEU I 79 -12.48 2.55 26.56
N ILE I 80 -13.79 2.68 26.75
CA ILE I 80 -14.44 3.86 27.39
C ILE I 80 -14.94 3.44 28.78
N GLU I 81 -14.39 4.08 29.82
CA GLU I 81 -14.76 3.90 31.25
C GLU I 81 -15.66 5.08 31.64
N ARG I 82 -16.66 4.84 32.51
CA ARG I 82 -17.68 5.85 32.88
C ARG I 82 -17.58 6.18 34.38
N LYS I 83 -18.30 7.24 34.77
CA LYS I 83 -18.39 7.73 36.17
C LYS I 83 -19.26 6.77 36.98
N ASN I 84 -18.85 6.47 38.22
CA ASN I 84 -19.59 5.63 39.20
C ASN I 84 -19.73 4.20 38.67
N ALA I 85 -18.81 3.74 37.81
CA ALA I 85 -18.78 2.36 37.29
C ALA I 85 -18.50 1.42 38.47
N ILE I 86 -19.15 0.26 38.50
CA ILE I 86 -19.08 -0.74 39.61
C ILE I 86 -17.93 -1.72 39.32
N ALA I 87 -17.04 -1.92 40.29
CA ALA I 87 -15.95 -2.92 40.26
C ALA I 87 -16.23 -4.03 41.28
N TYR I 88 -16.71 -3.66 42.48
CA TYR I 88 -16.90 -4.56 43.64
C TYR I 88 -18.37 -4.57 44.05
N CYS I 89 -19.04 -5.72 43.94
CA CYS I 89 -20.41 -5.95 44.49
C CYS I 89 -20.30 -6.08 46.02
N TYR I 90 -19.43 -6.99 46.48
CA TYR I 90 -19.10 -7.20 47.92
C TYR I 90 -18.08 -6.14 48.33
N PRO I 91 -18.23 -5.48 49.51
CA PRO I 91 -17.34 -4.39 49.90
C PRO I 91 -15.88 -4.83 50.00
N GLY I 92 -14.96 -3.95 49.56
CA GLY I 92 -13.51 -4.22 49.51
C GLY I 92 -12.85 -3.41 48.40
N ALA I 93 -11.53 -3.56 48.27
CA ALA I 93 -10.68 -2.79 47.32
C ALA I 93 -9.58 -3.68 46.76
N THR I 94 -8.85 -3.17 45.77
CA THR I 94 -7.68 -3.83 45.13
C THR I 94 -6.42 -3.10 45.57
N VAL I 95 -5.40 -3.83 46.02
CA VAL I 95 -4.04 -3.27 46.27
C VAL I 95 -3.43 -2.97 44.90
N ASN I 96 -2.82 -1.79 44.74
CA ASN I 96 -2.29 -1.29 43.44
C ASN I 96 -3.45 -1.16 42.45
N GLU I 97 -4.57 -0.61 42.90
CA GLU I 97 -5.83 -0.47 42.12
C GLU I 97 -5.56 0.34 40.84
N GLU I 98 -4.92 1.50 40.98
CA GLU I 98 -4.74 2.47 39.86
C GLU I 98 -3.78 1.89 38.82
N ALA I 99 -2.76 1.14 39.24
CA ALA I 99 -1.78 0.48 38.34
C ALA I 99 -2.50 -0.54 37.47
N LEU I 100 -3.35 -1.37 38.08
CA LEU I 100 -4.15 -2.42 37.38
C LEU I 100 -5.11 -1.74 36.39
N ARG I 101 -5.84 -0.71 36.83
CA ARG I 101 -6.82 0.02 35.99
C ARG I 101 -6.12 0.58 34.75
N GLN I 102 -4.95 1.20 34.93
CA GLN I 102 -4.15 1.84 33.84
C GLN I 102 -3.71 0.75 32.86
N LYS I 103 -3.34 -0.44 33.36
CA LYS I 103 -2.84 -1.58 32.55
C LYS I 103 -3.96 -2.12 31.67
N ILE I 104 -5.19 -2.24 32.20
CA ILE I 104 -6.40 -2.71 31.46
C ILE I 104 -6.76 -1.65 30.40
N MET I 105 -6.80 -0.38 30.79
CA MET I 105 -7.18 0.76 29.91
C MET I 105 -6.15 0.94 28.78
N GLU I 106 -4.95 0.42 28.95
CA GLU I 106 -3.82 0.46 27.98
C GLU I 106 -3.94 -0.71 26.99
N SER I 107 -4.67 -1.77 27.37
CA SER I 107 -4.78 -3.05 26.61
C SER I 107 -5.67 -2.87 25.39
N GLY I 108 -5.62 -3.83 24.46
CA GLY I 108 -6.47 -3.90 23.26
C GLY I 108 -7.42 -5.11 23.29
N GLY I 109 -7.70 -5.65 24.48
CA GLY I 109 -8.62 -6.80 24.64
C GLY I 109 -8.28 -7.64 25.86
N ILE I 110 -9.19 -8.54 26.24
CA ILE I 110 -9.04 -9.49 27.38
C ILE I 110 -9.54 -10.87 26.93
N SER I 111 -8.73 -11.91 27.19
CA SER I 111 -9.10 -13.35 27.05
C SER I 111 -8.99 -14.01 28.42
N LYS I 112 -9.76 -15.08 28.66
CA LYS I 112 -9.81 -15.81 29.95
C LYS I 112 -9.29 -17.24 29.74
N ILE I 113 -8.58 -17.76 30.76
CA ILE I 113 -8.02 -19.14 30.78
C ILE I 113 -8.42 -19.78 32.12
N ASN I 114 -8.94 -21.01 32.10
CA ASN I 114 -9.31 -21.79 33.32
C ASN I 114 -8.03 -22.12 34.09
N THR I 115 -8.07 -21.97 35.42
CA THR I 115 -6.97 -22.37 36.35
C THR I 115 -7.01 -23.88 36.53
N GLY I 116 -8.21 -24.46 36.53
CA GLY I 116 -8.46 -25.91 36.71
C GLY I 116 -8.46 -26.32 38.18
N PHE I 117 -8.43 -25.35 39.09
CA PHE I 117 -8.28 -25.55 40.56
C PHE I 117 -9.42 -26.44 41.06
N THR I 118 -9.08 -27.54 41.73
CA THR I 118 -10.01 -28.50 42.39
C THR I 118 -9.76 -28.49 43.90
N TYR I 119 -10.76 -28.85 44.70
CA TYR I 119 -10.74 -28.78 46.18
C TYR I 119 -11.31 -30.06 46.77
N GLY I 120 -10.87 -30.42 47.98
CA GLY I 120 -11.37 -31.59 48.74
C GLY I 120 -12.85 -31.48 49.04
N SER I 121 -13.50 -32.59 49.42
CA SER I 121 -14.94 -32.67 49.79
C SER I 121 -15.19 -31.92 51.11
N SER I 122 -14.13 -31.67 51.89
CA SER I 122 -14.15 -30.89 53.16
C SER I 122 -14.24 -29.38 52.88
N ILE I 123 -14.22 -28.96 51.61
CA ILE I 123 -14.30 -27.53 51.17
C ILE I 123 -15.57 -27.32 50.33
N ASN I 124 -16.28 -26.22 50.58
CA ASN I 124 -17.41 -25.72 49.77
C ASN I 124 -16.90 -24.56 48.90
N SER I 125 -16.84 -24.76 47.58
CA SER I 125 -16.30 -23.79 46.59
C SER I 125 -17.40 -22.83 46.11
N ALA I 126 -18.66 -23.10 46.43
CA ALA I 126 -19.84 -22.38 45.89
C ALA I 126 -20.39 -21.37 46.89
N GLY I 127 -19.51 -20.77 47.73
CA GLY I 127 -19.86 -19.66 48.62
C GLY I 127 -20.38 -18.47 47.84
N THR I 128 -21.55 -17.95 48.23
CA THR I 128 -22.28 -16.85 47.52
C THR I 128 -22.59 -15.73 48.52
N THR I 129 -23.17 -14.63 48.06
CA THR I 129 -23.57 -13.47 48.90
C THR I 129 -24.72 -12.70 48.24
N LYS I 130 -25.45 -11.91 49.03
CA LYS I 130 -26.61 -11.08 48.58
C LYS I 130 -26.11 -9.81 47.89
N ALA I 131 -24.84 -9.43 48.11
CA ALA I 131 -24.19 -8.24 47.53
C ALA I 131 -24.08 -8.40 46.01
N CYS I 132 -23.80 -9.62 45.54
CA CYS I 132 -23.56 -9.97 44.12
C CYS I 132 -24.76 -10.79 43.61
N MET I 133 -25.84 -10.11 43.26
CA MET I 133 -27.12 -10.73 42.79
C MET I 133 -27.01 -11.04 41.28
N ARG I 134 -27.47 -12.22 40.88
CA ARG I 134 -27.46 -12.69 39.47
C ARG I 134 -28.64 -13.64 39.27
N ASN I 135 -29.55 -13.31 38.34
CA ASN I 135 -30.80 -14.08 38.03
C ASN I 135 -31.70 -14.10 39.29
N GLY I 136 -31.74 -12.98 40.02
CA GLY I 136 -32.62 -12.80 41.20
C GLY I 136 -32.11 -13.49 42.45
N GLY I 137 -31.12 -14.39 42.32
CA GLY I 137 -30.58 -15.20 43.43
C GLY I 137 -29.18 -14.75 43.84
N ASN I 138 -28.80 -15.03 45.08
CA ASN I 138 -27.43 -14.81 45.62
C ASN I 138 -26.41 -15.49 44.68
N SER I 139 -25.27 -14.83 44.45
CA SER I 139 -24.19 -15.29 43.55
C SER I 139 -22.84 -14.77 44.04
N PHE I 140 -21.80 -14.92 43.23
CA PHE I 140 -20.42 -14.44 43.52
C PHE I 140 -19.74 -13.99 42.22
N TYR I 141 -18.56 -13.38 42.35
CA TYR I 141 -17.68 -12.99 41.22
C TYR I 141 -17.49 -14.19 40.31
N ALA I 142 -17.76 -14.02 39.01
CA ALA I 142 -17.79 -15.09 37.99
C ALA I 142 -16.44 -15.80 37.89
N GLU I 143 -15.33 -15.09 38.10
CA GLU I 143 -13.96 -15.58 37.80
C GLU I 143 -13.26 -16.03 39.08
N LEU I 144 -13.94 -15.97 40.22
CA LEU I 144 -13.39 -16.35 41.55
C LEU I 144 -14.34 -17.32 42.25
N LYS I 145 -13.84 -18.06 43.23
CA LYS I 145 -14.65 -18.99 44.07
C LYS I 145 -14.33 -18.73 45.55
N TRP I 146 -15.38 -18.53 46.35
CA TRP I 146 -15.30 -18.33 47.83
C TRP I 146 -15.20 -19.71 48.50
N LEU I 147 -14.00 -20.07 48.96
CA LEU I 147 -13.72 -21.36 49.62
C LEU I 147 -14.05 -21.25 51.12
N VAL I 148 -14.97 -22.09 51.60
CA VAL I 148 -15.40 -22.16 53.02
C VAL I 148 -15.46 -23.63 53.44
N SER I 149 -15.27 -23.91 54.74
CA SER I 149 -15.45 -25.26 55.35
C SER I 149 -16.86 -25.76 55.07
N LYS I 150 -17.00 -27.02 54.64
CA LYS I 150 -18.30 -27.64 54.27
C LYS I 150 -19.20 -27.74 55.51
N ASN I 151 -18.61 -28.09 56.66
CA ASN I 151 -19.31 -28.18 57.98
C ASN I 151 -18.96 -26.97 58.83
N LYS I 152 -19.98 -26.19 59.23
CA LYS I 152 -19.84 -24.93 60.02
C LYS I 152 -18.99 -25.20 61.27
N GLY I 153 -17.98 -24.35 61.51
CA GLY I 153 -17.14 -24.39 62.73
C GLY I 153 -15.88 -25.22 62.55
N GLN I 154 -15.88 -26.19 61.63
CA GLN I 154 -14.77 -27.15 61.42
C GLN I 154 -13.57 -26.43 60.77
N ASN I 155 -12.37 -26.92 61.08
CA ASN I 155 -11.07 -26.42 60.54
C ASN I 155 -11.04 -26.62 59.02
N PHE I 156 -10.74 -25.55 58.28
CA PHE I 156 -10.52 -25.56 56.81
C PHE I 156 -9.20 -26.26 56.53
N PRO I 157 -9.17 -27.30 55.67
CA PRO I 157 -7.97 -28.11 55.47
C PRO I 157 -6.86 -27.38 54.71
N GLN I 158 -5.60 -27.70 55.03
CA GLN I 158 -4.39 -27.16 54.35
C GLN I 158 -4.40 -27.60 52.89
N THR I 159 -4.65 -26.66 51.97
CA THR I 159 -4.82 -26.89 50.52
C THR I 159 -3.70 -26.21 49.74
N THR I 160 -3.27 -26.84 48.64
CA THR I 160 -2.23 -26.32 47.71
C THR I 160 -2.79 -26.39 46.28
N ASN I 161 -2.87 -25.23 45.61
CA ASN I 161 -3.31 -25.11 44.18
C ASN I 161 -2.21 -24.36 43.44
N THR I 162 -1.84 -24.85 42.25
CA THR I 162 -0.74 -24.30 41.41
C THR I 162 -1.26 -24.13 39.98
N TYR I 163 -1.16 -22.91 39.43
CA TYR I 163 -1.49 -22.59 38.02
C TYR I 163 -0.18 -22.43 37.24
N ARG I 164 -0.05 -23.15 36.12
CA ARG I 164 1.09 -23.02 35.16
C ARG I 164 0.63 -22.22 33.95
N ASN I 165 1.42 -21.23 33.54
CA ASN I 165 1.22 -20.45 32.29
C ASN I 165 1.74 -21.29 31.12
N ALA I 166 0.84 -21.98 30.42
CA ALA I 166 1.15 -22.86 29.26
C ALA I 166 1.26 -22.03 27.98
N ASP I 167 0.87 -20.76 28.02
CA ASP I 167 0.77 -19.84 26.85
C ASP I 167 2.17 -19.26 26.54
N THR I 168 2.28 -18.45 25.50
CA THR I 168 3.54 -17.78 25.04
C THR I 168 3.47 -16.28 25.34
N ALA I 169 2.62 -15.87 26.29
CA ALA I 169 2.44 -14.47 26.73
C ALA I 169 2.08 -14.44 28.22
N GLU I 170 2.38 -13.33 28.91
CA GLU I 170 2.14 -13.15 30.36
C GLU I 170 0.63 -13.18 30.63
N HIS I 171 0.22 -13.84 31.71
CA HIS I 171 -1.18 -13.92 32.21
C HIS I 171 -1.29 -13.10 33.50
N LEU I 172 -2.44 -12.45 33.71
CA LEU I 172 -2.74 -11.62 34.90
C LEU I 172 -3.66 -12.42 35.83
N ILE I 173 -3.11 -12.94 36.92
CA ILE I 173 -3.88 -13.72 37.94
C ILE I 173 -4.27 -12.79 39.09
N MET I 174 -5.55 -12.81 39.45
CA MET I 174 -6.13 -12.07 40.59
C MET I 174 -6.67 -13.07 41.61
N TRP I 175 -6.61 -12.71 42.89
CA TRP I 175 -7.20 -13.50 44.00
C TRP I 175 -7.68 -12.53 45.07
N GLY I 176 -8.56 -12.99 45.96
CA GLY I 176 -9.09 -12.20 47.07
C GLY I 176 -8.74 -12.81 48.41
N ILE I 177 -8.60 -11.98 49.44
CA ILE I 177 -8.48 -12.39 50.87
C ILE I 177 -9.72 -11.85 51.59
N HIS I 178 -10.53 -12.75 52.16
CA HIS I 178 -11.72 -12.40 52.98
C HIS I 178 -11.26 -11.98 54.37
N HIS I 179 -11.63 -10.77 54.82
CA HIS I 179 -11.44 -10.28 56.20
C HIS I 179 -12.81 -10.24 56.89
N PRO I 180 -13.19 -11.25 57.69
CA PRO I 180 -14.45 -11.24 58.44
C PRO I 180 -14.46 -10.17 59.55
N SER I 181 -15.66 -9.83 60.02
CA SER I 181 -15.94 -8.65 60.90
C SER I 181 -15.87 -9.02 62.39
N SER I 182 -16.00 -10.32 62.72
CA SER I 182 -15.98 -10.83 64.11
C SER I 182 -15.20 -12.15 64.16
N THR I 183 -14.72 -12.52 65.36
CA THR I 183 -14.01 -13.79 65.65
C THR I 183 -14.99 -14.97 65.48
N GLN I 184 -16.27 -14.74 65.78
CA GLN I 184 -17.35 -15.76 65.67
C GLN I 184 -17.54 -16.13 64.20
N GLU I 185 -17.65 -15.13 63.32
CA GLU I 185 -17.81 -15.29 61.84
C GLU I 185 -16.65 -16.12 61.28
N LYS I 186 -15.42 -15.76 61.65
CA LYS I 186 -14.16 -16.40 61.17
C LYS I 186 -14.16 -17.89 61.54
N ASN I 187 -14.56 -18.22 62.77
CA ASN I 187 -14.61 -19.61 63.32
C ASN I 187 -15.61 -20.44 62.52
N ASP I 188 -16.76 -19.85 62.17
CA ASP I 188 -17.87 -20.53 61.43
C ASP I 188 -17.38 -20.95 60.04
N LEU I 189 -16.66 -20.08 59.33
CA LEU I 189 -16.29 -20.24 57.90
C LEU I 189 -15.03 -21.08 57.75
N TYR I 190 -13.93 -20.73 58.43
CA TYR I 190 -12.60 -21.36 58.21
C TYR I 190 -12.04 -22.03 59.47
N GLY I 191 -12.82 -22.10 60.56
CA GLY I 191 -12.44 -22.83 61.78
C GLY I 191 -11.63 -21.96 62.74
N THR I 192 -11.20 -22.57 63.86
CA THR I 192 -10.64 -21.89 65.06
C THR I 192 -9.13 -21.67 64.89
N GLN I 193 -8.47 -22.35 63.96
CA GLN I 193 -7.00 -22.32 63.76
C GLN I 193 -6.55 -20.92 63.33
N SER I 194 -5.24 -20.65 63.36
CA SER I 194 -4.61 -19.40 62.87
C SER I 194 -4.53 -19.46 61.33
N LEU I 195 -5.09 -18.46 60.64
CA LEU I 195 -5.23 -18.42 59.17
C LEU I 195 -3.98 -17.79 58.54
N SER I 196 -3.47 -18.43 57.47
CA SER I 196 -2.30 -17.98 56.68
C SER I 196 -2.49 -18.37 55.22
N ILE I 197 -2.42 -17.40 54.30
CA ILE I 197 -2.47 -17.61 52.83
C ILE I 197 -1.12 -17.17 52.25
N SER I 198 -0.40 -18.11 51.64
CA SER I 198 0.91 -17.88 50.98
C SER I 198 0.74 -17.97 49.47
N VAL I 199 1.33 -17.02 48.73
CA VAL I 199 1.34 -16.99 47.25
C VAL I 199 2.80 -16.85 46.81
N GLY I 200 3.24 -17.74 45.92
CA GLY I 200 4.64 -17.81 45.45
C GLY I 200 4.73 -18.16 43.98
N SER I 201 5.54 -17.40 43.24
CA SER I 201 5.92 -17.66 41.82
C SER I 201 7.45 -17.56 41.71
N SER I 202 7.98 -17.47 40.49
CA SER I 202 9.41 -17.19 40.22
C SER I 202 9.77 -15.77 40.65
N THR I 203 8.93 -14.79 40.30
CA THR I 203 9.21 -13.34 40.41
C THR I 203 8.35 -12.67 41.50
N TYR I 204 7.42 -13.40 42.12
CA TYR I 204 6.48 -12.87 43.14
C TYR I 204 6.37 -13.84 44.31
N LYS I 205 6.25 -13.28 45.51
CA LYS I 205 6.09 -13.99 46.80
C LYS I 205 5.42 -13.04 47.78
N ASN I 206 4.48 -13.55 48.59
CA ASN I 206 3.73 -12.73 49.57
C ASN I 206 2.96 -13.65 50.52
N ASN I 207 2.68 -13.15 51.73
CA ASN I 207 1.82 -13.82 52.74
C ASN I 207 0.70 -12.84 53.13
N PHE I 208 -0.49 -13.38 53.40
CA PHE I 208 -1.70 -12.61 53.78
C PHE I 208 -2.35 -13.28 54.99
N VAL I 209 -2.68 -12.48 56.01
CA VAL I 209 -3.39 -12.92 57.25
C VAL I 209 -4.71 -12.17 57.31
N PRO I 210 -5.87 -12.87 57.22
CA PRO I 210 -7.17 -12.24 57.42
C PRO I 210 -7.23 -11.37 58.69
N VAL I 211 -7.51 -10.07 58.51
CA VAL I 211 -7.72 -9.07 59.60
C VAL I 211 -9.16 -9.20 60.09
N VAL I 212 -9.32 -9.72 61.31
CA VAL I 212 -10.64 -9.84 62.00
C VAL I 212 -10.79 -8.65 62.96
N GLY I 213 -11.96 -8.03 62.99
CA GLY I 213 -12.23 -6.85 63.83
C GLY I 213 -13.46 -6.08 63.38
N ALA I 214 -14.23 -5.55 64.33
CA ALA I 214 -15.47 -4.79 64.08
C ALA I 214 -15.17 -3.61 63.13
N ARG I 215 -16.04 -3.39 62.14
CA ARG I 215 -16.01 -2.23 61.23
C ARG I 215 -17.42 -1.96 60.71
N PRO I 216 -17.71 -0.73 60.23
CA PRO I 216 -19.04 -0.37 59.74
C PRO I 216 -19.58 -1.27 58.62
N GLN I 217 -20.90 -1.32 58.47
CA GLN I 217 -21.60 -2.08 57.40
C GLN I 217 -21.57 -1.24 56.11
N VAL I 218 -21.33 -1.89 54.97
CA VAL I 218 -21.45 -1.31 53.60
C VAL I 218 -22.37 -2.23 52.81
N ASN I 219 -23.59 -1.75 52.50
CA ASN I 219 -24.71 -2.57 51.93
C ASN I 219 -25.05 -3.70 52.91
N GLY I 220 -25.01 -3.40 54.22
CA GLY I 220 -25.40 -4.33 55.30
C GLY I 220 -24.38 -5.45 55.51
N LEU I 221 -23.11 -5.22 55.17
CA LEU I 221 -22.02 -6.24 55.28
C LEU I 221 -20.77 -5.61 55.89
N SER I 222 -20.32 -6.13 57.03
CA SER I 222 -19.10 -5.68 57.76
C SER I 222 -17.87 -6.41 57.23
N GLY I 223 -18.08 -7.53 56.52
CA GLY I 223 -17.00 -8.28 55.85
C GLY I 223 -16.33 -7.46 54.78
N ARG I 224 -15.09 -7.80 54.45
CA ARG I 224 -14.29 -7.19 53.37
C ARG I 224 -13.60 -8.30 52.57
N ILE I 225 -13.63 -8.21 51.24
CA ILE I 225 -12.78 -9.05 50.33
C ILE I 225 -11.84 -8.09 49.60
N ASP I 226 -10.57 -8.08 49.98
CA ASP I 226 -9.51 -7.26 49.33
CA ASP I 226 -9.51 -7.26 49.33
C ASP I 226 -8.85 -8.11 48.23
N PHE I 227 -8.64 -7.51 47.06
CA PHE I 227 -8.09 -8.19 45.86
C PHE I 227 -6.61 -7.86 45.69
N HIS I 228 -5.83 -8.86 45.30
CA HIS I 228 -4.39 -8.76 44.96
C HIS I 228 -4.19 -9.32 43.55
N TRP I 229 -3.08 -8.99 42.89
CA TRP I 229 -2.80 -9.41 41.51
C TRP I 229 -1.30 -9.39 41.23
N THR I 230 -0.85 -10.26 40.32
CA THR I 230 0.53 -10.31 39.78
C THR I 230 0.46 -10.84 38.34
N LEU I 231 1.53 -10.65 37.57
CA LEU I 231 1.72 -11.26 36.23
C LEU I 231 2.50 -12.56 36.40
N VAL I 232 2.04 -13.64 35.76
CA VAL I 232 2.76 -14.96 35.68
C VAL I 232 3.32 -15.06 34.25
N GLN I 233 4.64 -15.12 34.13
CA GLN I 233 5.36 -15.12 32.82
C GLN I 233 5.21 -16.49 32.16
N PRO I 234 5.38 -16.60 30.82
CA PRO I 234 5.27 -17.88 30.12
C PRO I 234 6.17 -18.98 30.70
N GLY I 235 5.60 -20.16 30.94
CA GLY I 235 6.32 -21.34 31.46
C GLY I 235 6.40 -21.37 32.98
N ASP I 236 6.19 -20.22 33.63
CA ASP I 236 6.29 -20.05 35.10
C ASP I 236 4.98 -20.53 35.75
N LYS I 237 5.06 -20.97 37.01
CA LYS I 237 3.91 -21.44 37.82
C LYS I 237 3.72 -20.48 39.00
N ILE I 238 2.50 -20.41 39.54
CA ILE I 238 2.17 -19.64 40.78
C ILE I 238 1.40 -20.57 41.72
N THR I 239 1.86 -20.68 42.97
CA THR I 239 1.36 -21.65 43.98
C THR I 239 0.63 -20.89 45.09
N PHE I 240 -0.61 -21.30 45.38
CA PHE I 240 -1.43 -20.83 46.51
C PHE I 240 -1.43 -21.91 47.61
N SER I 241 -0.82 -21.60 48.76
CA SER I 241 -0.90 -22.39 50.01
C SER I 241 -1.78 -21.62 51.00
N HIS I 242 -2.91 -22.20 51.41
CA HIS I 242 -3.95 -21.54 52.24
C HIS I 242 -4.60 -22.56 53.18
N ASN I 243 -5.02 -22.09 54.36
CA ASN I 243 -5.79 -22.86 55.37
C ASN I 243 -7.10 -22.12 55.67
N GLY I 244 -7.63 -21.39 54.69
CA GLY I 244 -8.91 -20.65 54.79
C GLY I 244 -8.71 -19.15 54.67
N GLY I 245 -9.66 -18.45 54.03
CA GLY I 245 -9.64 -16.98 53.85
C GLY I 245 -9.36 -16.58 52.41
N LEU I 246 -8.83 -17.50 51.59
CA LEU I 246 -8.51 -17.27 50.16
C LEU I 246 -9.79 -17.30 49.33
N ILE I 247 -10.00 -16.25 48.53
CA ILE I 247 -10.95 -16.23 47.38
C ILE I 247 -10.13 -16.57 46.13
N ALA I 248 -10.26 -17.81 45.64
CA ALA I 248 -9.35 -18.45 44.66
C ALA I 248 -9.83 -18.21 43.25
N PRO I 249 -8.91 -17.96 42.28
CA PRO I 249 -9.29 -17.74 40.89
C PRO I 249 -9.67 -19.05 40.19
N SER I 250 -10.84 -19.07 39.54
CA SER I 250 -11.30 -20.15 38.63
C SER I 250 -10.80 -19.86 37.22
N ARG I 251 -10.63 -18.57 36.86
CA ARG I 251 -10.06 -18.13 35.57
C ARG I 251 -9.00 -17.05 35.82
N VAL I 252 -7.94 -17.05 35.01
CA VAL I 252 -6.92 -15.96 34.93
C VAL I 252 -7.21 -15.17 33.64
N SER I 253 -6.69 -13.95 33.55
CA SER I 253 -6.90 -13.02 32.41
C SER I 253 -5.61 -12.95 31.58
N LYS I 254 -5.75 -12.62 30.29
CA LYS I 254 -4.63 -12.28 29.38
C LYS I 254 -4.99 -10.98 28.67
N LEU I 255 -4.14 -9.96 28.79
CA LEU I 255 -4.32 -8.65 28.10
C LEU I 255 -3.70 -8.75 26.70
N ILE I 256 -4.50 -8.43 25.68
CA ILE I 256 -4.17 -8.63 24.23
C ILE I 256 -3.81 -7.26 23.63
N GLY I 257 -2.61 -7.13 23.08
CA GLY I 257 -2.17 -5.97 22.27
C GLY I 257 -2.29 -4.66 23.03
N ARG I 258 -2.55 -3.57 22.30
CA ARG I 258 -2.56 -2.18 22.82
C ARG I 258 -3.83 -1.47 22.36
N GLY I 259 -4.30 -0.49 23.14
CA GLY I 259 -5.47 0.35 22.83
C GLY I 259 -5.47 1.65 23.63
N LEU I 260 -6.38 2.57 23.29
CA LEU I 260 -6.52 3.92 23.89
C LEU I 260 -7.63 3.89 24.94
N GLY I 261 -7.33 4.28 26.18
CA GLY I 261 -8.29 4.34 27.29
C GLY I 261 -8.84 5.73 27.50
N ILE I 262 -10.14 5.92 27.31
CA ILE I 262 -10.86 7.21 27.55
C ILE I 262 -11.69 7.08 28.83
N GLN I 263 -11.61 8.07 29.71
CA GLN I 263 -12.55 8.30 30.84
C GLN I 263 -13.40 9.53 30.51
N SER I 264 -14.66 9.33 30.12
CA SER I 264 -15.58 10.39 29.64
C SER I 264 -17.03 10.11 30.08
N GLU I 265 -17.85 11.16 30.19
CA GLU I 265 -19.30 11.10 30.48
C GLU I 265 -20.10 11.26 29.18
N ALA I 266 -19.44 11.59 28.07
CA ALA I 266 -20.06 11.96 26.78
C ALA I 266 -20.62 10.72 26.09
N PRO I 267 -21.79 10.80 25.41
CA PRO I 267 -22.34 9.68 24.65
C PRO I 267 -21.57 9.41 23.34
N ILE I 268 -21.61 8.17 22.86
CA ILE I 268 -20.90 7.73 21.62
C ILE I 268 -21.61 8.28 20.38
N ASP I 269 -20.85 8.65 19.36
CA ASP I 269 -21.30 9.01 17.99
C ASP I 269 -20.40 8.27 16.99
N ASN I 270 -20.95 7.33 16.22
CA ASN I 270 -20.19 6.45 15.29
C ASN I 270 -20.08 7.08 13.90
N SER I 271 -20.56 8.33 13.73
CA SER I 271 -20.59 9.04 12.42
C SER I 271 -19.31 9.88 12.24
N CYS I 272 -18.88 10.60 13.27
CA CYS I 272 -17.70 11.51 13.27
C CYS I 272 -16.43 10.73 13.65
N GLU I 273 -15.27 11.19 13.18
CA GLU I 273 -13.93 10.62 13.51
C GLU I 273 -13.17 11.64 14.37
N SER I 274 -12.28 11.17 15.25
CA SER I 274 -11.42 12.00 16.14
C SER I 274 -10.19 11.22 16.58
N LYS I 275 -9.13 11.95 16.94
CA LYS I 275 -7.85 11.39 17.47
C LYS I 275 -7.55 11.98 18.84
N CYS I 276 -8.39 12.88 19.36
CA CYS I 276 -8.20 13.60 20.64
C CYS I 276 -9.51 13.57 21.45
N PHE I 277 -9.42 13.17 22.71
CA PHE I 277 -10.58 13.01 23.63
C PHE I 277 -10.26 13.61 25.00
N TRP I 278 -11.30 14.03 25.71
CA TRP I 278 -11.24 14.47 27.13
C TRP I 278 -12.56 14.11 27.82
N ARG I 279 -12.63 14.34 29.13
CA ARG I 279 -13.82 14.06 29.98
C ARG I 279 -15.09 14.55 29.28
N GLY I 280 -15.04 15.70 28.64
CA GLY I 280 -16.21 16.42 28.08
C GLY I 280 -16.55 16.02 26.66
N GLY I 281 -15.68 15.28 25.96
CA GLY I 281 -15.98 14.73 24.62
C GLY I 281 -14.75 14.62 23.73
N SER I 282 -14.90 14.99 22.45
CA SER I 282 -13.86 14.88 21.39
C SER I 282 -13.44 16.27 20.91
N ILE I 283 -12.24 16.36 20.33
CA ILE I 283 -11.65 17.61 19.76
C ILE I 283 -11.16 17.33 18.34
N ASN I 284 -11.83 17.89 17.33
CA ASN I 284 -11.62 17.58 15.89
C ASN I 284 -10.87 18.71 15.19
N THR I 285 -10.50 19.78 15.90
CA THR I 285 -9.95 21.03 15.32
C THR I 285 -8.64 20.76 14.56
N ARG I 286 -8.38 21.55 13.51
CA ARG I 286 -7.08 21.60 12.81
C ARG I 286 -6.16 22.60 13.53
N LEU I 287 -6.69 23.39 14.46
CA LEU I 287 -5.95 24.46 15.19
C LEU I 287 -4.90 23.85 16.11
N PRO I 288 -3.75 24.54 16.31
CA PRO I 288 -2.64 24.02 17.10
C PRO I 288 -2.82 24.05 18.63
N PHE I 289 -3.68 24.94 19.13
CA PHE I 289 -3.91 25.19 20.58
C PHE I 289 -5.39 25.01 20.90
N GLN I 290 -5.70 25.02 22.20
CA GLN I 290 -6.98 24.54 22.77
C GLN I 290 -7.04 24.99 24.24
N ASN I 291 -8.19 25.49 24.71
CA ASN I 291 -8.38 25.94 26.13
C ASN I 291 -9.55 25.22 26.77
N LEU I 292 -9.83 23.99 26.35
CA LEU I 292 -10.97 23.16 26.86
C LEU I 292 -10.54 22.47 28.17
N SER I 293 -9.44 21.70 28.12
CA SER I 293 -8.91 20.94 29.29
C SER I 293 -7.41 20.68 29.13
N PRO I 294 -6.63 20.73 30.24
CA PRO I 294 -5.26 20.22 30.24
C PRO I 294 -5.19 18.69 30.31
N ARG I 295 -6.30 18.03 30.70
CA ARG I 295 -6.43 16.55 30.76
C ARG I 295 -7.04 16.05 29.45
N THR I 296 -6.20 15.67 28.47
CA THR I 296 -6.63 15.09 27.18
C THR I 296 -5.83 13.81 26.91
N VAL I 297 -6.31 12.98 25.98
CA VAL I 297 -5.63 11.73 25.54
C VAL I 297 -5.72 11.65 24.01
N GLY I 298 -4.73 11.03 23.37
CA GLY I 298 -4.63 10.87 21.91
C GLY I 298 -3.66 11.87 21.29
N GLN I 299 -3.86 12.20 20.01
CA GLN I 299 -3.08 13.22 19.25
C GLN I 299 -3.82 14.55 19.34
N CYS I 300 -3.38 15.45 20.22
CA CYS I 300 -4.17 16.60 20.73
C CYS I 300 -3.48 17.93 20.44
N PRO I 301 -4.27 19.01 20.19
CA PRO I 301 -3.74 20.37 20.29
C PRO I 301 -3.25 20.62 21.73
N LYS I 302 -2.29 21.52 21.90
CA LYS I 302 -1.67 21.82 23.21
C LYS I 302 -2.61 22.75 23.99
N TYR I 303 -2.78 22.49 25.28
CA TYR I 303 -3.58 23.34 26.20
C TYR I 303 -2.82 24.65 26.45
N VAL I 304 -3.54 25.77 26.44
CA VAL I 304 -3.01 27.14 26.72
C VAL I 304 -4.00 27.87 27.63
N ASN I 305 -3.51 28.67 28.58
CA ASN I 305 -4.34 29.57 29.45
C ASN I 305 -4.66 30.84 28.67
N LYS I 306 -5.41 30.72 27.57
CA LYS I 306 -5.72 31.83 26.63
C LYS I 306 -7.10 31.59 25.99
N LYS I 307 -7.99 32.55 26.08
CA LYS I 307 -9.35 32.51 25.48
C LYS I 307 -9.22 32.53 23.94
N SER I 308 -8.46 33.51 23.42
CA SER I 308 -8.32 33.81 21.96
C SER I 308 -6.88 34.21 21.63
N LEU I 309 -6.38 33.78 20.48
CA LEU I 309 -5.12 34.27 19.85
C LEU I 309 -5.34 34.43 18.35
N MET I 310 -5.57 35.66 17.90
CA MET I 310 -5.88 35.97 16.49
C MET I 310 -4.57 36.13 15.70
N LEU I 311 -4.42 35.34 14.64
CA LEU I 311 -3.28 35.38 13.70
C LEU I 311 -3.70 36.19 12.46
N ALA I 312 -3.01 37.30 12.19
CA ALA I 312 -3.30 38.21 11.06
C ALA I 312 -3.11 37.45 9.74
N THR I 313 -4.05 37.60 8.81
CA THR I 313 -4.02 37.01 7.44
C THR I 313 -4.17 38.13 6.41
N GLY I 314 -3.90 39.37 6.81
CA GLY I 314 -3.99 40.56 5.94
C GLY I 314 -3.17 41.73 6.49
N MET I 315 -2.95 42.75 5.65
CA MET I 315 -2.18 43.97 6.00
C MET I 315 -2.90 44.79 7.07
N ARG I 316 -2.22 45.80 7.62
CA ARG I 316 -2.83 46.88 8.45
C ARG I 316 -4.06 47.40 7.73
N ASN I 317 -5.16 47.60 8.46
CA ASN I 317 -6.39 48.24 7.95
C ASN I 317 -6.33 49.73 8.30
N VAL I 318 -6.26 50.59 7.29
CA VAL I 318 -6.28 52.08 7.43
C VAL I 318 -7.42 52.59 6.56
N PRO I 319 -8.65 52.72 7.12
CA PRO I 319 -9.84 53.01 6.33
C PRO I 319 -9.99 54.50 5.99
N GLU I 320 -11.01 54.82 5.18
CA GLU I 320 -11.17 56.09 4.42
C GLU I 320 -12.14 57.01 5.15
N GLY J 1 4.94 52.02 9.44
CA GLY J 1 5.61 50.72 9.73
C GLY J 1 7.04 50.70 9.20
N LEU J 2 7.68 49.53 9.24
CA LEU J 2 9.12 49.33 8.91
C LEU J 2 9.44 49.96 7.54
N PHE J 3 8.61 49.73 6.51
CA PHE J 3 8.92 50.08 5.11
C PHE J 3 8.25 51.40 4.70
N GLY J 4 7.44 51.99 5.59
CA GLY J 4 7.01 53.40 5.52
C GLY J 4 5.94 53.68 4.46
N ALA J 5 5.37 52.64 3.83
CA ALA J 5 4.36 52.78 2.74
C ALA J 5 2.94 52.71 3.32
N ILE J 6 2.51 51.53 3.79
CA ILE J 6 1.16 51.33 4.39
C ILE J 6 1.15 51.95 5.78
N ALA J 7 0.12 52.75 6.09
CA ALA J 7 0.03 53.62 7.29
C ALA J 7 1.27 54.51 7.36
N GLY J 8 1.80 54.89 6.20
CA GLY J 8 3.00 55.75 6.05
C GLY J 8 2.75 56.83 5.02
N PHE J 9 3.52 56.87 3.92
CA PHE J 9 3.44 57.94 2.89
C PHE J 9 2.17 57.75 2.03
N ILE J 10 1.56 56.56 2.05
CA ILE J 10 0.19 56.31 1.50
C ILE J 10 -0.82 56.54 2.62
N GLU J 11 -1.61 57.62 2.53
CA GLU J 11 -2.44 58.17 3.63
C GLU J 11 -3.40 57.10 4.16
N ASN J 12 -4.11 56.42 3.26
CA ASN J 12 -5.15 55.43 3.64
C ASN J 12 -5.32 54.39 2.53
N GLY J 13 -6.10 53.35 2.81
CA GLY J 13 -6.42 52.29 1.85
C GLY J 13 -7.67 52.62 1.06
N TRP J 14 -7.99 51.79 0.08
CA TRP J 14 -9.14 51.96 -0.86
C TRP J 14 -10.16 50.84 -0.60
N GLU J 15 -11.28 51.17 0.06
CA GLU J 15 -12.39 50.22 0.34
C GLU J 15 -13.02 49.79 -1.00
N GLY J 16 -12.98 50.67 -2.00
CA GLY J 16 -13.54 50.44 -3.35
C GLY J 16 -12.77 49.41 -4.16
N MET J 17 -11.58 48.98 -3.69
CA MET J 17 -10.72 47.99 -4.38
C MET J 17 -10.96 46.60 -3.77
N VAL J 18 -11.64 45.72 -4.51
CA VAL J 18 -12.15 44.41 -3.99
C VAL J 18 -11.51 43.24 -4.75
N ASP J 19 -10.87 43.49 -5.90
CA ASP J 19 -10.34 42.43 -6.82
C ASP J 19 -8.82 42.27 -6.63
N GLY J 20 -8.25 42.87 -5.58
CA GLY J 20 -6.80 42.79 -5.29
C GLY J 20 -6.43 43.48 -3.99
N TRP J 21 -5.21 43.25 -3.52
CA TRP J 21 -4.63 43.81 -2.26
C TRP J 21 -3.94 45.13 -2.57
N TYR J 22 -3.18 45.17 -3.67
CA TYR J 22 -2.46 46.36 -4.17
C TYR J 22 -2.97 46.68 -5.59
N GLY J 23 -2.89 47.94 -6.00
CA GLY J 23 -3.23 48.34 -7.38
C GLY J 23 -3.02 49.81 -7.66
N PHE J 24 -3.53 50.27 -8.80
CA PHE J 24 -3.31 51.62 -9.38
C PHE J 24 -4.64 52.35 -9.56
N ARG J 25 -4.61 53.68 -9.39
CA ARG J 25 -5.64 54.63 -9.88
C ARG J 25 -4.92 55.67 -10.75
N HIS J 26 -5.49 56.05 -11.89
CA HIS J 26 -4.89 57.04 -12.83
C HIS J 26 -5.94 58.12 -13.16
N GLN J 27 -5.47 59.32 -13.50
CA GLN J 27 -6.26 60.38 -14.18
C GLN J 27 -5.47 60.85 -15.41
N ASN J 28 -6.13 60.87 -16.57
CA ASN J 28 -5.59 61.45 -17.83
C ASN J 28 -6.72 62.22 -18.53
N ALA J 29 -6.46 62.71 -19.75
CA ALA J 29 -7.44 63.41 -20.60
C ALA J 29 -8.73 62.58 -20.72
N GLN J 30 -8.61 61.31 -21.08
CA GLN J 30 -9.73 60.37 -21.37
C GLN J 30 -10.56 60.08 -20.11
N GLY J 31 -10.01 60.36 -18.91
CA GLY J 31 -10.75 60.25 -17.63
C GLY J 31 -9.99 59.47 -16.58
N THR J 32 -10.69 58.58 -15.87
CA THR J 32 -10.24 57.92 -14.61
C THR J 32 -10.27 56.39 -14.81
N GLY J 33 -9.44 55.67 -14.05
CA GLY J 33 -9.35 54.19 -14.09
C GLY J 33 -8.76 53.61 -12.82
N GLN J 34 -9.24 52.42 -12.42
CA GLN J 34 -8.70 51.62 -11.29
C GLN J 34 -8.33 50.23 -11.83
N ALA J 35 -7.30 49.60 -11.27
CA ALA J 35 -6.86 48.23 -11.63
C ALA J 35 -6.01 47.64 -10.50
N ALA J 36 -6.13 46.33 -10.28
CA ALA J 36 -5.36 45.57 -9.26
C ALA J 36 -4.06 45.05 -9.89
N ASP J 37 -2.97 45.04 -9.11
CA ASP J 37 -1.69 44.37 -9.49
C ASP J 37 -1.76 42.92 -9.00
N TYR J 38 -1.75 41.97 -9.94
CA TYR J 38 -1.88 40.52 -9.65
C TYR J 38 -0.61 40.01 -8.94
N LYS J 39 0.56 40.30 -9.50
CA LYS J 39 1.86 39.73 -9.05
C LYS J 39 2.09 40.05 -7.57
N SER J 40 1.92 41.33 -7.18
CA SER J 40 2.17 41.81 -5.80
C SER J 40 1.12 41.23 -4.85
N THR J 41 -0.15 41.21 -5.25
CA THR J 41 -1.27 40.64 -4.45
C THR J 41 -0.98 39.16 -4.15
N GLN J 42 -0.54 38.41 -5.15
CA GLN J 42 -0.34 36.94 -5.04
C GLN J 42 0.89 36.64 -4.17
N ALA J 43 1.96 37.43 -4.32
CA ALA J 43 3.20 37.32 -3.53
C ALA J 43 2.88 37.43 -2.03
N ALA J 44 1.97 38.34 -1.66
CA ALA J 44 1.54 38.59 -0.26
C ALA J 44 0.69 37.43 0.24
N ILE J 45 -0.28 36.98 -0.56
CA ILE J 45 -1.23 35.88 -0.20
C ILE J 45 -0.44 34.57 -0.07
N ASP J 46 0.46 34.28 -1.01
CA ASP J 46 1.27 33.04 -1.04
C ASP J 46 2.14 32.95 0.23
N GLN J 47 2.66 34.10 0.72
CA GLN J 47 3.49 34.17 1.95
C GLN J 47 2.63 33.90 3.19
N ILE J 48 1.40 34.41 3.22
CA ILE J 48 0.43 34.22 4.34
C ILE J 48 -0.06 32.76 4.32
N THR J 49 -0.38 32.20 3.15
CA THR J 49 -0.75 30.78 2.98
C THR J 49 0.37 29.90 3.54
N GLY J 50 1.63 30.29 3.30
CA GLY J 50 2.82 29.60 3.82
C GLY J 50 2.85 29.55 5.34
N LYS J 51 2.56 30.67 6.00
CA LYS J 51 2.52 30.77 7.48
C LYS J 51 1.43 29.83 8.03
N LEU J 52 0.24 29.85 7.43
CA LEU J 52 -0.92 29.05 7.87
C LEU J 52 -0.58 27.56 7.77
N ASN J 53 0.07 27.14 6.68
CA ASN J 53 0.51 25.73 6.45
C ASN J 53 1.40 25.27 7.60
N ARG J 54 2.24 26.18 8.11
CA ARG J 54 3.29 25.88 9.12
C ARG J 54 2.70 25.93 10.54
N ILE J 55 1.72 26.81 10.80
CA ILE J 55 1.18 27.10 12.16
C ILE J 55 -0.07 26.25 12.43
N ILE J 56 -0.99 26.14 11.46
CA ILE J 56 -2.28 25.40 11.63
C ILE J 56 -1.97 23.91 11.50
N LYS J 57 -1.53 23.30 12.59
CA LYS J 57 -0.95 21.94 12.68
C LYS J 57 -0.87 21.52 14.16
N LYS J 58 -0.94 20.22 14.44
CA LYS J 58 -0.66 19.65 15.80
C LYS J 58 0.45 18.61 15.65
N THR J 59 1.04 18.17 16.77
CA THR J 59 2.04 17.06 16.79
C THR J 59 1.26 15.75 16.62
N ASN J 60 1.91 14.72 16.07
CA ASN J 60 1.30 13.38 15.86
C ASN J 60 1.66 12.47 17.04
N THR J 61 2.24 13.02 18.11
CA THR J 61 2.61 12.31 19.35
C THR J 61 1.34 11.81 20.06
N GLU J 62 1.29 10.52 20.37
CA GLU J 62 0.17 9.86 21.10
C GLU J 62 0.44 9.98 22.60
N PHE J 63 -0.50 10.58 23.34
CA PHE J 63 -0.45 10.76 24.81
C PHE J 63 -1.52 9.86 25.46
N GLU J 64 -1.12 9.13 26.50
CA GLU J 64 -2.02 8.35 27.38
C GLU J 64 -2.34 9.18 28.62
N SER J 65 -3.33 8.75 29.40
CA SER J 65 -3.77 9.39 30.66
C SER J 65 -2.74 9.07 31.76
N ILE J 66 -2.38 10.07 32.56
CA ILE J 66 -1.56 9.91 33.80
C ILE J 66 -2.37 10.33 35.04
N GLU J 67 -3.48 11.06 34.85
CA GLU J 67 -4.47 11.37 35.92
C GLU J 67 -5.79 10.65 35.64
N SER J 68 -6.34 9.94 36.62
CA SER J 68 -7.70 9.35 36.57
C SER J 68 -8.75 10.46 36.76
N GLU J 69 -9.80 10.45 35.92
CA GLU J 69 -10.91 11.43 35.97
C GLU J 69 -11.87 11.06 37.11
N PHE J 70 -12.03 9.77 37.39
CA PHE J 70 -13.15 9.21 38.20
C PHE J 70 -12.65 8.56 39.51
N SER J 71 -11.35 8.54 39.77
CA SER J 71 -10.75 7.92 40.99
C SER J 71 -9.69 8.86 41.58
N GLU J 72 -9.34 8.61 42.85
CA GLU J 72 -8.33 9.37 43.63
C GLU J 72 -6.94 8.76 43.33
N ILE J 73 -5.96 9.62 43.02
CA ILE J 73 -4.54 9.24 42.72
C ILE J 73 -3.71 9.54 43.97
N ASP J 74 -2.57 8.86 44.15
CA ASP J 74 -1.60 9.12 45.26
C ASP J 74 -1.31 10.63 45.30
N HIS J 75 -1.35 11.22 46.50
CA HIS J 75 -1.29 12.69 46.73
C HIS J 75 0.06 13.25 46.29
N GLN J 76 1.15 12.52 46.51
CA GLN J 76 2.54 13.01 46.25
C GLN J 76 2.79 13.09 44.74
N ILE J 77 2.50 12.01 44.01
CA ILE J 77 2.70 11.94 42.53
C ILE J 77 1.66 12.84 41.84
N GLY J 78 0.46 12.96 42.42
CA GLY J 78 -0.59 13.91 41.98
C GLY J 78 -0.09 15.34 42.00
N ASN J 79 0.62 15.73 43.06
CA ASN J 79 1.23 17.09 43.20
C ASN J 79 2.34 17.26 42.16
N VAL J 80 3.15 16.22 41.91
CA VAL J 80 4.25 16.25 40.89
C VAL J 80 3.63 16.44 39.50
N ILE J 81 2.59 15.67 39.18
CA ILE J 81 1.87 15.75 37.88
C ILE J 81 1.28 17.16 37.71
N ASN J 82 0.63 17.68 38.75
CA ASN J 82 0.00 19.04 38.73
C ASN J 82 1.07 20.09 38.45
N TRP J 83 2.23 19.98 39.09
CA TRP J 83 3.37 20.93 38.93
C TRP J 83 3.91 20.88 37.50
N THR J 84 4.09 19.67 36.96
CA THR J 84 4.67 19.43 35.61
C THR J 84 3.70 19.98 34.55
N LYS J 85 2.41 19.63 34.62
CA LYS J 85 1.37 20.05 33.64
C LYS J 85 1.24 21.58 33.64
N ASP J 86 1.20 22.22 34.81
CA ASP J 86 1.09 23.70 34.91
C ASP J 86 2.34 24.34 34.30
N SER J 87 3.52 23.74 34.49
CA SER J 87 4.81 24.23 33.94
C SER J 87 4.80 24.11 32.41
N ILE J 88 4.34 22.96 31.88
CA ILE J 88 4.24 22.70 30.42
C ILE J 88 3.22 23.67 29.82
N THR J 89 2.12 23.94 30.52
CA THR J 89 1.03 24.83 30.05
C THR J 89 1.54 26.27 29.99
N ASP J 90 2.37 26.68 30.96
CA ASP J 90 2.97 28.04 30.99
C ASP J 90 3.93 28.20 29.79
N ILE J 91 4.65 27.14 29.44
CA ILE J 91 5.58 27.14 28.27
C ILE J 91 4.76 27.29 26.99
N TRP J 92 3.72 26.47 26.79
CA TRP J 92 2.92 26.47 25.53
C TRP J 92 2.13 27.78 25.42
N THR J 93 1.65 28.35 26.52
CA THR J 93 0.90 29.62 26.53
C THR J 93 1.86 30.73 26.08
N TYR J 94 3.08 30.73 26.61
CA TYR J 94 4.15 31.70 26.25
C TYR J 94 4.47 31.55 24.76
N GLN J 95 4.73 30.31 24.31
CA GLN J 95 5.13 30.02 22.92
C GLN J 95 4.03 30.45 21.95
N ALA J 96 2.77 30.18 22.30
CA ALA J 96 1.58 30.55 21.50
C ALA J 96 1.51 32.08 21.36
N GLU J 97 1.56 32.81 22.48
CA GLU J 97 1.48 34.29 22.53
C GLU J 97 2.62 34.90 21.70
N LEU J 98 3.83 34.35 21.80
CA LEU J 98 5.04 34.86 21.12
C LEU J 98 4.94 34.57 19.62
N LEU J 99 4.61 33.33 19.25
CA LEU J 99 4.48 32.91 17.82
C LEU J 99 3.55 33.89 17.11
N VAL J 100 2.35 34.07 17.64
CA VAL J 100 1.27 34.88 16.99
C VAL J 100 1.72 36.35 16.96
N ALA J 101 2.25 36.88 18.06
CA ALA J 101 2.77 38.26 18.14
C ALA J 101 3.84 38.48 17.08
N MET J 102 4.81 37.56 17.00
CA MET J 102 5.96 37.61 16.06
C MET J 102 5.47 37.50 14.62
N GLU J 103 4.59 36.54 14.33
CA GLU J 103 4.04 36.31 12.97
C GLU J 103 3.23 37.54 12.53
N ASN J 104 2.38 38.08 13.40
CA ASN J 104 1.52 39.26 13.12
C ASN J 104 2.42 40.43 12.74
N GLN J 105 3.51 40.64 13.48
CA GLN J 105 4.52 41.70 13.20
C GLN J 105 5.09 41.49 11.79
N HIS J 106 5.46 40.25 11.45
CA HIS J 106 6.07 39.90 10.14
C HIS J 106 5.04 40.09 9.02
N THR J 107 3.80 39.63 9.19
CA THR J 107 2.71 39.73 8.19
C THR J 107 2.48 41.19 7.82
N ILE J 108 2.27 42.04 8.84
CA ILE J 108 2.03 43.50 8.69
C ILE J 108 3.18 44.13 7.92
N ASP J 109 4.42 43.80 8.26
CA ASP J 109 5.65 44.40 7.67
C ASP J 109 5.89 43.83 6.28
N MET J 110 5.66 42.53 6.07
CA MET J 110 5.81 41.86 4.75
C MET J 110 4.86 42.53 3.75
N ALA J 111 3.61 42.79 4.16
CA ALA J 111 2.57 43.43 3.34
C ALA J 111 3.00 44.88 2.99
N ASP J 112 3.57 45.58 3.96
CA ASP J 112 4.14 46.95 3.80
C ASP J 112 5.24 46.90 2.73
N SER J 113 6.09 45.88 2.78
CA SER J 113 7.28 45.74 1.88
C SER J 113 6.82 45.50 0.44
N GLU J 114 5.75 44.74 0.23
CA GLU J 114 5.22 44.42 -1.12
C GLU J 114 4.66 45.69 -1.77
N MET J 115 4.02 46.55 -0.96
CA MET J 115 3.53 47.88 -1.42
C MET J 115 4.72 48.72 -1.88
N LEU J 116 5.75 48.83 -1.04
CA LEU J 116 6.97 49.64 -1.34
C LEU J 116 7.66 49.09 -2.59
N ASN J 117 7.74 47.78 -2.76
CA ASN J 117 8.44 47.11 -3.89
C ASN J 117 7.73 47.43 -5.21
N LEU J 118 6.40 47.50 -5.21
CA LEU J 118 5.58 47.86 -6.39
C LEU J 118 5.86 49.33 -6.74
N TYR J 119 5.83 50.21 -5.74
CA TYR J 119 6.11 51.66 -5.86
C TYR J 119 7.49 51.87 -6.49
N GLU J 120 8.51 51.15 -6.01
CA GLU J 120 9.91 51.28 -6.50
C GLU J 120 10.01 50.78 -7.93
N ARG J 121 9.28 49.71 -8.27
CA ARG J 121 9.28 49.10 -9.62
C ARG J 121 8.78 50.16 -10.63
N VAL J 122 7.69 50.86 -10.29
CA VAL J 122 7.04 51.89 -11.13
C VAL J 122 7.98 53.10 -11.26
N ARG J 123 8.51 53.60 -10.13
CA ARG J 123 9.44 54.76 -10.11
C ARG J 123 10.55 54.52 -11.13
N LYS J 124 11.14 53.33 -11.14
CA LYS J 124 12.31 52.96 -11.99
C LYS J 124 11.87 52.85 -13.46
N GLN J 125 10.67 52.32 -13.71
CA GLN J 125 10.08 52.23 -15.08
C GLN J 125 9.94 53.61 -15.70
N LEU J 126 9.32 54.54 -14.98
CA LEU J 126 8.99 55.92 -15.46
C LEU J 126 10.27 56.74 -15.63
N ARG J 127 11.34 56.37 -14.92
CA ARG J 127 12.69 56.95 -15.08
C ARG J 127 12.57 58.49 -14.93
N GLN J 128 12.89 59.28 -15.96
CA GLN J 128 12.94 60.76 -15.89
C GLN J 128 11.65 61.38 -16.45
N ASN J 129 10.64 60.58 -16.77
CA ASN J 129 9.38 61.04 -17.42
C ASN J 129 8.32 61.41 -16.37
N ALA J 130 8.60 61.19 -15.07
CA ALA J 130 7.65 61.41 -13.97
C ALA J 130 8.38 61.88 -12.71
N GLU J 131 7.64 62.44 -11.75
CA GLU J 131 8.15 62.89 -10.43
C GLU J 131 7.20 62.39 -9.34
N GLU J 132 7.74 62.21 -8.13
CA GLU J 132 7.00 61.67 -6.96
C GLU J 132 6.24 62.81 -6.29
N ASP J 133 4.95 62.60 -6.02
CA ASP J 133 4.04 63.58 -5.36
C ASP J 133 4.14 63.45 -3.82
N GLY J 134 4.83 62.43 -3.32
CA GLY J 134 5.08 62.24 -1.87
C GLY J 134 3.97 61.47 -1.17
N LYS J 135 2.81 61.29 -1.82
CA LYS J 135 1.61 60.62 -1.26
C LYS J 135 1.35 59.28 -1.97
N GLY J 136 2.32 58.77 -2.71
CA GLY J 136 2.25 57.45 -3.39
C GLY J 136 1.87 57.56 -4.86
N CYS J 137 1.70 58.77 -5.39
CA CYS J 137 1.37 59.04 -6.81
C CYS J 137 2.61 59.52 -7.56
N PHE J 138 2.66 59.24 -8.87
CA PHE J 138 3.65 59.81 -9.82
C PHE J 138 2.93 60.78 -10.76
N GLU J 139 3.35 62.04 -10.79
CA GLU J 139 2.90 63.05 -11.79
C GLU J 139 3.71 62.81 -13.06
N ILE J 140 3.04 62.40 -14.15
CA ILE J 140 3.67 62.06 -15.45
C ILE J 140 3.65 63.31 -16.35
N TYR J 141 4.81 63.70 -16.87
CA TYR J 141 5.04 64.99 -17.61
C TYR J 141 4.94 64.75 -19.13
N HIS J 142 3.92 64.00 -19.56
CA HIS J 142 3.58 63.79 -20.99
C HIS J 142 2.17 63.22 -21.10
N ALA J 143 1.49 63.45 -22.23
CA ALA J 143 0.19 62.85 -22.57
C ALA J 143 0.32 61.32 -22.45
N CYS J 144 -0.31 60.74 -21.42
CA CYS J 144 -0.32 59.28 -21.15
C CYS J 144 -1.76 58.78 -21.22
N ASP J 145 -2.13 58.16 -22.35
CA ASP J 145 -3.50 57.65 -22.64
C ASP J 145 -3.68 56.27 -21.99
N ASP J 146 -4.82 55.63 -22.19
CA ASP J 146 -5.19 54.35 -21.52
C ASP J 146 -4.23 53.22 -21.93
N SER J 147 -3.67 53.27 -23.15
CA SER J 147 -2.64 52.30 -23.63
C SER J 147 -1.35 52.47 -22.82
N CYS J 148 -0.89 53.71 -22.67
CA CYS J 148 0.33 54.11 -21.91
C CYS J 148 0.17 53.70 -20.45
N MET J 149 -0.94 54.08 -19.81
CA MET J 149 -1.28 53.74 -18.41
C MET J 149 -1.26 52.21 -18.24
N GLU J 150 -1.84 51.48 -19.21
CA GLU J 150 -1.91 49.99 -19.21
C GLU J 150 -0.49 49.42 -19.30
N SER J 151 0.42 50.08 -20.02
CA SER J 151 1.81 49.61 -20.24
C SER J 151 2.65 49.78 -18.97
N ILE J 152 2.29 50.76 -18.12
CA ILE J 152 2.93 50.99 -16.78
C ILE J 152 2.52 49.83 -15.86
N ARG J 153 1.22 49.52 -15.80
CA ARG J 153 0.65 48.43 -14.96
C ARG J 153 1.19 47.07 -15.41
N ASN J 154 1.38 46.86 -16.71
CA ASN J 154 1.78 45.57 -17.32
C ASN J 154 3.31 45.50 -17.44
N ASN J 155 4.03 46.54 -17.00
CA ASN J 155 5.52 46.57 -16.88
C ASN J 155 6.15 46.50 -18.28
N THR J 156 5.57 47.20 -19.27
CA THR J 156 6.04 47.24 -20.69
C THR J 156 6.16 48.69 -21.17
N TYR J 157 6.23 49.65 -20.25
CA TYR J 157 6.40 51.10 -20.55
C TYR J 157 7.86 51.35 -20.96
N ASP J 158 8.06 51.93 -22.15
CA ASP J 158 9.40 52.30 -22.68
C ASP J 158 9.57 53.81 -22.48
N HIS J 159 10.40 54.20 -21.51
CA HIS J 159 10.64 55.60 -21.09
C HIS J 159 11.19 56.42 -22.27
N SER J 160 11.99 55.79 -23.14
CA SER J 160 12.76 56.47 -24.21
C SER J 160 11.81 57.12 -25.22
N GLN J 161 10.63 56.54 -25.44
CA GLN J 161 9.59 57.04 -26.39
C GLN J 161 9.12 58.44 -25.99
N TYR J 162 8.88 58.69 -24.69
CA TYR J 162 8.27 59.93 -24.16
C TYR J 162 9.30 60.86 -23.52
N ARG J 163 10.59 60.48 -23.52
CA ARG J 163 11.66 61.21 -22.77
C ARG J 163 11.74 62.67 -23.24
N GLU J 164 11.87 62.89 -24.56
CA GLU J 164 12.00 64.23 -25.18
C GLU J 164 10.89 65.15 -24.67
N GLU J 165 9.62 64.74 -24.87
CA GLU J 165 8.42 65.51 -24.46
C GLU J 165 8.46 65.77 -22.96
N ALA J 166 8.81 64.76 -22.17
CA ALA J 166 8.77 64.77 -20.69
C ALA J 166 9.82 65.75 -20.13
N LEU J 167 11.06 65.65 -20.60
CA LEU J 167 12.20 66.51 -20.14
C LEU J 167 11.88 67.99 -20.41
N LEU J 168 11.22 68.30 -21.53
CA LEU J 168 10.85 69.69 -21.91
C LEU J 168 9.77 70.21 -20.95
N ASN J 169 8.72 69.42 -20.69
CA ASN J 169 7.58 69.78 -19.80
C ASN J 169 8.06 69.96 -18.35
N ARG J 170 9.10 69.22 -17.93
CA ARG J 170 9.65 69.24 -16.54
C ARG J 170 10.47 70.51 -16.32
N LEU J 171 11.31 70.89 -17.30
CA LEU J 171 12.18 72.09 -17.26
C LEU J 171 11.34 73.35 -17.53
N ASN J 172 10.38 73.27 -18.46
CA ASN J 172 9.55 74.42 -18.91
C ASN J 172 10.43 75.50 -19.57
N PRO K 2 25.95 54.74 -23.70
CA PRO K 2 26.38 55.12 -22.33
C PRO K 2 27.14 54.00 -21.60
N ASP K 3 28.12 54.38 -20.77
CA ASP K 3 28.92 53.46 -19.92
C ASP K 3 28.05 52.98 -18.74
N LYS K 4 28.16 51.70 -18.38
CA LYS K 4 27.27 51.03 -17.39
C LYS K 4 28.09 50.48 -16.22
N ILE K 5 27.54 50.59 -15.01
CA ILE K 5 28.02 49.87 -13.80
C ILE K 5 26.81 49.15 -13.19
N CYS K 6 26.90 47.82 -13.05
CA CYS K 6 25.82 46.92 -12.57
C CYS K 6 26.18 46.38 -11.19
N LEU K 7 25.22 46.36 -10.26
CA LEU K 7 25.32 45.69 -8.95
C LEU K 7 24.71 44.29 -9.05
N GLY K 8 25.28 43.34 -8.30
CA GLY K 8 24.84 41.94 -8.32
C GLY K 8 25.43 41.15 -7.18
N HIS K 9 24.95 39.92 -7.01
CA HIS K 9 25.33 38.98 -5.93
C HIS K 9 25.78 37.65 -6.55
N HIS K 10 26.54 36.86 -5.79
CA HIS K 10 27.05 35.55 -6.24
C HIS K 10 25.87 34.57 -6.35
N ALA K 11 26.10 33.45 -7.02
CA ALA K 11 25.16 32.29 -7.09
C ALA K 11 26.00 31.02 -7.20
N VAL K 12 25.35 29.88 -7.09
CA VAL K 12 25.97 28.52 -7.25
C VAL K 12 24.99 27.67 -8.06
N ALA K 13 25.49 26.70 -8.82
CA ALA K 13 24.68 25.80 -9.67
C ALA K 13 23.87 24.86 -8.75
N ASN K 14 24.54 24.24 -7.78
CA ASN K 14 23.96 23.27 -6.82
C ASN K 14 23.68 23.97 -5.49
N GLY K 15 22.48 24.53 -5.34
CA GLY K 15 21.99 25.17 -4.09
C GLY K 15 21.35 24.15 -3.16
N THR K 16 21.11 24.53 -1.90
CA THR K 16 20.45 23.70 -0.86
C THR K 16 19.05 24.24 -0.56
N ILE K 17 18.11 23.34 -0.29
CA ILE K 17 16.69 23.66 0.10
C ILE K 17 16.64 23.79 1.63
N VAL K 18 16.09 24.89 2.13
CA VAL K 18 15.80 25.13 3.58
C VAL K 18 14.34 25.57 3.72
N LYS K 19 13.81 25.53 4.94
CA LYS K 19 12.46 26.03 5.29
C LYS K 19 12.59 27.42 5.90
N THR K 20 11.60 28.28 5.67
CA THR K 20 11.45 29.61 6.30
C THR K 20 10.06 29.67 6.95
N LEU K 21 9.69 30.82 7.55
CA LEU K 21 8.33 31.03 8.12
C LEU K 21 7.29 30.90 7.00
N THR K 22 7.68 31.28 5.78
CA THR K 22 6.79 31.60 4.64
C THR K 22 6.81 30.48 3.59
N ASN K 23 7.95 29.82 3.40
CA ASN K 23 8.22 28.93 2.24
C ASN K 23 8.90 27.65 2.74
N GLU K 24 8.41 26.49 2.29
CA GLU K 24 8.90 25.15 2.70
C GLU K 24 10.01 24.68 1.74
N GLN K 25 10.12 25.31 0.57
CA GLN K 25 11.06 24.90 -0.53
C GLN K 25 11.87 26.12 -0.98
N GLU K 26 12.73 26.66 -0.10
CA GLU K 26 13.51 27.90 -0.35
C GLU K 26 14.97 27.53 -0.66
N GLU K 27 15.44 27.78 -1.88
CA GLU K 27 16.82 27.46 -2.32
C GLU K 27 17.76 28.58 -1.85
N VAL K 28 18.82 28.21 -1.12
CA VAL K 28 19.89 29.15 -0.65
C VAL K 28 21.24 28.65 -1.17
N THR K 29 22.26 29.52 -1.15
CA THR K 29 23.62 29.24 -1.69
C THR K 29 24.31 28.17 -0.83
N ASN K 30 23.98 28.10 0.47
CA ASN K 30 24.67 27.18 1.42
C ASN K 30 23.80 27.04 2.68
N ALA K 31 23.92 25.89 3.35
CA ALA K 31 23.20 25.56 4.60
C ALA K 31 24.01 24.52 5.40
N THR K 32 23.76 24.43 6.70
CA THR K 32 24.44 23.48 7.62
C THR K 32 23.38 22.76 8.46
N GLU K 33 23.65 21.50 8.81
CA GLU K 33 22.75 20.62 9.60
C GLU K 33 22.80 21.07 11.07
N THR K 34 21.66 21.04 11.77
CA THR K 34 21.52 21.38 13.21
C THR K 34 21.11 20.15 14.04
N VAL K 35 20.75 19.04 13.39
CA VAL K 35 20.33 17.77 14.05
C VAL K 35 21.37 16.68 13.75
N GLU K 36 21.95 16.06 14.79
CA GLU K 36 22.91 14.94 14.64
C GLU K 36 22.14 13.63 14.42
N SER K 37 22.52 12.87 13.40
CA SER K 37 21.90 11.57 12.99
C SER K 37 22.88 10.40 13.19
N THR K 38 24.20 10.65 13.16
CA THR K 38 25.26 9.60 13.23
C THR K 38 25.76 9.47 14.67
N SER K 39 26.01 8.24 15.13
CA SER K 39 26.51 7.89 16.48
C SER K 39 27.86 7.18 16.37
N LEU K 40 28.65 7.22 17.44
CA LEU K 40 29.84 6.35 17.66
C LEU K 40 29.40 5.16 18.53
N ASN K 41 29.54 3.92 18.02
CA ASN K 41 29.19 2.69 18.78
C ASN K 41 30.33 2.32 19.74
N ARG K 42 30.75 3.30 20.56
CA ARG K 42 31.84 3.17 21.57
C ARG K 42 31.54 4.13 22.74
N LEU K 43 32.10 3.85 23.93
CA LEU K 43 32.03 4.75 25.11
C LEU K 43 33.34 5.51 25.22
N CYS K 44 33.35 6.79 24.83
CA CYS K 44 34.55 7.67 24.81
C CYS K 44 34.92 8.09 26.24
N MET K 45 35.91 7.41 26.83
CA MET K 45 36.23 7.47 28.28
C MET K 45 37.59 8.13 28.52
N LYS K 46 38.10 8.93 27.58
CA LYS K 46 39.36 9.70 27.78
C LYS K 46 39.10 10.80 28.81
N GLY K 47 40.05 11.02 29.72
CA GLY K 47 39.97 12.05 30.78
C GLY K 47 39.04 11.64 31.91
N ARG K 48 38.58 10.38 31.93
CA ARG K 48 37.60 9.85 32.91
C ARG K 48 38.19 8.66 33.67
N ASN K 49 38.27 8.77 35.00
CA ASN K 49 38.53 7.63 35.93
C ASN K 49 37.25 6.78 35.98
N HIS K 50 37.13 5.83 35.06
CA HIS K 50 35.90 5.04 34.82
C HIS K 50 36.02 3.62 35.41
N LYS K 51 34.90 2.91 35.49
CA LYS K 51 34.78 1.54 36.05
C LYS K 51 33.71 0.80 35.25
N ASP K 52 34.13 -0.14 34.40
CA ASP K 52 33.25 -1.08 33.67
C ASP K 52 32.95 -2.26 34.60
N LEU K 53 31.70 -2.39 35.05
CA LEU K 53 31.27 -3.44 36.01
C LEU K 53 31.11 -4.78 35.29
N GLY K 54 31.18 -4.80 33.95
CA GLY K 54 31.00 -6.02 33.14
C GLY K 54 29.78 -6.82 33.59
N ASN K 55 30.01 -8.00 34.16
CA ASN K 55 28.96 -8.98 34.54
C ASN K 55 28.39 -8.61 35.93
N CYS K 56 28.99 -7.65 36.65
CA CYS K 56 28.55 -7.22 38.00
C CYS K 56 27.48 -6.12 37.91
N HIS K 57 26.32 -6.33 38.57
CA HIS K 57 25.23 -5.33 38.71
C HIS K 57 25.53 -4.43 39.90
N PRO K 58 25.30 -3.10 39.79
CA PRO K 58 25.66 -2.16 40.86
C PRO K 58 25.30 -2.59 42.28
N ILE K 59 24.12 -3.20 42.47
CA ILE K 59 23.61 -3.65 43.80
C ILE K 59 24.50 -4.79 44.32
N GLY K 60 25.04 -5.61 43.42
CA GLY K 60 25.99 -6.68 43.76
C GLY K 60 27.22 -6.18 44.51
N MET K 61 27.61 -4.93 44.29
CA MET K 61 28.79 -4.29 44.93
C MET K 61 28.54 -4.15 46.44
N LEU K 62 27.30 -3.90 46.86
CA LEU K 62 26.95 -3.59 48.27
C LEU K 62 26.84 -4.88 49.08
N ILE K 63 26.36 -5.97 48.46
CA ILE K 63 26.07 -7.27 49.14
C ILE K 63 27.21 -8.27 48.86
N GLY K 64 27.97 -8.06 47.79
CA GLY K 64 29.19 -8.84 47.48
C GLY K 64 28.87 -10.19 46.85
N THR K 65 28.28 -10.18 45.66
CA THR K 65 28.07 -11.37 44.80
C THR K 65 29.43 -11.81 44.26
N PRO K 66 29.69 -13.12 44.07
CA PRO K 66 30.92 -13.59 43.43
C PRO K 66 31.35 -12.78 42.18
N ALA K 67 30.43 -12.58 41.24
CA ALA K 67 30.65 -11.85 39.96
C ALA K 67 31.18 -10.43 40.25
N CYS K 68 30.98 -9.91 41.46
CA CYS K 68 31.30 -8.51 41.84
C CYS K 68 32.52 -8.42 42.77
N ASP K 69 33.30 -9.51 42.88
CA ASP K 69 34.41 -9.63 43.86
C ASP K 69 35.48 -8.55 43.62
N LEU K 70 35.67 -8.10 42.37
CA LEU K 70 36.70 -7.09 42.00
C LEU K 70 36.15 -5.66 42.12
N HIS K 71 34.89 -5.50 42.57
CA HIS K 71 34.18 -4.20 42.60
C HIS K 71 33.55 -3.93 43.98
N LEU K 72 34.06 -4.55 45.04
CA LEU K 72 33.51 -4.39 46.43
C LEU K 72 33.85 -2.99 46.97
N THR K 73 34.92 -2.37 46.49
CA THR K 73 35.34 -0.98 46.83
C THR K 73 35.89 -0.30 45.58
N GLY K 74 36.12 1.02 45.63
CA GLY K 74 36.73 1.77 44.52
C GLY K 74 36.31 3.23 44.49
N THR K 75 36.94 4.02 43.61
CA THR K 75 36.56 5.41 43.27
C THR K 75 36.45 5.51 41.75
N TRP K 76 35.59 6.41 41.26
CA TRP K 76 35.32 6.62 39.82
C TRP K 76 34.56 7.94 39.64
N ASP K 77 34.66 8.55 38.46
CA ASP K 77 33.81 9.70 38.06
C ASP K 77 32.70 9.17 37.11
N THR K 78 32.86 7.95 36.61
CA THR K 78 31.94 7.31 35.63
C THR K 78 31.82 5.81 35.93
N LEU K 79 30.59 5.29 36.03
CA LEU K 79 30.29 3.87 36.30
C LEU K 79 29.46 3.31 35.15
N ILE K 80 29.92 2.23 34.50
CA ILE K 80 29.25 1.60 33.33
C ILE K 80 28.63 0.28 33.76
N GLU K 81 27.30 0.17 33.67
CA GLU K 81 26.47 -1.04 33.96
C GLU K 81 26.13 -1.69 32.63
N ARG K 82 26.06 -3.02 32.58
CA ARG K 82 25.87 -3.81 31.34
C ARG K 82 24.57 -4.60 31.39
N LYS K 83 24.19 -5.18 30.25
CA LYS K 83 22.99 -6.03 30.05
C LYS K 83 23.22 -7.39 30.72
N ASN K 84 22.20 -7.91 31.40
CA ASN K 84 22.19 -9.25 32.05
C ASN K 84 23.23 -9.31 33.17
N ALA K 85 23.59 -8.16 33.77
CA ALA K 85 24.53 -8.09 34.90
C ALA K 85 23.89 -8.79 36.11
N ILE K 86 24.67 -9.55 36.86
CA ILE K 86 24.21 -10.39 38.01
C ILE K 86 24.27 -9.54 39.29
N ALA K 87 23.17 -9.51 40.05
CA ALA K 87 23.07 -8.87 41.38
C ALA K 87 22.89 -9.95 42.46
N TYR K 88 22.08 -10.98 42.17
CA TYR K 88 21.66 -12.03 43.12
C TYR K 88 22.09 -13.40 42.57
N CYS K 89 22.98 -14.09 43.29
CA CYS K 89 23.34 -15.51 43.03
C CYS K 89 22.18 -16.40 43.50
N TYR K 90 21.76 -16.22 44.76
CA TYR K 90 20.59 -16.90 45.38
C TYR K 90 19.33 -16.15 44.96
N PRO K 91 18.23 -16.85 44.57
CA PRO K 91 17.04 -16.17 44.05
C PRO K 91 16.41 -15.21 45.08
N GLY K 92 15.95 -14.05 44.60
CA GLY K 92 15.36 -12.99 45.43
C GLY K 92 15.52 -11.62 44.77
N ALA K 93 15.02 -10.57 45.43
CA ALA K 93 15.00 -9.19 44.92
C ALA K 93 15.26 -8.21 46.06
N THR K 94 15.43 -6.93 45.71
CA THR K 94 15.62 -5.80 46.66
C THR K 94 14.35 -4.94 46.65
N VAL K 95 13.80 -4.61 47.83
CA VAL K 95 12.69 -3.62 47.96
C VAL K 95 13.30 -2.24 47.68
N ASN K 96 12.62 -1.43 46.86
CA ASN K 96 13.12 -0.10 46.39
C ASN K 96 14.39 -0.34 45.56
N GLU K 97 14.37 -1.35 44.69
CA GLU K 97 15.55 -1.81 43.88
C GLU K 97 16.05 -0.65 43.02
N GLU K 98 15.15 0.01 42.29
CA GLU K 98 15.50 1.03 41.27
C GLU K 98 16.08 2.27 41.96
N ALA K 99 15.56 2.63 43.14
CA ALA K 99 16.03 3.78 43.95
C ALA K 99 17.49 3.55 44.35
N LEU K 100 17.79 2.34 44.86
CA LEU K 100 19.15 1.93 45.30
C LEU K 100 20.10 1.96 44.10
N ARG K 101 19.69 1.36 42.97
CA ARG K 101 20.52 1.27 41.74
C ARG K 101 20.89 2.68 41.28
N GLN K 102 19.91 3.60 41.26
CA GLN K 102 20.08 5.01 40.80
C GLN K 102 21.06 5.72 41.75
N LYS K 103 20.98 5.44 43.05
CA LYS K 103 21.83 6.06 44.11
C LYS K 103 23.29 5.63 43.94
N ILE K 104 23.55 4.35 43.63
CA ILE K 104 24.91 3.80 43.39
C ILE K 104 25.46 4.39 42.09
N MET K 105 24.65 4.37 41.02
CA MET K 105 25.04 4.87 39.67
C MET K 105 25.31 6.38 39.70
N GLU K 106 24.78 7.09 40.71
CA GLU K 106 24.95 8.56 40.92
C GLU K 106 26.23 8.84 41.72
N SER K 107 26.75 7.83 42.44
CA SER K 107 27.92 7.94 43.35
C SER K 107 29.21 8.07 42.55
N GLY K 108 30.30 8.47 43.22
CA GLY K 108 31.66 8.55 42.66
C GLY K 108 32.62 7.58 43.33
N GLY K 109 32.10 6.52 43.95
CA GLY K 109 32.91 5.48 44.62
C GLY K 109 32.17 4.82 45.77
N ILE K 110 32.72 3.71 46.26
CA ILE K 110 32.17 2.91 47.41
C ILE K 110 33.32 2.51 48.33
N SER K 111 33.15 2.74 49.63
CA SER K 111 34.04 2.26 50.73
C SER K 111 33.22 1.35 51.65
N LYS K 112 33.87 0.38 52.31
CA LYS K 112 33.22 -0.61 53.20
C LYS K 112 33.68 -0.39 54.65
N ILE K 113 32.79 -0.59 55.62
CA ILE K 113 33.04 -0.47 57.09
C ILE K 113 32.50 -1.74 57.76
N ASN K 114 33.28 -2.36 58.64
CA ASN K 114 32.87 -3.57 59.41
C ASN K 114 31.77 -3.17 60.40
N THR K 115 30.73 -3.99 60.53
CA THR K 115 29.63 -3.79 61.51
C THR K 115 30.12 -4.22 62.90
N GLY K 116 30.97 -5.26 62.94
CA GLY K 116 31.54 -5.83 64.18
C GLY K 116 30.59 -6.82 64.84
N PHE K 117 29.49 -7.17 64.16
CA PHE K 117 28.40 -8.03 64.68
C PHE K 117 28.97 -9.39 65.08
N THR K 118 28.74 -9.79 66.34
CA THR K 118 29.13 -11.11 66.92
C THR K 118 27.85 -11.86 67.31
N TYR K 119 27.92 -13.19 67.37
CA TYR K 119 26.76 -14.08 67.61
C TYR K 119 27.14 -15.17 68.63
N GLY K 120 26.14 -15.66 69.36
CA GLY K 120 26.30 -16.75 70.35
C GLY K 120 26.77 -18.03 69.70
N SER K 121 27.26 -18.98 70.50
CA SER K 121 27.73 -20.32 70.04
C SER K 121 26.55 -21.17 69.57
N SER K 122 25.32 -20.79 69.94
CA SER K 122 24.04 -21.43 69.50
C SER K 122 23.67 -21.01 68.07
N ILE K 123 24.45 -20.12 67.45
CA ILE K 123 24.22 -19.60 66.06
C ILE K 123 25.41 -19.99 65.17
N ASN K 124 25.11 -20.45 63.95
CA ASN K 124 26.09 -20.71 62.86
C ASN K 124 26.01 -19.54 61.86
N SER K 125 27.08 -18.72 61.79
CA SER K 125 27.15 -17.50 60.94
C SER K 125 27.64 -17.83 59.53
N ALA K 126 28.14 -19.06 59.30
CA ALA K 126 28.84 -19.48 58.07
C ALA K 126 27.92 -20.30 57.16
N GLY K 127 26.61 -20.00 57.17
CA GLY K 127 25.63 -20.59 56.23
C GLY K 127 25.99 -20.26 54.79
N THR K 128 26.08 -21.28 53.92
CA THR K 128 26.51 -21.16 52.49
C THR K 128 25.44 -21.77 51.59
N THR K 129 25.62 -21.69 50.26
CA THR K 129 24.69 -22.26 49.25
C THR K 129 25.44 -22.55 47.95
N LYS K 130 24.87 -23.43 47.12
CA LYS K 130 25.45 -23.85 45.80
C LYS K 130 25.18 -22.77 44.74
N ALA K 131 24.23 -21.87 44.99
CA ALA K 131 23.84 -20.76 44.08
C ALA K 131 25.02 -19.78 43.95
N CYS K 132 25.73 -19.54 45.05
CA CYS K 132 26.85 -18.56 45.17
C CYS K 132 28.18 -19.33 45.27
N MET K 133 28.71 -19.80 44.13
CA MET K 133 29.95 -20.60 44.04
C MET K 133 31.17 -19.66 44.05
N ARG K 134 32.20 -20.03 44.80
CA ARG K 134 33.46 -19.26 44.92
C ARG K 134 34.61 -20.24 45.22
N ASN K 135 35.62 -20.29 44.35
CA ASN K 135 36.79 -21.21 44.41
C ASN K 135 36.29 -22.67 44.31
N GLY K 136 35.27 -22.92 43.48
CA GLY K 136 34.72 -24.26 43.20
C GLY K 136 33.83 -24.79 44.32
N GLY K 137 33.82 -24.15 45.49
CA GLY K 137 33.05 -24.59 46.67
C GLY K 137 31.86 -23.68 46.95
N ASN K 138 30.83 -24.21 47.62
CA ASN K 138 29.67 -23.46 48.13
C ASN K 138 30.16 -22.26 48.95
N SER K 139 29.49 -21.11 48.81
CA SER K 139 29.84 -19.83 49.48
C SER K 139 28.56 -18.99 49.69
N PHE K 140 28.72 -17.73 50.07
CA PHE K 140 27.62 -16.76 50.31
C PHE K 140 28.09 -15.34 49.97
N TYR K 141 27.16 -14.40 49.94
CA TYR K 141 27.39 -12.95 49.73
C TYR K 141 28.50 -12.49 50.69
N ALA K 142 29.55 -11.86 50.16
CA ALA K 142 30.79 -11.49 50.88
C ALA K 142 30.49 -10.54 52.05
N GLU K 143 29.48 -9.68 51.93
CA GLU K 143 29.22 -8.56 52.87
C GLU K 143 28.09 -8.92 53.84
N LEU K 144 27.54 -10.13 53.73
CA LEU K 144 26.41 -10.60 54.57
C LEU K 144 26.75 -11.97 55.16
N LYS K 145 26.06 -12.35 56.23
CA LYS K 145 26.22 -13.68 56.89
C LYS K 145 24.83 -14.29 57.10
N TRP K 146 24.66 -15.53 56.65
CA TRP K 146 23.43 -16.35 56.81
C TRP K 146 23.43 -16.99 58.20
N LEU K 147 22.64 -16.44 59.13
CA LEU K 147 22.55 -16.90 60.53
C LEU K 147 21.53 -18.04 60.61
N VAL K 148 21.97 -19.22 61.06
CA VAL K 148 21.14 -20.44 61.23
C VAL K 148 21.47 -21.07 62.60
N SER K 149 20.50 -21.78 63.20
CA SER K 149 20.68 -22.58 64.45
C SER K 149 21.82 -23.58 64.24
N LYS K 150 22.73 -23.69 65.21
CA LYS K 150 23.94 -24.58 65.14
C LYS K 150 23.48 -26.04 65.10
N ASN K 151 22.45 -26.39 65.89
CA ASN K 151 21.84 -27.74 65.96
C ASN K 151 20.51 -27.74 65.18
N LYS K 152 20.41 -28.60 64.16
CA LYS K 152 19.23 -28.72 63.26
C LYS K 152 17.96 -28.91 64.10
N GLY K 153 16.91 -28.13 63.83
CA GLY K 153 15.59 -28.26 64.46
C GLY K 153 15.43 -27.37 65.69
N GLN K 154 16.53 -27.00 66.35
CA GLN K 154 16.52 -26.24 67.62
C GLN K 154 16.11 -24.79 67.37
N ASN K 155 15.47 -24.17 68.37
CA ASN K 155 15.02 -22.75 68.36
C ASN K 155 16.25 -21.82 68.23
N PHE K 156 16.22 -20.92 67.26
CA PHE K 156 17.22 -19.83 67.05
C PHE K 156 17.04 -18.82 68.18
N PRO K 157 18.12 -18.49 68.94
CA PRO K 157 17.99 -17.64 70.12
C PRO K 157 17.69 -16.16 69.78
N GLN K 158 16.94 -15.49 70.65
CA GLN K 158 16.61 -14.04 70.55
C GLN K 158 17.92 -13.23 70.64
N THR K 159 18.35 -12.65 69.51
CA THR K 159 19.65 -11.94 69.36
C THR K 159 19.39 -10.45 69.07
N THR K 160 20.27 -9.58 69.57
CA THR K 160 20.26 -8.12 69.34
C THR K 160 21.65 -7.69 68.86
N ASN K 161 21.71 -7.09 67.66
CA ASN K 161 22.95 -6.49 67.09
C ASN K 161 22.66 -5.02 66.74
N THR K 162 23.58 -4.12 67.07
CA THR K 162 23.44 -2.66 66.90
C THR K 162 24.70 -2.12 66.22
N TYR K 163 24.56 -1.44 65.08
CA TYR K 163 25.65 -0.74 64.37
C TYR K 163 25.53 0.77 64.63
N ARG K 164 26.61 1.40 65.09
CA ARG K 164 26.70 2.87 65.27
C ARG K 164 27.53 3.46 64.13
N ASN K 165 27.03 4.52 63.49
CA ASN K 165 27.77 5.31 62.46
C ASN K 165 28.73 6.24 63.18
N ALA K 166 30.00 5.84 63.28
CA ALA K 166 31.10 6.59 63.94
C ALA K 166 31.67 7.64 62.99
N ASP K 167 31.32 7.59 61.70
CA ASP K 167 31.87 8.45 60.62
C ASP K 167 31.16 9.81 60.64
N THR K 168 31.57 10.73 59.75
CA THR K 168 31.00 12.10 59.60
C THR K 168 30.18 12.20 58.31
N ALA K 169 29.72 11.06 57.78
CA ALA K 169 28.90 10.96 56.55
C ALA K 169 27.94 9.77 56.67
N GLU K 170 26.81 9.81 55.96
CA GLU K 170 25.75 8.77 56.01
C GLU K 170 26.31 7.46 55.43
N HIS K 171 25.98 6.33 56.08
CA HIS K 171 26.33 4.95 55.66
C HIS K 171 25.07 4.24 55.15
N LEU K 172 25.23 3.39 54.14
CA LEU K 172 24.14 2.59 53.52
C LEU K 172 24.23 1.16 54.04
N ILE K 173 23.34 0.78 54.95
CA ILE K 173 23.28 -0.60 55.53
C ILE K 173 22.22 -1.41 54.78
N MET K 174 22.59 -2.61 54.32
CA MET K 174 21.70 -3.58 53.66
C MET K 174 21.61 -4.83 54.53
N TRP K 175 20.45 -5.50 54.51
CA TRP K 175 20.24 -6.80 55.18
C TRP K 175 19.27 -7.63 54.34
N GLY K 176 19.22 -8.94 54.57
CA GLY K 176 18.32 -9.87 53.86
C GLY K 176 17.39 -10.57 54.83
N ILE K 177 16.20 -10.93 54.34
CA ILE K 177 15.21 -11.79 55.05
C ILE K 177 15.06 -13.06 54.21
N HIS K 178 15.41 -14.22 54.77
CA HIS K 178 15.24 -15.55 54.13
C HIS K 178 13.77 -15.97 54.24
N HIS K 179 13.13 -16.27 53.11
CA HIS K 179 11.78 -16.89 53.04
C HIS K 179 11.92 -18.33 52.57
N PRO K 180 11.93 -19.33 53.49
CA PRO K 180 11.99 -20.74 53.10
C PRO K 180 10.72 -21.22 52.39
N SER K 181 10.82 -22.34 51.68
CA SER K 181 9.82 -22.85 50.71
C SER K 181 8.81 -23.79 51.37
N SER K 182 9.15 -24.36 52.53
CA SER K 182 8.30 -25.33 53.28
C SER K 182 8.42 -25.05 54.78
N THR K 183 7.43 -25.50 55.56
CA THR K 183 7.39 -25.42 57.05
C THR K 183 8.50 -26.31 57.63
N GLN K 184 8.82 -27.43 56.95
CA GLN K 184 9.87 -28.39 57.37
C GLN K 184 11.24 -27.70 57.31
N GLU K 185 11.54 -27.02 56.20
CA GLU K 185 12.80 -26.26 55.96
C GLU K 185 12.99 -25.22 57.07
N LYS K 186 11.94 -24.44 57.35
CA LYS K 186 11.94 -23.32 58.33
C LYS K 186 12.29 -23.87 59.73
N ASN K 187 11.68 -25.00 60.11
CA ASN K 187 11.88 -25.66 61.43
C ASN K 187 13.34 -26.11 61.58
N ASP K 188 13.94 -26.63 60.51
CA ASP K 188 15.34 -27.15 60.49
C ASP K 188 16.33 -26.03 60.77
N LEU K 189 16.12 -24.85 60.16
CA LEU K 189 17.09 -23.71 60.16
C LEU K 189 16.91 -22.86 61.41
N TYR K 190 15.70 -22.37 61.70
CA TYR K 190 15.46 -21.35 62.77
C TYR K 190 14.50 -21.87 63.86
N GLY K 191 14.09 -23.14 63.82
CA GLY K 191 13.27 -23.77 64.87
C GLY K 191 11.78 -23.58 64.64
N THR K 192 10.96 -24.07 65.58
CA THR K 192 9.49 -24.23 65.44
C THR K 192 8.75 -22.95 65.86
N GLN K 193 9.42 -22.03 66.55
CA GLN K 193 8.82 -20.78 67.11
C GLN K 193 8.34 -19.87 65.95
N SER K 194 7.54 -18.85 66.29
CA SER K 194 7.07 -17.79 65.35
C SER K 194 8.22 -16.79 65.10
N LEU K 195 8.60 -16.58 63.84
CA LEU K 195 9.77 -15.75 63.44
C LEU K 195 9.36 -14.28 63.29
N SER K 196 10.17 -13.38 63.84
CA SER K 196 10.01 -11.91 63.76
C SER K 196 11.38 -11.23 63.72
N ILE K 197 11.64 -10.40 62.71
CA ILE K 197 12.87 -9.57 62.58
C ILE K 197 12.45 -8.10 62.65
N SER K 198 12.93 -7.38 63.67
CA SER K 198 12.67 -5.93 63.89
C SER K 198 13.96 -5.14 63.59
N VAL K 199 13.83 -4.05 62.85
CA VAL K 199 14.94 -3.10 62.53
C VAL K 199 14.48 -1.70 62.92
N GLY K 200 15.29 -0.99 63.71
CA GLY K 200 14.96 0.33 64.27
C GLY K 200 16.17 1.24 64.34
N SER K 201 16.02 2.48 63.86
CA SER K 201 17.01 3.58 63.96
C SER K 201 16.28 4.83 64.49
N SER K 202 16.90 6.00 64.40
CA SER K 202 16.28 7.32 64.70
C SER K 202 15.18 7.61 63.66
N THR K 203 15.48 7.41 62.38
CA THR K 203 14.68 7.89 61.22
C THR K 203 14.02 6.71 60.47
N TYR K 204 14.30 5.46 60.87
CA TYR K 204 13.77 4.24 60.20
C TYR K 204 13.32 3.23 61.26
N LYS K 205 12.23 2.51 60.97
CA LYS K 205 11.67 1.43 61.81
C LYS K 205 10.84 0.52 60.90
N ASN K 206 10.92 -0.80 61.09
CA ASN K 206 10.20 -1.80 60.26
C ASN K 206 10.25 -3.17 60.93
N ASN K 207 9.27 -4.02 60.61
CA ASN K 207 9.21 -5.44 61.03
C ASN K 207 9.08 -6.30 59.77
N PHE K 208 9.68 -7.50 59.79
CA PHE K 208 9.68 -8.49 58.68
C PHE K 208 9.36 -9.86 59.24
N VAL K 209 8.41 -10.57 58.62
CA VAL K 209 8.02 -11.96 58.96
C VAL K 209 8.32 -12.85 57.75
N PRO K 210 9.24 -13.82 57.86
CA PRO K 210 9.48 -14.80 56.80
C PRO K 210 8.18 -15.42 56.26
N VAL K 211 7.95 -15.26 54.96
CA VAL K 211 6.84 -15.89 54.18
C VAL K 211 7.25 -17.33 53.86
N VAL K 212 6.61 -18.31 54.51
CA VAL K 212 6.82 -19.76 54.22
C VAL K 212 5.66 -20.23 53.33
N GLY K 213 5.97 -21.01 52.29
CA GLY K 213 4.96 -21.51 51.33
C GLY K 213 5.59 -21.99 50.04
N ALA K 214 5.05 -23.07 49.46
CA ALA K 214 5.54 -23.71 48.23
C ALA K 214 5.60 -22.67 47.10
N ARG K 215 6.71 -22.67 46.35
CA ARG K 215 6.88 -21.81 45.14
C ARG K 215 7.85 -22.51 44.18
N PRO K 216 7.82 -22.16 42.88
CA PRO K 216 8.71 -22.76 41.88
C PRO K 216 10.21 -22.62 42.21
N GLN K 217 11.01 -23.52 41.63
CA GLN K 217 12.49 -23.52 41.75
C GLN K 217 13.06 -22.50 40.76
N VAL K 218 14.08 -21.73 41.19
CA VAL K 218 14.91 -20.83 40.35
C VAL K 218 16.36 -21.23 40.58
N ASN K 219 17.01 -21.82 39.57
CA ASN K 219 18.35 -22.46 39.69
C ASN K 219 18.28 -23.58 40.73
N GLY K 220 17.16 -24.33 40.75
CA GLY K 220 16.94 -25.50 41.61
C GLY K 220 16.75 -25.13 43.07
N LEU K 221 16.27 -23.92 43.37
CA LEU K 221 16.09 -23.40 44.76
C LEU K 221 14.72 -22.70 44.88
N SER K 222 13.86 -23.20 45.78
CA SER K 222 12.51 -22.65 46.07
C SER K 222 12.60 -21.55 47.14
N GLY K 223 13.72 -21.51 47.87
CA GLY K 223 13.99 -20.45 48.87
C GLY K 223 14.12 -19.09 48.19
N ARG K 224 13.89 -18.03 48.96
CA ARG K 224 14.06 -16.62 48.53
C ARG K 224 14.77 -15.83 49.63
N ILE K 225 15.76 -15.03 49.27
CA ILE K 225 16.38 -14.00 50.16
C ILE K 225 16.06 -12.63 49.56
N ASP K 226 15.14 -11.89 50.18
CA ASP K 226 14.77 -10.51 49.77
C ASP K 226 15.62 -9.53 50.57
N PHE K 227 16.17 -8.51 49.89
CA PHE K 227 17.09 -7.50 50.49
C PHE K 227 16.34 -6.22 50.78
N HIS K 228 16.66 -5.57 51.90
CA HIS K 228 16.14 -4.26 52.37
C HIS K 228 17.34 -3.36 52.65
N TRP K 229 17.14 -2.05 52.69
CA TRP K 229 18.24 -1.07 52.90
C TRP K 229 17.69 0.25 53.46
N THR K 230 18.51 0.96 54.22
CA THR K 230 18.24 2.33 54.73
C THR K 230 19.59 3.05 54.88
N LEU K 231 19.55 4.37 55.01
CA LEU K 231 20.73 5.21 55.36
C LEU K 231 20.75 5.41 56.88
N VAL K 232 21.91 5.22 57.51
CA VAL K 232 22.16 5.54 58.94
C VAL K 232 23.00 6.83 58.99
N GLN K 233 22.45 7.90 59.57
CA GLN K 233 23.08 9.25 59.60
C GLN K 233 24.22 9.25 60.62
N PRO K 234 25.18 10.19 60.50
CA PRO K 234 26.32 10.25 61.44
C PRO K 234 25.88 10.34 62.91
N GLY K 235 26.46 9.51 63.78
CA GLY K 235 26.21 9.47 65.23
C GLY K 235 25.03 8.60 65.60
N ASP K 236 24.14 8.29 64.64
CA ASP K 236 22.91 7.49 64.84
C ASP K 236 23.28 6.01 64.85
N LYS K 237 22.46 5.19 65.53
CA LYS K 237 22.62 3.71 65.63
C LYS K 237 21.42 3.05 64.93
N ILE K 238 21.59 1.81 64.48
CA ILE K 238 20.50 0.97 63.92
C ILE K 238 20.55 -0.40 64.60
N THR K 239 19.42 -0.86 65.14
CA THR K 239 19.33 -2.07 66.00
C THR K 239 18.52 -3.14 65.25
N PHE K 240 19.10 -4.35 65.14
CA PHE K 240 18.46 -5.58 64.60
C PHE K 240 18.07 -6.49 65.78
N SER K 241 16.77 -6.67 65.99
CA SER K 241 16.19 -7.69 66.90
C SER K 241 15.56 -8.79 66.05
N HIS K 242 16.07 -10.02 66.18
CA HIS K 242 15.69 -11.18 65.32
C HIS K 242 15.71 -12.48 66.14
N ASN K 243 14.83 -13.42 65.78
CA ASN K 243 14.78 -14.78 66.35
C ASN K 243 14.91 -15.81 65.20
N GLY K 244 15.63 -15.45 64.14
CA GLY K 244 15.90 -16.31 62.98
C GLY K 244 15.25 -15.77 61.71
N GLY K 245 15.93 -15.94 60.57
CA GLY K 245 15.45 -15.49 59.24
C GLY K 245 16.24 -14.31 58.71
N LEU K 246 16.97 -13.61 59.58
CA LEU K 246 17.80 -12.43 59.21
C LEU K 246 19.09 -12.89 58.53
N ILE K 247 19.36 -12.33 57.35
CA ILE K 247 20.71 -12.32 56.70
C ILE K 247 21.38 -11.00 57.10
N ALA K 248 22.34 -11.08 58.03
CA ALA K 248 22.89 -9.91 58.77
C ALA K 248 24.10 -9.35 58.06
N PRO K 249 24.27 -8.00 58.03
CA PRO K 249 25.43 -7.39 57.40
C PRO K 249 26.70 -7.52 58.24
N SER K 250 27.79 -8.01 57.64
CA SER K 250 29.16 -8.03 58.21
C SER K 250 29.86 -6.71 57.88
N ARG K 251 29.51 -6.10 56.74
CA ARG K 251 30.02 -4.77 56.32
C ARG K 251 28.86 -3.89 55.86
N VAL K 252 28.95 -2.58 56.13
CA VAL K 252 28.04 -1.52 55.61
C VAL K 252 28.82 -0.77 54.52
N SER K 253 28.13 -0.07 53.64
CA SER K 253 28.72 0.67 52.49
C SER K 253 28.66 2.18 52.77
N LYS K 254 29.57 2.93 52.15
CA LYS K 254 29.57 4.42 52.14
C LYS K 254 29.76 4.87 50.69
N LEU K 255 28.82 5.66 50.18
CA LEU K 255 28.86 6.20 48.78
C LEU K 255 29.66 7.51 48.82
N ILE K 256 30.71 7.62 47.99
CA ILE K 256 31.70 8.73 48.02
C ILE K 256 31.43 9.65 46.83
N GLY K 257 31.18 10.94 47.10
CA GLY K 257 31.09 12.01 46.08
C GLY K 257 30.03 11.72 45.03
N ARG K 258 30.25 12.21 43.81
CA ARG K 258 29.29 12.16 42.67
C ARG K 258 30.00 11.62 41.43
N GLY K 259 29.24 10.99 40.53
CA GLY K 259 29.70 10.46 39.24
C GLY K 259 28.55 10.23 38.27
N LEU K 260 28.88 9.93 37.01
CA LEU K 260 27.92 9.75 35.90
C LEU K 260 27.69 8.26 35.65
N GLY K 261 26.43 7.81 35.72
CA GLY K 261 26.05 6.39 35.53
C GLY K 261 25.56 6.13 34.12
N ILE K 262 26.27 5.31 33.36
CA ILE K 262 25.90 4.91 31.97
C ILE K 262 25.41 3.46 31.99
N GLN K 263 24.28 3.20 31.33
CA GLN K 263 23.80 1.85 30.96
C GLN K 263 23.95 1.70 29.45
N SER K 264 24.96 0.95 29.00
CA SER K 264 25.31 0.79 27.56
C SER K 264 25.85 -0.61 27.27
N GLU K 265 25.72 -1.06 26.02
CA GLU K 265 26.26 -2.35 25.51
C GLU K 265 27.55 -2.09 24.74
N ALA K 266 27.91 -0.83 24.50
CA ALA K 266 29.03 -0.39 23.64
C ALA K 266 30.37 -0.65 24.33
N PRO K 267 31.41 -1.07 23.58
CA PRO K 267 32.75 -1.26 24.15
C PRO K 267 33.45 0.07 24.48
N ILE K 268 34.37 0.05 25.45
CA ILE K 268 35.13 1.25 25.91
C ILE K 268 36.19 1.62 24.85
N ASP K 269 36.43 2.91 24.67
CA ASP K 269 37.52 3.50 23.84
C ASP K 269 38.14 4.64 24.65
N ASN K 270 39.41 4.51 25.06
CA ASN K 270 40.07 5.50 25.96
C ASN K 270 40.82 6.56 25.13
N SER K 271 40.64 6.58 23.80
CA SER K 271 41.30 7.54 22.88
C SER K 271 40.45 8.80 22.68
N CYS K 272 39.14 8.65 22.47
CA CYS K 272 38.17 9.76 22.21
C CYS K 272 37.59 10.30 23.53
N GLU K 273 37.17 11.56 23.54
CA GLU K 273 36.51 12.24 24.69
C GLU K 273 35.02 12.47 24.33
N SER K 274 34.15 12.50 25.35
CA SER K 274 32.70 12.75 25.20
C SER K 274 32.09 13.21 26.54
N LYS K 275 30.97 13.93 26.48
CA LYS K 275 30.20 14.40 27.67
C LYS K 275 28.76 13.89 27.60
N CYS K 276 28.39 13.18 26.53
CA CYS K 276 27.01 12.67 26.28
C CYS K 276 27.07 11.19 25.86
N PHE K 277 26.26 10.34 26.50
CA PHE K 277 26.23 8.87 26.29
C PHE K 277 24.78 8.39 26.22
N TRP K 278 24.57 7.28 25.52
CA TRP K 278 23.28 6.54 25.47
C TRP K 278 23.57 5.05 25.31
N ARG K 279 22.53 4.21 25.35
CA ARG K 279 22.61 2.73 25.21
C ARG K 279 23.54 2.35 24.06
N GLY K 280 23.48 3.08 22.95
CA GLY K 280 24.15 2.75 21.68
C GLY K 280 25.57 3.30 21.58
N GLY K 281 25.98 4.20 22.48
CA GLY K 281 27.38 4.68 22.54
C GLY K 281 27.49 6.12 23.03
N SER K 282 28.37 6.91 22.39
CA SER K 282 28.69 8.32 22.75
C SER K 282 28.23 9.28 21.63
N ILE K 283 28.03 10.55 21.97
CA ILE K 283 27.61 11.64 21.04
C ILE K 283 28.55 12.84 21.23
N ASN K 284 29.38 13.13 20.22
CA ASN K 284 30.50 14.10 20.28
C ASN K 284 30.16 15.40 19.54
N THR K 285 28.96 15.50 18.96
CA THR K 285 28.55 16.60 18.05
C THR K 285 28.62 17.97 18.76
N ARG K 286 28.89 19.02 17.99
CA ARG K 286 28.76 20.43 18.42
C ARG K 286 27.30 20.90 18.21
N LEU K 287 26.51 20.13 17.47
CA LEU K 287 25.13 20.50 17.04
C LEU K 287 24.19 20.53 18.25
N PRO K 288 23.18 21.43 18.24
CA PRO K 288 22.27 21.61 19.37
C PRO K 288 21.20 20.53 19.55
N PHE K 289 20.84 19.81 18.49
CA PHE K 289 19.75 18.80 18.47
C PHE K 289 20.29 17.46 17.96
N GLN K 290 19.47 16.41 18.05
CA GLN K 290 19.89 14.99 17.98
C GLN K 290 18.61 14.14 17.85
N ASN K 291 18.60 13.14 16.97
CA ASN K 291 17.43 12.22 16.77
C ASN K 291 17.86 10.75 16.96
N LEU K 292 18.87 10.50 17.80
CA LEU K 292 19.40 9.14 18.06
C LEU K 292 18.53 8.44 19.11
N SER K 293 18.37 9.06 20.29
CA SER K 293 17.58 8.52 21.42
C SER K 293 17.08 9.65 22.33
N PRO K 294 15.85 9.52 22.88
CA PRO K 294 15.40 10.38 23.97
C PRO K 294 16.01 10.00 25.33
N ARG K 295 16.55 8.78 25.44
CA ARG K 295 17.25 8.26 26.65
C ARG K 295 18.76 8.52 26.52
N THR K 296 19.24 9.66 27.05
CA THR K 296 20.68 10.03 27.07
C THR K 296 21.05 10.46 28.49
N VAL K 297 22.36 10.49 28.79
CA VAL K 297 22.90 10.96 30.10
C VAL K 297 24.12 11.83 29.82
N GLY K 298 24.38 12.81 30.69
CA GLY K 298 25.51 13.76 30.58
C GLY K 298 25.06 15.11 30.07
N GLN K 299 25.97 15.87 29.44
CA GLN K 299 25.69 17.17 28.78
C GLN K 299 25.40 16.91 27.30
N CYS K 300 24.11 16.90 26.93
CA CYS K 300 23.61 16.29 25.67
C CYS K 300 22.87 17.31 24.80
N PRO K 301 22.97 17.18 23.46
CA PRO K 301 22.02 17.83 22.56
C PRO K 301 20.60 17.35 22.87
N LYS K 302 19.60 18.18 22.60
CA LYS K 302 18.18 17.88 22.91
C LYS K 302 17.61 16.95 21.84
N TYR K 303 16.86 15.93 22.24
CA TYR K 303 16.19 15.00 21.31
C TYR K 303 15.04 15.73 20.60
N VAL K 304 14.90 15.50 19.29
CA VAL K 304 13.83 16.09 18.43
C VAL K 304 13.31 15.00 17.50
N ASN K 305 11.99 14.99 17.23
CA ASN K 305 11.32 14.08 16.26
C ASN K 305 11.52 14.63 14.84
N LYS K 306 12.78 14.70 14.37
CA LYS K 306 13.15 15.37 13.10
C LYS K 306 14.40 14.71 12.53
N LYS K 307 14.35 14.24 11.27
CA LYS K 307 15.50 13.62 10.56
C LYS K 307 16.56 14.70 10.30
N SER K 308 16.13 15.84 9.72
CA SER K 308 17.02 16.95 9.27
C SER K 308 16.38 18.31 9.56
N LEU K 309 17.19 19.30 9.93
CA LEU K 309 16.82 20.73 10.02
C LEU K 309 17.98 21.58 9.48
N MET K 310 17.88 22.05 8.24
CA MET K 310 18.95 22.81 7.56
C MET K 310 18.84 24.29 7.91
N LEU K 311 19.92 24.86 8.48
CA LEU K 311 20.06 26.29 8.83
C LEU K 311 20.83 26.99 7.70
N ALA K 312 20.21 27.97 7.04
CA ALA K 312 20.81 28.73 5.92
C ALA K 312 22.05 29.49 6.41
N THR K 313 23.14 29.42 5.66
CA THR K 313 24.42 30.14 5.91
C THR K 313 24.78 30.98 4.69
N GLY K 314 23.79 31.28 3.84
CA GLY K 314 23.95 32.09 2.62
C GLY K 314 22.62 32.64 2.14
N MET K 315 22.68 33.62 1.23
CA MET K 315 21.49 34.30 0.63
C MET K 315 20.68 33.33 -0.21
N ARG K 316 19.48 33.76 -0.64
CA ARG K 316 18.68 33.09 -1.70
C ARG K 316 19.59 32.80 -2.89
N ASN K 317 19.49 31.59 -3.46
CA ASN K 317 20.19 31.18 -4.70
C ASN K 317 19.23 31.42 -5.86
N VAL K 318 19.57 32.35 -6.75
CA VAL K 318 18.81 32.64 -8.00
C VAL K 318 19.79 32.52 -9.16
N PRO K 319 19.90 31.31 -9.76
CA PRO K 319 20.98 30.98 -10.68
C PRO K 319 20.75 31.52 -12.10
N GLU K 320 21.76 31.35 -12.95
CA GLU K 320 21.97 32.05 -14.25
C GLU K 320 21.57 31.12 -15.39
N GLY L 1 11.83 39.57 -2.21
CA GLY L 1 11.86 39.54 -0.71
C GLY L 1 11.59 40.90 -0.11
N LEU L 2 11.78 41.03 1.21
CA LEU L 2 11.44 42.24 1.99
C LEU L 2 12.02 43.50 1.35
N PHE L 3 13.30 43.47 0.95
CA PHE L 3 14.06 44.67 0.50
C PHE L 3 14.08 44.78 -1.04
N GLY L 4 13.55 43.79 -1.74
CA GLY L 4 13.17 43.89 -3.16
C GLY L 4 14.34 43.82 -4.13
N ALA L 5 15.56 43.54 -3.66
CA ALA L 5 16.80 43.50 -4.47
C ALA L 5 17.07 42.07 -4.96
N ILE L 6 17.46 41.16 -4.07
CA ILE L 6 17.77 39.73 -4.42
C ILE L 6 16.44 39.00 -4.66
N ALA L 7 16.34 38.26 -5.77
CA ALA L 7 15.09 37.66 -6.30
C ALA L 7 14.03 38.76 -6.46
N GLY L 8 14.47 39.99 -6.78
CA GLY L 8 13.64 41.18 -6.96
C GLY L 8 14.04 41.91 -8.23
N PHE L 9 14.49 43.17 -8.11
CA PHE L 9 14.82 44.03 -9.29
C PHE L 9 16.16 43.58 -9.90
N ILE L 10 16.97 42.82 -9.17
CA ILE L 10 18.16 42.11 -9.71
C ILE L 10 17.71 40.71 -10.17
N GLU L 11 17.72 40.48 -11.49
CA GLU L 11 17.06 39.32 -12.16
C GLU L 11 17.62 38.01 -11.59
N ASN L 12 18.94 37.88 -11.49
CA ASN L 12 19.59 36.62 -11.05
C ASN L 12 20.97 36.93 -10.45
N GLY L 13 21.60 35.91 -9.84
CA GLY L 13 22.95 36.01 -9.27
C GLY L 13 24.02 35.66 -10.29
N TRP L 14 25.29 35.83 -9.92
CA TRP L 14 26.47 35.61 -10.78
C TRP L 14 27.29 34.42 -10.26
N GLU L 15 27.21 33.28 -10.94
CA GLU L 15 28.00 32.07 -10.63
C GLU L 15 29.50 32.38 -10.85
N GLY L 16 29.79 33.27 -11.79
CA GLY L 16 31.16 33.69 -12.17
C GLY L 16 31.87 34.49 -11.09
N MET L 17 31.14 34.95 -10.06
CA MET L 17 31.70 35.76 -8.94
C MET L 17 32.01 34.85 -7.75
N VAL L 18 33.30 34.61 -7.49
CA VAL L 18 33.78 33.55 -6.54
C VAL L 18 34.56 34.17 -5.38
N ASP L 19 34.99 35.45 -5.49
CA ASP L 19 35.86 36.13 -4.49
C ASP L 19 35.03 37.06 -3.60
N GLY L 20 33.69 36.96 -3.65
CA GLY L 20 32.78 37.82 -2.85
C GLY L 20 31.32 37.44 -3.02
N TRP L 21 30.47 37.97 -2.14
CA TRP L 21 29.00 37.73 -2.09
C TRP L 21 28.28 38.78 -2.95
N TYR L 22 28.71 40.03 -2.84
CA TYR L 22 28.21 41.19 -3.61
C TYR L 22 29.38 41.81 -4.37
N GLY L 23 29.09 42.45 -5.52
CA GLY L 23 30.11 43.13 -6.31
C GLY L 23 29.55 43.86 -7.51
N PHE L 24 30.45 44.32 -8.38
CA PHE L 24 30.15 45.18 -9.54
C PHE L 24 30.62 44.50 -10.83
N ARG L 25 29.89 44.75 -11.92
CA ARG L 25 30.31 44.53 -13.31
C ARG L 25 30.11 45.85 -14.05
N HIS L 26 31.06 46.25 -14.89
CA HIS L 26 30.99 47.53 -15.65
C HIS L 26 31.26 47.23 -17.13
N GLN L 27 30.71 48.09 -18.00
CA GLN L 27 31.05 48.20 -19.44
C GLN L 27 31.38 49.66 -19.74
N ASN L 28 32.55 49.91 -20.33
CA ASN L 28 32.96 51.25 -20.84
C ASN L 28 33.64 51.05 -22.20
N ALA L 29 34.20 52.11 -22.77
CA ALA L 29 34.95 52.10 -24.05
C ALA L 29 36.05 51.02 -24.00
N GLN L 30 36.85 51.02 -22.94
CA GLN L 30 38.05 50.14 -22.76
C GLN L 30 37.63 48.67 -22.65
N GLY L 31 36.36 48.38 -22.33
CA GLY L 31 35.81 47.01 -22.28
C GLY L 31 35.06 46.72 -20.99
N THR L 32 35.34 45.57 -20.38
CA THR L 32 34.53 44.94 -19.30
C THR L 32 35.42 44.74 -18.06
N GLY L 33 34.79 44.69 -16.88
CA GLY L 33 35.47 44.42 -15.59
C GLY L 33 34.50 43.89 -14.54
N GLN L 34 34.99 43.03 -13.65
CA GLN L 34 34.26 42.50 -12.46
C GLN L 34 35.10 42.80 -11.22
N ALA L 35 34.46 43.03 -10.07
CA ALA L 35 35.12 43.17 -8.75
C ALA L 35 34.10 42.91 -7.63
N ALA L 36 34.57 42.34 -6.52
CA ALA L 36 33.79 42.08 -5.28
C ALA L 36 33.85 43.31 -4.37
N ASP L 37 32.75 43.63 -3.69
CA ASP L 37 32.69 44.62 -2.59
C ASP L 37 33.00 43.90 -1.27
N TYR L 38 34.11 44.25 -0.63
CA TYR L 38 34.62 43.59 0.60
C TYR L 38 33.70 43.92 1.78
N LYS L 39 33.41 45.21 2.00
CA LYS L 39 32.67 45.71 3.20
C LYS L 39 31.31 45.01 3.30
N SER L 40 30.54 44.98 2.21
CA SER L 40 29.17 44.41 2.18
C SER L 40 29.23 42.88 2.36
N THR L 41 30.18 42.22 1.68
CA THR L 41 30.40 40.75 1.78
C THR L 41 30.70 40.36 3.23
N GLN L 42 31.55 41.13 3.91
CA GLN L 42 32.04 40.80 5.27
C GLN L 42 30.92 41.06 6.29
N ALA L 43 30.15 42.13 6.11
CA ALA L 43 29.00 42.49 6.97
C ALA L 43 27.99 41.33 6.99
N ALA L 44 27.76 40.68 5.85
CA ALA L 44 26.82 39.55 5.69
C ALA L 44 27.39 38.30 6.36
N ILE L 45 28.67 37.99 6.11
CA ILE L 45 29.36 36.78 6.66
C ILE L 45 29.47 36.90 8.19
N ASP L 46 29.84 38.09 8.70
CA ASP L 46 30.02 38.34 10.15
C ASP L 46 28.68 38.13 10.87
N GLN L 47 27.56 38.51 10.26
CA GLN L 47 26.19 38.35 10.83
C GLN L 47 25.80 36.87 10.87
N ILE L 48 26.15 36.10 9.82
CA ILE L 48 25.87 34.65 9.74
C ILE L 48 26.76 33.89 10.73
N THR L 49 28.05 34.25 10.82
CA THR L 49 28.99 33.67 11.81
C THR L 49 28.42 33.88 13.22
N GLY L 50 27.83 35.05 13.47
CA GLY L 50 27.17 35.41 14.74
C GLY L 50 26.03 34.46 15.08
N LYS L 51 25.16 34.15 14.11
CA LYS L 51 24.02 33.21 14.29
C LYS L 51 24.55 31.83 14.66
N LEU L 52 25.55 31.34 13.93
CA LEU L 52 26.13 29.98 14.12
C LEU L 52 26.72 29.88 15.54
N ASN L 53 27.42 30.91 16.02
CA ASN L 53 28.01 30.96 17.38
C ASN L 53 26.91 30.77 18.42
N ARG L 54 25.73 31.33 18.17
CA ARG L 54 24.59 31.38 19.13
C ARG L 54 23.77 30.09 19.06
N ILE L 55 23.64 29.47 17.88
CA ILE L 55 22.73 28.31 17.63
C ILE L 55 23.48 26.99 17.77
N ILE L 56 24.70 26.88 17.23
CA ILE L 56 25.52 25.63 17.29
C ILE L 56 26.14 25.55 18.70
N LYS L 57 25.35 25.04 19.64
CA LYS L 57 25.60 25.07 21.11
C LYS L 57 24.65 24.10 21.80
N LYS L 58 25.05 23.57 22.95
CA LYS L 58 24.21 22.72 23.84
C LYS L 58 24.23 23.38 25.23
N THR L 59 23.31 23.00 26.13
CA THR L 59 23.34 23.45 27.55
C THR L 59 24.42 22.63 28.27
N ASN L 60 25.01 23.19 29.33
CA ASN L 60 26.08 22.53 30.13
C ASN L 60 25.44 21.82 31.34
N THR L 61 24.11 21.73 31.38
CA THR L 61 23.35 20.99 32.43
C THR L 61 23.65 19.49 32.31
N GLU L 62 24.04 18.85 33.40
CA GLU L 62 24.30 17.39 33.51
C GLU L 62 22.97 16.67 33.80
N PHE L 63 22.59 15.72 32.94
CA PHE L 63 21.37 14.90 33.11
C PHE L 63 21.74 13.46 33.47
N GLU L 64 21.09 12.93 34.50
CA GLU L 64 21.21 11.51 34.94
C GLU L 64 20.06 10.71 34.32
N SER L 65 20.18 9.38 34.33
CA SER L 65 19.15 8.43 33.85
C SER L 65 18.01 8.38 34.89
N ILE L 66 16.76 8.42 34.43
CA ILE L 66 15.54 8.21 35.27
C ILE L 66 14.77 6.96 34.79
N GLU L 67 15.09 6.43 33.61
CA GLU L 67 14.58 5.13 33.11
C GLU L 67 15.76 4.15 32.99
N SER L 68 15.61 2.94 33.56
CA SER L 68 16.57 1.83 33.41
C SER L 68 16.44 1.21 32.01
N GLU L 69 17.58 0.94 31.36
CA GLU L 69 17.65 0.33 30.01
C GLU L 69 17.44 -1.18 30.12
N PHE L 70 17.87 -1.79 31.23
CA PHE L 70 18.08 -3.26 31.37
C PHE L 70 17.13 -3.88 32.41
N SER L 71 16.29 -3.09 33.08
CA SER L 71 15.33 -3.57 34.10
C SER L 71 13.96 -2.91 33.89
N GLU L 72 12.91 -3.50 34.47
CA GLU L 72 11.51 -2.99 34.43
C GLU L 72 11.32 -1.99 35.57
N ILE L 73 10.76 -0.81 35.28
CA ILE L 73 10.46 0.27 36.27
C ILE L 73 8.97 0.22 36.62
N ASP L 74 8.58 0.72 37.79
CA ASP L 74 7.17 0.81 38.26
C ASP L 74 6.32 1.42 37.14
N HIS L 75 5.16 0.81 36.86
CA HIS L 75 4.29 1.10 35.69
C HIS L 75 3.74 2.54 35.79
N GLN L 76 3.39 3.01 37.00
CA GLN L 76 2.71 4.32 37.19
C GLN L 76 3.71 5.46 36.94
N ILE L 77 4.89 5.41 37.57
CA ILE L 77 5.96 6.44 37.42
C ILE L 77 6.53 6.36 35.99
N GLY L 78 6.61 5.15 35.44
CA GLY L 78 7.00 4.91 34.03
C GLY L 78 6.09 5.65 33.06
N ASN L 79 4.78 5.64 33.30
CA ASN L 79 3.77 6.36 32.48
C ASN L 79 3.97 7.88 32.65
N VAL L 80 4.26 8.34 33.88
CA VAL L 80 4.50 9.77 34.18
C VAL L 80 5.75 10.23 33.43
N ILE L 81 6.84 9.46 33.51
CA ILE L 81 8.13 9.75 32.83
C ILE L 81 7.88 9.81 31.32
N ASN L 82 7.17 8.83 30.76
CA ASN L 82 6.86 8.76 29.30
C ASN L 82 6.10 10.02 28.87
N TRP L 83 5.12 10.45 29.67
CA TRP L 83 4.27 11.64 29.39
C TRP L 83 5.14 12.91 29.41
N THR L 84 6.01 13.04 30.41
CA THR L 84 6.87 14.23 30.62
C THR L 84 7.88 14.34 29.47
N LYS L 85 8.58 13.25 29.14
CA LYS L 85 9.62 13.20 28.08
C LYS L 85 9.00 13.52 26.72
N ASP L 86 7.83 12.95 26.40
CA ASP L 86 7.13 13.19 25.12
C ASP L 86 6.72 14.67 25.05
N SER L 87 6.28 15.26 26.17
CA SER L 87 5.89 16.68 26.28
C SER L 87 7.10 17.59 26.05
N ILE L 88 8.23 17.28 26.68
CA ILE L 88 9.51 18.03 26.55
C ILE L 88 10.01 17.91 25.10
N THR L 89 9.88 16.74 24.51
CA THR L 89 10.34 16.47 23.12
C THR L 89 9.48 17.27 22.13
N ASP L 90 8.18 17.38 22.37
CA ASP L 90 7.25 18.17 21.52
C ASP L 90 7.64 19.65 21.60
N ILE L 91 8.03 20.13 22.78
CA ILE L 91 8.47 21.54 22.99
C ILE L 91 9.76 21.78 22.20
N TRP L 92 10.77 20.92 22.36
CA TRP L 92 12.10 21.10 21.70
C TRP L 92 11.97 20.96 20.19
N THR L 93 11.12 20.06 19.71
CA THR L 93 10.89 19.84 18.25
C THR L 93 10.28 21.12 17.67
N TYR L 94 9.30 21.68 18.37
CA TYR L 94 8.61 22.93 17.97
C TYR L 94 9.60 24.09 17.97
N GLN L 95 10.36 24.23 19.05
CA GLN L 95 11.36 25.33 19.23
C GLN L 95 12.43 25.24 18.14
N ALA L 96 12.90 24.03 17.83
CA ALA L 96 13.92 23.77 16.79
C ALA L 96 13.38 24.20 15.43
N GLU L 97 12.19 23.73 15.05
CA GLU L 97 11.54 24.04 13.75
C GLU L 97 11.35 25.55 13.61
N LEU L 98 10.91 26.21 14.69
CA LEU L 98 10.61 27.68 14.69
C LEU L 98 11.91 28.47 14.60
N LEU L 99 12.90 28.14 15.44
CA LEU L 99 14.23 28.81 15.47
C LEU L 99 14.78 28.86 14.06
N VAL L 100 14.90 27.69 13.42
CA VAL L 100 15.57 27.54 12.10
C VAL L 100 14.74 28.27 11.04
N ALA L 101 13.42 28.10 11.05
CA ALA L 101 12.49 28.78 10.11
C ALA L 101 12.68 30.30 10.25
N MET L 102 12.64 30.82 11.48
CA MET L 102 12.76 32.26 11.81
C MET L 102 14.15 32.78 11.41
N GLU L 103 15.22 32.07 11.77
CA GLU L 103 16.61 32.47 11.43
C GLU L 103 16.82 32.48 9.91
N ASN L 104 16.33 31.45 9.21
CA ASN L 104 16.46 31.32 7.74
C ASN L 104 15.79 32.53 7.08
N GLN L 105 14.60 32.91 7.56
CA GLN L 105 13.86 34.11 7.09
C GLN L 105 14.73 35.36 7.28
N HIS L 106 15.35 35.51 8.45
CA HIS L 106 16.19 36.67 8.80
C HIS L 106 17.45 36.69 7.93
N THR L 107 18.13 35.56 7.77
CA THR L 107 19.37 35.43 6.96
C THR L 107 19.11 35.88 5.53
N ILE L 108 18.08 35.33 4.90
CA ILE L 108 17.66 35.62 3.50
C ILE L 108 17.39 37.13 3.36
N ASP L 109 16.68 37.72 4.32
CA ASP L 109 16.26 39.15 4.29
C ASP L 109 17.46 40.05 4.61
N MET L 110 18.29 39.67 5.57
CA MET L 110 19.52 40.42 5.95
C MET L 110 20.43 40.54 4.72
N ALA L 111 20.60 39.44 3.98
CA ALA L 111 21.43 39.37 2.75
C ALA L 111 20.85 40.28 1.67
N ASP L 112 19.52 40.28 1.54
CA ASP L 112 18.74 41.15 0.62
C ASP L 112 19.04 42.62 0.97
N SER L 113 19.06 42.96 2.26
CA SER L 113 19.22 44.34 2.75
C SER L 113 20.63 44.86 2.44
N GLU L 114 21.65 44.00 2.54
CA GLU L 114 23.07 44.39 2.28
C GLU L 114 23.24 44.71 0.79
N MET L 115 22.56 43.97 -0.08
CA MET L 115 22.54 44.23 -1.54
C MET L 115 21.93 45.61 -1.79
N LEU L 116 20.75 45.87 -1.23
CA LEU L 116 20.02 47.16 -1.41
C LEU L 116 20.87 48.32 -0.87
N ASN L 117 21.56 48.13 0.26
CA ASN L 117 22.35 49.20 0.92
C ASN L 117 23.54 49.60 0.03
N LEU L 118 24.16 48.64 -0.65
CA LEU L 118 25.27 48.88 -1.60
C LEU L 118 24.74 49.66 -2.81
N TYR L 119 23.61 49.22 -3.37
CA TYR L 119 22.91 49.88 -4.50
C TYR L 119 22.62 51.35 -4.15
N GLU L 120 22.10 51.62 -2.95
CA GLU L 120 21.72 52.98 -2.50
C GLU L 120 22.98 53.83 -2.32
N ARG L 121 24.06 53.24 -1.83
CA ARG L 121 25.37 53.94 -1.61
C ARG L 121 25.88 54.46 -2.95
N VAL L 122 25.82 53.63 -4.00
CA VAL L 122 26.30 53.94 -5.38
C VAL L 122 25.39 55.02 -5.98
N ARG L 123 24.06 54.83 -5.91
CA ARG L 123 23.07 55.80 -6.46
C ARG L 123 23.42 57.20 -5.95
N LYS L 124 23.69 57.34 -4.65
CA LYS L 124 23.93 58.64 -3.97
C LYS L 124 25.30 59.20 -4.39
N GLN L 125 26.30 58.35 -4.56
CA GLN L 125 27.66 58.73 -5.05
C GLN L 125 27.57 59.38 -6.44
N LEU L 126 26.89 58.71 -7.38
CA LEU L 126 26.79 59.11 -8.81
C LEU L 126 25.93 60.38 -8.94
N ARG L 127 25.07 60.63 -7.96
CA ARG L 127 24.26 61.88 -7.86
C ARG L 127 23.51 62.09 -9.18
N GLN L 128 23.78 63.16 -9.93
CA GLN L 128 23.02 63.52 -11.17
C GLN L 128 23.77 63.07 -12.42
N ASN L 129 24.87 62.32 -12.28
CA ASN L 129 25.75 61.93 -13.41
C ASN L 129 25.30 60.58 -14.00
N ALA L 130 24.31 59.91 -13.40
CA ALA L 130 23.83 58.57 -13.81
C ALA L 130 22.33 58.44 -13.57
N GLU L 131 21.72 57.44 -14.20
CA GLU L 131 20.28 57.10 -14.06
C GLU L 131 20.15 55.59 -13.86
N GLU L 132 19.07 55.17 -13.19
CA GLU L 132 18.79 53.76 -12.84
C GLU L 132 18.13 53.08 -14.05
N ASP L 133 18.64 51.90 -14.43
CA ASP L 133 18.15 51.08 -15.56
C ASP L 133 17.02 50.15 -15.07
N GLY L 134 16.78 50.07 -13.77
CA GLY L 134 15.67 49.30 -13.17
C GLY L 134 16.02 47.84 -12.91
N LYS L 135 17.15 47.36 -13.44
CA LYS L 135 17.61 45.94 -13.31
C LYS L 135 18.87 45.86 -12.43
N GLY L 136 19.18 46.93 -11.68
CA GLY L 136 20.32 46.97 -10.74
C GLY L 136 21.54 47.66 -11.33
N CYS L 137 21.47 48.14 -12.57
CA CYS L 137 22.57 48.87 -13.26
C CYS L 137 22.32 50.38 -13.23
N PHE L 138 23.40 51.16 -13.24
CA PHE L 138 23.39 52.63 -13.46
C PHE L 138 24.00 52.94 -14.83
N GLU L 139 23.24 53.58 -15.71
CA GLU L 139 23.74 54.13 -17.00
C GLU L 139 24.41 55.46 -16.68
N ILE L 140 25.72 55.55 -16.88
CA ILE L 140 26.57 56.75 -16.56
C ILE L 140 26.67 57.60 -17.83
N TYR L 141 26.32 58.89 -17.73
CA TYR L 141 26.20 59.83 -18.88
C TYR L 141 27.48 60.65 -19.06
N HIS L 142 28.64 59.99 -18.97
CA HIS L 142 29.98 60.57 -19.26
C HIS L 142 30.99 59.45 -19.46
N ALA L 143 32.06 59.71 -20.21
CA ALA L 143 33.22 58.80 -20.38
C ALA L 143 33.75 58.45 -18.99
N CYS L 144 33.55 57.20 -18.56
CA CYS L 144 34.01 56.66 -17.25
C CYS L 144 34.97 55.50 -17.52
N ASP L 145 36.27 55.76 -17.42
CA ASP L 145 37.36 54.79 -17.70
C ASP L 145 37.59 53.92 -16.45
N ASP L 146 38.57 53.02 -16.48
CA ASP L 146 38.79 52.01 -15.40
C ASP L 146 39.18 52.69 -14.09
N SER L 147 39.82 53.86 -14.14
CA SER L 147 40.16 54.69 -12.95
C SER L 147 38.87 55.21 -12.29
N CYS L 148 37.98 55.78 -13.10
CA CYS L 148 36.65 56.33 -12.70
C CYS L 148 35.80 55.21 -12.09
N MET L 149 35.67 54.08 -12.80
CA MET L 149 34.92 52.88 -12.35
C MET L 149 35.50 52.40 -11.00
N GLU L 150 36.82 52.39 -10.86
CA GLU L 150 37.54 51.98 -9.62
C GLU L 150 37.19 52.94 -8.49
N SER L 151 37.00 54.23 -8.79
CA SER L 151 36.72 55.29 -7.78
C SER L 151 35.28 55.15 -7.27
N ILE L 152 34.37 54.60 -8.08
CA ILE L 152 32.97 54.30 -7.68
C ILE L 152 32.97 53.14 -6.68
N ARG L 153 33.70 52.07 -7.00
CA ARG L 153 33.82 50.85 -6.16
C ARG L 153 34.51 51.20 -4.83
N ASN L 154 35.50 52.09 -4.86
CA ASN L 154 36.34 52.46 -3.68
C ASN L 154 35.73 53.66 -2.94
N ASN L 155 34.59 54.17 -3.42
CA ASN L 155 33.79 55.22 -2.72
C ASN L 155 34.58 56.54 -2.67
N THR L 156 35.27 56.88 -3.76
CA THR L 156 36.11 58.11 -3.89
C THR L 156 35.76 58.87 -5.18
N TYR L 157 34.60 58.58 -5.77
CA TYR L 157 34.07 59.25 -6.99
C TYR L 157 33.57 60.65 -6.59
N ASP L 158 34.09 61.68 -7.25
CA ASP L 158 33.67 63.10 -7.07
C ASP L 158 32.74 63.47 -8.22
N HIS L 159 31.44 63.57 -7.96
CA HIS L 159 30.37 63.82 -8.96
C HIS L 159 30.62 65.16 -9.65
N SER L 160 31.16 66.15 -8.93
CA SER L 160 31.28 67.56 -9.39
C SER L 160 32.21 67.66 -10.62
N GLN L 161 33.20 66.78 -10.72
CA GLN L 161 34.17 66.73 -11.84
C GLN L 161 33.46 66.48 -13.17
N TYR L 162 32.49 65.55 -13.21
CA TYR L 162 31.83 65.06 -14.45
C TYR L 162 30.43 65.65 -14.62
N ARG L 163 29.98 66.51 -13.69
CA ARG L 163 28.57 67.00 -13.64
C ARG L 163 28.22 67.72 -14.96
N GLU L 164 29.04 68.70 -15.38
CA GLU L 164 28.81 69.53 -16.59
C GLU L 164 28.57 68.61 -17.79
N GLU L 165 29.52 67.70 -18.08
CA GLU L 165 29.45 66.74 -19.22
C GLU L 165 28.18 65.91 -19.10
N ALA L 166 27.88 65.41 -17.90
CA ALA L 166 26.79 64.46 -17.61
C ALA L 166 25.43 65.13 -17.83
N LEU L 167 25.21 66.31 -17.26
CA LEU L 167 23.94 67.08 -17.36
C LEU L 167 23.62 67.38 -18.84
N LEU L 168 24.63 67.67 -19.65
CA LEU L 168 24.46 67.97 -21.10
C LEU L 168 24.02 66.70 -21.86
N ASN L 169 24.69 65.57 -21.61
CA ASN L 169 24.41 64.26 -22.26
C ASN L 169 23.01 63.75 -21.87
N ARG L 170 22.54 64.08 -20.66
CA ARG L 170 21.23 63.62 -20.11
C ARG L 170 20.08 64.42 -20.77
N LEU L 171 20.25 65.74 -20.92
CA LEU L 171 19.25 66.66 -21.54
C LEU L 171 19.29 66.52 -23.07
N ASN L 172 20.49 66.35 -23.64
CA ASN L 172 20.72 66.03 -25.07
C ASN L 172 20.31 67.24 -25.93
C1 NAG M . 3.17 -72.30 -3.84
C2 NAG M . 3.01 -70.83 -4.23
C3 NAG M . 1.99 -70.62 -5.36
C4 NAG M . 2.18 -71.69 -6.44
C5 NAG M . 1.93 -73.08 -5.86
C6 NAG M . 2.71 -74.17 -6.60
C7 NAG M . 3.12 -69.69 -1.97
C8 NAG M . 4.55 -70.10 -1.74
N2 NAG M . 2.49 -70.07 -3.10
O1 NAG M . 4.47 -72.76 -4.17
O3 NAG M . 2.16 -69.30 -5.89
O4 NAG M . 1.28 -71.46 -7.54
O5 NAG M . 2.17 -73.15 -4.44
O6 NAG M . 4.13 -74.04 -6.40
O7 NAG M . 2.53 -69.04 -1.13
C1 GAL M . 1.90 -70.86 -8.68
C2 GAL M . 1.01 -70.93 -9.93
C3 GAL M . 1.64 -70.16 -11.09
C4 GAL M . 1.97 -68.74 -10.65
C5 GAL M . 2.85 -68.81 -9.41
C6 GAL M . 3.19 -67.44 -8.88
O2 GAL M . 0.83 -72.30 -10.33
O3 GAL M . 0.78 -70.10 -12.23
O4 GAL M . 0.76 -68.01 -10.35
O5 GAL M . 2.16 -69.50 -8.37
O6 GAL M . 4.23 -67.60 -7.91
C1 SIA M . 5.38 -65.65 -8.64
C2 SIA M . 4.78 -66.39 -7.44
C3 SIA M . 5.89 -66.72 -6.43
C4 SIA M . 6.32 -65.49 -5.65
C5 SIA M . 5.11 -64.87 -4.97
C6 SIA M . 4.07 -64.50 -6.02
C7 SIA M . 2.81 -63.89 -5.40
C8 SIA M . 1.66 -63.69 -6.39
C9 SIA M . 0.67 -62.67 -5.85
C10 SIA M . 5.26 -63.24 -3.16
C11 SIA M . 5.86 -61.93 -2.73
N5 SIA M . 5.59 -63.64 -4.38
O1A SIA M . 6.24 -66.26 -9.33
O1B SIA M . 4.98 -64.50 -8.96
O4 SIA M . 7.28 -65.84 -4.64
O6 SIA M . 3.72 -65.66 -6.78
O7 SIA M . 2.36 -64.74 -4.34
O8 SIA M . 2.13 -63.25 -7.67
O9 SIA M . -0.44 -62.53 -6.74
O10 SIA M . 4.54 -63.89 -2.43
C1 GAL N . -4.46 -28.08 26.36
C2 GAL N . -3.25 -28.72 25.68
C3 GAL N . -3.44 -28.85 24.17
C4 GAL N . -4.36 -27.77 23.59
C5 GAL N . -5.68 -27.61 24.38
C6 GAL N . -6.94 -28.02 23.60
O1 GAL N . -4.62 -28.60 27.68
O2 GAL N . -2.08 -27.93 25.91
O3 GAL N . -3.92 -30.16 23.86
O4 GAL N . -4.59 -28.07 22.20
O5 GAL N . -5.64 -28.36 25.60
O6 GAL N . -8.11 -27.53 24.29
C1 SIA N . -9.18 -26.28 22.55
C2 SIA N . -9.32 -27.46 23.51
C3 SIA N . -10.49 -27.26 24.49
C4 SIA N . -11.85 -27.42 23.80
C5 SIA N . -11.94 -28.76 23.07
C6 SIA N . -10.76 -28.88 22.10
C7 SIA N . -10.74 -30.19 21.32
C8 SIA N . -9.32 -30.57 20.88
C9 SIA N . -9.28 -31.94 20.23
C10 SIA N . -14.23 -29.51 22.49
C11 SIA N . -15.40 -29.31 21.56
N5 SIA N . -13.17 -28.73 22.28
O1A SIA N . -8.84 -26.48 21.36
O1B SIA N . -9.42 -25.12 22.97
O4 SIA N . -12.89 -27.34 24.78
O6 SIA N . -9.53 -28.71 22.83
O7 SIA N . -11.35 -31.25 22.07
O8 SIA N . -8.82 -29.58 19.97
O9 SIA N . -7.98 -32.19 19.66
O10 SIA N . -14.28 -30.34 23.39
C1 NAG O . -43.00 -56.43 1.63
C2 NAG O . -42.81 -55.69 0.30
C3 NAG O . -41.94 -54.46 0.56
C4 NAG O . -42.74 -53.54 1.49
C5 NAG O . -43.03 -54.31 2.80
C6 NAG O . -43.88 -53.48 3.76
C7 NAG O . -42.63 -57.35 -1.56
C8 NAG O . -44.12 -57.40 -1.75
N2 NAG O . -42.08 -56.57 -0.62
O1 NAG O . -43.77 -57.62 1.43
O3 NAG O . -41.59 -53.83 -0.67
O4 NAG O . -42.07 -52.30 1.76
O5 NAG O . -43.69 -55.56 2.54
O6 NAG O . -45.10 -53.07 3.12
O7 NAG O . -41.91 -58.03 -2.28
C1 GAL O . -42.43 -51.24 0.88
C2 GAL O . -42.03 -49.88 1.41
C3 GAL O . -42.55 -48.83 0.45
C4 GAL O . -41.97 -49.06 -0.95
C5 GAL O . -42.10 -50.52 -1.40
C6 GAL O . -41.23 -50.89 -2.61
O2 GAL O . -42.53 -49.66 2.74
O3 GAL O . -42.22 -47.52 0.92
O4 GAL O . -40.59 -48.66 -0.94
O5 GAL O . -41.72 -51.41 -0.35
O6 GAL O . -41.52 -52.23 -3.01
C1 SIA O . -40.56 -52.14 -5.23
C2 SIA O . -40.63 -52.90 -3.91
C3 SIA O . -41.21 -54.31 -4.13
C4 SIA O . -40.25 -55.27 -4.83
C5 SIA O . -38.90 -55.28 -4.13
C6 SIA O . -38.37 -53.85 -3.98
C7 SIA O . -37.04 -53.76 -3.22
C8 SIA O . -36.74 -52.33 -2.81
C9 SIA O . -35.25 -52.18 -2.50
C10 SIA O . -36.97 -56.69 -4.74
C11 SIA O . -36.23 -57.31 -5.88
N5 SIA O . -38.03 -55.98 -5.08
O1A SIA O . -41.48 -52.24 -6.07
O1B SIA O . -39.56 -51.40 -5.46
O4 SIA O . -40.81 -56.59 -4.85
O6 SIA O . -39.33 -53.03 -3.30
O7 SIA O . -37.05 -54.54 -2.04
O8 SIA O . -37.10 -51.43 -3.85
O9 SIA O . -34.92 -50.79 -2.32
O10 SIA O . -36.59 -56.83 -3.59
C1 NAG P . -27.66 -17.66 58.79
C2 NAG P . -26.52 -16.94 58.05
C3 NAG P . -26.35 -15.53 58.60
C4 NAG P . -27.69 -14.77 58.52
C5 NAG P . -28.77 -15.55 59.26
C6 NAG P . -30.12 -14.86 59.12
C7 NAG P . -24.41 -18.05 57.36
C8 NAG P . -23.18 -18.75 57.84
N2 NAG P . -25.26 -17.64 58.32
O1 NAG P . -27.88 -18.93 58.18
O3 NAG P . -25.34 -14.85 57.84
O4 NAG P . -27.58 -13.45 59.08
O5 NAG P . -28.87 -16.89 58.74
O6 NAG P . -31.13 -15.61 59.80
O7 NAG P . -24.62 -17.89 56.18
C1 GAL P . -27.47 -12.41 58.10
C2 GAL P . -27.47 -11.04 58.80
C3 GAL P . -26.83 -9.91 57.99
C4 GAL P . -25.58 -10.38 57.24
C5 GAL P . -25.95 -11.62 56.44
C6 GAL P . -24.80 -12.13 55.57
O2 GAL P . -28.83 -10.68 59.09
O3 GAL P . -26.45 -8.85 58.86
O4 GAL P . -24.56 -10.69 58.21
O5 GAL P . -26.28 -12.65 57.36
O6 GAL P . -25.27 -13.23 54.79
C1 SIA P . -24.19 -12.85 52.66
C2 SIA P . -24.33 -13.79 53.86
C3 SIA P . -24.84 -15.18 53.45
C4 SIA P . -23.77 -15.98 52.73
C5 SIA P . -22.49 -16.05 53.54
C6 SIA P . -22.04 -14.63 53.87
C7 SIA P . -20.73 -14.54 54.68
C8 SIA P . -20.48 -13.13 55.19
C9 SIA P . -19.00 -12.91 55.49
C10 SIA P . -20.57 -17.48 52.99
C11 SIA P . -19.60 -17.87 51.90
N5 SIA P . -21.48 -16.58 52.63
O1A SIA P . -25.07 -12.85 51.75
O1B SIA P . -23.21 -12.08 52.61
O4 SIA P . -24.21 -17.30 52.41
O6 SIA P . -23.08 -13.95 54.56
O7 SIA P . -20.73 -15.44 55.79
O8 SIA P . -20.90 -12.15 54.23
O9 SIA P . -18.79 -11.53 55.79
O10 SIA P . -20.50 -17.96 54.10
C1 NAG Q . 21.02 -32.86 52.38
C2 NAG Q . 20.57 -31.39 52.28
C3 NAG Q . 19.33 -31.24 51.42
C4 NAG Q . 19.63 -31.91 50.08
C5 NAG Q . 19.77 -33.43 50.30
C6 NAG Q . 20.73 -34.05 49.29
C7 NAG Q . 21.06 -30.48 54.57
C8 NAG Q . 22.54 -30.41 54.32
N2 NAG Q . 20.23 -30.93 53.63
O1 NAG Q . 22.37 -32.99 51.92
O3 NAG Q . 19.01 -29.85 51.25
O4 NAG Q . 18.60 -31.65 49.10
O5 NAG Q . 20.17 -33.76 51.64
O6 NAG Q . 20.41 -35.43 49.07
O7 NAG Q . 20.63 -30.12 55.66
C1 GAL Q . 18.99 -30.67 48.12
C2 GAL Q . 18.00 -30.65 46.96
C3 GAL Q . 18.26 -29.47 46.01
C4 GAL Q . 18.41 -28.17 46.79
C5 GAL Q . 19.45 -28.36 47.87
C6 GAL Q . 19.70 -27.11 48.68
O2 GAL Q . 18.10 -31.88 46.23
O3 GAL Q . 17.21 -29.32 45.05
O4 GAL Q . 17.16 -27.79 47.38
O5 GAL Q . 19.01 -29.39 48.76
O6 GAL Q . 20.97 -27.26 49.32
C1 SIA Q . 22.06 -25.13 49.06
C2 SIA Q . 21.44 -26.13 50.04
C3 SIA Q . 22.48 -26.66 51.04
C4 SIA Q . 22.90 -25.62 52.05
C5 SIA Q . 21.67 -25.01 52.74
C6 SIA Q . 20.64 -24.54 51.72
C7 SIA Q . 19.32 -24.08 52.35
C8 SIA Q . 18.34 -23.47 51.34
C9 SIA Q . 17.35 -22.59 52.09
C10 SIA Q . 21.70 -23.39 54.61
C11 SIA Q . 22.36 -22.16 55.17
N5 SIA Q . 22.18 -23.83 53.45
O1A SIA Q . 23.18 -25.39 48.57
O1B SIA Q . 21.44 -24.08 48.76
O4 SIA Q . 23.77 -26.22 53.02
O6 SIA Q . 20.34 -25.58 50.78
O7 SIA Q . 18.66 -25.20 52.96
O8 SIA Q . 18.99 -22.67 50.34
O9 SIA Q . 16.28 -22.21 51.22
O10 SIA Q . 20.77 -23.92 55.19
CA CA R . 4.36 -28.28 -19.57
C1 NAG S . 12.71 -18.42 -58.36
C2 NAG S . 14.12 -17.86 -58.60
C3 NAG S . 15.14 -18.46 -57.63
C4 NAG S . 14.68 -18.17 -56.20
C5 NAG S . 13.31 -18.82 -55.99
C6 NAG S . 12.78 -18.55 -54.57
C7 NAG S . 14.79 -17.10 -60.87
C8 NAG S . 15.14 -17.58 -62.24
N2 NAG S . 14.52 -18.09 -59.99
O3 NAG S . 16.43 -17.90 -57.85
O4 NAG S . 15.65 -18.65 -55.25
O5 NAG S . 12.36 -18.34 -56.96
O6 NAG S . 12.74 -17.14 -54.27
O7 NAG S . 14.74 -15.91 -60.59
C1 NAG T . -9.15 -37.92 -31.78
C2 NAG T . -10.11 -39.06 -31.43
C3 NAG T . -9.58 -40.42 -31.88
C4 NAG T . -9.07 -40.40 -33.31
C5 NAG T . -8.04 -39.28 -33.43
C6 NAG T . -7.36 -39.21 -34.80
C7 NAG T . -11.55 -39.13 -29.41
C8 NAG T . -11.55 -39.10 -27.91
N2 NAG T . -10.34 -39.06 -29.99
O3 NAG T . -10.63 -41.39 -31.75
O4 NAG T . -8.52 -41.67 -33.66
O5 NAG T . -8.67 -38.03 -33.13
O6 NAG T . -8.00 -38.27 -35.66
O7 NAG T . -12.59 -39.22 -30.03
C1 NAG U . 2.41 -23.98 -17.74
C2 NAG U . 3.16 -24.95 -16.80
C3 NAG U . 3.57 -24.21 -15.53
C4 NAG U . 4.44 -23.00 -15.88
C5 NAG U . 3.63 -22.08 -16.81
C6 NAG U . 4.44 -20.88 -17.29
C7 NAG U . 2.52 -27.34 -16.80
C8 NAG U . 1.56 -28.33 -16.22
N2 NAG U . 2.33 -26.08 -16.41
O3 NAG U . 4.28 -25.11 -14.67
O4 NAG U . 4.87 -22.29 -14.70
O5 NAG U . 3.21 -22.81 -17.97
O6 NAG U . 4.82 -20.06 -16.18
O7 NAG U . 3.39 -27.69 -17.55
C1 NAG V . -26.29 -8.02 -56.47
C2 NAG V . -26.44 -8.41 -57.95
C3 NAG V . -26.78 -9.88 -58.21
C4 NAG V . -26.03 -10.84 -57.29
C5 NAG V . -26.12 -10.35 -55.85
C6 NAG V . -25.37 -11.31 -54.91
C7 NAG V . -27.20 -6.70 -59.55
C8 NAG V . -28.36 -5.84 -59.96
N2 NAG V . -27.45 -7.53 -58.53
O3 NAG V . -26.42 -10.17 -59.57
O4 NAG V . -26.55 -12.17 -57.40
O5 NAG V . -25.58 -9.03 -55.74
O6 NAG V . -24.02 -11.53 -55.34
O7 NAG V . -26.11 -6.62 -60.11
C1 NAG W . -20.07 -21.84 -19.78
C2 NAG W . -20.53 -21.67 -18.33
C3 NAG W . -22.04 -21.91 -18.28
C4 NAG W . -22.72 -20.82 -19.11
C5 NAG W . -22.23 -20.89 -20.56
C6 NAG W . -22.64 -19.67 -21.39
C7 NAG W . -19.01 -22.15 -16.40
C8 NAG W . -18.45 -23.26 -15.58
N2 NAG W . -19.83 -22.56 -17.40
O3 NAG W . -22.52 -21.89 -16.93
O4 NAG W . -24.15 -20.95 -19.03
O5 NAG W . -20.81 -20.96 -20.66
O6 NAG W . -23.85 -19.09 -20.89
O7 NAG W . -18.72 -20.98 -16.14
C1 NAG X . 16.38 53.90 29.93
C2 NAG X . 15.92 55.36 30.20
C3 NAG X . 14.70 55.48 31.13
C4 NAG X . 13.64 54.44 30.85
C5 NAG X . 14.28 53.04 30.87
C6 NAG X . 13.26 51.93 30.61
C7 NAG X . 17.78 56.12 31.76
C8 NAG X . 17.37 55.26 32.93
N2 NAG X . 17.08 56.16 30.61
O3 NAG X . 14.08 56.77 30.95
O4 NAG X . 12.61 54.55 31.84
O5 NAG X . 15.27 52.97 29.84
O6 NAG X . 12.20 51.98 31.58
O7 NAG X . 18.79 56.81 31.86
C1 NAG Y . 18.20 16.83 43.37
C2 NAG Y . 18.96 15.87 44.27
C3 NAG Y . 19.17 16.56 45.62
C4 NAG Y . 19.97 17.84 45.41
C5 NAG Y . 19.22 18.75 44.43
C6 NAG Y . 20.01 20.01 44.07
C7 NAG Y . 18.56 13.48 43.88
C8 NAG Y . 17.67 12.33 44.23
N2 NAG Y . 18.22 14.64 44.46
O3 NAG Y . 19.83 15.66 46.53
O4 NAG Y . 20.20 18.51 46.65
O5 NAG Y . 18.94 18.04 43.22
O6 NAG Y . 20.90 19.74 42.98
O7 NAG Y . 19.51 13.36 43.14
CA CA Z . 20.14 13.00 40.92
C1 NAG AA . -10.07 35.84 5.86
C2 NAG AA . -10.15 35.60 4.34
C3 NAG AA . -10.70 34.21 4.04
C4 NAG AA . -9.86 33.14 4.76
C5 NAG AA . -9.69 33.46 6.24
C6 NAG AA . -8.65 32.53 6.89
C7 NAG AA . -12.17 37.00 3.89
C8 NAG AA . -12.67 38.18 3.11
N2 NAG AA . -10.88 36.69 3.68
O3 NAG AA . -10.65 34.02 2.62
O4 NAG AA . -10.46 31.84 4.61
O5 NAG AA . -9.25 34.82 6.44
O6 NAG AA . -7.33 32.89 6.48
O7 NAG AA . -12.91 36.40 4.67
C1 NAG BA . -4.39 18.70 40.98
C2 NAG BA . -4.98 18.51 42.37
C3 NAG BA . -6.50 18.39 42.31
C4 NAG BA . -7.08 19.59 41.57
C5 NAG BA . -6.51 19.60 40.16
C6 NAG BA . -7.04 20.76 39.32
C7 NAG BA . -3.91 17.27 44.22
C8 NAG BA . -3.46 15.92 44.67
N2 NAG BA . -4.44 17.31 42.99
O3 NAG BA . -7.05 18.30 43.62
O4 NAG BA . -8.52 19.53 41.56
O5 NAG BA . -5.09 19.73 40.26
O6 NAG BA . -6.51 22.00 39.83
O7 NAG BA . -3.82 18.26 44.96
C1 NAG CA . 7.22 3.95 27.94
C2 NAG CA . 6.34 2.76 28.27
C3 NAG CA . 6.95 1.44 27.81
C4 NAG CA . 7.21 1.47 26.31
C5 NAG CA . 7.99 2.73 25.91
C6 NAG CA . 7.84 2.92 24.40
C7 NAG CA . 4.89 2.31 30.18
C8 NAG CA . 4.78 2.33 31.68
N2 NAG CA . 6.06 2.72 29.69
O3 NAG CA . 6.03 0.37 28.07
O4 NAG CA . 7.93 0.29 25.92
O5 NAG CA . 7.53 3.94 26.54
O6 NAG CA . 8.90 3.75 23.89
O7 NAG CA . 3.96 1.96 29.46
#